data_7BQT
#
_entry.id   7BQT
#
_entity_poly.entity_id   1
_entity_poly.type   'polypeptide(L)'
_entity_poly.pdbx_seq_one_letter_code
;MFNMNVDESASGALGSSAIPVHPTPASVRLFEILQGKYAYVQGQTIYANLRNPGVFSRQVFTHLFKRAISHCTYDDVLHD
WNKFEACIQKRWPSDDSCASRFRESTFESWSTTMKLTVRDLLTTNIYRVLHSRSVLSYERYVDWICATGMVPAVKKPITQ
ELHSKIKSLRDRCVCRELGHERTIRSIGTELYEATKEIIESLNSTFIPQFTEVTIEYLPRSDEYVAYYCGRRIRLHVLFP
PAIFAGTVTFDSPVQRLYQNIFMCYRTLEHAKICQLLNTAPLKAIVGHGGRDMYKDILAHLEQNSQRKDPKKELLNLLVK
LSENKTISGVTDVVEEFITDASNNLVDRNRLFGQPGETAAQGLKKKVSNTVVKCLTDQINEQFDQINGLEKERELYLKKI
RSMESQLQASLGPGGNNPAASAPAAVAAEAASVDILTGSTASAIEKLFNSPSASLGARVSGHNESILNSFVSQYIPPSRE
MTKDLTELWESELFNTFKLTPVVDNQGQRLYVRYSSDTISILLGPFTYLVAELSPVELVTDVYATLGIVEIIDELYRSSR
LAIYIEDLGRKYCPASATGGDHGIRQAPSARGDTEPDHAKSKPARDPPPGAGS
;
_entity_poly.pdbx_strand_id   A,B,C,D,E,G,I,K,F,H,J,L
#
# COMPACT_ATOMS: atom_id res chain seq x y z
N ALA A 18 -54.79 -35.73 -13.47
CA ALA A 18 -53.55 -36.49 -13.42
C ALA A 18 -52.54 -35.96 -14.43
N ILE A 19 -51.43 -35.40 -13.94
CA ILE A 19 -50.30 -35.06 -14.80
C ILE A 19 -49.02 -35.51 -14.09
N PRO A 20 -48.08 -36.13 -14.79
CA PRO A 20 -46.86 -36.60 -14.12
C PRO A 20 -45.98 -35.44 -13.66
N VAL A 21 -45.21 -35.68 -12.60
CA VAL A 21 -44.35 -34.64 -12.07
C VAL A 21 -42.90 -35.11 -12.12
N HIS A 22 -42.61 -36.23 -11.43
CA HIS A 22 -41.24 -36.74 -11.43
C HIS A 22 -40.75 -37.25 -12.78
N PRO A 23 -41.39 -38.25 -13.44
CA PRO A 23 -40.69 -38.92 -14.56
C PRO A 23 -40.81 -38.20 -15.89
N THR A 24 -41.25 -36.95 -15.86
CA THR A 24 -41.20 -36.12 -17.04
C THR A 24 -39.74 -35.83 -17.41
N PRO A 25 -39.43 -35.65 -18.69
CA PRO A 25 -38.02 -35.46 -19.08
C PRO A 25 -37.38 -34.20 -18.51
N ALA A 26 -38.10 -33.07 -18.45
CA ALA A 26 -37.51 -31.87 -17.87
C ALA A 26 -37.24 -32.01 -16.39
N SER A 27 -38.17 -32.59 -15.64
CA SER A 27 -37.95 -32.75 -14.22
C SER A 27 -36.94 -33.85 -13.89
N VAL A 28 -36.77 -34.85 -14.76
CA VAL A 28 -35.71 -35.81 -14.47
C VAL A 28 -34.37 -35.22 -14.87
N ARG A 29 -34.33 -34.30 -15.85
CA ARG A 29 -33.12 -33.51 -16.07
C ARG A 29 -32.82 -32.66 -14.85
N LEU A 30 -33.87 -32.16 -14.21
CA LEU A 30 -33.69 -31.37 -13.00
C LEU A 30 -33.23 -32.22 -11.82
N PHE A 31 -33.76 -33.44 -11.70
CA PHE A 31 -33.31 -34.36 -10.67
C PHE A 31 -31.90 -34.86 -10.94
N GLU A 32 -31.47 -34.84 -12.19
CA GLU A 32 -30.12 -35.27 -12.52
C GLU A 32 -29.08 -34.25 -12.04
N ILE A 33 -29.37 -32.96 -12.18
CA ILE A 33 -28.38 -31.92 -11.89
C ILE A 33 -28.15 -31.78 -10.39
N LEU A 34 -28.99 -32.41 -9.58
CA LEU A 34 -28.64 -32.78 -8.23
C LEU A 34 -27.31 -33.51 -8.19
N GLN A 35 -27.14 -34.52 -9.02
CA GLN A 35 -25.83 -35.15 -9.21
C GLN A 35 -25.08 -34.36 -10.28
N GLY A 36 -23.90 -34.83 -10.65
CA GLY A 36 -23.04 -34.06 -11.53
C GLY A 36 -23.09 -34.38 -13.01
N LYS A 37 -24.09 -35.12 -13.50
CA LYS A 37 -23.98 -35.78 -14.79
C LYS A 37 -24.00 -34.82 -15.98
N TYR A 38 -24.71 -33.70 -15.89
CA TYR A 38 -24.76 -32.84 -17.07
C TYR A 38 -23.79 -31.68 -17.00
N ALA A 39 -23.92 -30.84 -15.98
CA ALA A 39 -23.00 -29.71 -15.83
C ALA A 39 -22.62 -29.58 -14.38
N TYR A 40 -21.38 -29.18 -14.13
CA TYR A 40 -20.90 -29.02 -12.77
C TYR A 40 -19.74 -28.05 -12.78
N VAL A 41 -19.86 -26.99 -11.99
CA VAL A 41 -18.82 -26.00 -11.83
C VAL A 41 -18.56 -25.86 -10.33
N GLN A 42 -17.67 -24.92 -9.98
CA GLN A 42 -17.17 -24.78 -8.62
C GLN A 42 -18.24 -24.34 -7.64
N GLY A 43 -19.25 -23.60 -8.13
CA GLY A 43 -20.33 -23.19 -7.25
C GLY A 43 -21.19 -24.35 -6.79
N GLN A 44 -21.30 -25.39 -7.61
CA GLN A 44 -22.09 -26.55 -7.23
C GLN A 44 -21.39 -27.44 -6.22
N THR A 45 -20.13 -27.16 -5.90
CA THR A 45 -19.49 -27.85 -4.79
C THR A 45 -20.08 -27.46 -3.45
N ILE A 46 -20.58 -26.22 -3.33
CA ILE A 46 -21.17 -25.79 -2.07
C ILE A 46 -22.51 -26.44 -1.85
N TYR A 47 -23.09 -27.04 -2.90
CA TYR A 47 -24.36 -27.71 -2.78
C TYR A 47 -24.25 -28.98 -1.97
N ALA A 48 -23.13 -29.71 -2.11
CA ALA A 48 -22.94 -30.89 -1.29
C ALA A 48 -22.57 -30.56 0.14
N ASN A 49 -22.16 -29.31 0.41
CA ASN A 49 -21.72 -28.94 1.74
C ASN A 49 -22.86 -28.98 2.73
N LEU A 50 -24.00 -28.42 2.38
CA LEU A 50 -25.16 -28.53 3.22
C LEU A 50 -25.95 -29.79 2.95
N ARG A 51 -25.55 -30.57 1.95
CA ARG A 51 -26.10 -31.92 1.82
C ARG A 51 -25.47 -32.89 2.80
N ASN A 52 -24.44 -32.48 3.52
CA ASN A 52 -23.78 -33.33 4.50
C ASN A 52 -24.74 -33.66 5.63
N PRO A 53 -24.96 -34.94 5.92
CA PRO A 53 -25.64 -35.28 7.17
C PRO A 53 -24.69 -35.09 8.35
N GLY A 54 -25.17 -35.35 9.54
CA GLY A 54 -24.35 -35.10 10.70
C GLY A 54 -24.91 -33.99 11.54
N VAL A 55 -25.37 -32.92 10.89
CA VAL A 55 -26.10 -31.88 11.59
C VAL A 55 -27.42 -32.42 12.11
N PHE A 56 -27.98 -33.42 11.45
CA PHE A 56 -29.14 -34.12 11.99
C PHE A 56 -28.72 -35.00 13.17
N SER A 57 -27.51 -35.58 13.13
CA SER A 57 -27.07 -36.34 14.28
C SER A 57 -26.73 -35.41 15.44
N ARG A 58 -26.24 -34.20 15.13
CA ARG A 58 -26.07 -33.17 16.16
C ARG A 58 -27.40 -32.82 16.80
N GLN A 59 -28.46 -32.76 16.00
CA GLN A 59 -29.81 -32.45 16.47
C GLN A 59 -30.29 -33.46 17.50
N VAL A 60 -30.36 -34.74 17.11
CA VAL A 60 -30.85 -35.78 18.01
C VAL A 60 -29.87 -36.01 19.14
N PHE A 61 -28.57 -35.79 18.90
CA PHE A 61 -27.50 -35.84 19.87
C PHE A 61 -27.76 -34.89 21.03
N THR A 62 -27.95 -33.61 20.73
CA THR A 62 -28.17 -32.65 21.82
C THR A 62 -29.57 -32.79 22.39
N HIS A 63 -30.53 -33.32 21.62
CA HIS A 63 -31.86 -33.51 22.18
C HIS A 63 -31.89 -34.60 23.22
N LEU A 64 -31.26 -35.74 22.95
CA LEU A 64 -31.33 -36.80 23.94
C LEU A 64 -30.32 -36.55 25.05
N PHE A 65 -29.30 -35.74 24.78
CA PHE A 65 -28.50 -35.14 25.85
C PHE A 65 -29.36 -34.32 26.78
N LYS A 66 -30.24 -33.50 26.21
CA LYS A 66 -31.14 -32.66 27.00
C LYS A 66 -32.12 -33.51 27.78
N ARG A 67 -32.62 -34.58 27.16
CA ARG A 67 -33.57 -35.46 27.82
C ARG A 67 -32.88 -36.22 28.95
N ALA A 68 -31.58 -36.52 28.79
CA ALA A 68 -30.83 -37.16 29.86
C ALA A 68 -30.59 -36.19 31.00
N ILE A 69 -30.17 -34.97 30.68
CA ILE A 69 -29.73 -34.06 31.73
C ILE A 69 -30.92 -33.46 32.47
N SER A 70 -32.11 -33.50 31.88
CA SER A 70 -33.27 -32.88 32.50
C SER A 70 -33.86 -33.76 33.62
N HIS A 71 -33.95 -35.06 33.40
CA HIS A 71 -34.70 -35.91 34.32
C HIS A 71 -33.95 -36.22 35.61
N CYS A 72 -32.78 -35.65 35.82
CA CYS A 72 -32.06 -35.84 37.07
C CYS A 72 -32.73 -35.04 38.18
N THR A 73 -32.57 -35.52 39.41
CA THR A 73 -33.19 -34.91 40.58
C THR A 73 -32.12 -34.35 41.50
N TYR A 74 -32.48 -33.29 42.21
CA TYR A 74 -31.55 -32.65 43.14
C TYR A 74 -31.28 -33.51 44.36
N ASP A 75 -32.30 -34.22 44.85
CA ASP A 75 -32.16 -35.01 46.07
C ASP A 75 -31.21 -36.17 45.92
N ASP A 76 -31.03 -36.67 44.70
CA ASP A 76 -30.15 -37.81 44.50
C ASP A 76 -28.68 -37.41 44.60
N VAL A 77 -28.32 -36.21 44.16
CA VAL A 77 -26.90 -35.84 44.14
C VAL A 77 -26.43 -35.29 45.48
N LEU A 78 -27.32 -34.75 46.31
CA LEU A 78 -26.87 -34.15 47.56
C LEU A 78 -26.50 -35.21 48.59
N HIS A 79 -27.30 -36.27 48.70
CA HIS A 79 -26.91 -37.35 49.59
C HIS A 79 -25.78 -38.17 48.99
N ASP A 80 -25.63 -38.13 47.67
CA ASP A 80 -24.44 -38.70 47.06
C ASP A 80 -23.19 -37.91 47.49
N TRP A 81 -23.33 -36.59 47.65
CA TRP A 81 -22.22 -35.81 48.17
C TRP A 81 -21.96 -36.10 49.64
N ASN A 82 -23.02 -36.30 50.44
CA ASN A 82 -22.82 -36.67 51.84
C ASN A 82 -22.14 -38.03 51.98
N LYS A 83 -22.56 -39.02 51.19
CA LYS A 83 -21.89 -40.31 51.20
C LYS A 83 -20.49 -40.21 50.62
N PHE A 84 -20.26 -39.23 49.73
CA PHE A 84 -18.93 -39.00 49.21
C PHE A 84 -18.00 -38.45 50.29
N GLU A 85 -18.54 -37.58 51.17
CA GLU A 85 -17.76 -37.12 52.32
C GLU A 85 -17.55 -38.25 53.33
N ALA A 86 -18.55 -39.15 53.47
CA ALA A 86 -18.40 -40.32 54.31
C ALA A 86 -17.33 -41.27 53.78
N CYS A 87 -17.13 -41.31 52.48
CA CYS A 87 -16.04 -42.08 51.89
C CYS A 87 -14.69 -41.48 52.23
N ILE A 88 -14.60 -40.15 52.31
CA ILE A 88 -13.30 -39.49 52.41
C ILE A 88 -12.89 -39.21 53.85
N GLN A 89 -13.83 -39.25 54.81
CA GLN A 89 -13.45 -39.01 56.20
C GLN A 89 -12.62 -40.15 56.79
N LYS A 90 -12.85 -41.38 56.32
CA LYS A 90 -12.04 -42.50 56.81
C LYS A 90 -10.70 -42.59 56.10
N ARG A 91 -10.53 -41.88 54.99
CA ARG A 91 -9.25 -41.88 54.29
C ARG A 91 -8.39 -40.70 54.72
N TRP A 92 -9.00 -39.54 54.96
CA TRP A 92 -8.29 -38.40 55.54
C TRP A 92 -9.19 -37.62 56.48
N ASP A 96 -8.87 -30.73 60.19
CA ASP A 96 -10.00 -30.18 60.91
C ASP A 96 -10.28 -28.77 60.42
N SER A 97 -9.46 -27.81 60.87
CA SER A 97 -9.53 -26.47 60.32
C SER A 97 -9.01 -26.45 58.89
N CYS A 98 -7.96 -27.24 58.62
CA CYS A 98 -7.53 -27.46 57.24
C CYS A 98 -8.53 -28.27 56.45
N ALA A 99 -9.36 -29.07 57.13
CA ALA A 99 -10.37 -29.87 56.45
C ALA A 99 -11.46 -29.02 55.81
N SER A 100 -11.57 -27.74 56.17
CA SER A 100 -12.50 -26.86 55.47
C SER A 100 -12.10 -26.68 54.01
N ARG A 101 -10.88 -26.22 53.77
CA ARG A 101 -10.42 -26.07 52.40
C ARG A 101 -10.12 -27.43 51.76
N PHE A 102 -9.83 -28.46 52.56
CA PHE A 102 -9.77 -29.81 52.02
C PHE A 102 -11.12 -30.25 51.48
N ARG A 103 -12.20 -29.97 52.22
CA ARG A 103 -13.53 -30.34 51.77
C ARG A 103 -13.96 -29.52 50.57
N GLU A 104 -13.54 -28.26 50.50
CA GLU A 104 -13.82 -27.45 49.32
C GLU A 104 -13.10 -28.00 48.09
N SER A 105 -11.80 -28.30 48.23
CA SER A 105 -11.01 -28.86 47.14
C SER A 105 -11.53 -30.23 46.69
N THR A 106 -11.89 -31.11 47.62
CA THR A 106 -12.35 -32.41 47.21
C THR A 106 -13.75 -32.35 46.62
N PHE A 107 -14.55 -31.35 46.97
CA PHE A 107 -15.82 -31.15 46.28
C PHE A 107 -15.60 -30.62 44.88
N GLU A 108 -14.60 -29.76 44.70
CA GLU A 108 -14.29 -29.25 43.37
C GLU A 108 -13.81 -30.37 42.45
N SER A 109 -12.92 -31.22 42.96
CA SER A 109 -12.46 -32.36 42.17
C SER A 109 -13.60 -33.36 41.98
N TRP A 110 -14.51 -33.45 42.94
CA TRP A 110 -15.68 -34.31 42.80
C TRP A 110 -16.61 -33.80 41.71
N SER A 111 -16.73 -32.48 41.59
CA SER A 111 -17.49 -31.89 40.50
C SER A 111 -16.84 -32.19 39.16
N THR A 112 -15.51 -32.08 39.11
CA THR A 112 -14.78 -32.35 37.88
C THR A 112 -14.92 -33.81 37.45
N THR A 113 -14.76 -34.74 38.39
CA THR A 113 -14.92 -36.14 38.01
C THR A 113 -16.39 -36.51 37.86
N MET A 114 -17.31 -35.70 38.39
CA MET A 114 -18.73 -35.94 38.12
C MET A 114 -19.05 -35.61 36.69
N LYS A 115 -18.55 -34.47 36.20
CA LYS A 115 -18.63 -34.14 34.79
C LYS A 115 -17.94 -35.20 33.93
N LEU A 116 -16.79 -35.68 34.37
CA LEU A 116 -16.07 -36.70 33.63
C LEU A 116 -16.82 -38.03 33.61
N THR A 117 -17.40 -38.42 34.75
CA THR A 117 -17.99 -39.73 34.89
C THR A 117 -19.43 -39.75 34.42
N VAL A 118 -19.97 -38.58 34.09
CA VAL A 118 -21.15 -38.64 33.24
C VAL A 118 -20.72 -38.62 31.77
N ARG A 119 -19.73 -37.80 31.43
CA ARG A 119 -19.41 -37.47 30.04
C ARG A 119 -18.87 -38.67 29.28
N ASP A 120 -18.06 -39.50 29.96
CA ASP A 120 -17.54 -40.69 29.30
C ASP A 120 -18.66 -41.67 28.96
N LEU A 121 -19.60 -41.86 29.89
CA LEU A 121 -20.69 -42.81 29.67
C LEU A 121 -21.64 -42.30 28.59
N LEU A 122 -21.90 -40.99 28.59
CA LEU A 122 -22.72 -40.41 27.53
C LEU A 122 -22.03 -40.54 26.18
N THR A 123 -20.72 -40.34 26.14
CA THR A 123 -19.98 -40.42 24.88
C THR A 123 -19.98 -41.83 24.32
N THR A 124 -19.82 -42.84 25.18
CA THR A 124 -19.95 -44.22 24.73
C THR A 124 -21.36 -44.55 24.24
N ASN A 125 -22.35 -44.41 25.12
CA ASN A 125 -23.68 -44.93 24.82
C ASN A 125 -24.37 -44.14 23.72
N ILE A 126 -24.14 -42.83 23.68
CA ILE A 126 -24.90 -41.99 22.77
C ILE A 126 -24.30 -42.03 21.37
N TYR A 127 -22.98 -42.15 21.28
CA TYR A 127 -22.39 -42.44 19.97
C TYR A 127 -22.75 -43.86 19.53
N ARG A 128 -22.91 -44.78 20.49
CA ARG A 128 -23.28 -46.16 20.14
C ARG A 128 -24.69 -46.23 19.57
N VAL A 129 -25.62 -45.45 20.12
CA VAL A 129 -26.97 -45.43 19.58
C VAL A 129 -27.02 -44.51 18.37
N LEU A 130 -26.03 -43.63 18.25
CA LEU A 130 -26.08 -42.59 17.22
C LEU A 130 -25.76 -43.15 15.85
N HIS A 131 -24.66 -43.87 15.72
CA HIS A 131 -24.21 -44.31 14.41
C HIS A 131 -24.64 -45.74 14.10
N SER A 132 -25.82 -46.14 14.57
CA SER A 132 -26.44 -47.37 14.10
C SER A 132 -26.96 -47.20 12.67
N ARG A 133 -27.54 -48.26 12.14
CA ARG A 133 -28.16 -48.15 10.83
C ARG A 133 -29.46 -47.37 10.95
N SER A 134 -29.47 -46.18 10.36
CA SER A 134 -30.66 -45.34 10.30
C SER A 134 -31.15 -45.30 8.87
N VAL A 135 -32.37 -45.79 8.64
CA VAL A 135 -32.89 -45.81 7.29
C VAL A 135 -33.36 -44.42 6.87
N LEU A 136 -33.60 -43.54 7.84
CA LEU A 136 -33.83 -42.14 7.57
C LEU A 136 -32.48 -41.46 7.39
N SER A 137 -32.36 -40.66 6.34
CA SER A 137 -31.12 -39.93 6.12
C SER A 137 -31.43 -38.49 5.77
N TYR A 138 -30.68 -37.57 6.39
CA TYR A 138 -30.75 -36.17 5.99
C TYR A 138 -30.25 -35.99 4.56
N GLU A 139 -29.24 -36.78 4.17
CA GLU A 139 -28.73 -36.80 2.80
C GLU A 139 -29.83 -37.15 1.82
N ARG A 140 -30.70 -38.07 2.17
CA ARG A 140 -31.83 -38.34 1.32
C ARG A 140 -32.97 -37.34 1.50
N TYR A 141 -32.87 -36.42 2.45
CA TYR A 141 -33.91 -35.42 2.61
C TYR A 141 -33.62 -34.14 1.84
N VAL A 142 -32.42 -33.59 2.01
CA VAL A 142 -32.11 -32.23 1.57
C VAL A 142 -32.16 -32.11 0.05
N ASP A 143 -31.96 -33.22 -0.65
CA ASP A 143 -32.03 -33.20 -2.10
C ASP A 143 -33.46 -33.01 -2.58
N TRP A 144 -34.43 -33.54 -1.84
CA TRP A 144 -35.81 -33.49 -2.33
C TRP A 144 -36.43 -32.12 -2.19
N ILE A 145 -36.16 -31.40 -1.10
CA ILE A 145 -36.72 -30.07 -0.95
C ILE A 145 -36.08 -29.12 -1.94
N CYS A 146 -34.78 -29.26 -2.19
CA CYS A 146 -34.13 -28.33 -3.10
C CYS A 146 -34.46 -28.62 -4.54
N ALA A 147 -34.85 -29.86 -4.87
CA ALA A 147 -35.12 -30.18 -6.27
C ALA A 147 -36.50 -29.72 -6.71
N THR A 148 -37.53 -30.01 -5.92
CA THR A 148 -38.87 -29.72 -6.39
C THR A 148 -39.74 -29.07 -5.33
N GLY A 149 -39.23 -28.93 -4.11
CA GLY A 149 -40.02 -28.36 -3.03
C GLY A 149 -41.09 -29.28 -2.52
N MET A 150 -40.99 -30.58 -2.80
CA MET A 150 -41.95 -31.58 -2.41
C MET A 150 -41.18 -32.76 -1.86
N VAL A 151 -41.67 -33.36 -0.78
CA VAL A 151 -40.95 -34.39 -0.07
C VAL A 151 -41.85 -35.59 0.12
N PRO A 152 -41.40 -36.80 -0.20
CA PRO A 152 -42.19 -38.01 0.05
C PRO A 152 -42.10 -38.48 1.49
N ALA A 153 -43.22 -38.41 2.22
CA ALA A 153 -43.29 -38.85 3.60
C ALA A 153 -43.83 -40.28 3.63
N VAL A 154 -42.93 -41.26 3.73
CA VAL A 154 -43.31 -42.66 3.65
C VAL A 154 -42.97 -43.32 4.98
N LYS A 155 -43.74 -44.34 5.35
CA LYS A 155 -43.67 -44.99 6.66
C LYS A 155 -43.32 -46.45 6.46
N LYS A 156 -42.09 -46.83 6.80
CA LYS A 156 -41.63 -48.21 6.63
C LYS A 156 -41.70 -48.93 7.96
N PRO A 157 -42.67 -49.81 8.18
CA PRO A 157 -42.98 -50.26 9.54
C PRO A 157 -42.04 -51.33 10.09
N ILE A 158 -40.89 -51.57 9.48
CA ILE A 158 -39.91 -52.48 10.07
C ILE A 158 -39.17 -51.76 11.19
N THR A 159 -39.47 -52.14 12.44
CA THR A 159 -38.99 -51.44 13.63
C THR A 159 -38.36 -52.43 14.62
N GLN A 160 -37.46 -53.28 14.12
CA GLN A 160 -36.99 -54.42 14.92
C GLN A 160 -35.51 -54.39 15.26
N GLU A 161 -34.72 -53.45 14.73
CA GLU A 161 -33.28 -53.60 14.82
C GLU A 161 -32.71 -53.05 16.12
N LEU A 162 -33.47 -52.22 16.85
CA LEU A 162 -32.93 -51.56 18.04
C LEU A 162 -32.73 -52.55 19.20
N HIS A 163 -33.67 -53.48 19.38
CA HIS A 163 -33.55 -54.46 20.45
C HIS A 163 -32.43 -55.47 20.17
N SER A 164 -32.12 -55.68 18.89
CA SER A 164 -31.03 -56.58 18.53
C SER A 164 -29.69 -55.89 18.66
N LYS A 165 -29.62 -54.61 18.28
CA LYS A 165 -28.33 -53.91 18.30
C LYS A 165 -27.93 -53.54 19.72
N ILE A 166 -28.90 -53.35 20.62
CA ILE A 166 -28.61 -53.03 22.01
C ILE A 166 -29.69 -53.65 22.88
N LYS A 167 -29.29 -54.21 24.03
CA LYS A 167 -30.23 -54.67 25.05
C LYS A 167 -30.08 -53.90 26.35
N SER A 168 -28.87 -53.91 26.92
CA SER A 168 -28.47 -53.19 28.13
C SER A 168 -26.95 -53.32 28.24
N LEU A 169 -26.41 -53.01 29.41
CA LEU A 169 -25.06 -53.33 29.87
C LEU A 169 -23.94 -52.59 29.11
N ARG A 170 -24.25 -51.85 28.05
CA ARG A 170 -23.29 -50.90 27.51
C ARG A 170 -23.21 -49.69 28.43
N ASP A 171 -24.30 -49.45 29.17
CA ASP A 171 -24.37 -48.47 30.24
C ASP A 171 -23.95 -49.04 31.60
N ARG A 172 -23.99 -50.37 31.78
CA ARG A 172 -23.75 -50.94 33.09
C ARG A 172 -22.30 -51.38 33.32
N CYS A 173 -21.71 -52.15 32.40
CA CYS A 173 -20.36 -52.67 32.62
C CYS A 173 -19.30 -51.57 32.60
N VAL A 174 -19.64 -50.42 32.02
CA VAL A 174 -18.75 -49.27 32.09
C VAL A 174 -18.84 -48.58 33.46
N CYS A 175 -19.92 -48.79 34.21
CA CYS A 175 -20.02 -48.18 35.53
C CYS A 175 -19.97 -49.19 36.67
N ARG A 176 -19.71 -50.46 36.38
CA ARG A 176 -19.58 -51.47 37.43
C ARG A 176 -18.21 -51.32 38.10
N GLU A 177 -18.16 -50.50 39.14
CA GLU A 177 -16.90 -50.10 39.78
C GLU A 177 -17.10 -50.06 41.29
N LEU A 178 -16.16 -49.41 41.97
CA LEU A 178 -16.29 -49.18 43.42
C LEU A 178 -17.44 -48.22 43.72
N GLY A 179 -17.35 -46.99 43.21
CA GLY A 179 -18.30 -45.97 43.57
C GLY A 179 -19.62 -46.13 42.86
N HIS A 180 -20.61 -46.67 43.56
CA HIS A 180 -21.95 -46.86 43.01
C HIS A 180 -22.68 -45.52 43.01
N GLU A 181 -22.41 -44.71 41.98
CA GLU A 181 -23.04 -43.40 41.84
C GLU A 181 -24.48 -43.59 41.40
N ARG A 182 -25.42 -43.22 42.28
CA ARG A 182 -26.83 -43.35 41.94
C ARG A 182 -27.29 -42.30 40.93
N THR A 183 -26.47 -41.27 40.68
CA THR A 183 -26.76 -40.33 39.61
C THR A 183 -26.75 -41.04 38.26
N ILE A 184 -25.63 -41.67 37.93
CA ILE A 184 -25.54 -42.39 36.66
C ILE A 184 -26.37 -43.66 36.68
N ARG A 185 -26.54 -44.31 37.85
CA ARG A 185 -27.39 -45.49 37.94
C ARG A 185 -28.86 -45.18 37.80
N SER A 186 -29.26 -43.94 38.08
CA SER A 186 -30.64 -43.52 37.88
C SER A 186 -30.85 -42.97 36.48
N ILE A 187 -29.85 -42.27 35.94
CA ILE A 187 -30.10 -41.54 34.71
C ILE A 187 -29.72 -42.34 33.46
N GLY A 188 -28.83 -43.34 33.58
CA GLY A 188 -28.41 -44.08 32.42
C GLY A 188 -29.52 -44.94 31.86
N THR A 189 -30.33 -45.52 32.75
CA THR A 189 -31.51 -46.27 32.33
C THR A 189 -32.51 -45.40 31.59
N GLU A 190 -32.75 -44.20 32.09
CA GLU A 190 -33.73 -43.31 31.45
C GLU A 190 -33.21 -42.76 30.13
N LEU A 191 -31.93 -42.42 30.04
CA LEU A 191 -31.40 -41.99 28.75
C LEU A 191 -31.30 -43.13 27.75
N TYR A 192 -31.10 -44.36 28.23
CA TYR A 192 -31.16 -45.52 27.35
C TYR A 192 -32.56 -45.72 26.81
N GLU A 193 -33.57 -45.78 27.68
CA GLU A 193 -34.93 -46.03 27.23
C GLU A 193 -35.51 -44.87 26.46
N ALA A 194 -35.01 -43.65 26.66
CA ALA A 194 -35.47 -42.52 25.87
C ALA A 194 -35.06 -42.67 24.42
N THR A 195 -33.85 -43.16 24.16
CA THR A 195 -33.42 -43.44 22.80
C THR A 195 -34.23 -44.57 22.18
N LYS A 196 -34.74 -45.49 22.99
CA LYS A 196 -35.55 -46.59 22.47
C LYS A 196 -36.90 -46.12 21.93
N GLU A 197 -37.32 -44.88 22.19
CA GLU A 197 -38.41 -44.32 21.41
C GLU A 197 -37.93 -43.42 20.28
N ILE A 198 -36.76 -42.78 20.41
CA ILE A 198 -36.35 -41.75 19.46
C ILE A 198 -35.72 -42.36 18.21
N ILE A 199 -34.80 -43.32 18.37
CA ILE A 199 -34.25 -44.03 17.22
C ILE A 199 -35.34 -44.87 16.56
N GLU A 200 -36.30 -45.34 17.37
CA GLU A 200 -37.48 -46.04 16.89
C GLU A 200 -38.34 -45.13 16.03
N SER A 201 -38.51 -43.87 16.46
CA SER A 201 -39.36 -42.94 15.74
C SER A 201 -38.78 -42.60 14.38
N LEU A 202 -37.46 -42.47 14.29
CA LEU A 202 -36.87 -42.12 13.00
C LEU A 202 -36.77 -43.35 12.09
N ASN A 203 -36.52 -44.53 12.67
CA ASN A 203 -36.35 -45.70 11.81
C ASN A 203 -37.71 -46.27 11.39
N SER A 204 -38.77 -45.90 12.10
CA SER A 204 -40.11 -46.28 11.65
C SER A 204 -40.51 -45.48 10.42
N THR A 205 -40.01 -44.27 10.31
CA THR A 205 -40.20 -43.45 9.12
C THR A 205 -39.17 -43.82 8.08
N PHE A 206 -39.30 -43.21 6.91
CA PHE A 206 -38.38 -43.42 5.80
C PHE A 206 -38.47 -42.24 4.86
N ILE A 207 -37.38 -41.94 4.18
CA ILE A 207 -37.36 -41.05 3.03
C ILE A 207 -36.77 -41.83 1.85
N PRO A 208 -37.46 -41.95 0.76
CA PRO A 208 -36.94 -42.77 -0.32
C PRO A 208 -36.01 -42.02 -1.26
N GLN A 209 -35.62 -42.71 -2.31
CA GLN A 209 -34.72 -42.19 -3.33
C GLN A 209 -35.57 -41.43 -4.36
N PHE A 210 -35.04 -41.20 -5.55
CA PHE A 210 -35.87 -40.65 -6.61
C PHE A 210 -35.93 -41.53 -7.84
N THR A 211 -34.93 -42.38 -8.07
CA THR A 211 -34.82 -43.03 -9.37
C THR A 211 -35.75 -44.23 -9.54
N GLU A 212 -36.51 -44.59 -8.51
CA GLU A 212 -37.43 -45.72 -8.61
C GLU A 212 -38.85 -45.37 -8.16
N VAL A 213 -39.00 -44.34 -7.34
CA VAL A 213 -40.32 -43.87 -6.93
C VAL A 213 -40.60 -42.59 -7.70
N THR A 214 -41.86 -42.17 -7.67
CA THR A 214 -42.24 -41.03 -8.48
C THR A 214 -43.19 -40.17 -7.68
N ILE A 215 -43.33 -38.93 -8.11
CA ILE A 215 -44.29 -38.01 -7.56
C ILE A 215 -45.21 -37.56 -8.68
N GLU A 216 -46.48 -37.33 -8.35
CA GLU A 216 -47.51 -37.07 -9.33
C GLU A 216 -48.59 -36.19 -8.72
N TYR A 217 -49.14 -35.31 -9.54
CA TYR A 217 -50.10 -34.29 -9.13
C TYR A 217 -51.31 -34.30 -10.07
N LEU A 218 -52.50 -34.25 -9.47
CA LEU A 218 -53.69 -34.11 -10.31
C LEU A 218 -54.15 -32.66 -10.33
N PRO A 219 -54.32 -32.09 -11.50
CA PRO A 219 -54.77 -30.70 -11.61
C PRO A 219 -56.21 -30.50 -11.14
N ARG A 220 -57.14 -31.31 -11.64
CA ARG A 220 -58.53 -31.23 -11.23
C ARG A 220 -58.68 -31.72 -9.79
N SER A 221 -59.29 -30.88 -8.94
CA SER A 221 -59.39 -31.08 -7.50
C SER A 221 -58.03 -31.39 -6.88
N ASP A 222 -57.20 -30.34 -6.81
CA ASP A 222 -55.75 -30.47 -6.71
C ASP A 222 -55.29 -31.11 -5.40
N GLU A 223 -54.66 -32.27 -5.54
CA GLU A 223 -53.89 -32.91 -4.49
C GLU A 223 -52.63 -33.48 -5.13
N TYR A 224 -51.72 -34.00 -4.31
CA TYR A 224 -50.48 -34.59 -4.78
C TYR A 224 -50.45 -36.03 -4.32
N VAL A 225 -50.03 -36.94 -5.20
CA VAL A 225 -50.05 -38.38 -4.93
C VAL A 225 -48.63 -38.92 -5.02
N ALA A 226 -48.20 -39.62 -3.98
CA ALA A 226 -46.93 -40.35 -3.94
C ALA A 226 -47.14 -41.77 -4.43
N TYR A 227 -46.05 -42.43 -4.83
CA TYR A 227 -46.14 -43.81 -5.26
C TYR A 227 -44.83 -44.55 -5.01
N TYR A 228 -44.94 -45.68 -4.30
CA TYR A 228 -43.95 -46.74 -4.35
C TYR A 228 -44.69 -48.06 -4.17
N CYS A 229 -44.54 -48.94 -5.15
CA CYS A 229 -45.24 -50.23 -5.24
C CYS A 229 -46.76 -50.05 -5.14
N GLY A 230 -47.29 -49.16 -5.99
CA GLY A 230 -48.71 -49.10 -6.26
C GLY A 230 -49.59 -48.44 -5.22
N ARG A 231 -49.01 -47.77 -4.23
CA ARG A 231 -49.82 -47.16 -3.18
C ARG A 231 -49.59 -45.65 -3.12
N ARG A 232 -50.67 -44.92 -2.89
CA ARG A 232 -50.59 -43.49 -2.59
C ARG A 232 -50.05 -43.34 -1.18
N ILE A 233 -48.88 -42.75 -1.05
CA ILE A 233 -48.26 -42.65 0.26
C ILE A 233 -48.43 -41.22 0.74
N ARG A 234 -48.17 -40.98 2.02
CA ARG A 234 -48.33 -39.66 2.61
C ARG A 234 -47.28 -38.71 2.05
N LEU A 235 -47.50 -37.42 2.27
CA LEU A 235 -46.86 -36.36 1.51
C LEU A 235 -46.96 -35.06 2.28
N HIS A 236 -46.09 -34.12 1.94
CA HIS A 236 -46.07 -32.83 2.60
C HIS A 236 -45.57 -31.76 1.64
N VAL A 237 -46.44 -30.81 1.31
CA VAL A 237 -46.05 -29.70 0.45
C VAL A 237 -45.20 -28.74 1.25
N LEU A 238 -44.09 -28.32 0.67
CA LEU A 238 -43.25 -27.28 1.26
C LEU A 238 -43.15 -26.04 0.39
N PHE A 239 -42.82 -26.19 -0.88
CA PHE A 239 -42.84 -25.09 -1.83
C PHE A 239 -43.77 -25.48 -2.96
N PRO A 240 -44.90 -24.80 -3.11
CA PRO A 240 -45.93 -25.25 -4.04
C PRO A 240 -45.54 -24.95 -5.48
N PRO A 241 -45.44 -25.98 -6.32
CA PRO A 241 -44.92 -25.78 -7.68
C PRO A 241 -45.91 -25.05 -8.56
N ALA A 242 -45.39 -24.44 -9.62
CA ALA A 242 -46.21 -23.70 -10.58
C ALA A 242 -46.58 -24.65 -11.72
N ILE A 243 -47.87 -24.95 -11.83
CA ILE A 243 -48.36 -25.87 -12.84
C ILE A 243 -49.04 -25.05 -13.91
N PHE A 244 -48.30 -24.70 -14.96
CA PHE A 244 -48.97 -24.07 -16.07
C PHE A 244 -49.61 -25.13 -16.98
N ALA A 245 -50.38 -24.66 -17.95
CA ALA A 245 -51.15 -25.55 -18.81
C ALA A 245 -50.27 -26.32 -19.80
N GLY A 246 -49.05 -25.86 -20.05
CA GLY A 246 -48.17 -26.56 -20.96
C GLY A 246 -47.08 -27.31 -20.25
N THR A 247 -46.57 -26.73 -19.16
CA THR A 247 -45.49 -27.36 -18.41
C THR A 247 -45.68 -27.09 -16.93
N VAL A 248 -44.92 -27.83 -16.13
CA VAL A 248 -44.92 -27.67 -14.67
C VAL A 248 -43.54 -27.20 -14.26
N THR A 249 -43.48 -26.15 -13.45
CA THR A 249 -42.23 -25.62 -12.92
C THR A 249 -42.31 -25.63 -11.40
N PHE A 250 -41.17 -25.89 -10.77
CA PHE A 250 -41.13 -26.04 -9.32
C PHE A 250 -40.41 -24.84 -8.72
N ASP A 251 -41.06 -24.19 -7.75
CA ASP A 251 -40.39 -23.13 -7.00
C ASP A 251 -39.31 -23.76 -6.12
N SER A 252 -38.11 -23.83 -6.67
CA SER A 252 -37.04 -24.59 -6.02
C SER A 252 -35.74 -23.82 -6.07
N PRO A 253 -34.78 -24.19 -5.22
CA PRO A 253 -33.42 -23.66 -5.37
C PRO A 253 -32.79 -23.91 -6.74
N VAL A 254 -32.80 -25.15 -7.21
CA VAL A 254 -31.99 -25.43 -8.38
C VAL A 254 -32.69 -25.02 -9.65
N GLN A 255 -34.03 -25.08 -9.70
CA GLN A 255 -34.72 -24.74 -10.93
C GLN A 255 -34.77 -23.25 -11.15
N ARG A 256 -34.49 -22.46 -10.11
CA ARG A 256 -34.26 -21.04 -10.30
C ARG A 256 -32.93 -20.74 -11.01
N LEU A 257 -32.09 -21.76 -11.26
CA LEU A 257 -30.89 -21.61 -12.06
C LEU A 257 -30.93 -22.41 -13.34
N TYR A 258 -32.04 -23.10 -13.62
CA TYR A 258 -32.07 -24.31 -14.46
C TYR A 258 -31.57 -24.06 -15.87
N GLN A 259 -32.20 -23.14 -16.58
CA GLN A 259 -31.75 -22.94 -17.95
C GLN A 259 -30.48 -22.12 -18.04
N ASN A 260 -30.04 -21.45 -16.98
CA ASN A 260 -28.72 -20.84 -17.03
C ASN A 260 -27.63 -21.90 -16.95
N ILE A 261 -27.80 -22.92 -16.10
CA ILE A 261 -26.85 -24.02 -16.08
C ILE A 261 -26.91 -24.80 -17.38
N PHE A 262 -28.11 -24.98 -17.94
CA PHE A 262 -28.21 -25.64 -19.23
C PHE A 262 -27.59 -24.80 -20.34
N MET A 263 -27.65 -23.48 -20.22
CA MET A 263 -26.98 -22.61 -21.18
C MET A 263 -25.47 -22.77 -21.09
N CYS A 264 -24.96 -22.88 -19.86
CA CYS A 264 -23.52 -23.09 -19.68
C CYS A 264 -23.08 -24.45 -20.20
N TYR A 265 -23.90 -25.47 -19.98
CA TYR A 265 -23.61 -26.80 -20.52
C TYR A 265 -23.60 -26.78 -22.04
N ARG A 266 -24.58 -26.10 -22.63
CA ARG A 266 -24.68 -26.00 -24.08
C ARG A 266 -23.49 -25.26 -24.67
N THR A 267 -23.07 -24.16 -24.04
CA THR A 267 -21.93 -23.44 -24.61
C THR A 267 -20.61 -24.14 -24.32
N LEU A 268 -20.54 -24.98 -23.29
CA LEU A 268 -19.31 -25.73 -23.08
C LEU A 268 -19.16 -26.86 -24.10
N GLU A 269 -20.24 -27.60 -24.35
CA GLU A 269 -20.15 -28.64 -25.38
C GLU A 269 -20.03 -28.00 -26.76
N HIS A 270 -20.64 -26.83 -26.95
CA HIS A 270 -20.45 -26.05 -28.17
C HIS A 270 -19.00 -25.60 -28.32
N ALA A 271 -18.37 -25.23 -27.21
CA ALA A 271 -16.99 -24.78 -27.25
C ALA A 271 -16.06 -25.92 -27.61
N LYS A 272 -16.30 -27.10 -27.06
CA LYS A 272 -15.46 -28.22 -27.45
C LYS A 272 -15.79 -28.68 -28.87
N ILE A 273 -17.02 -28.43 -29.34
CA ILE A 273 -17.36 -28.74 -30.73
C ILE A 273 -16.56 -27.86 -31.68
N CYS A 274 -16.52 -26.55 -31.44
CA CYS A 274 -15.75 -25.68 -32.31
C CYS A 274 -14.24 -25.89 -32.15
N GLN A 275 -13.80 -26.16 -30.92
CA GLN A 275 -12.40 -26.47 -30.65
C GLN A 275 -11.96 -27.71 -31.39
N LEU A 276 -12.75 -28.77 -31.33
CA LEU A 276 -12.46 -30.02 -31.98
C LEU A 276 -12.66 -29.94 -33.47
N LEU A 277 -13.43 -28.98 -33.96
CA LEU A 277 -13.66 -28.88 -35.39
C LEU A 277 -12.61 -28.02 -36.08
N ASN A 278 -11.98 -27.09 -35.38
CA ASN A 278 -10.97 -26.26 -36.04
C ASN A 278 -9.55 -26.79 -35.86
N THR A 279 -9.40 -28.05 -35.40
CA THR A 279 -8.07 -28.61 -35.11
C THR A 279 -7.17 -28.75 -36.31
N ALA A 280 -7.72 -28.71 -37.52
CA ALA A 280 -6.87 -28.70 -38.70
C ALA A 280 -6.07 -27.41 -38.72
N PRO A 281 -4.77 -27.48 -38.98
CA PRO A 281 -3.94 -26.27 -39.03
C PRO A 281 -4.06 -25.53 -40.34
N LEU A 282 -4.81 -26.08 -41.29
CA LEU A 282 -4.87 -25.55 -42.63
C LEU A 282 -6.23 -25.91 -43.22
N LYS A 283 -6.86 -24.95 -43.88
CA LYS A 283 -8.27 -25.03 -44.25
C LYS A 283 -8.35 -25.00 -45.77
N ALA A 284 -8.74 -26.12 -46.36
CA ALA A 284 -8.96 -26.14 -47.80
C ALA A 284 -10.45 -26.20 -48.13
N ILE A 285 -10.78 -25.85 -49.36
CA ILE A 285 -12.13 -25.94 -49.90
C ILE A 285 -12.07 -26.68 -51.24
N VAL A 286 -12.99 -27.61 -51.44
CA VAL A 286 -13.02 -28.38 -52.67
C VAL A 286 -13.80 -27.62 -53.73
N GLY A 287 -13.70 -28.06 -54.97
CA GLY A 287 -14.46 -27.45 -56.06
C GLY A 287 -14.15 -28.03 -57.43
N ASP A 434 -1.47 -44.36 -25.39
CA ASP A 434 -0.29 -44.53 -26.23
C ASP A 434 0.02 -43.24 -26.98
N ILE A 435 -1.05 -42.54 -27.39
CA ILE A 435 -0.88 -41.26 -28.08
C ILE A 435 -0.46 -40.20 -27.08
N LEU A 436 -0.87 -40.36 -25.81
CA LEU A 436 -0.55 -39.36 -24.80
C LEU A 436 0.91 -39.37 -24.43
N THR A 437 1.59 -40.50 -24.58
CA THR A 437 2.99 -40.61 -24.21
C THR A 437 3.64 -41.63 -25.13
N GLY A 438 4.66 -41.20 -25.86
CA GLY A 438 5.39 -42.11 -26.72
C GLY A 438 6.57 -41.38 -27.32
N SER A 439 7.36 -42.14 -28.07
CA SER A 439 8.49 -41.55 -28.80
C SER A 439 7.99 -40.54 -29.81
N THR A 440 8.33 -39.27 -29.58
CA THR A 440 7.74 -38.17 -30.30
C THR A 440 8.10 -38.17 -31.78
N ALA A 441 9.20 -38.82 -32.16
CA ALA A 441 9.50 -38.97 -33.58
C ALA A 441 8.52 -39.91 -34.26
N SER A 442 8.19 -41.02 -33.62
CA SER A 442 7.17 -41.92 -34.15
C SER A 442 5.77 -41.39 -33.87
N ALA A 443 5.60 -40.62 -32.80
CA ALA A 443 4.31 -40.02 -32.53
C ALA A 443 3.96 -38.96 -33.56
N ILE A 444 4.97 -38.26 -34.08
CA ILE A 444 4.81 -37.43 -35.27
C ILE A 444 4.31 -38.24 -36.44
N GLU A 445 4.87 -39.43 -36.66
CA GLU A 445 4.50 -40.22 -37.83
C GLU A 445 3.09 -40.79 -37.70
N LYS A 446 2.66 -41.10 -36.48
CA LYS A 446 1.40 -41.82 -36.29
C LYS A 446 0.18 -40.96 -36.58
N LEU A 447 0.28 -39.64 -36.60
CA LEU A 447 -0.90 -38.83 -36.83
C LEU A 447 -0.84 -37.94 -38.07
N PHE A 448 0.32 -37.80 -38.70
CA PHE A 448 0.36 -37.01 -39.93
C PHE A 448 -0.29 -37.75 -41.08
N ASN A 449 -0.05 -39.06 -41.16
CA ASN A 449 -0.75 -39.91 -42.11
C ASN A 449 -2.23 -40.07 -41.77
N SER A 450 -2.61 -39.80 -40.53
CA SER A 450 -4.01 -39.86 -40.14
C SER A 450 -4.79 -38.74 -40.82
N PRO A 451 -6.07 -38.98 -41.13
CA PRO A 451 -6.88 -37.94 -41.78
C PRO A 451 -7.35 -36.82 -40.85
N SER A 452 -6.87 -36.79 -39.60
CA SER A 452 -7.24 -35.70 -38.70
C SER A 452 -6.61 -34.39 -39.12
N ALA A 453 -5.47 -34.45 -39.82
CA ALA A 453 -4.74 -33.24 -40.15
C ALA A 453 -5.44 -32.43 -41.22
N SER A 454 -5.88 -33.08 -42.29
CA SER A 454 -6.40 -32.35 -43.43
C SER A 454 -7.82 -31.86 -43.17
N LEU A 455 -8.20 -30.84 -43.94
CA LEU A 455 -9.58 -30.40 -44.00
C LEU A 455 -9.79 -29.75 -45.36
N GLY A 456 -10.57 -30.42 -46.22
CA GLY A 456 -11.05 -29.80 -47.43
C GLY A 456 -12.54 -29.59 -47.33
N ALA A 457 -12.99 -28.33 -47.36
CA ALA A 457 -14.39 -28.05 -47.14
C ALA A 457 -15.18 -28.25 -48.41
N ARG A 458 -16.44 -28.64 -48.26
CA ARG A 458 -17.23 -29.14 -49.38
C ARG A 458 -18.30 -28.14 -49.78
N VAL A 459 -18.53 -28.06 -51.08
CA VAL A 459 -19.75 -27.49 -51.64
C VAL A 459 -20.54 -28.65 -52.24
N SER A 460 -21.87 -28.62 -52.07
CA SER A 460 -22.72 -29.73 -52.47
C SER A 460 -22.82 -29.85 -53.99
N GLY A 461 -23.22 -28.77 -54.66
CA GLY A 461 -23.37 -28.81 -56.10
C GLY A 461 -22.04 -28.66 -56.81
N HIS A 462 -21.82 -29.52 -57.79
CA HIS A 462 -20.60 -29.41 -58.60
C HIS A 462 -20.68 -28.27 -59.59
N ASN A 463 -21.89 -27.95 -60.07
CA ASN A 463 -22.07 -26.74 -60.87
C ASN A 463 -22.04 -25.51 -59.98
N GLU A 464 -22.36 -25.67 -58.70
CA GLU A 464 -22.35 -24.56 -57.78
C GLU A 464 -20.92 -24.12 -57.50
N SER A 465 -20.62 -22.86 -57.79
CA SER A 465 -19.27 -22.33 -57.69
C SER A 465 -19.15 -21.34 -56.55
N ILE A 466 -17.92 -21.02 -56.18
CA ILE A 466 -17.63 -20.17 -55.03
C ILE A 466 -16.93 -18.91 -55.52
N LEU A 467 -17.48 -17.76 -55.16
CA LEU A 467 -16.89 -16.48 -55.53
C LEU A 467 -15.85 -15.99 -54.54
N ASN A 468 -16.07 -16.18 -53.24
CA ASN A 468 -15.13 -15.71 -52.25
C ASN A 468 -15.16 -16.64 -51.06
N SER A 469 -14.03 -16.68 -50.35
CA SER A 469 -13.84 -17.68 -49.31
C SER A 469 -13.09 -17.04 -48.16
N PHE A 470 -13.43 -17.46 -46.95
CA PHE A 470 -12.93 -16.78 -45.77
C PHE A 470 -12.32 -17.76 -44.77
N VAL A 471 -11.81 -17.23 -43.66
CA VAL A 471 -11.40 -18.04 -42.52
C VAL A 471 -11.58 -17.21 -41.25
N SER A 472 -12.14 -17.86 -40.22
CA SER A 472 -12.22 -17.26 -38.90
C SER A 472 -12.37 -18.40 -37.91
N GLN A 473 -11.29 -18.78 -37.24
CA GLN A 473 -11.49 -19.63 -36.09
C GLN A 473 -12.06 -18.80 -34.95
N TYR A 474 -12.87 -19.43 -34.13
CA TYR A 474 -13.54 -18.70 -33.06
C TYR A 474 -13.76 -19.63 -31.89
N ILE A 475 -13.44 -19.12 -30.71
CA ILE A 475 -13.70 -19.85 -29.47
C ILE A 475 -14.72 -19.03 -28.67
N PRO A 476 -15.85 -19.59 -28.29
CA PRO A 476 -16.75 -18.91 -27.38
C PRO A 476 -16.15 -18.87 -25.98
N PRO A 477 -16.47 -17.85 -25.19
CA PRO A 477 -15.83 -17.71 -23.87
C PRO A 477 -16.33 -18.75 -22.88
N SER A 478 -15.79 -19.96 -22.98
CA SER A 478 -16.32 -21.10 -22.23
C SER A 478 -16.05 -20.97 -20.74
N ARG A 479 -14.77 -20.89 -20.37
CA ARG A 479 -14.41 -20.79 -18.97
C ARG A 479 -14.91 -19.50 -18.32
N GLU A 480 -15.06 -18.44 -19.11
CA GLU A 480 -15.68 -17.24 -18.58
C GLU A 480 -17.15 -17.48 -18.28
N MET A 481 -17.83 -18.27 -19.11
CA MET A 481 -19.22 -18.61 -18.84
C MET A 481 -19.33 -19.56 -17.66
N THR A 482 -18.28 -20.33 -17.38
CA THR A 482 -18.32 -21.14 -16.16
C THR A 482 -18.07 -20.28 -14.94
N LYS A 483 -17.21 -19.27 -15.06
CA LYS A 483 -16.71 -18.55 -13.89
C LYS A 483 -17.79 -17.70 -13.23
N ASP A 484 -18.63 -17.04 -14.02
CA ASP A 484 -19.70 -16.27 -13.39
C ASP A 484 -20.80 -17.20 -12.89
N LEU A 485 -20.94 -18.38 -13.46
CA LEU A 485 -21.95 -19.30 -12.94
C LEU A 485 -21.51 -19.91 -11.61
N THR A 486 -20.21 -19.95 -11.34
CA THR A 486 -19.73 -20.26 -9.99
C THR A 486 -20.34 -19.33 -8.94
N GLU A 487 -20.18 -18.02 -9.12
CA GLU A 487 -20.72 -17.11 -8.12
C GLU A 487 -22.25 -16.97 -8.24
N LEU A 488 -22.82 -17.33 -9.40
CA LEU A 488 -24.26 -17.51 -9.51
C LEU A 488 -24.77 -18.57 -8.55
N TRP A 489 -24.12 -19.72 -8.51
CA TRP A 489 -24.49 -20.74 -7.53
C TRP A 489 -24.20 -20.28 -6.12
N GLU A 490 -23.08 -19.58 -5.94
CA GLU A 490 -22.64 -19.15 -4.60
C GLU A 490 -23.63 -18.18 -3.98
N SER A 491 -24.14 -17.23 -4.79
CA SER A 491 -25.07 -16.23 -4.30
C SER A 491 -26.39 -16.87 -3.88
N GLU A 492 -26.91 -17.78 -4.70
CA GLU A 492 -28.19 -18.38 -4.39
C GLU A 492 -28.11 -19.35 -3.23
N LEU A 493 -27.03 -20.12 -3.11
CA LEU A 493 -26.94 -20.97 -1.94
C LEU A 493 -26.36 -20.26 -0.72
N PHE A 494 -26.02 -18.98 -0.85
CA PHE A 494 -25.87 -18.12 0.30
C PHE A 494 -27.17 -17.42 0.66
N ASN A 495 -28.09 -17.29 -0.29
CA ASN A 495 -29.29 -16.47 -0.09
C ASN A 495 -30.52 -17.28 0.29
N THR A 496 -30.98 -18.21 -0.56
CA THR A 496 -32.24 -18.87 -0.23
C THR A 496 -32.03 -19.99 0.78
N PHE A 497 -30.79 -20.44 0.92
CA PHE A 497 -30.34 -21.18 2.09
C PHE A 497 -29.32 -20.29 2.77
N LYS A 498 -29.60 -19.90 4.00
CA LYS A 498 -28.79 -18.87 4.66
C LYS A 498 -27.46 -19.48 5.09
N LEU A 499 -26.44 -19.27 4.27
CA LEU A 499 -25.11 -19.82 4.55
C LEU A 499 -24.14 -18.67 4.79
N THR A 500 -23.60 -18.59 6.01
CA THR A 500 -22.68 -17.53 6.36
C THR A 500 -21.27 -18.09 6.33
N PRO A 501 -20.45 -17.73 5.36
CA PRO A 501 -19.08 -18.25 5.31
C PRO A 501 -18.17 -17.67 6.37
N VAL A 502 -17.83 -18.48 7.37
CA VAL A 502 -16.86 -18.09 8.39
C VAL A 502 -15.49 -18.04 7.73
N VAL A 503 -14.98 -16.83 7.51
CA VAL A 503 -13.78 -16.64 6.70
C VAL A 503 -12.70 -15.92 7.49
N ASP A 504 -11.46 -15.99 7.00
CA ASP A 504 -10.34 -15.23 7.52
C ASP A 504 -10.22 -13.95 6.68
N ASN A 505 -9.23 -13.12 7.00
CA ASN A 505 -8.94 -11.94 6.20
C ASN A 505 -8.49 -12.36 4.80
N GLN A 506 -9.30 -11.97 3.80
CA GLN A 506 -9.20 -12.44 2.42
C GLN A 506 -9.22 -13.96 2.34
N GLY A 507 -10.08 -14.57 3.16
CA GLY A 507 -10.24 -16.00 3.16
C GLY A 507 -11.12 -16.42 2.00
N GLN A 508 -10.76 -17.55 1.38
CA GLN A 508 -11.47 -18.03 0.20
C GLN A 508 -12.53 -19.04 0.63
N ARG A 509 -13.48 -18.55 1.43
CA ARG A 509 -14.71 -19.25 1.82
C ARG A 509 -14.38 -20.58 2.51
N LEU A 510 -13.70 -20.45 3.65
CA LEU A 510 -13.04 -21.61 4.25
C LEU A 510 -13.97 -22.42 5.15
N TYR A 511 -14.89 -21.79 5.87
CA TYR A 511 -15.74 -22.52 6.80
C TYR A 511 -17.18 -22.14 6.52
N VAL A 512 -17.86 -22.95 5.71
CA VAL A 512 -19.23 -22.68 5.29
C VAL A 512 -20.17 -23.44 6.21
N ARG A 513 -21.00 -22.70 6.92
CA ARG A 513 -21.69 -23.21 8.09
C ARG A 513 -23.16 -22.80 8.04
N TYR A 514 -24.00 -23.65 8.65
CA TYR A 514 -25.40 -23.33 8.82
C TYR A 514 -25.58 -22.09 9.70
N SER A 515 -26.70 -21.42 9.51
CA SER A 515 -27.05 -20.20 10.20
C SER A 515 -28.06 -20.48 11.30
N SER A 516 -28.50 -19.40 11.95
CA SER A 516 -29.58 -19.49 12.91
C SER A 516 -30.89 -19.79 12.19
N ASP A 517 -31.07 -19.24 10.99
CA ASP A 517 -32.36 -19.38 10.34
C ASP A 517 -32.37 -20.48 9.28
N THR A 518 -31.22 -20.86 8.74
CA THR A 518 -31.30 -21.90 7.71
C THR A 518 -31.50 -23.27 8.33
N ILE A 519 -31.20 -23.45 9.62
CA ILE A 519 -31.62 -24.65 10.29
C ILE A 519 -33.13 -24.65 10.50
N SER A 520 -33.72 -23.48 10.69
CA SER A 520 -35.17 -23.35 10.78
C SER A 520 -35.84 -23.57 9.43
N ILE A 521 -35.13 -23.36 8.32
CA ILE A 521 -35.73 -23.61 7.02
C ILE A 521 -35.35 -24.97 6.43
N LEU A 522 -34.35 -25.65 6.99
CA LEU A 522 -34.05 -27.01 6.55
C LEU A 522 -34.53 -28.06 7.55
N LEU A 523 -34.02 -28.04 8.76
CA LEU A 523 -34.38 -29.04 9.74
C LEU A 523 -35.64 -28.66 10.49
N GLY A 524 -35.98 -27.37 10.49
CA GLY A 524 -37.25 -26.87 10.95
C GLY A 524 -38.44 -27.61 10.37
N PRO A 525 -38.56 -27.63 9.03
CA PRO A 525 -39.56 -28.52 8.43
C PRO A 525 -39.22 -29.99 8.57
N PHE A 526 -37.93 -30.37 8.49
CA PHE A 526 -37.57 -31.78 8.46
C PHE A 526 -37.86 -32.50 9.75
N THR A 527 -37.23 -32.08 10.84
CA THR A 527 -37.34 -32.76 12.12
C THR A 527 -38.73 -32.68 12.74
N TYR A 528 -39.61 -31.82 12.24
CA TYR A 528 -40.91 -31.64 12.85
C TYR A 528 -42.08 -31.99 11.97
N LEU A 529 -41.93 -32.02 10.65
CA LEU A 529 -43.08 -32.11 9.75
C LEU A 529 -43.02 -33.36 8.89
N VAL A 530 -41.90 -33.66 8.24
CA VAL A 530 -41.80 -34.91 7.52
C VAL A 530 -41.24 -36.02 8.41
N ALA A 531 -40.37 -35.67 9.35
CA ALA A 531 -40.01 -36.59 10.42
C ALA A 531 -40.80 -36.21 11.65
N GLU A 532 -41.40 -37.20 12.28
CA GLU A 532 -42.38 -36.97 13.34
C GLU A 532 -41.74 -36.93 14.72
N LEU A 533 -40.50 -36.45 14.79
CA LEU A 533 -39.81 -36.30 16.05
C LEU A 533 -40.45 -35.16 16.83
N SER A 534 -41.41 -35.49 17.69
CA SER A 534 -42.11 -34.44 18.44
C SER A 534 -41.25 -33.73 19.48
N PRO A 535 -40.65 -34.40 20.48
CA PRO A 535 -40.07 -33.62 21.58
C PRO A 535 -38.67 -33.12 21.32
N VAL A 536 -38.20 -33.11 20.08
CA VAL A 536 -36.85 -32.65 19.80
C VAL A 536 -36.82 -31.14 19.65
N GLU A 537 -35.62 -30.58 19.78
CA GLU A 537 -35.43 -29.15 19.74
C GLU A 537 -34.53 -28.78 18.57
N LEU A 538 -34.45 -27.49 18.30
CA LEU A 538 -33.48 -26.99 17.34
C LEU A 538 -32.20 -26.68 18.09
N VAL A 539 -31.20 -26.15 17.39
CA VAL A 539 -29.91 -25.87 18.02
C VAL A 539 -29.60 -24.40 17.88
N THR A 540 -28.43 -23.99 18.37
CA THR A 540 -27.97 -22.63 18.23
C THR A 540 -26.96 -22.55 17.10
N ASP A 541 -26.34 -21.39 16.98
CA ASP A 541 -25.13 -21.29 16.18
C ASP A 541 -24.01 -22.13 16.80
N VAL A 542 -23.69 -21.87 18.07
CA VAL A 542 -22.56 -22.54 18.72
C VAL A 542 -22.88 -23.96 19.16
N TYR A 543 -24.16 -24.37 19.12
CA TYR A 543 -24.47 -25.77 19.36
C TYR A 543 -24.07 -26.65 18.19
N ALA A 544 -24.08 -26.10 16.98
CA ALA A 544 -23.66 -26.82 15.79
C ALA A 544 -22.25 -26.50 15.36
N THR A 545 -21.75 -25.32 15.70
CA THR A 545 -20.40 -24.91 15.33
C THR A 545 -19.34 -25.64 16.12
N LEU A 546 -19.52 -25.74 17.44
CA LEU A 546 -18.51 -26.22 18.35
C LEU A 546 -18.38 -27.74 18.22
N GLY A 547 -17.37 -28.30 18.89
CA GLY A 547 -17.13 -29.73 18.78
C GLY A 547 -18.24 -30.54 19.45
N ILE A 548 -18.47 -31.74 18.92
CA ILE A 548 -19.57 -32.57 19.38
C ILE A 548 -19.31 -33.10 20.78
N VAL A 549 -18.03 -33.22 21.18
CA VAL A 549 -17.72 -33.41 22.59
C VAL A 549 -17.53 -32.08 23.30
N GLU A 550 -17.25 -31.00 22.59
CA GLU A 550 -17.16 -29.68 23.20
C GLU A 550 -18.52 -29.01 23.36
N ILE A 551 -19.60 -29.61 22.82
CA ILE A 551 -20.91 -29.12 23.19
C ILE A 551 -21.45 -29.86 24.39
N ILE A 552 -20.85 -31.00 24.74
CA ILE A 552 -21.23 -31.76 25.92
C ILE A 552 -21.02 -30.92 27.17
N ASP A 553 -19.79 -30.45 27.37
CA ASP A 553 -19.50 -29.63 28.54
C ASP A 553 -20.12 -28.24 28.43
N GLU A 554 -20.47 -27.80 27.22
CA GLU A 554 -21.14 -26.52 27.10
C GLU A 554 -22.60 -26.62 27.47
N LEU A 555 -23.26 -27.73 27.13
CA LEU A 555 -24.57 -28.04 27.68
C LEU A 555 -24.50 -28.21 29.18
N TYR A 556 -23.41 -28.80 29.66
CA TYR A 556 -23.17 -28.92 31.09
C TYR A 556 -23.08 -27.56 31.76
N ARG A 557 -22.46 -26.58 31.09
CA ARG A 557 -22.30 -25.24 31.64
C ARG A 557 -23.63 -24.53 31.87
N SER A 558 -24.70 -24.96 31.21
CA SER A 558 -26.05 -24.47 31.48
C SER A 558 -26.99 -25.62 31.79
N SER A 559 -26.55 -26.58 32.58
CA SER A 559 -27.35 -27.76 32.86
C SER A 559 -27.90 -27.74 34.28
N ARG A 560 -29.07 -28.37 34.45
CA ARG A 560 -29.75 -28.42 35.74
C ARG A 560 -28.91 -29.11 36.81
N LEU A 561 -28.21 -30.18 36.43
CA LEU A 561 -27.27 -30.84 37.34
C LEU A 561 -26.14 -29.91 37.75
N ALA A 562 -25.50 -29.24 36.79
CA ALA A 562 -24.34 -28.46 37.16
C ALA A 562 -24.73 -27.15 37.84
N ILE A 563 -25.95 -26.68 37.65
CA ILE A 563 -26.39 -25.57 38.51
C ILE A 563 -26.65 -26.09 39.92
N TYR A 564 -27.19 -27.32 40.06
CA TYR A 564 -27.28 -27.92 41.39
C TYR A 564 -25.92 -28.15 42.02
N ILE A 565 -24.90 -28.43 41.20
CA ILE A 565 -23.55 -28.56 41.72
C ILE A 565 -22.99 -27.19 42.09
N GLU A 566 -23.29 -26.17 41.28
CA GLU A 566 -22.89 -24.82 41.67
C GLU A 566 -23.79 -24.25 42.76
N ASP A 567 -24.99 -24.80 42.95
CA ASP A 567 -25.72 -24.59 44.20
C ASP A 567 -24.94 -25.17 45.36
N LEU A 568 -24.43 -26.38 45.20
CA LEU A 568 -23.49 -26.93 46.16
C LEU A 568 -22.13 -26.28 46.06
N GLY A 569 -21.87 -25.51 44.99
CA GLY A 569 -20.68 -24.71 44.82
C GLY A 569 -20.45 -23.72 45.93
N ARG A 570 -21.51 -23.19 46.50
CA ARG A 570 -21.44 -22.54 47.80
C ARG A 570 -22.06 -23.51 48.80
N LYS A 571 -21.29 -24.53 49.17
CA LYS A 571 -21.69 -25.61 50.09
C LYS A 571 -23.01 -26.29 49.68
N ALA B 18 33.28 -56.48 -12.62
CA ALA B 18 33.97 -55.22 -12.78
C ALA B 18 33.23 -54.32 -13.76
N ILE B 19 32.78 -53.15 -13.30
CA ILE B 19 32.26 -52.15 -14.22
C ILE B 19 32.79 -50.80 -13.75
N PRO B 20 33.26 -49.96 -14.66
CA PRO B 20 33.81 -48.66 -14.24
C PRO B 20 32.75 -47.72 -13.74
N VAL B 21 33.14 -46.87 -12.80
CA VAL B 21 32.23 -45.88 -12.25
C VAL B 21 32.78 -44.49 -12.53
N HIS B 22 34.02 -44.25 -12.07
CA HIS B 22 34.64 -42.94 -12.26
C HIS B 22 34.90 -42.58 -13.72
N PRO B 23 35.77 -43.32 -14.48
CA PRO B 23 36.32 -42.71 -15.69
C PRO B 23 35.42 -42.81 -16.91
N THR B 24 34.16 -43.19 -16.71
CA THR B 24 33.22 -43.28 -17.82
C THR B 24 32.90 -41.87 -18.31
N PRO B 25 32.56 -41.71 -19.60
CA PRO B 25 32.29 -40.36 -20.12
C PRO B 25 31.10 -39.67 -19.48
N ALA B 26 30.01 -40.39 -19.18
CA ALA B 26 28.86 -39.76 -18.55
C ALA B 26 29.18 -39.33 -17.13
N SER B 27 29.89 -40.16 -16.36
CA SER B 27 30.21 -39.76 -15.00
C SER B 27 31.30 -38.71 -14.95
N VAL B 28 32.17 -38.61 -15.95
CA VAL B 28 33.12 -37.50 -15.90
C VAL B 28 32.45 -36.22 -16.38
N ARG B 29 31.43 -36.33 -17.23
CA ARG B 29 30.55 -35.17 -17.48
C ARG B 29 29.87 -34.74 -16.20
N LEU B 30 29.52 -35.72 -15.36
CA LEU B 30 28.96 -35.39 -14.05
C LEU B 30 30.00 -34.77 -13.13
N PHE B 31 31.23 -35.27 -13.18
CA PHE B 31 32.29 -34.77 -12.31
C PHE B 31 32.77 -33.40 -12.73
N GLU B 32 32.55 -33.03 -13.98
CA GLU B 32 32.92 -31.71 -14.45
C GLU B 32 32.06 -30.62 -13.81
N ILE B 33 30.76 -30.89 -13.59
CA ILE B 33 29.85 -29.84 -13.16
C ILE B 33 30.08 -29.45 -11.70
N LEU B 34 30.89 -30.23 -10.98
CA LEU B 34 31.59 -29.73 -9.80
C LEU B 34 32.28 -28.40 -10.08
N GLN B 35 33.06 -28.33 -11.15
CA GLN B 35 33.60 -27.06 -11.61
C GLN B 35 32.58 -26.43 -12.56
N GLY B 36 32.94 -25.34 -13.21
CA GLY B 36 31.99 -24.61 -14.01
C GLY B 36 32.07 -24.76 -15.51
N LYS B 37 32.69 -25.83 -16.03
CA LYS B 37 33.15 -25.83 -17.41
C LYS B 37 32.01 -25.92 -18.43
N TYR B 38 30.89 -26.57 -18.09
CA TYR B 38 29.87 -26.74 -19.13
C TYR B 38 28.72 -25.74 -19.00
N ALA B 39 28.03 -25.75 -17.87
CA ALA B 39 26.92 -24.83 -17.68
C ALA B 39 26.97 -24.28 -16.27
N TYR B 40 26.56 -23.04 -16.11
CA TYR B 40 26.64 -22.41 -14.80
C TYR B 40 25.63 -21.28 -14.73
N VAL B 41 24.91 -21.22 -13.63
CA VAL B 41 23.89 -20.21 -13.39
C VAL B 41 24.07 -19.65 -11.99
N GLN B 42 23.16 -18.76 -11.61
CA GLN B 42 23.21 -18.16 -10.28
C GLN B 42 22.92 -19.18 -9.19
N GLY B 43 22.13 -20.21 -9.48
CA GLY B 43 21.85 -21.23 -8.48
C GLY B 43 23.07 -22.03 -8.09
N GLN B 44 23.99 -22.25 -9.03
CA GLN B 44 25.20 -23.01 -8.75
C GLN B 44 26.23 -22.22 -7.95
N THR B 45 25.99 -20.93 -7.72
CA THR B 45 26.84 -20.18 -6.81
C THR B 45 26.69 -20.67 -5.38
N ILE B 46 25.51 -21.16 -5.01
CA ILE B 46 25.29 -21.63 -3.65
C ILE B 46 26.01 -22.94 -3.40
N TYR B 47 26.46 -23.62 -4.45
CA TYR B 47 27.17 -24.87 -4.31
C TYR B 47 28.53 -24.68 -3.65
N ALA B 48 29.18 -23.56 -3.91
CA ALA B 48 30.43 -23.26 -3.24
C ALA B 48 30.23 -22.89 -1.78
N ASN B 49 29.05 -22.41 -1.41
CA ASN B 49 28.81 -21.98 -0.03
C ASN B 49 28.84 -23.16 0.93
N LEU B 50 28.20 -24.25 0.56
CA LEU B 50 28.36 -25.48 1.31
C LEU B 50 29.67 -26.19 0.99
N ARG B 51 30.36 -25.79 -0.09
CA ARG B 51 31.68 -26.31 -0.35
C ARG B 51 32.75 -25.62 0.49
N ASN B 52 32.39 -24.59 1.22
CA ASN B 52 33.36 -23.82 1.99
C ASN B 52 33.93 -24.67 3.12
N PRO B 53 35.23 -24.81 3.22
CA PRO B 53 35.80 -25.39 4.45
C PRO B 53 35.81 -24.36 5.56
N GLY B 54 36.35 -24.71 6.71
CA GLY B 54 36.31 -23.78 7.81
C GLY B 54 35.31 -24.21 8.86
N VAL B 55 34.17 -24.73 8.42
CA VAL B 55 33.24 -25.35 9.34
C VAL B 55 33.85 -26.62 9.92
N PHE B 56 34.72 -27.27 9.16
CA PHE B 56 35.49 -28.37 9.72
C PHE B 56 36.53 -27.86 10.72
N SER B 57 37.06 -26.66 10.50
CA SER B 57 37.98 -26.11 11.50
C SER B 57 37.21 -25.73 12.75
N ARG B 58 35.96 -25.29 12.61
CA ARG B 58 35.10 -25.06 13.76
C ARG B 58 34.88 -26.32 14.57
N GLN B 59 34.71 -27.45 13.88
CA GLN B 59 34.54 -28.76 14.50
C GLN B 59 35.70 -29.10 15.42
N VAL B 60 36.90 -29.24 14.84
CA VAL B 60 38.10 -29.62 15.60
C VAL B 60 38.46 -28.52 16.59
N PHE B 61 38.13 -27.27 16.27
CA PHE B 61 38.34 -26.11 17.11
C PHE B 61 37.61 -26.23 18.42
N THR B 62 36.28 -26.40 18.37
CA THR B 62 35.55 -26.45 19.62
C THR B 62 35.70 -27.81 20.30
N HIS B 63 36.07 -28.84 19.53
CA HIS B 63 36.34 -30.12 20.19
C HIS B 63 37.62 -30.06 21.02
N LEU B 64 38.66 -29.44 20.49
CA LEU B 64 39.88 -29.38 21.28
C LEU B 64 39.77 -28.29 22.34
N PHE B 65 38.85 -27.33 22.13
CA PHE B 65 38.43 -26.45 23.22
C PHE B 65 37.83 -27.23 24.37
N LYS B 66 36.93 -28.16 24.04
CA LYS B 66 36.27 -28.97 25.07
C LYS B 66 37.26 -29.90 25.73
N ARG B 67 38.20 -30.46 24.96
CA ARG B 67 39.22 -31.33 25.52
C ARG B 67 40.19 -30.54 26.39
N ALA B 68 40.37 -29.25 26.08
CA ALA B 68 41.15 -28.38 26.94
C ALA B 68 40.41 -28.07 28.22
N ILE B 69 39.15 -27.66 28.11
CA ILE B 69 38.47 -27.03 29.23
C ILE B 69 38.00 -28.07 30.24
N SER B 70 37.89 -29.34 29.82
CA SER B 70 37.36 -30.38 30.70
C SER B 70 38.38 -30.85 31.71
N HIS B 71 39.64 -31.00 31.31
CA HIS B 71 40.65 -31.69 32.11
C HIS B 71 41.19 -30.87 33.27
N CYS B 72 40.56 -29.75 33.59
CA CYS B 72 40.88 -29.00 34.79
C CYS B 72 40.46 -29.76 36.03
N THR B 73 41.03 -29.36 37.17
CA THR B 73 40.58 -29.80 38.47
C THR B 73 40.07 -28.59 39.24
N TYR B 74 39.05 -28.82 40.07
CA TYR B 74 38.55 -27.74 40.92
C TYR B 74 39.57 -27.36 41.98
N ASP B 75 40.36 -28.32 42.45
CA ASP B 75 41.33 -28.06 43.50
C ASP B 75 42.47 -27.16 43.04
N ASP B 76 42.74 -27.11 41.72
CA ASP B 76 43.79 -26.23 41.24
C ASP B 76 43.38 -24.76 41.31
N VAL B 77 42.13 -24.45 40.98
CA VAL B 77 41.76 -23.03 40.88
C VAL B 77 41.39 -22.43 42.23
N LEU B 78 40.93 -23.23 43.19
CA LEU B 78 40.54 -22.68 44.48
C LEU B 78 41.76 -22.20 45.27
N HIS B 79 42.84 -22.99 45.27
CA HIS B 79 44.03 -22.50 45.95
C HIS B 79 44.77 -21.48 45.08
N ASP B 80 44.49 -21.46 43.78
CA ASP B 80 44.98 -20.36 42.95
C ASP B 80 44.34 -19.06 43.36
N TRP B 81 43.03 -19.08 43.66
CA TRP B 81 42.38 -17.89 44.20
C TRP B 81 42.85 -17.57 45.60
N ASN B 82 43.18 -18.60 46.38
CA ASN B 82 43.71 -18.39 47.74
C ASN B 82 45.07 -17.68 47.70
N LYS B 83 45.98 -18.16 46.86
CA LYS B 83 47.26 -17.48 46.67
C LYS B 83 47.09 -16.14 45.96
N PHE B 84 46.02 -15.99 45.18
CA PHE B 84 45.73 -14.70 44.57
C PHE B 84 45.32 -13.68 45.64
N GLU B 85 44.59 -14.11 46.67
CA GLU B 85 44.31 -13.24 47.80
C GLU B 85 45.56 -12.98 48.64
N ALA B 86 46.43 -13.99 48.75
CA ALA B 86 47.72 -13.81 49.40
C ALA B 86 48.60 -12.79 48.67
N CYS B 87 48.43 -12.68 47.35
CA CYS B 87 49.13 -11.66 46.58
C CYS B 87 48.58 -10.26 46.88
N ILE B 88 47.27 -10.14 47.11
CA ILE B 88 46.66 -8.83 47.21
C ILE B 88 46.65 -8.29 48.65
N GLN B 89 46.86 -9.16 49.65
CA GLN B 89 46.90 -8.65 51.03
C GLN B 89 48.17 -7.86 51.31
N LYS B 90 49.28 -8.21 50.66
CA LYS B 90 50.50 -7.43 50.82
C LYS B 90 50.46 -6.17 49.95
N ARG B 91 49.55 -6.11 48.97
CA ARG B 91 49.35 -4.91 48.19
C ARG B 91 48.22 -4.06 48.76
N TRP B 92 47.18 -4.70 49.29
CA TRP B 92 46.10 -4.00 49.96
C TRP B 92 45.59 -4.81 51.13
N ASP B 96 39.33 -3.32 55.40
CA ASP B 96 38.92 -4.29 56.39
C ASP B 96 37.43 -4.59 56.22
N SER B 97 36.59 -3.68 56.71
CA SER B 97 35.17 -3.77 56.42
C SER B 97 34.90 -3.44 54.96
N CYS B 98 35.67 -2.50 54.40
CA CYS B 98 35.62 -2.24 52.97
C CYS B 98 36.25 -3.37 52.17
N ALA B 99 37.12 -4.16 52.81
CA ALA B 99 37.77 -5.27 52.14
C ALA B 99 36.81 -6.37 51.74
N SER B 100 35.59 -6.39 52.29
CA SER B 100 34.58 -7.34 51.83
C SER B 100 34.24 -7.09 50.35
N ARG B 101 33.78 -5.87 50.04
CA ARG B 101 33.47 -5.55 48.65
C ARG B 101 34.75 -5.38 47.82
N PHE B 102 35.88 -5.06 48.45
CA PHE B 102 37.16 -5.07 47.73
C PHE B 102 37.51 -6.48 47.27
N ARG B 103 37.32 -7.47 48.14
CA ARG B 103 37.62 -8.85 47.78
C ARG B 103 36.62 -9.39 46.77
N GLU B 104 35.37 -8.92 46.84
CA GLU B 104 34.40 -9.29 45.82
C GLU B 104 34.77 -8.73 44.45
N SER B 105 35.09 -7.43 44.40
CA SER B 105 35.48 -6.79 43.15
C SER B 105 36.77 -7.36 42.58
N THR B 106 37.75 -7.69 43.44
CA THR B 106 38.98 -8.22 42.89
C THR B 106 38.82 -9.66 42.43
N PHE B 107 37.86 -10.39 42.99
CA PHE B 107 37.55 -11.71 42.44
C PHE B 107 36.83 -11.58 41.11
N GLU B 108 35.99 -10.55 40.97
CA GLU B 108 35.31 -10.30 39.70
C GLU B 108 36.31 -9.98 38.60
N SER B 109 37.25 -9.07 38.89
CA SER B 109 38.28 -8.74 37.92
C SER B 109 39.23 -9.93 37.72
N TRP B 110 39.38 -10.77 38.74
CA TRP B 110 40.21 -11.96 38.62
C TRP B 110 39.56 -12.98 37.68
N SER B 111 38.24 -13.09 37.75
CA SER B 111 37.52 -13.92 36.79
C SER B 111 37.61 -13.36 35.39
N THR B 112 37.57 -12.04 35.27
CA THR B 112 37.68 -11.39 33.97
C THR B 112 39.05 -11.63 33.35
N THR B 113 40.12 -11.43 34.13
CA THR B 113 41.44 -11.73 33.58
C THR B 113 41.70 -13.22 33.53
N MET B 114 40.91 -14.03 34.22
CA MET B 114 41.02 -15.47 34.06
C MET B 114 40.52 -15.89 32.69
N LYS B 115 39.36 -15.37 32.29
CA LYS B 115 38.87 -15.53 30.93
C LYS B 115 39.86 -14.96 29.92
N LEU B 116 40.44 -13.80 30.22
CA LEU B 116 41.38 -13.17 29.31
C LEU B 116 42.67 -13.96 29.17
N THR B 117 43.17 -14.51 30.28
CA THR B 117 44.48 -15.14 30.29
C THR B 117 44.40 -16.61 29.94
N VAL B 118 43.19 -17.18 29.93
CA VAL B 118 43.07 -18.43 29.19
C VAL B 118 42.88 -18.13 27.71
N ARG B 119 42.19 -17.02 27.40
CA ARG B 119 41.70 -16.78 26.05
C ARG B 119 42.83 -16.41 25.11
N ASP B 120 43.76 -15.56 25.56
CA ASP B 120 44.87 -15.18 24.69
C ASP B 120 45.80 -16.36 24.46
N LEU B 121 45.98 -17.21 25.48
CA LEU B 121 46.80 -18.41 25.35
C LEU B 121 46.20 -19.37 24.33
N LEU B 122 44.90 -19.67 24.47
CA LEU B 122 44.26 -20.61 23.55
C LEU B 122 44.15 -20.03 22.15
N THR B 123 43.96 -18.71 22.05
CA THR B 123 43.77 -18.10 20.74
C THR B 123 45.05 -18.15 19.91
N THR B 124 46.20 -17.90 20.54
CA THR B 124 47.47 -18.12 19.85
C THR B 124 47.68 -19.58 19.49
N ASN B 125 47.59 -20.48 20.49
CA ASN B 125 48.04 -21.85 20.28
C ASN B 125 47.12 -22.62 19.33
N ILE B 126 45.81 -22.37 19.41
CA ILE B 126 44.88 -23.17 18.65
C ILE B 126 44.74 -22.64 17.24
N TYR B 127 44.90 -21.33 17.04
CA TYR B 127 45.05 -20.84 15.67
C TYR B 127 46.37 -21.29 15.06
N ARG B 128 47.39 -21.47 15.90
CA ARG B 128 48.69 -21.93 15.39
C ARG B 128 48.62 -23.38 14.94
N VAL B 129 47.97 -24.22 15.71
CA VAL B 129 47.86 -25.63 15.33
C VAL B 129 46.75 -25.80 14.28
N LEU B 130 45.85 -24.82 14.20
CA LEU B 130 44.67 -24.98 13.37
C LEU B 130 44.98 -24.80 11.89
N HIS B 131 45.74 -23.76 11.57
CA HIS B 131 46.01 -23.43 10.18
C HIS B 131 47.30 -24.03 9.66
N SER B 132 47.64 -25.22 10.12
CA SER B 132 48.74 -25.99 9.53
C SER B 132 48.41 -26.42 8.11
N ARG B 133 49.40 -26.97 7.43
CA ARG B 133 49.11 -27.64 6.17
C ARG B 133 48.39 -28.95 6.45
N SER B 134 47.10 -28.99 6.13
CA SER B 134 46.28 -30.17 6.32
C SER B 134 46.01 -30.77 4.96
N VAL B 135 46.53 -31.97 4.72
CA VAL B 135 46.31 -32.64 3.45
C VAL B 135 44.88 -33.15 3.36
N LEU B 136 44.24 -33.38 4.49
CA LEU B 136 42.79 -33.58 4.52
C LEU B 136 42.12 -32.23 4.39
N SER B 137 41.13 -32.15 3.52
CA SER B 137 40.37 -30.92 3.37
C SER B 137 38.90 -31.25 3.27
N TYR B 138 38.06 -30.38 3.84
CA TYR B 138 36.63 -30.51 3.67
C TYR B 138 36.23 -30.29 2.23
N GLU B 139 36.93 -29.37 1.54
CA GLU B 139 36.68 -29.06 0.15
C GLU B 139 36.82 -30.27 -0.75
N ARG B 140 37.81 -31.11 -0.50
CA ARG B 140 37.94 -32.33 -1.27
C ARG B 140 36.98 -33.41 -0.84
N TYR B 141 36.27 -33.23 0.27
CA TYR B 141 35.26 -34.21 0.66
C TYR B 141 33.88 -33.87 0.11
N VAL B 142 33.45 -32.61 0.26
CA VAL B 142 32.05 -32.24 0.04
C VAL B 142 31.67 -32.37 -1.42
N ASP B 143 32.63 -32.21 -2.32
CA ASP B 143 32.35 -32.40 -3.74
C ASP B 143 32.17 -33.87 -4.07
N TRP B 144 32.88 -34.75 -3.36
CA TRP B 144 32.79 -36.16 -3.71
C TRP B 144 31.48 -36.78 -3.27
N ILE B 145 30.98 -36.39 -2.09
CA ILE B 145 29.74 -36.99 -1.62
C ILE B 145 28.55 -36.49 -2.43
N CYS B 146 28.57 -35.22 -2.82
CA CYS B 146 27.46 -34.71 -3.61
C CYS B 146 27.52 -35.15 -5.06
N ALA B 147 28.64 -35.70 -5.51
CA ALA B 147 28.75 -36.11 -6.90
C ALA B 147 28.23 -37.51 -7.12
N THR B 148 28.57 -38.44 -6.24
CA THR B 148 28.27 -39.83 -6.52
C THR B 148 27.80 -40.56 -5.26
N GLY B 149 27.82 -39.89 -4.12
CA GLY B 149 27.49 -40.56 -2.88
C GLY B 149 28.60 -41.46 -2.37
N MET B 150 29.81 -41.31 -2.89
CA MET B 150 30.92 -42.19 -2.62
C MET B 150 32.15 -41.36 -2.31
N VAL B 151 32.93 -41.79 -1.32
CA VAL B 151 34.18 -41.13 -0.96
C VAL B 151 35.29 -42.17 -0.96
N PRO B 152 36.47 -41.85 -1.45
CA PRO B 152 37.61 -42.74 -1.27
C PRO B 152 38.40 -42.40 -0.02
N ALA B 153 38.63 -43.39 0.85
CA ALA B 153 39.33 -43.18 2.11
C ALA B 153 40.77 -43.66 2.01
N VAL B 154 41.71 -42.72 1.95
CA VAL B 154 43.11 -43.07 1.77
C VAL B 154 43.84 -42.82 3.07
N LYS B 155 44.63 -43.82 3.48
CA LYS B 155 45.45 -43.75 4.68
C LYS B 155 46.89 -43.58 4.21
N LYS B 156 47.35 -42.33 4.15
CA LYS B 156 48.69 -42.04 3.66
C LYS B 156 49.64 -41.93 4.82
N PRO B 157 50.70 -42.75 4.87
CA PRO B 157 51.37 -43.01 6.16
C PRO B 157 52.36 -41.95 6.59
N ILE B 158 52.69 -40.96 5.77
CA ILE B 158 53.63 -39.93 6.21
C ILE B 158 52.94 -39.00 7.21
N THR B 159 53.46 -38.97 8.43
CA THR B 159 52.89 -38.17 9.52
C THR B 159 53.99 -37.48 10.33
N GLN B 160 54.98 -36.92 9.63
CA GLN B 160 56.15 -36.36 10.29
C GLN B 160 56.17 -34.85 10.35
N GLU B 161 55.09 -34.17 9.95
CA GLU B 161 55.16 -32.73 9.84
C GLU B 161 54.81 -32.00 11.13
N LEU B 162 54.11 -32.67 12.05
CA LEU B 162 53.62 -31.97 13.25
C LEU B 162 54.75 -31.63 14.21
N HIS B 163 55.71 -32.53 14.39
CA HIS B 163 56.83 -32.28 15.30
C HIS B 163 57.77 -31.22 14.74
N SER B 164 57.83 -31.11 13.42
CA SER B 164 58.66 -30.08 12.80
C SER B 164 57.99 -28.73 12.85
N LYS B 165 56.67 -28.68 12.64
CA LYS B 165 55.98 -27.39 12.59
C LYS B 165 55.77 -26.83 13.99
N ILE B 166 55.62 -27.69 14.99
CA ILE B 166 55.39 -27.25 16.37
C ILE B 166 55.98 -28.28 17.32
N LYS B 167 56.92 -27.85 18.17
CA LYS B 167 57.62 -28.77 19.04
C LYS B 167 57.37 -28.51 20.53
N SER B 168 57.72 -27.31 20.99
CA SER B 168 57.65 -26.93 22.40
C SER B 168 57.70 -25.41 22.48
N LEU B 169 57.40 -24.87 23.66
CA LEU B 169 57.55 -23.47 24.07
C LEU B 169 56.62 -22.50 23.33
N ARG B 170 55.83 -22.96 22.36
CA ARG B 170 54.78 -22.12 21.79
C ARG B 170 53.68 -21.89 22.80
N ASP B 171 53.47 -22.86 23.69
CA ASP B 171 52.58 -22.72 24.83
C ASP B 171 53.25 -22.06 26.03
N ARG B 172 54.58 -21.91 26.02
CA ARG B 172 55.28 -21.48 27.23
C ARG B 172 55.73 -20.02 27.21
N CYS B 173 56.36 -19.55 26.12
CA CYS B 173 56.95 -18.21 26.12
C CYS B 173 55.90 -17.11 26.14
N VAL B 174 54.67 -17.41 25.70
CA VAL B 174 53.58 -16.47 25.86
C VAL B 174 53.12 -16.38 27.32
N CYS B 175 53.22 -17.46 28.09
CA CYS B 175 52.80 -17.43 29.48
C CYS B 175 53.96 -17.29 30.47
N ARG B 176 55.19 -17.10 30.00
CA ARG B 176 56.32 -16.85 30.90
C ARG B 176 56.24 -15.42 31.42
N GLU B 177 55.57 -15.25 32.56
CA GLU B 177 55.26 -13.92 33.09
C GLU B 177 55.57 -13.90 34.59
N LEU B 178 55.06 -12.86 35.26
CA LEU B 178 55.22 -12.75 36.71
C LEU B 178 54.35 -13.76 37.45
N GLY B 179 53.03 -13.63 37.31
CA GLY B 179 52.11 -14.47 38.04
C GLY B 179 52.10 -15.89 37.53
N HIS B 180 52.71 -16.80 38.30
CA HIS B 180 52.83 -18.20 37.91
C HIS B 180 51.49 -18.89 38.12
N GLU B 181 50.58 -18.72 37.17
CA GLU B 181 49.26 -19.31 37.24
C GLU B 181 49.35 -20.78 36.93
N ARG B 182 49.08 -21.62 37.93
CA ARG B 182 49.14 -23.06 37.74
C ARG B 182 47.97 -23.59 36.94
N THR B 183 46.92 -22.78 36.76
CA THR B 183 45.81 -23.18 35.92
C THR B 183 46.25 -23.35 34.47
N ILE B 184 46.95 -22.36 33.91
CA ILE B 184 47.46 -22.54 32.56
C ILE B 184 48.67 -23.47 32.54
N ARG B 185 49.50 -23.49 33.60
CA ARG B 185 50.63 -24.41 33.65
C ARG B 185 50.21 -25.86 33.78
N SER B 186 48.96 -26.12 34.17
CA SER B 186 48.39 -27.46 34.15
C SER B 186 47.61 -27.74 32.87
N ILE B 187 46.88 -26.75 32.36
CA ILE B 187 45.93 -27.06 31.29
C ILE B 187 46.52 -26.85 29.90
N GLY B 188 47.54 -25.98 29.76
CA GLY B 188 48.10 -25.69 28.46
C GLY B 188 48.92 -26.85 27.94
N THR B 189 49.63 -27.55 28.83
CA THR B 189 50.37 -28.74 28.46
C THR B 189 49.45 -29.85 27.98
N GLU B 190 48.31 -30.04 28.66
CA GLU B 190 47.38 -31.09 28.25
C GLU B 190 46.68 -30.76 26.94
N LEU B 191 46.26 -29.51 26.75
CA LEU B 191 45.70 -29.14 25.45
C LEU B 191 46.76 -29.17 24.35
N TYR B 192 48.02 -28.90 24.70
CA TYR B 192 49.12 -28.93 23.76
C TYR B 192 49.37 -30.34 23.26
N GLU B 193 49.47 -31.31 24.16
CA GLU B 193 49.64 -32.69 23.75
C GLU B 193 48.37 -33.28 23.15
N ALA B 194 47.19 -32.73 23.45
CA ALA B 194 45.98 -33.24 22.84
C ALA B 194 45.91 -32.91 21.36
N THR B 195 46.40 -31.73 20.95
CA THR B 195 46.44 -31.38 19.54
C THR B 195 47.38 -32.30 18.76
N LYS B 196 48.45 -32.77 19.41
CA LYS B 196 49.35 -33.73 18.79
C LYS B 196 48.67 -35.08 18.52
N GLU B 197 47.62 -35.42 19.24
CA GLU B 197 46.83 -36.59 18.89
C GLU B 197 45.77 -36.32 17.84
N ILE B 198 45.29 -35.09 17.71
CA ILE B 198 44.15 -34.80 16.85
C ILE B 198 44.58 -34.41 15.44
N ILE B 199 45.62 -33.57 15.31
CA ILE B 199 46.11 -33.22 13.97
C ILE B 199 46.77 -34.43 13.32
N GLU B 200 47.28 -35.37 14.14
CA GLU B 200 47.80 -36.64 13.67
C GLU B 200 46.74 -37.46 12.96
N SER B 201 45.55 -37.53 13.57
CA SER B 201 44.46 -38.34 13.02
C SER B 201 43.98 -37.78 11.69
N LEU B 202 43.98 -36.45 11.54
CA LEU B 202 43.49 -35.89 10.29
C LEU B 202 44.55 -35.95 9.21
N ASN B 203 45.82 -35.71 9.56
CA ASN B 203 46.82 -35.68 8.50
C ASN B 203 47.31 -37.07 8.15
N SER B 204 46.98 -38.08 8.97
CA SER B 204 47.22 -39.46 8.58
C SER B 204 46.27 -39.89 7.47
N THR B 205 45.03 -39.39 7.52
CA THR B 205 44.04 -39.69 6.51
C THR B 205 44.33 -38.91 5.24
N PHE B 206 43.62 -39.27 4.16
CA PHE B 206 43.76 -38.55 2.91
C PHE B 206 42.49 -38.69 2.09
N ILE B 207 41.98 -37.58 1.61
CA ILE B 207 40.95 -37.58 0.59
C ILE B 207 41.57 -37.08 -0.71
N PRO B 208 41.50 -37.84 -1.77
CA PRO B 208 42.16 -37.42 -3.00
C PRO B 208 41.31 -36.51 -3.87
N GLN B 209 41.86 -36.25 -5.05
CA GLN B 209 41.24 -35.46 -6.11
C GLN B 209 40.33 -36.42 -6.89
N PHE B 210 39.87 -36.02 -8.07
CA PHE B 210 39.20 -36.98 -8.92
C PHE B 210 39.96 -37.26 -10.21
N THR B 211 40.68 -36.28 -10.75
CA THR B 211 41.19 -36.37 -12.12
C THR B 211 42.36 -37.32 -12.29
N GLU B 212 42.81 -37.99 -11.22
CA GLU B 212 43.87 -38.97 -11.33
C GLU B 212 43.53 -40.30 -10.67
N VAL B 213 42.55 -40.34 -9.76
CA VAL B 213 42.15 -41.58 -9.13
C VAL B 213 40.81 -42.01 -9.72
N THR B 214 40.43 -43.25 -9.43
CA THR B 214 39.19 -43.79 -9.98
C THR B 214 38.51 -44.66 -8.94
N ILE B 215 37.21 -44.83 -9.13
CA ILE B 215 36.37 -45.69 -8.31
C ILE B 215 35.74 -46.71 -9.23
N GLU B 216 35.54 -47.92 -8.72
CA GLU B 216 35.22 -49.06 -9.57
C GLU B 216 34.27 -49.99 -8.84
N TYR B 217 33.34 -50.57 -9.59
CA TYR B 217 32.31 -51.43 -9.03
C TYR B 217 32.37 -52.79 -9.70
N LEU B 218 32.42 -53.84 -8.88
CA LEU B 218 32.18 -55.16 -9.43
C LEU B 218 30.73 -55.56 -9.17
N PRO B 219 29.95 -55.80 -10.23
CA PRO B 219 28.57 -56.28 -10.06
C PRO B 219 28.50 -57.65 -9.45
N ARG B 220 29.36 -58.55 -9.93
CA ARG B 220 29.38 -59.94 -9.47
C ARG B 220 29.91 -59.99 -8.05
N SER B 221 29.08 -60.45 -7.11
CA SER B 221 29.38 -60.49 -5.67
C SER B 221 29.80 -59.11 -5.17
N ASP B 222 28.82 -58.21 -5.16
CA ASP B 222 29.05 -56.77 -5.25
C ASP B 222 29.86 -56.18 -4.11
N GLU B 223 30.95 -55.52 -4.48
CA GLU B 223 31.66 -54.57 -3.63
C GLU B 223 32.09 -53.41 -4.51
N TYR B 224 32.81 -52.46 -3.92
CA TYR B 224 33.32 -51.31 -4.65
C TYR B 224 34.82 -51.27 -4.43
N VAL B 225 35.57 -50.94 -5.48
CA VAL B 225 37.02 -50.95 -5.43
C VAL B 225 37.53 -49.56 -5.76
N ALA B 226 38.44 -49.05 -4.93
CA ALA B 226 39.13 -47.80 -5.16
C ALA B 226 40.52 -48.06 -5.70
N TYR B 227 41.07 -47.07 -6.39
CA TYR B 227 42.40 -47.24 -6.97
C TYR B 227 43.15 -45.92 -7.01
N TYR B 228 44.39 -45.95 -6.52
CA TYR B 228 45.38 -44.92 -6.78
C TYR B 228 46.74 -45.58 -6.79
N CYS B 229 47.42 -45.50 -7.94
CA CYS B 229 48.70 -46.16 -8.19
C CYS B 229 48.64 -47.66 -7.89
N GLY B 230 47.58 -48.30 -8.38
CA GLY B 230 47.51 -49.74 -8.49
C GLY B 230 47.07 -50.50 -7.27
N ARG B 231 46.47 -49.85 -6.27
CA ARG B 231 46.08 -50.54 -5.05
C ARG B 231 44.61 -50.31 -4.72
N ARG B 232 43.97 -51.33 -4.16
CA ARG B 232 42.62 -51.20 -3.62
C ARG B 232 42.69 -50.45 -2.30
N ILE B 233 42.07 -49.26 -2.25
CA ILE B 233 42.14 -48.42 -1.07
C ILE B 233 40.82 -48.54 -0.31
N ARG B 234 40.83 -48.12 0.95
CA ARG B 234 39.62 -48.08 1.74
C ARG B 234 38.69 -46.98 1.22
N LEU B 235 37.45 -47.03 1.67
CA LEU B 235 36.34 -46.43 0.96
C LEU B 235 35.08 -46.63 1.79
N HIS B 236 34.09 -45.77 1.58
CA HIS B 236 32.87 -45.83 2.35
C HIS B 236 31.69 -45.38 1.50
N VAL B 237 30.73 -46.27 1.34
CA VAL B 237 29.49 -45.93 0.66
C VAL B 237 28.67 -45.05 1.58
N LEU B 238 27.97 -44.09 1.00
CA LEU B 238 26.99 -43.32 1.73
C LEU B 238 25.65 -43.24 1.03
N PHE B 239 25.66 -43.08 -0.29
CA PHE B 239 24.44 -43.08 -1.09
C PHE B 239 24.65 -44.11 -2.18
N PRO B 240 23.98 -45.25 -2.11
CA PRO B 240 24.29 -46.37 -2.98
C PRO B 240 23.76 -46.14 -4.39
N PRO B 241 24.62 -46.25 -5.39
CA PRO B 241 24.21 -45.90 -6.76
C PRO B 241 23.24 -46.90 -7.35
N ALA B 242 22.52 -46.45 -8.36
CA ALA B 242 21.65 -47.33 -9.14
C ALA B 242 22.47 -47.84 -10.29
N ILE B 243 22.74 -49.14 -10.28
CA ILE B 243 23.53 -49.79 -11.32
C ILE B 243 22.56 -50.54 -12.21
N PHE B 244 22.19 -49.94 -13.34
CA PHE B 244 21.39 -50.72 -14.26
C PHE B 244 22.29 -51.48 -15.23
N ALA B 245 21.66 -52.31 -16.06
CA ALA B 245 22.40 -53.13 -17.01
C ALA B 245 23.02 -52.33 -18.13
N GLY B 246 22.54 -51.11 -18.35
CA GLY B 246 23.08 -50.29 -19.43
C GLY B 246 23.98 -49.18 -18.93
N THR B 247 23.70 -48.66 -17.74
CA THR B 247 24.43 -47.53 -17.22
C THR B 247 24.35 -47.54 -15.70
N VAL B 248 25.05 -46.58 -15.09
CA VAL B 248 25.03 -46.39 -13.65
C VAL B 248 24.50 -44.99 -13.37
N THR B 249 23.59 -44.90 -12.39
CA THR B 249 23.09 -43.63 -11.91
C THR B 249 23.43 -43.53 -10.43
N PHE B 250 23.79 -42.34 -9.97
CA PHE B 250 24.20 -42.17 -8.59
C PHE B 250 23.17 -41.31 -7.87
N ASP B 251 22.68 -41.78 -6.73
CA ASP B 251 21.72 -41.01 -5.95
C ASP B 251 22.45 -39.83 -5.33
N SER B 252 22.48 -38.72 -6.06
CA SER B 252 23.32 -37.58 -5.75
C SER B 252 22.53 -36.31 -5.99
N PRO B 253 22.93 -35.20 -5.37
CA PRO B 253 22.30 -33.91 -5.68
C PRO B 253 22.51 -33.48 -7.12
N VAL B 254 23.71 -33.64 -7.67
CA VAL B 254 23.96 -33.11 -8.99
C VAL B 254 23.35 -34.01 -10.08
N GLN B 255 23.34 -35.33 -9.91
CA GLN B 255 22.73 -36.18 -10.91
C GLN B 255 21.22 -36.22 -10.80
N ARG B 256 20.66 -35.68 -9.72
CA ARG B 256 19.24 -35.40 -9.71
C ARG B 256 18.90 -34.15 -10.52
N LEU B 257 19.89 -33.42 -11.01
CA LEU B 257 19.67 -32.27 -11.87
C LEU B 257 20.26 -32.46 -13.27
N TYR B 258 20.84 -33.63 -13.54
CA TYR B 258 21.90 -33.80 -14.54
C TYR B 258 21.44 -33.41 -15.95
N GLN B 259 20.42 -34.09 -16.45
CA GLN B 259 20.01 -33.76 -17.80
C GLN B 259 19.20 -32.47 -17.89
N ASN B 260 18.73 -31.93 -16.77
CA ASN B 260 18.15 -30.59 -16.86
C ASN B 260 19.23 -29.53 -17.03
N ILE B 261 20.36 -29.68 -16.34
CA ILE B 261 21.51 -28.81 -16.57
C ILE B 261 22.02 -28.99 -18.00
N PHE B 262 22.10 -30.23 -18.48
CA PHE B 262 22.52 -30.45 -19.85
C PHE B 262 21.52 -29.92 -20.86
N MET B 263 20.23 -29.93 -20.53
CA MET B 263 19.23 -29.36 -21.41
C MET B 263 19.38 -27.85 -21.49
N CYS B 264 19.66 -27.22 -20.35
CA CYS B 264 19.89 -25.77 -20.36
C CYS B 264 21.16 -25.41 -21.12
N TYR B 265 22.20 -26.24 -20.99
CA TYR B 265 23.41 -26.02 -21.75
C TYR B 265 23.16 -26.17 -23.25
N ARG B 266 22.37 -27.18 -23.62
CA ARG B 266 22.07 -27.42 -25.03
C ARG B 266 21.25 -26.29 -25.61
N THR B 267 20.25 -25.79 -24.89
CA THR B 267 19.47 -24.70 -25.44
C THR B 267 20.22 -23.38 -25.40
N LEU B 268 21.20 -23.22 -24.51
CA LEU B 268 21.99 -22.00 -24.54
C LEU B 268 22.96 -21.98 -25.71
N GLU B 269 23.61 -23.12 -25.99
CA GLU B 269 24.50 -23.15 -27.14
C GLU B 269 23.70 -23.12 -28.44
N HIS B 270 22.50 -23.70 -28.43
CA HIS B 270 21.61 -23.59 -29.58
C HIS B 270 21.13 -22.16 -29.78
N ALA B 271 20.91 -21.44 -28.67
CA ALA B 271 20.52 -20.04 -28.73
C ALA B 271 21.62 -19.20 -29.34
N LYS B 272 22.85 -19.45 -28.94
CA LYS B 272 23.97 -18.75 -29.55
C LYS B 272 24.15 -19.15 -31.01
N ILE B 273 23.81 -20.40 -31.35
CA ILE B 273 23.89 -20.86 -32.75
C ILE B 273 22.92 -20.09 -33.62
N CYS B 274 21.66 -19.98 -33.17
CA CYS B 274 20.69 -19.23 -33.95
C CYS B 274 20.98 -17.73 -33.96
N GLN B 275 21.49 -17.20 -32.85
CA GLN B 275 21.86 -15.79 -32.78
C GLN B 275 23.01 -15.49 -33.73
N LEU B 276 23.98 -16.39 -33.82
CA LEU B 276 25.08 -16.25 -34.77
C LEU B 276 24.67 -16.56 -36.19
N LEU B 277 23.57 -17.24 -36.39
CA LEU B 277 23.20 -17.61 -37.75
C LEU B 277 22.23 -16.62 -38.37
N ASN B 278 21.47 -15.86 -37.58
CA ASN B 278 20.58 -14.88 -38.17
C ASN B 278 21.14 -13.46 -38.18
N THR B 279 22.47 -13.31 -38.08
CA THR B 279 23.07 -11.98 -37.98
C THR B 279 22.92 -11.15 -39.23
N ALA B 280 22.70 -11.78 -40.38
CA ALA B 280 22.53 -11.01 -41.59
C ALA B 280 21.23 -10.22 -41.53
N PRO B 281 21.24 -8.96 -41.95
CA PRO B 281 20.00 -8.19 -41.99
C PRO B 281 19.17 -8.46 -43.23
N LEU B 282 19.65 -9.36 -44.10
CA LEU B 282 19.01 -9.56 -45.39
C LEU B 282 19.30 -10.97 -45.85
N LYS B 283 18.25 -11.65 -46.32
CA LYS B 283 18.27 -13.11 -46.53
C LYS B 283 18.06 -13.37 -48.01
N ALA B 284 19.10 -13.85 -48.67
CA ALA B 284 18.95 -14.22 -50.07
C ALA B 284 18.85 -15.74 -50.22
N ILE B 285 18.33 -16.15 -51.37
CA ILE B 285 18.29 -17.55 -51.78
C ILE B 285 18.80 -17.65 -53.21
N VAL B 286 19.76 -18.53 -53.43
CA VAL B 286 20.36 -18.68 -54.75
C VAL B 286 19.46 -19.57 -55.60
N GLY B 287 19.72 -19.58 -56.90
CA GLY B 287 18.97 -20.44 -57.81
C GLY B 287 19.29 -20.22 -59.27
N ASP B 434 40.18 -4.72 -31.39
CA ASP B 434 40.23 -3.64 -32.38
C ASP B 434 38.84 -3.38 -32.94
N ILE B 435 38.07 -4.45 -33.11
CA ILE B 435 36.69 -4.30 -33.58
C ILE B 435 35.81 -3.75 -32.46
N LEU B 436 36.18 -4.03 -31.21
CA LEU B 436 35.38 -3.60 -30.08
C LEU B 436 35.42 -2.10 -29.88
N THR B 437 36.50 -1.46 -30.30
CA THR B 437 36.65 -0.01 -30.13
C THR B 437 37.46 0.53 -31.28
N GLY B 438 36.92 1.48 -32.01
CA GLY B 438 37.65 2.10 -33.09
C GLY B 438 36.83 3.23 -33.68
N SER B 439 37.45 3.94 -34.63
CA SER B 439 36.74 4.97 -35.37
C SER B 439 35.60 4.36 -36.16
N THR B 440 34.38 4.72 -35.77
CA THR B 440 33.18 4.04 -36.26
C THR B 440 32.96 4.22 -37.75
N ALA B 441 33.50 5.30 -38.34
CA ALA B 441 33.43 5.46 -39.79
C ALA B 441 34.29 4.42 -40.49
N SER B 442 35.46 4.12 -39.95
CA SER B 442 36.26 3.02 -40.48
C SER B 442 35.71 1.68 -40.04
N ALA B 443 35.00 1.64 -38.91
CA ALA B 443 34.44 0.39 -38.44
C ALA B 443 33.29 -0.08 -39.31
N ILE B 444 32.52 0.84 -39.89
CA ILE B 444 31.58 0.49 -40.95
C ILE B 444 32.30 -0.15 -42.12
N GLU B 445 33.42 0.42 -42.54
CA GLU B 445 34.11 -0.05 -43.73
C GLU B 445 34.77 -1.41 -43.50
N LYS B 446 35.21 -1.68 -42.28
CA LYS B 446 35.95 -2.91 -42.03
C LYS B 446 35.06 -4.16 -42.04
N LEU B 447 33.74 -4.02 -41.90
CA LEU B 447 32.88 -5.20 -41.92
C LEU B 447 31.84 -5.20 -43.03
N PHE B 448 31.61 -4.08 -43.71
CA PHE B 448 30.67 -4.10 -44.84
C PHE B 448 31.24 -4.89 -46.00
N ASN B 449 32.53 -4.74 -46.26
CA ASN B 449 33.21 -5.57 -47.24
C ASN B 449 33.36 -7.01 -46.77
N SER B 450 33.25 -7.25 -45.46
CA SER B 450 33.38 -8.60 -44.95
C SER B 450 32.19 -9.45 -45.37
N PRO B 451 32.40 -10.75 -45.58
CA PRO B 451 31.29 -11.63 -45.99
C PRO B 451 30.31 -11.98 -44.87
N SER B 452 30.44 -11.38 -43.69
CA SER B 452 29.48 -11.61 -42.63
C SER B 452 28.14 -10.97 -42.96
N ALA B 453 28.13 -9.91 -43.76
CA ALA B 453 26.91 -9.18 -44.01
C ALA B 453 25.94 -9.95 -44.90
N SER B 454 26.43 -10.53 -45.99
CA SER B 454 25.54 -11.19 -46.92
C SER B 454 25.14 -12.57 -46.39
N LEU B 455 24.03 -13.07 -46.92
CA LEU B 455 23.61 -14.45 -46.67
C LEU B 455 22.73 -14.88 -47.83
N GLY B 456 23.29 -15.70 -48.70
CA GLY B 456 22.51 -16.27 -49.79
C GLY B 456 22.32 -17.75 -49.57
N ALA B 457 21.07 -18.18 -49.40
CA ALA B 457 20.82 -19.57 -49.03
C ALA B 457 20.78 -20.45 -50.26
N ARG B 458 21.10 -21.72 -50.06
CA ARG B 458 21.40 -22.61 -51.17
C ARG B 458 20.32 -23.68 -51.33
N VAL B 459 20.01 -23.97 -52.58
CA VAL B 459 19.34 -25.20 -52.96
C VAL B 459 20.40 -26.10 -53.60
N SER B 460 20.34 -27.40 -53.30
CA SER B 460 21.37 -28.34 -53.74
C SER B 460 21.30 -28.58 -55.24
N GLY B 461 20.16 -29.05 -55.73
CA GLY B 461 20.03 -29.37 -57.15
C GLY B 461 19.78 -28.11 -57.96
N HIS B 462 20.53 -27.97 -59.06
CA HIS B 462 20.33 -26.86 -59.96
C HIS B 462 19.07 -27.01 -60.79
N ASN B 463 18.68 -28.25 -61.08
CA ASN B 463 17.36 -28.48 -61.67
C ASN B 463 16.27 -28.30 -60.64
N GLU B 464 16.60 -28.50 -59.36
CA GLU B 464 15.60 -28.38 -58.30
C GLU B 464 15.25 -26.91 -58.08
N SER B 465 13.97 -26.59 -58.24
CA SER B 465 13.50 -25.21 -58.17
C SER B 465 12.71 -24.98 -56.90
N ILE B 466 12.47 -23.70 -56.59
CA ILE B 466 11.82 -23.30 -55.36
C ILE B 466 10.50 -22.62 -55.70
N LEU B 467 9.42 -23.12 -55.13
CA LEU B 467 8.11 -22.52 -55.35
C LEU B 467 7.82 -21.35 -54.42
N ASN B 468 8.19 -21.45 -53.14
CA ASN B 468 7.89 -20.37 -52.21
C ASN B 468 8.96 -20.34 -51.14
N SER B 469 9.09 -19.19 -50.51
CA SER B 469 10.21 -18.92 -49.62
C SER B 469 9.72 -18.08 -48.46
N PHE B 470 10.39 -18.24 -47.32
CA PHE B 470 9.90 -17.65 -46.08
C PHE B 470 11.01 -16.92 -45.34
N VAL B 471 10.67 -16.31 -44.22
CA VAL B 471 11.67 -15.83 -43.27
C VAL B 471 11.07 -15.90 -41.87
N SER B 472 11.87 -16.36 -40.92
CA SER B 472 11.49 -16.36 -39.52
C SER B 472 12.78 -16.40 -38.69
N GLN B 473 13.21 -15.26 -38.19
CA GLN B 473 14.17 -15.34 -37.12
C GLN B 473 13.45 -15.85 -35.87
N TYR B 474 14.19 -16.58 -35.05
CA TYR B 474 13.58 -17.13 -33.84
C TYR B 474 14.57 -17.05 -32.70
N ILE B 475 14.11 -16.47 -31.60
CA ILE B 475 14.90 -16.38 -30.38
C ILE B 475 14.35 -17.42 -29.41
N PRO B 476 15.13 -18.44 -29.06
CA PRO B 476 14.71 -19.37 -28.03
C PRO B 476 14.82 -18.73 -26.66
N PRO B 477 13.95 -19.08 -25.73
CA PRO B 477 13.95 -18.41 -24.42
C PRO B 477 15.14 -18.81 -23.56
N SER B 478 16.31 -18.26 -23.88
CA SER B 478 17.56 -18.70 -23.26
C SER B 478 17.63 -18.27 -21.80
N ARG B 479 17.53 -16.97 -21.55
CA ARG B 479 17.58 -16.47 -20.18
C ARG B 479 16.39 -16.94 -19.36
N GLU B 480 15.27 -17.23 -20.00
CA GLU B 480 14.16 -17.87 -19.30
C GLU B 480 14.54 -19.27 -18.84
N MET B 481 15.28 -20.01 -19.68
CA MET B 481 15.70 -21.35 -19.28
C MET B 481 16.80 -21.29 -18.23
N THR B 482 17.55 -20.19 -18.18
CA THR B 482 18.49 -20.05 -17.07
C THR B 482 17.77 -19.68 -15.78
N LYS B 483 16.72 -18.88 -15.89
CA LYS B 483 16.13 -18.27 -14.70
C LYS B 483 15.37 -19.28 -13.85
N ASP B 484 14.67 -20.23 -14.47
CA ASP B 484 14.03 -21.25 -13.65
C ASP B 484 15.02 -22.27 -13.13
N LEU B 485 16.12 -22.49 -13.86
CA LEU B 485 17.08 -23.48 -13.41
C LEU B 485 17.94 -22.94 -12.27
N THR B 486 18.03 -21.61 -12.14
CA THR B 486 18.62 -21.01 -10.94
C THR B 486 17.87 -21.45 -9.69
N GLU B 487 16.55 -21.26 -9.67
CA GLU B 487 15.81 -21.65 -8.47
C GLU B 487 15.64 -23.16 -8.39
N LEU B 488 15.81 -23.87 -9.51
CA LEU B 488 15.95 -25.34 -9.47
C LEU B 488 17.14 -25.76 -8.64
N TRP B 489 18.29 -25.14 -8.88
CA TRP B 489 19.46 -25.41 -8.06
C TRP B 489 19.24 -24.96 -6.63
N GLU B 490 18.57 -23.82 -6.45
CA GLU B 490 18.34 -23.27 -5.12
C GLU B 490 17.48 -24.19 -4.27
N SER B 491 16.42 -24.75 -4.86
CA SER B 491 15.53 -25.64 -4.14
C SER B 491 16.23 -26.94 -3.76
N GLU B 492 17.02 -27.49 -4.68
CA GLU B 492 17.69 -28.76 -4.43
C GLU B 492 18.78 -28.63 -3.39
N LEU B 493 19.55 -27.55 -3.41
CA LEU B 493 20.57 -27.37 -2.40
C LEU B 493 20.05 -26.70 -1.14
N PHE B 494 18.81 -26.26 -1.12
CA PHE B 494 18.12 -25.96 0.12
C PHE B 494 17.51 -27.20 0.75
N ASN B 495 17.17 -28.20 -0.05
CA ASN B 495 16.44 -29.36 0.44
C ASN B 495 17.35 -30.53 0.81
N THR B 496 18.12 -31.08 -0.14
CA THR B 496 18.83 -32.32 0.19
C THR B 496 20.03 -32.04 1.07
N PHE B 497 20.53 -30.82 1.08
CA PHE B 497 21.36 -30.30 2.14
C PHE B 497 20.55 -29.20 2.80
N LYS B 498 20.29 -29.33 4.09
CA LYS B 498 19.38 -28.42 4.78
C LYS B 498 20.06 -27.07 4.96
N LEU B 499 19.70 -26.12 4.12
CA LEU B 499 20.27 -24.78 4.17
C LEU B 499 19.17 -23.77 4.46
N THR B 500 19.26 -23.13 5.63
CA THR B 500 18.27 -22.15 6.03
C THR B 500 18.82 -20.76 5.76
N PRO B 501 18.31 -20.04 4.77
CA PRO B 501 18.81 -18.68 4.50
C PRO B 501 18.40 -17.67 5.56
N VAL B 502 19.36 -17.23 6.36
CA VAL B 502 19.13 -16.16 7.32
C VAL B 502 18.95 -14.87 6.53
N VAL B 503 17.72 -14.37 6.47
CA VAL B 503 17.39 -13.25 5.59
C VAL B 503 16.79 -12.09 6.37
N ASP B 504 16.75 -10.92 5.75
CA ASP B 504 16.07 -9.74 6.25
C ASP B 504 14.71 -9.66 5.57
N ASN B 505 13.92 -8.65 5.93
CA ASN B 505 12.63 -8.40 5.31
C ASN B 505 12.82 -8.07 3.83
N GLN B 506 12.29 -8.94 2.98
CA GLN B 506 12.53 -8.96 1.53
C GLN B 506 14.02 -9.02 1.21
N GLY B 507 14.74 -9.83 1.96
CA GLY B 507 16.16 -10.02 1.75
C GLY B 507 16.38 -10.97 0.59
N GLN B 508 17.46 -10.71 -0.16
CA GLN B 508 17.79 -11.53 -1.33
C GLN B 508 18.85 -12.55 -0.91
N ARG B 509 18.47 -13.39 0.07
CA ARG B 509 19.21 -14.58 0.51
C ARG B 509 20.63 -14.21 0.95
N LEU B 510 20.70 -13.45 2.04
CA LEU B 510 21.94 -12.78 2.40
C LEU B 510 22.89 -13.65 3.21
N TYR B 511 22.38 -14.48 4.11
CA TYR B 511 23.26 -15.26 4.98
C TYR B 511 22.86 -16.71 4.91
N VAL B 512 23.50 -17.46 4.02
CA VAL B 512 23.17 -18.87 3.79
C VAL B 512 24.05 -19.71 4.70
N ARG B 513 23.42 -20.42 5.64
CA ARG B 513 24.10 -21.02 6.76
C ARG B 513 23.72 -22.48 6.89
N TYR B 514 24.63 -23.28 7.42
CA TYR B 514 24.33 -24.66 7.76
C TYR B 514 23.27 -24.72 8.85
N SER B 515 22.51 -25.80 8.83
CA SER B 515 21.43 -26.06 9.76
C SER B 515 21.91 -26.99 10.86
N SER B 516 20.97 -27.40 11.70
CA SER B 516 21.25 -28.41 12.71
C SER B 516 21.51 -29.76 12.05
N ASP B 517 20.60 -30.20 11.19
CA ASP B 517 20.66 -31.56 10.68
C ASP B 517 21.61 -31.69 9.50
N THR B 518 21.94 -30.59 8.82
CA THR B 518 22.79 -30.75 7.65
C THR B 518 24.25 -30.95 8.04
N ILE B 519 24.66 -30.55 9.24
CA ILE B 519 25.98 -30.92 9.70
C ILE B 519 26.00 -32.39 10.08
N SER B 520 24.86 -32.94 10.52
CA SER B 520 24.76 -34.36 10.77
C SER B 520 24.73 -35.16 9.48
N ILE B 521 24.32 -34.56 8.36
CA ILE B 521 24.35 -35.28 7.09
C ILE B 521 25.62 -35.02 6.29
N LEU B 522 26.40 -33.98 6.62
CA LEU B 522 27.66 -33.77 5.91
C LEU B 522 28.89 -33.99 6.79
N LEU B 523 29.04 -33.20 7.86
CA LEU B 523 30.22 -33.36 8.69
C LEU B 523 30.05 -34.50 9.69
N GLY B 524 28.80 -34.89 9.95
CA GLY B 524 28.47 -36.10 10.66
C GLY B 524 29.16 -37.33 10.11
N PRO B 525 28.85 -37.72 8.87
CA PRO B 525 29.56 -38.86 8.29
C PRO B 525 31.02 -38.57 7.99
N PHE B 526 31.38 -37.32 7.71
CA PHE B 526 32.75 -36.98 7.35
C PHE B 526 33.73 -37.19 8.50
N THR B 527 33.49 -36.53 9.62
CA THR B 527 34.37 -36.61 10.77
C THR B 527 34.33 -37.96 11.47
N TYR B 528 33.36 -38.81 11.17
CA TYR B 528 33.23 -40.08 11.88
C TYR B 528 33.42 -41.32 11.03
N LEU B 529 33.38 -41.22 9.71
CA LEU B 529 33.38 -42.42 8.89
C LEU B 529 34.59 -42.47 7.98
N VAL B 530 34.85 -41.41 7.21
CA VAL B 530 36.05 -41.38 6.39
C VAL B 530 37.23 -40.82 7.20
N ALA B 531 36.98 -39.83 8.05
CA ALA B 531 37.94 -39.44 9.07
C ALA B 531 37.69 -40.27 10.32
N GLU B 532 38.77 -40.77 10.92
CA GLU B 532 38.66 -41.61 12.10
C GLU B 532 38.83 -40.79 13.38
N LEU B 533 38.34 -39.54 13.35
CA LEU B 533 38.34 -38.68 14.51
C LEU B 533 37.33 -39.21 15.51
N SER B 534 37.77 -40.12 16.39
CA SER B 534 36.83 -40.76 17.30
C SER B 534 36.26 -39.83 18.38
N PRO B 535 37.06 -39.11 19.20
CA PRO B 535 36.44 -38.44 20.34
C PRO B 535 35.85 -37.07 20.01
N VAL B 536 35.66 -36.74 18.74
CA VAL B 536 35.19 -35.39 18.41
C VAL B 536 33.67 -35.37 18.38
N GLU B 537 33.12 -34.17 18.54
CA GLU B 537 31.68 -33.97 18.61
C GLU B 537 31.24 -33.00 17.53
N LEU B 538 29.95 -33.03 17.24
CA LEU B 538 29.36 -32.05 16.33
C LEU B 538 29.04 -30.79 17.11
N VAL B 539 28.51 -29.78 16.42
CA VAL B 539 28.38 -28.47 17.02
C VAL B 539 26.91 -28.08 17.03
N THR B 540 26.61 -26.88 17.53
CA THR B 540 25.25 -26.38 17.54
C THR B 540 25.00 -25.52 16.31
N ASP B 541 23.80 -24.94 16.27
CA ASP B 541 23.54 -23.86 15.33
C ASP B 541 24.38 -22.64 15.67
N VAL B 542 24.32 -22.19 16.93
CA VAL B 542 25.05 -20.98 17.32
C VAL B 542 26.52 -21.23 17.59
N TYR B 543 26.96 -22.49 17.56
CA TYR B 543 28.39 -22.75 17.56
C TYR B 543 29.03 -22.45 16.22
N ALA B 544 28.30 -22.65 15.13
CA ALA B 544 28.79 -22.36 13.79
C ALA B 544 28.36 -20.99 13.29
N THR B 545 27.25 -20.47 13.80
CA THR B 545 26.78 -19.14 13.42
C THR B 545 27.62 -18.02 14.01
N LEU B 546 27.92 -18.09 15.30
CA LEU B 546 28.55 -16.99 16.01
C LEU B 546 30.03 -16.94 15.65
N GLY B 547 30.71 -15.89 16.10
CA GLY B 547 32.11 -15.70 15.74
C GLY B 547 33.02 -16.73 16.39
N ILE B 548 34.12 -17.04 15.71
CA ILE B 548 35.05 -18.07 16.17
C ILE B 548 35.77 -17.60 17.44
N VAL B 549 35.89 -16.30 17.64
CA VAL B 549 36.29 -15.79 18.95
C VAL B 549 35.11 -15.54 19.86
N GLU B 550 33.92 -15.29 19.32
CA GLU B 550 32.72 -15.15 20.13
C GLU B 550 32.09 -16.49 20.49
N ILE B 551 32.63 -17.61 20.04
CA ILE B 551 32.17 -18.87 20.60
C ILE B 551 33.04 -19.28 21.77
N ILE B 552 34.21 -18.65 21.92
CA ILE B 552 35.10 -18.93 23.05
C ILE B 552 34.43 -18.56 24.36
N ASP B 553 33.98 -17.32 24.46
CA ASP B 553 33.32 -16.88 25.68
C ASP B 553 31.94 -17.51 25.85
N GLU B 554 31.34 -17.98 24.76
CA GLU B 554 30.05 -18.66 24.89
C GLU B 554 30.22 -20.09 25.39
N LEU B 555 31.29 -20.77 24.97
CA LEU B 555 31.69 -22.00 25.60
C LEU B 555 32.05 -21.77 27.06
N TYR B 556 32.71 -20.65 27.34
CA TYR B 556 33.05 -20.26 28.69
C TYR B 556 31.81 -20.04 29.54
N ARG B 557 30.72 -19.56 28.94
CA ARG B 557 29.47 -19.38 29.66
C ARG B 557 28.86 -20.70 30.14
N SER B 558 29.27 -21.82 29.56
CA SER B 558 28.90 -23.14 30.05
C SER B 558 30.11 -24.07 30.17
N SER B 559 31.22 -23.55 30.70
CA SER B 559 32.43 -24.34 30.83
C SER B 559 32.72 -24.69 32.28
N ARG B 560 33.30 -25.88 32.47
CA ARG B 560 33.52 -26.46 33.80
C ARG B 560 34.42 -25.58 34.68
N LEU B 561 35.49 -25.01 34.10
CA LEU B 561 36.29 -24.01 34.80
C LEU B 561 35.45 -22.83 35.22
N ALA B 562 34.65 -22.28 34.30
CA ALA B 562 33.95 -21.06 34.66
C ALA B 562 32.71 -21.34 35.49
N ILE B 563 32.18 -22.56 35.47
CA ILE B 563 31.17 -22.88 36.48
C ILE B 563 31.81 -23.00 37.85
N TYR B 564 33.04 -23.55 37.90
CA TYR B 564 33.78 -23.53 39.16
C TYR B 564 34.09 -22.12 39.64
N ILE B 565 34.33 -21.19 38.72
CA ILE B 565 34.51 -19.79 39.10
C ILE B 565 33.18 -19.17 39.48
N GLU B 566 32.08 -19.60 38.82
CA GLU B 566 30.76 -19.17 39.26
C GLU B 566 30.30 -19.91 40.51
N ASP B 567 30.84 -21.10 40.76
CA ASP B 567 30.74 -21.66 42.11
C ASP B 567 31.43 -20.76 43.12
N LEU B 568 32.62 -20.27 42.75
CA LEU B 568 33.29 -19.24 43.52
C LEU B 568 32.61 -17.88 43.40
N GLY B 569 31.69 -17.71 42.45
CA GLY B 569 30.88 -16.50 42.30
C GLY B 569 30.13 -16.10 43.56
N ARG B 570 29.77 -17.05 44.40
CA ARG B 570 29.41 -16.78 45.78
C ARG B 570 30.56 -17.32 46.61
N LYS B 571 31.58 -16.48 46.81
CA LYS B 571 32.80 -16.78 47.57
C LYS B 571 33.54 -18.03 47.08
N ALA C 18 53.80 31.17 -24.30
CA ALA C 18 52.62 31.94 -24.61
C ALA C 18 51.59 31.16 -25.38
N ILE C 19 50.58 30.63 -24.70
CA ILE C 19 49.40 30.08 -25.36
C ILE C 19 48.17 30.71 -24.71
N PRO C 20 47.13 31.04 -25.48
CA PRO C 20 45.94 31.63 -24.87
C PRO C 20 45.12 30.60 -24.11
N VAL C 21 44.42 31.09 -23.09
CA VAL C 21 43.52 30.24 -22.31
C VAL C 21 42.11 30.76 -22.44
N HIS C 22 41.91 32.04 -22.08
CA HIS C 22 40.56 32.60 -22.08
C HIS C 22 39.95 32.76 -23.47
N PRO C 23 40.55 33.53 -24.42
CA PRO C 23 39.76 33.92 -25.60
C PRO C 23 39.73 32.86 -26.70
N THR C 24 40.14 31.64 -26.38
CA THR C 24 40.06 30.55 -27.33
C THR C 24 38.60 30.17 -27.53
N PRO C 25 38.24 29.65 -28.72
CA PRO C 25 36.82 29.35 -28.99
C PRO C 25 36.20 28.29 -28.09
N ALA C 26 36.91 27.21 -27.79
CA ALA C 26 36.37 26.19 -26.90
C ALA C 26 36.19 26.73 -25.48
N SER C 27 37.15 27.49 -24.98
CA SER C 27 37.00 28.02 -23.63
C SER C 27 36.00 29.16 -23.56
N VAL C 28 35.78 29.92 -24.63
CA VAL C 28 34.72 30.91 -24.53
C VAL C 28 33.36 30.24 -24.70
N ARG C 29 33.29 29.11 -25.39
CA ARG C 29 32.09 28.28 -25.33
C ARG C 29 31.88 27.76 -23.91
N LEU C 30 32.97 27.49 -23.20
CA LEU C 30 32.87 27.03 -21.82
C LEU C 30 32.42 28.16 -20.89
N PHE C 31 32.95 29.36 -21.08
CA PHE C 31 32.46 30.49 -20.29
C PHE C 31 31.06 30.91 -20.67
N GLU C 32 30.61 30.58 -21.87
CA GLU C 32 29.24 30.90 -22.26
C GLU C 32 28.23 30.05 -21.51
N ILE C 33 28.52 28.75 -21.35
CA ILE C 33 27.54 27.82 -20.77
C ILE C 33 27.38 28.04 -19.27
N LEU C 34 28.25 28.86 -18.68
CA LEU C 34 27.97 29.51 -17.41
C LEU C 34 26.65 30.26 -17.47
N GLN C 35 26.44 31.03 -18.52
CA GLN C 35 25.14 31.61 -18.79
C GLN C 35 24.32 30.59 -19.58
N GLY C 36 23.09 30.94 -19.95
CA GLY C 36 22.20 29.98 -20.56
C GLY C 36 22.18 29.93 -22.08
N LYS C 37 23.19 30.47 -22.77
CA LYS C 37 23.02 30.82 -24.17
C LYS C 37 22.99 29.61 -25.10
N TYR C 38 23.71 28.53 -24.81
CA TYR C 38 23.71 27.44 -25.80
C TYR C 38 22.78 26.29 -25.42
N ALA C 39 22.99 25.69 -24.26
CA ALA C 39 22.12 24.61 -23.83
C ALA C 39 21.78 24.80 -22.38
N TYR C 40 20.59 24.39 -21.99
CA TYR C 40 20.16 24.65 -20.62
C TYR C 40 19.11 23.62 -20.27
N VAL C 41 19.24 23.04 -19.08
CA VAL C 41 18.32 22.03 -18.58
C VAL C 41 17.94 22.39 -17.15
N GLN C 42 17.12 21.53 -16.56
CA GLN C 42 16.62 21.76 -15.21
C GLN C 42 17.71 21.59 -14.16
N GLY C 43 18.71 20.76 -14.45
CA GLY C 43 19.81 20.60 -13.52
C GLY C 43 20.69 21.82 -13.41
N GLN C 44 20.82 22.58 -14.50
CA GLN C 44 21.63 23.80 -14.48
C GLN C 44 20.94 24.94 -13.74
N THR C 45 19.69 24.77 -13.36
CA THR C 45 19.04 25.72 -12.46
C THR C 45 19.67 25.68 -11.07
N ILE C 46 20.21 24.53 -10.66
CA ILE C 46 20.82 24.45 -9.33
C ILE C 46 22.15 25.20 -9.28
N TYR C 47 22.71 25.52 -10.44
CA TYR C 47 23.99 26.21 -10.52
C TYR C 47 23.88 27.64 -10.02
N ALA C 48 22.73 28.27 -10.24
CA ALA C 48 22.51 29.60 -9.70
C ALA C 48 22.32 29.59 -8.19
N ASN C 49 21.90 28.46 -7.61
CA ASN C 49 21.61 28.42 -6.19
C ASN C 49 22.89 28.48 -5.37
N LEU C 50 23.94 27.81 -5.85
CA LEU C 50 25.24 28.02 -5.26
C LEU C 50 25.91 29.28 -5.80
N ARG C 51 25.37 29.89 -6.85
CA ARG C 51 25.91 31.16 -7.32
C ARG C 51 25.41 32.34 -6.50
N ASN C 52 24.52 32.11 -5.55
CA ASN C 52 23.90 33.21 -4.82
C ASN C 52 24.90 33.88 -3.89
N PRO C 53 25.10 35.18 -4.01
CA PRO C 53 25.88 35.87 -2.97
C PRO C 53 25.03 36.07 -1.72
N GLY C 54 25.61 36.72 -0.72
CA GLY C 54 24.93 36.84 0.55
C GLY C 54 25.46 35.82 1.54
N VAL C 55 25.88 34.66 1.03
CA VAL C 55 26.58 33.72 1.89
C VAL C 55 27.96 34.26 2.25
N PHE C 56 28.52 35.12 1.40
CA PHE C 56 29.70 35.87 1.79
C PHE C 56 29.35 36.92 2.85
N SER C 57 28.13 37.46 2.78
CA SER C 57 27.73 38.43 3.80
C SER C 57 27.53 37.76 5.15
N ARG C 58 27.18 36.48 5.16
CA ARG C 58 27.15 35.69 6.39
C ARG C 58 28.51 35.68 7.06
N GLN C 59 29.58 35.48 6.28
CA GLN C 59 30.96 35.46 6.78
C GLN C 59 31.31 36.75 7.49
N VAL C 60 31.26 37.88 6.78
CA VAL C 60 31.66 39.16 7.34
C VAL C 60 30.71 39.58 8.46
N PHE C 61 29.43 39.21 8.35
CA PHE C 61 28.40 39.56 9.31
C PHE C 61 28.64 38.90 10.65
N THR C 62 28.81 37.58 10.68
CA THR C 62 29.01 36.94 11.97
C THR C 62 30.44 37.14 12.47
N HIS C 63 31.38 37.41 11.55
CA HIS C 63 32.74 37.70 11.98
C HIS C 63 32.81 39.02 12.72
N LEU C 64 32.13 40.03 12.21
CA LEU C 64 32.18 41.31 12.90
C LEU C 64 31.30 41.31 14.14
N PHE C 65 30.27 40.48 14.18
CA PHE C 65 29.55 40.29 15.44
C PHE C 65 30.44 39.65 16.49
N LYS C 66 31.25 38.67 16.08
CA LYS C 66 32.24 38.07 16.96
C LYS C 66 33.27 39.11 17.40
N ARG C 67 33.72 39.96 16.48
CA ARG C 67 34.69 41.00 16.81
C ARG C 67 34.08 42.06 17.72
N ALA C 68 32.78 42.32 17.55
CA ALA C 68 32.08 43.26 18.41
C ALA C 68 31.91 42.69 19.81
N ILE C 69 31.69 41.37 19.90
CA ILE C 69 31.35 40.80 21.19
C ILE C 69 32.60 40.28 21.90
N SER C 70 33.73 40.15 21.19
CA SER C 70 34.93 39.63 21.83
C SER C 70 35.60 40.67 22.71
N HIS C 71 35.75 41.89 22.20
CA HIS C 71 36.52 42.94 22.85
C HIS C 71 35.83 43.55 24.06
N CYS C 72 34.75 42.96 24.55
CA CYS C 72 34.01 43.47 25.68
C CYS C 72 34.68 43.05 26.99
N THR C 73 34.52 43.89 28.00
CA THR C 73 35.08 43.62 29.31
C THR C 73 33.98 43.22 30.29
N TYR C 74 34.33 42.36 31.24
CA TYR C 74 33.39 41.99 32.28
C TYR C 74 33.19 43.13 33.27
N ASP C 75 34.21 43.94 33.49
CA ASP C 75 34.11 45.00 34.49
C ASP C 75 33.18 46.12 34.07
N ASP C 76 32.93 46.28 32.76
CA ASP C 76 32.00 47.32 32.33
C ASP C 76 30.56 46.95 32.67
N VAL C 77 30.19 45.67 32.55
CA VAL C 77 28.78 45.34 32.70
C VAL C 77 28.37 45.11 34.15
N LEU C 78 29.30 44.75 35.03
CA LEU C 78 28.94 44.50 36.42
C LEU C 78 28.60 45.79 37.15
N HIS C 79 29.39 46.85 36.96
CA HIS C 79 29.01 48.11 37.57
C HIS C 79 27.87 48.76 36.81
N ASP C 80 27.66 48.38 35.55
CA ASP C 80 26.46 48.80 34.84
C ASP C 80 25.21 48.20 35.49
N TRP C 81 25.29 46.93 35.91
CA TRP C 81 24.19 46.34 36.67
C TRP C 81 24.06 46.96 38.04
N ASN C 82 25.18 47.35 38.64
CA ASN C 82 25.15 48.05 39.93
C ASN C 82 24.42 49.38 39.82
N LYS C 83 24.77 50.19 38.81
CA LYS C 83 24.05 51.43 38.57
C LYS C 83 22.63 51.20 38.10
N PHE C 84 22.37 50.04 37.48
CA PHE C 84 21.01 49.68 37.11
C PHE C 84 20.16 49.42 38.34
N GLU C 85 20.74 48.79 39.38
CA GLU C 85 20.03 48.65 40.64
C GLU C 85 19.90 49.99 41.36
N ALA C 86 20.91 50.86 41.22
CA ALA C 86 20.81 52.22 41.75
C ALA C 86 19.71 53.02 41.07
N CYS C 87 19.40 52.72 39.81
CA CYS C 87 18.27 53.32 39.13
C CYS C 87 16.93 52.86 39.71
N ILE C 88 16.85 51.59 40.12
CA ILE C 88 15.56 51.03 40.49
C ILE C 88 15.27 51.17 41.99
N GLN C 89 16.29 51.44 42.81
CA GLN C 89 16.02 51.61 44.24
C GLN C 89 15.30 52.93 44.53
N LYS C 90 15.52 53.96 43.72
CA LYS C 90 14.76 55.19 43.87
C LYS C 90 13.39 55.08 43.21
N ARG C 91 13.18 54.09 42.35
CA ARG C 91 11.88 53.83 41.77
C ARG C 91 11.11 52.78 42.56
N TRP C 92 11.80 51.77 43.07
CA TRP C 92 11.19 50.79 43.94
C TRP C 92 12.18 50.36 45.03
N ASP C 96 11.66 44.70 50.04
CA ASP C 96 12.69 44.38 51.01
C ASP C 96 12.97 42.88 50.98
N SER C 97 12.13 42.12 51.68
CA SER C 97 12.19 40.66 51.58
C SER C 97 11.68 40.20 50.22
N CYS C 98 10.65 40.88 49.70
CA CYS C 98 10.19 40.63 48.34
C CYS C 98 11.17 41.16 47.31
N ALA C 99 12.06 42.07 47.72
CA ALA C 99 13.02 42.65 46.79
C ALA C 99 14.05 41.64 46.31
N SER C 100 14.19 40.49 46.95
CA SER C 100 15.05 39.44 46.43
C SER C 100 14.55 38.94 45.07
N ARG C 101 13.30 38.50 45.02
CA ARG C 101 12.74 38.06 43.75
C ARG C 101 12.44 39.24 42.83
N PHE C 102 12.20 40.44 43.40
CA PHE C 102 12.08 41.64 42.57
C PHE C 102 13.40 41.93 41.84
N ARG C 103 14.52 41.79 42.54
CA ARG C 103 15.81 42.04 41.93
C ARG C 103 16.22 40.94 40.97
N GLU C 104 15.77 39.71 41.24
CA GLU C 104 15.98 38.63 40.28
C GLU C 104 15.22 38.88 38.99
N SER C 105 13.93 39.20 39.10
CA SER C 105 13.10 39.48 37.93
C SER C 105 13.57 40.71 37.17
N THR C 106 14.01 41.77 37.87
CA THR C 106 14.44 42.94 37.15
C THR C 106 15.81 42.74 36.51
N PHE C 107 16.62 41.82 37.04
CA PHE C 107 17.84 41.46 36.35
C PHE C 107 17.52 40.65 35.10
N GLU C 108 16.51 39.79 35.18
CA GLU C 108 16.09 39.02 34.00
C GLU C 108 15.56 39.95 32.92
N SER C 109 14.82 40.99 33.33
CA SER C 109 14.36 42.01 32.41
C SER C 109 15.53 42.80 31.82
N TRP C 110 16.53 43.07 32.65
CA TRP C 110 17.71 43.81 32.20
C TRP C 110 18.51 42.99 31.20
N SER C 111 18.56 41.68 31.40
CA SER C 111 19.18 40.79 30.43
C SER C 111 18.44 40.79 29.10
N THR C 112 17.11 40.72 29.17
CA THR C 112 16.29 40.70 27.97
C THR C 112 16.43 42.00 27.19
N THR C 113 16.39 43.13 27.87
CA THR C 113 16.58 44.39 27.16
C THR C 113 18.04 44.62 26.81
N MET C 114 18.96 43.89 27.43
CA MET C 114 20.35 43.95 26.99
C MET C 114 20.50 43.29 25.64
N LYS C 115 19.90 42.12 25.47
CA LYS C 115 19.81 41.46 24.17
C LYS C 115 19.08 42.34 23.16
N LEU C 116 18.01 43.01 23.59
CA LEU C 116 17.28 43.90 22.71
C LEU C 116 18.12 45.10 22.29
N THR C 117 18.89 45.67 23.22
CA THR C 117 19.63 46.89 22.94
C THR C 117 20.90 46.61 22.17
N VAL C 118 21.41 45.38 22.23
CA VAL C 118 22.50 45.07 21.32
C VAL C 118 21.95 44.71 19.95
N ARG C 119 20.76 44.09 19.91
CA ARG C 119 20.22 43.60 18.65
C ARG C 119 19.74 44.73 17.76
N ASP C 120 19.02 45.71 18.32
CA ASP C 120 18.48 46.78 17.47
C ASP C 120 19.60 47.70 16.99
N LEU C 121 20.56 47.99 17.87
CA LEU C 121 21.74 48.78 17.49
C LEU C 121 22.52 48.09 16.38
N LEU C 122 22.77 46.80 16.54
CA LEU C 122 23.63 46.09 15.60
C LEU C 122 22.91 45.86 14.28
N THR C 123 21.60 45.65 14.30
CA THR C 123 20.88 45.46 13.05
C THR C 123 20.78 46.75 12.24
N THR C 124 20.68 47.89 12.91
CA THR C 124 20.78 49.13 12.13
C THR C 124 22.17 49.31 11.54
N ASN C 125 23.20 49.33 12.40
CA ASN C 125 24.54 49.72 11.95
C ASN C 125 25.13 48.71 10.97
N ILE C 126 24.85 47.43 11.18
CA ILE C 126 25.63 46.41 10.49
C ILE C 126 24.95 46.03 9.19
N TYR C 127 23.62 46.06 9.14
CA TYR C 127 22.97 45.96 7.84
C TYR C 127 23.17 47.25 7.05
N ARG C 128 23.42 48.37 7.74
CA ARG C 128 23.76 49.60 7.03
C ARG C 128 25.12 49.50 6.36
N VAL C 129 26.11 48.98 7.08
CA VAL C 129 27.44 48.89 6.48
C VAL C 129 27.52 47.67 5.57
N LEU C 130 26.58 46.74 5.73
CA LEU C 130 26.68 45.45 5.05
C LEU C 130 26.29 45.56 3.60
N HIS C 131 25.19 46.25 3.31
CA HIS C 131 24.71 46.34 1.95
C HIS C 131 25.14 47.61 1.24
N SER C 132 26.35 48.10 1.54
CA SER C 132 26.97 49.14 0.73
C SER C 132 27.32 48.62 -0.66
N ARG C 133 27.82 49.52 -1.50
CA ARG C 133 28.34 49.08 -2.78
C ARG C 133 29.64 48.32 -2.57
N SER C 134 29.58 47.01 -2.80
CA SER C 134 30.76 46.15 -2.72
C SER C 134 31.16 45.76 -4.14
N VAL C 135 32.33 46.22 -4.56
CA VAL C 135 32.78 45.93 -5.92
C VAL C 135 33.22 44.49 -6.03
N LEU C 136 33.62 43.88 -4.93
CA LEU C 136 33.86 42.45 -4.85
C LEU C 136 32.52 41.73 -4.76
N SER C 137 32.37 40.66 -5.52
CA SER C 137 31.13 39.89 -5.48
C SER C 137 31.43 38.41 -5.44
N TYR C 138 30.70 37.70 -4.58
CA TYR C 138 30.74 36.24 -4.59
C TYR C 138 30.16 35.69 -5.86
N GLU C 139 29.14 36.36 -6.41
CA GLU C 139 28.59 36.03 -7.71
C GLU C 139 29.62 36.16 -8.81
N ARG C 140 30.46 37.19 -8.72
CA ARG C 140 31.56 37.26 -9.66
C ARG C 140 32.71 36.35 -9.31
N TYR C 141 32.67 35.68 -8.16
CA TYR C 141 33.74 34.75 -7.81
C TYR C 141 33.46 33.32 -8.23
N VAL C 142 32.28 32.81 -7.86
CA VAL C 142 32.01 31.36 -7.92
C VAL C 142 31.96 30.87 -9.36
N ASP C 143 31.66 31.77 -10.29
CA ASP C 143 31.65 31.41 -11.70
C ASP C 143 33.06 31.13 -12.21
N TRP C 144 34.07 31.84 -11.69
CA TRP C 144 35.41 31.64 -12.20
C TRP C 144 36.02 30.32 -11.76
N ILE C 145 35.85 29.98 -10.48
CA ILE C 145 36.47 28.78 -9.95
C ILE C 145 35.79 27.54 -10.53
N CYS C 146 34.50 27.62 -10.80
CA CYS C 146 33.82 26.50 -11.42
C CYS C 146 34.12 26.41 -12.90
N ALA C 147 34.58 27.49 -13.52
CA ALA C 147 34.81 27.45 -14.97
C ALA C 147 36.17 26.87 -15.30
N THR C 148 37.21 27.29 -14.59
CA THR C 148 38.57 27.02 -15.05
C THR C 148 39.44 26.58 -13.88
N GLY C 149 38.90 26.67 -12.67
CA GLY C 149 39.70 26.49 -11.48
C GLY C 149 40.64 27.65 -11.20
N MET C 150 40.43 28.79 -11.87
CA MET C 150 41.31 29.93 -11.85
C MET C 150 40.52 31.19 -11.56
N VAL C 151 41.13 32.10 -10.80
CA VAL C 151 40.53 33.38 -10.47
C VAL C 151 41.55 34.48 -10.77
N PRO C 152 41.15 35.58 -11.38
CA PRO C 152 42.04 36.74 -11.46
C PRO C 152 41.86 37.68 -10.30
N ALA C 153 42.95 38.09 -9.66
CA ALA C 153 42.91 39.02 -8.53
C ALA C 153 43.21 40.42 -9.02
N VAL C 154 42.29 41.36 -8.80
CA VAL C 154 42.47 42.76 -9.15
C VAL C 154 42.45 43.57 -7.87
N LYS C 155 43.41 44.50 -7.74
CA LYS C 155 43.51 45.37 -6.58
C LYS C 155 43.23 46.79 -7.04
N LYS C 156 41.95 47.20 -6.98
CA LYS C 156 41.59 48.57 -7.37
C LYS C 156 41.79 49.49 -6.18
N PRO C 157 42.71 50.45 -6.26
CA PRO C 157 43.11 51.20 -5.06
C PRO C 157 42.10 52.25 -4.63
N ILE C 158 41.02 52.45 -5.36
CA ILE C 158 39.99 53.41 -4.97
C ILE C 158 39.22 52.87 -3.77
N THR C 159 39.37 53.54 -2.63
CA THR C 159 38.74 53.11 -1.39
C THR C 159 38.21 54.32 -0.61
N GLN C 160 37.59 55.25 -1.33
CA GLN C 160 37.13 56.49 -0.71
C GLN C 160 35.66 56.51 -0.38
N GLU C 161 34.96 55.38 -0.52
CA GLU C 161 33.50 55.42 -0.40
C GLU C 161 33.02 55.20 1.03
N LEU C 162 33.87 54.66 1.91
CA LEU C 162 33.42 54.32 3.27
C LEU C 162 33.17 55.57 4.10
N HIS C 163 34.08 56.56 4.02
CA HIS C 163 33.93 57.78 4.81
C HIS C 163 32.76 58.62 4.31
N SER C 164 32.43 58.49 3.02
CA SER C 164 31.29 59.23 2.47
C SER C 164 29.98 58.53 2.80
N LYS C 165 29.96 57.19 2.75
CA LYS C 165 28.72 56.48 3.00
C LYS C 165 28.37 56.51 4.49
N ILE C 166 29.36 56.63 5.35
CA ILE C 166 29.11 56.67 6.79
C ILE C 166 30.24 57.44 7.45
N LYS C 167 29.89 58.40 8.30
CA LYS C 167 30.89 59.24 8.97
C LYS C 167 30.90 59.02 10.48
N SER C 168 29.75 59.23 11.13
CA SER C 168 29.53 58.95 12.54
C SER C 168 28.03 58.98 12.77
N LEU C 169 27.60 58.85 14.03
CA LEU C 169 26.26 59.12 14.54
C LEU C 169 25.18 58.16 14.04
N ARG C 170 25.49 57.23 13.13
CA ARG C 170 24.54 56.18 12.81
C ARG C 170 24.43 55.20 13.97
N ASP C 171 25.51 55.10 14.75
CA ASP C 171 25.54 54.34 15.99
C ASP C 171 25.15 55.17 17.21
N ARG C 172 25.12 56.49 17.09
CA ARG C 172 24.92 57.35 18.26
C ARG C 172 23.48 57.82 18.45
N CYS C 173 22.84 58.35 17.41
CA CYS C 173 21.52 58.96 17.57
C CYS C 173 20.45 57.94 17.91
N VAL C 174 20.67 56.68 17.56
CA VAL C 174 19.80 55.61 18.02
C VAL C 174 19.96 55.34 19.52
N CYS C 175 21.18 55.47 20.06
CA CYS C 175 21.38 55.21 21.48
C CYS C 175 21.40 56.47 22.34
N ARG C 176 21.18 57.65 21.76
CA ARG C 176 21.08 58.88 22.53
C ARG C 176 19.75 58.92 23.25
N GLU C 177 19.72 58.43 24.49
CA GLU C 177 18.48 58.23 25.23
C GLU C 177 18.70 58.67 26.69
N LEU C 178 17.79 58.24 27.56
CA LEU C 178 17.93 58.47 29.00
C LEU C 178 19.07 57.63 29.56
N GLY C 179 18.92 56.30 29.51
CA GLY C 179 19.89 55.41 30.12
C GLY C 179 21.17 55.34 29.34
N HIS C 180 22.21 55.98 29.86
CA HIS C 180 23.52 56.02 29.21
C HIS C 180 24.22 54.68 29.45
N GLU C 181 23.87 53.69 28.64
CA GLU C 181 24.43 52.35 28.75
C GLU C 181 25.86 52.37 28.23
N ARG C 182 26.82 52.40 29.16
CA ARG C 182 28.23 52.46 28.80
C ARG C 182 28.72 51.17 28.15
N THR C 183 27.96 50.09 28.25
CA THR C 183 28.23 48.91 27.44
C THR C 183 28.10 49.24 25.96
N ILE C 184 27.04 49.95 25.57
CA ILE C 184 26.87 50.34 24.19
C ILE C 184 27.89 51.39 23.79
N ARG C 185 28.14 52.38 24.66
CA ARG C 185 29.12 53.41 24.38
C ARG C 185 30.55 52.89 24.38
N SER C 186 30.77 51.67 24.89
CA SER C 186 32.10 51.07 24.83
C SER C 186 32.24 50.11 23.64
N ILE C 187 31.22 49.32 23.34
CA ILE C 187 31.39 48.32 22.29
C ILE C 187 30.99 48.84 20.92
N GLY C 188 30.09 49.82 20.84
CA GLY C 188 29.66 50.33 19.55
C GLY C 188 30.77 51.06 18.82
N THR C 189 31.62 51.77 19.57
CA THR C 189 32.75 52.47 18.97
C THR C 189 33.80 51.53 18.40
N GLU C 190 34.15 50.47 19.14
CA GLU C 190 35.15 49.55 18.62
C GLU C 190 34.60 48.69 17.48
N LEU C 191 33.33 48.28 17.54
CA LEU C 191 32.74 47.61 16.39
C LEU C 191 32.57 48.54 15.21
N TYR C 192 32.39 49.83 15.48
CA TYR C 192 32.26 50.84 14.45
C TYR C 192 33.56 51.02 13.69
N GLU C 193 34.67 51.17 14.41
CA GLU C 193 35.95 51.31 13.73
C GLU C 193 36.45 50.00 13.15
N ALA C 194 36.02 48.86 13.70
CA ALA C 194 36.48 47.58 13.15
C ALA C 194 35.85 47.30 11.80
N THR C 195 34.62 47.75 11.58
CA THR C 195 33.94 47.52 10.31
C THR C 195 34.62 48.29 9.18
N LYS C 196 35.19 49.45 9.48
CA LYS C 196 35.96 50.21 8.51
C LYS C 196 37.22 49.48 8.08
N GLU C 197 37.80 48.66 8.94
CA GLU C 197 38.94 47.85 8.57
C GLU C 197 38.56 46.70 7.65
N ILE C 198 37.30 46.28 7.67
CA ILE C 198 36.87 45.11 6.91
C ILE C 198 36.28 45.50 5.55
N ILE C 199 35.52 46.60 5.49
CA ILE C 199 34.95 47.02 4.21
C ILE C 199 36.05 47.53 3.29
N GLU C 200 37.09 48.15 3.86
CA GLU C 200 38.28 48.57 3.12
C GLU C 200 39.00 47.38 2.51
N SER C 201 39.12 46.31 3.29
CA SER C 201 39.84 45.12 2.83
C SER C 201 39.12 44.44 1.67
N LEU C 202 37.79 44.43 1.71
CA LEU C 202 37.06 43.77 0.64
C LEU C 202 36.96 44.66 -0.59
N ASN C 203 36.77 45.96 -0.40
CA ASN C 203 36.55 46.81 -1.57
C ASN C 203 37.87 47.26 -2.19
N SER C 204 38.98 46.99 -1.51
CA SER C 204 40.28 47.17 -2.15
C SER C 204 40.46 46.16 -3.28
N THR C 205 40.02 44.93 -3.07
CA THR C 205 40.12 43.89 -4.07
C THR C 205 39.05 44.06 -5.13
N PHE C 206 39.18 43.27 -6.19
CA PHE C 206 38.21 43.25 -7.28
C PHE C 206 38.33 41.93 -8.00
N ILE C 207 37.19 41.34 -8.33
CA ILE C 207 37.14 40.17 -9.20
C ILE C 207 36.39 40.58 -10.47
N PRO C 208 36.96 40.39 -11.63
CA PRO C 208 36.34 40.97 -12.82
C PRO C 208 35.28 40.11 -13.48
N GLN C 209 34.85 40.62 -14.63
CA GLN C 209 33.98 39.95 -15.58
C GLN C 209 34.85 39.02 -16.43
N PHE C 210 34.31 38.45 -17.50
CA PHE C 210 35.14 37.63 -18.38
C PHE C 210 35.21 38.15 -19.80
N THR C 211 34.22 38.91 -20.27
CA THR C 211 34.11 39.24 -21.69
C THR C 211 35.06 40.33 -22.14
N GLU C 212 35.87 40.88 -21.23
CA GLU C 212 36.80 41.94 -21.60
C GLU C 212 38.21 41.71 -21.09
N VAL C 213 38.41 40.85 -20.09
CA VAL C 213 39.72 40.53 -19.58
C VAL C 213 40.07 39.12 -20.04
N THR C 214 41.32 38.71 -19.78
CA THR C 214 41.75 37.41 -20.27
C THR C 214 42.70 36.76 -19.29
N ILE C 215 42.80 35.44 -19.40
CA ILE C 215 43.77 34.62 -18.69
C ILE C 215 44.54 33.84 -19.74
N GLU C 216 45.82 33.61 -19.49
CA GLU C 216 46.75 33.20 -20.53
C GLU C 216 47.88 32.39 -19.90
N TYR C 217 48.45 31.48 -20.69
CA TYR C 217 49.41 30.50 -20.18
C TYR C 217 50.71 30.57 -20.95
N LEU C 218 51.83 30.61 -20.23
CA LEU C 218 53.08 30.32 -20.90
C LEU C 218 53.47 28.88 -20.60
N PRO C 219 53.60 28.05 -21.63
CA PRO C 219 54.01 26.66 -21.40
C PRO C 219 55.45 26.54 -20.92
N ARG C 220 56.36 27.21 -21.61
CA ARG C 220 57.77 27.17 -21.24
C ARG C 220 57.98 27.93 -19.94
N SER C 221 58.55 27.24 -18.95
CA SER C 221 58.70 27.73 -17.57
C SER C 221 57.36 28.20 -17.03
N ASP C 222 56.50 27.24 -16.71
CA ASP C 222 55.07 27.45 -16.64
C ASP C 222 54.65 28.40 -15.52
N GLU C 223 53.90 29.43 -15.90
CA GLU C 223 53.07 30.21 -15.00
C GLU C 223 51.81 30.61 -15.75
N TYR C 224 50.95 31.38 -15.08
CA TYR C 224 49.66 31.77 -15.63
C TYR C 224 49.57 33.28 -15.54
N VAL C 225 49.27 33.94 -16.65
CA VAL C 225 49.35 35.39 -16.74
C VAL C 225 47.97 35.96 -17.01
N ALA C 226 47.54 36.87 -16.14
CA ALA C 226 46.27 37.57 -16.24
C ALA C 226 46.49 38.97 -16.79
N TYR C 227 45.42 39.56 -17.32
CA TYR C 227 45.53 40.85 -17.99
C TYR C 227 44.24 41.63 -17.85
N TYR C 228 44.34 42.84 -17.32
CA TYR C 228 43.31 43.85 -17.53
C TYR C 228 44.02 45.18 -17.76
N CYS C 229 43.73 45.80 -18.91
CA CYS C 229 44.35 47.03 -19.38
C CYS C 229 45.88 46.92 -19.39
N GLY C 230 46.37 45.81 -19.96
CA GLY C 230 47.75 45.71 -20.39
C GLY C 230 48.77 45.34 -19.33
N ARG C 231 48.36 44.92 -18.14
CA ARG C 231 49.31 44.59 -17.09
C ARG C 231 49.14 43.16 -16.62
N ARG C 232 50.26 42.50 -16.36
CA ARG C 232 50.24 41.18 -15.74
C ARG C 232 49.74 41.33 -14.31
N ILE C 233 48.49 40.97 -14.09
CA ILE C 233 47.87 41.24 -12.81
C ILE C 233 47.72 39.94 -12.03
N ARG C 234 47.58 40.07 -10.71
CA ARG C 234 47.65 38.95 -9.80
C ARG C 234 46.48 37.98 -10.00
N LEU C 235 46.63 36.79 -9.45
CA LEU C 235 45.78 35.64 -9.71
C LEU C 235 46.23 34.52 -8.79
N HIS C 236 45.44 33.46 -8.75
CA HIS C 236 45.80 32.30 -7.94
C HIS C 236 45.27 31.05 -8.62
N VAL C 237 46.11 30.02 -8.72
CA VAL C 237 45.69 28.75 -9.26
C VAL C 237 45.00 27.93 -8.18
N LEU C 238 43.97 27.20 -8.56
CA LEU C 238 43.39 26.18 -7.70
C LEU C 238 43.35 24.83 -8.38
N PHE C 239 42.97 24.78 -9.66
CA PHE C 239 42.83 23.53 -10.38
C PHE C 239 43.64 23.62 -11.67
N PRO C 240 44.76 22.94 -11.74
CA PRO C 240 45.67 23.11 -12.87
C PRO C 240 45.13 22.40 -14.10
N PRO C 241 45.01 23.11 -15.21
CA PRO C 241 44.40 22.53 -16.41
C PRO C 241 45.31 21.51 -17.06
N ALA C 242 44.72 20.64 -17.86
CA ALA C 242 45.47 19.68 -18.66
C ALA C 242 45.79 20.34 -19.98
N ILE C 243 47.06 20.70 -20.15
CA ILE C 243 47.54 21.34 -21.37
C ILE C 243 48.18 20.25 -22.21
N PHE C 244 47.45 19.75 -23.21
CA PHE C 244 48.14 18.88 -24.13
C PHE C 244 48.66 19.68 -25.32
N ALA C 245 49.33 18.98 -26.23
CA ALA C 245 49.99 19.63 -27.36
C ALA C 245 49.01 20.20 -28.38
N GLY C 246 47.75 19.78 -28.35
CA GLY C 246 46.78 20.30 -29.29
C GLY C 246 45.78 21.25 -28.66
N THR C 247 45.46 21.02 -27.39
CA THR C 247 44.43 21.80 -26.73
C THR C 247 44.70 21.84 -25.24
N VAL C 248 43.91 22.67 -24.55
CA VAL C 248 43.98 22.82 -23.11
C VAL C 248 42.61 22.46 -22.53
N THR C 249 42.60 21.62 -21.50
CA THR C 249 41.38 21.19 -20.84
C THR C 249 41.49 21.49 -19.36
N PHE C 250 40.51 22.20 -18.83
CA PHE C 250 40.56 22.65 -17.44
C PHE C 250 39.82 21.67 -16.55
N ASP C 251 40.47 21.23 -15.48
CA ASP C 251 39.82 20.37 -14.50
C ASP C 251 38.80 21.22 -13.75
N SER C 252 37.56 21.15 -14.18
CA SER C 252 36.51 22.03 -13.69
C SER C 252 35.22 21.27 -13.57
N PRO C 253 34.27 21.77 -12.76
CA PRO C 253 32.94 21.14 -12.72
C PRO C 253 32.21 21.15 -14.04
N VAL C 254 32.24 22.26 -14.77
CA VAL C 254 31.46 22.33 -15.99
C VAL C 254 32.14 21.59 -17.13
N GLN C 255 33.47 21.65 -17.22
CA GLN C 255 34.14 21.01 -18.35
C GLN C 255 34.33 19.53 -18.12
N ARG C 256 34.00 19.03 -16.93
CA ARG C 256 33.76 17.61 -16.76
C ARG C 256 32.42 17.19 -17.34
N LEU C 257 31.58 18.13 -17.78
CA LEU C 257 30.31 17.82 -18.42
C LEU C 257 30.24 18.29 -19.86
N TYR C 258 31.32 18.87 -20.39
CA TYR C 258 31.28 19.82 -21.50
C TYR C 258 30.69 19.22 -22.77
N GLN C 259 31.29 18.17 -23.29
CA GLN C 259 30.77 17.63 -24.53
C GLN C 259 29.51 16.82 -24.34
N ASN C 260 29.13 16.45 -23.12
CA ASN C 260 27.82 15.85 -22.95
C ASN C 260 26.72 16.89 -23.10
N ILE C 261 26.92 18.08 -22.55
CA ILE C 261 25.95 19.15 -22.75
C ILE C 261 25.95 19.61 -24.19
N PHE C 262 27.12 19.65 -24.82
CA PHE C 262 27.16 19.96 -26.24
C PHE C 262 26.51 18.87 -27.08
N MET C 263 26.58 17.61 -26.63
CA MET C 263 25.88 16.53 -27.33
C MET C 263 24.38 16.71 -27.20
N CYS C 264 23.90 17.12 -26.02
CA CYS C 264 22.48 17.36 -25.85
C CYS C 264 22.00 18.55 -26.67
N TYR C 265 22.83 19.59 -26.76
CA TYR C 265 22.51 20.73 -27.61
C TYR C 265 22.43 20.31 -29.08
N ARG C 266 23.39 19.48 -29.51
CA ARG C 266 23.42 19.02 -30.90
C ARG C 266 22.21 18.17 -31.21
N THR C 267 21.83 17.26 -30.31
CA THR C 267 20.68 16.43 -30.64
C THR C 267 19.38 17.19 -30.49
N LEU C 268 19.33 18.25 -29.68
CA LEU C 268 18.11 19.05 -29.62
C LEU C 268 17.93 19.87 -30.88
N GLU C 269 19.00 20.50 -31.38
CA GLU C 269 18.87 21.26 -32.62
C GLU C 269 18.67 20.33 -33.80
N HIS C 270 19.24 19.12 -33.75
CA HIS C 270 18.98 18.13 -34.79
C HIS C 270 17.55 17.64 -34.74
N ALA C 271 16.99 17.52 -33.54
CA ALA C 271 15.59 17.13 -33.37
C ALA C 271 14.67 18.18 -33.95
N LYS C 272 14.97 19.45 -33.69
CA LYS C 272 14.16 20.52 -34.26
C LYS C 272 14.36 20.59 -35.77
N ILE C 273 15.54 20.22 -36.27
CA ILE C 273 15.79 20.18 -37.70
C ILE C 273 14.91 19.13 -38.36
N CYS C 274 14.87 17.92 -37.79
CA CYS C 274 14.02 16.88 -38.37
C CYS C 274 12.54 17.19 -38.21
N GLN C 275 12.16 17.83 -37.10
CA GLN C 275 10.78 18.24 -36.90
C GLN C 275 10.36 19.28 -37.93
N LEU C 276 11.22 20.27 -38.18
CA LEU C 276 10.96 21.28 -39.17
C LEU C 276 11.07 20.77 -40.59
N LEU C 277 11.80 19.70 -40.82
CA LEU C 277 11.89 19.18 -42.17
C LEU C 277 10.77 18.20 -42.47
N ASN C 278 10.16 17.63 -41.44
CA ASN C 278 9.11 16.65 -41.63
C ASN C 278 7.71 17.24 -41.44
N THR C 279 7.55 18.56 -41.60
CA THR C 279 6.24 19.17 -41.43
C THR C 279 5.28 18.88 -42.56
N ALA C 280 5.78 18.45 -43.71
CA ALA C 280 4.90 18.15 -44.81
C ALA C 280 4.09 16.90 -44.47
N PRO C 281 2.78 16.92 -44.71
CA PRO C 281 1.95 15.73 -44.47
C PRO C 281 2.05 14.71 -45.59
N LEU C 282 2.83 15.00 -46.62
CA LEU C 282 2.83 14.18 -47.82
C LEU C 282 4.17 14.36 -48.53
N LYS C 283 4.71 13.24 -49.01
CA LYS C 283 6.10 13.15 -49.43
C LYS C 283 6.15 12.78 -50.91
N ALA C 284 6.39 13.77 -51.76
CA ALA C 284 6.55 13.47 -53.17
C ALA C 284 8.03 13.43 -53.56
N ILE C 285 8.30 12.89 -54.73
CA ILE C 285 9.62 12.86 -55.34
C ILE C 285 9.49 13.18 -56.81
N VAL C 286 10.38 14.01 -57.32
CA VAL C 286 10.33 14.39 -58.73
C VAL C 286 10.85 13.24 -59.59
N GLY C 287 10.64 13.36 -60.90
CA GLY C 287 11.11 12.33 -61.82
C GLY C 287 11.52 12.87 -63.19
N ASP C 434 0.23 36.77 -35.55
CA ASP C 434 -1.01 36.80 -36.32
C ASP C 434 -1.39 35.41 -36.77
N ILE C 435 -0.38 34.60 -37.06
CA ILE C 435 -0.61 33.21 -37.43
C ILE C 435 -1.04 32.41 -36.21
N LEU C 436 -0.60 32.84 -35.01
CA LEU C 436 -0.89 32.08 -33.81
C LEU C 436 -2.35 32.19 -33.38
N THR C 437 -3.01 33.28 -33.74
CA THR C 437 -4.40 33.47 -33.34
C THR C 437 -5.11 34.21 -34.46
N GLY C 438 -6.18 33.61 -34.98
CA GLY C 438 -6.96 34.26 -36.01
C GLY C 438 -8.16 33.39 -36.34
N SER C 439 -9.01 33.93 -37.21
CA SER C 439 -10.15 33.18 -37.72
C SER C 439 -9.66 31.95 -38.47
N THR C 440 -9.98 30.78 -37.91
CA THR C 440 -9.39 29.52 -38.36
C THR C 440 -9.77 29.18 -39.79
N ALA C 441 -10.90 29.67 -40.29
CA ALA C 441 -11.26 29.45 -41.69
C ALA C 441 -10.33 30.22 -42.61
N SER C 442 -9.96 31.44 -42.23
CA SER C 442 -8.94 32.17 -42.98
C SER C 442 -7.54 31.67 -42.65
N ALA C 443 -7.36 31.09 -41.46
CA ALA C 443 -6.06 30.53 -41.13
C ALA C 443 -5.74 29.32 -41.98
N ILE C 444 -6.74 28.51 -42.32
CA ILE C 444 -6.62 27.50 -43.36
C ILE C 444 -6.15 28.10 -44.68
N GLU C 445 -6.74 29.22 -45.08
CA GLU C 445 -6.42 29.86 -46.35
C GLU C 445 -5.00 30.41 -46.38
N LYS C 446 -4.52 30.93 -45.25
CA LYS C 446 -3.25 31.64 -45.27
C LYS C 446 -2.03 30.71 -45.39
N LEU C 447 -2.18 29.39 -45.21
CA LEU C 447 -1.03 28.52 -45.32
C LEU C 447 -1.20 27.35 -46.27
N PHE C 448 -2.42 27.05 -46.71
CA PHE C 448 -2.60 25.95 -47.65
C PHE C 448 -2.04 26.28 -49.02
N ASN C 449 -2.19 27.53 -49.44
CA ASN C 449 -1.55 27.99 -50.66
C ASN C 449 -0.05 28.16 -50.49
N SER C 450 0.42 28.27 -49.24
CA SER C 450 1.82 28.52 -48.97
C SER C 450 2.65 27.29 -49.32
N PRO C 451 3.91 27.49 -49.74
CA PRO C 451 4.75 26.35 -50.12
C PRO C 451 5.28 25.53 -48.95
N SER C 452 4.84 25.78 -47.73
CA SER C 452 5.25 24.96 -46.60
C SER C 452 4.66 23.56 -46.68
N ALA C 453 3.49 23.43 -47.32
CA ALA C 453 2.79 22.17 -47.30
C ALA C 453 3.44 21.13 -48.20
N SER C 454 3.86 21.51 -49.39
CA SER C 454 4.34 20.53 -50.35
C SER C 454 5.76 20.09 -50.03
N LEU C 455 6.10 18.91 -50.54
CA LEU C 455 7.48 18.44 -50.51
C LEU C 455 7.64 17.45 -51.65
N GLY C 456 8.38 17.86 -52.68
CA GLY C 456 8.77 16.95 -53.74
C GLY C 456 10.27 16.83 -53.78
N ALA C 457 10.79 15.67 -53.39
CA ALA C 457 12.23 15.52 -53.26
C ALA C 457 12.87 15.30 -54.62
N ARG C 458 14.18 15.49 -54.69
CA ARG C 458 14.86 15.68 -55.96
C ARG C 458 16.00 14.68 -56.13
N VAL C 459 16.19 14.26 -57.37
CA VAL C 459 17.42 13.63 -57.82
C VAL C 459 18.14 14.63 -58.72
N SER C 460 19.47 14.64 -58.66
CA SER C 460 20.24 15.61 -59.41
C SER C 460 20.21 15.31 -60.91
N GLY C 461 20.58 14.09 -61.29
CA GLY C 461 20.65 13.74 -62.70
C GLY C 461 19.28 13.42 -63.27
N HIS C 462 18.99 14.01 -64.43
CA HIS C 462 17.73 13.75 -65.10
C HIS C 462 17.75 12.40 -65.80
N ASN C 463 18.91 11.93 -66.24
CA ASN C 463 19.03 10.55 -66.69
C ASN C 463 18.98 9.59 -65.51
N GLU C 464 19.40 10.06 -64.33
CA GLU C 464 19.45 9.21 -63.15
C GLU C 464 18.04 8.92 -62.65
N SER C 465 17.69 7.64 -62.57
CA SER C 465 16.34 7.22 -62.23
C SER C 465 16.30 6.56 -60.86
N ILE C 466 15.09 6.46 -60.32
CA ILE C 466 14.86 5.92 -58.99
C ILE C 466 14.06 4.64 -59.11
N LEU C 467 14.56 3.57 -58.51
CA LEU C 467 13.90 2.28 -58.57
C LEU C 467 12.94 2.04 -57.42
N ASN C 468 13.23 2.56 -56.23
CA ASN C 468 12.36 2.34 -55.09
C ASN C 468 12.51 3.50 -54.14
N SER C 469 11.48 3.72 -53.34
CA SER C 469 11.38 4.93 -52.55
C SER C 469 10.73 4.60 -51.22
N PHE C 470 11.11 5.35 -50.21
CA PHE C 470 10.70 5.01 -48.86
C PHE C 470 10.11 6.20 -48.11
N VAL C 471 9.61 5.97 -46.91
CA VAL C 471 9.26 7.04 -45.99
C VAL C 471 9.59 6.55 -44.59
N SER C 472 10.12 7.46 -43.77
CA SER C 472 10.43 7.14 -42.38
C SER C 472 10.44 8.45 -41.62
N GLN C 473 9.36 8.75 -40.93
CA GLN C 473 9.47 9.82 -39.97
C GLN C 473 10.27 9.32 -38.78
N TYR C 474 11.09 10.21 -38.23
CA TYR C 474 11.90 9.81 -37.09
C TYR C 474 12.19 11.03 -36.23
N ILE C 475 11.89 10.91 -34.94
CA ILE C 475 12.26 11.89 -33.96
C ILE C 475 13.28 11.26 -33.03
N PRO C 476 14.43 11.86 -32.82
CA PRO C 476 15.36 11.37 -31.80
C PRO C 476 14.78 11.61 -30.41
N PRO C 477 15.17 10.82 -29.42
CA PRO C 477 14.62 11.01 -28.08
C PRO C 477 15.14 12.28 -27.42
N SER C 478 14.55 13.42 -27.81
CA SER C 478 15.10 14.71 -27.45
C SER C 478 14.90 15.01 -25.97
N ARG C 479 13.64 15.01 -25.52
CA ARG C 479 13.36 15.27 -24.12
C ARG C 479 13.93 14.19 -23.22
N GLU C 480 14.07 12.96 -23.71
CA GLU C 480 14.79 11.94 -22.98
C GLU C 480 16.25 12.30 -22.80
N MET C 481 16.85 12.89 -23.84
CA MET C 481 18.25 13.31 -23.71
C MET C 481 18.39 14.53 -22.81
N THR C 482 17.35 15.34 -22.71
CA THR C 482 17.41 16.43 -21.75
C THR C 482 17.25 15.91 -20.33
N LYS C 483 16.39 14.90 -20.14
CA LYS C 483 15.96 14.50 -18.81
C LYS C 483 17.08 13.86 -18.01
N ASP C 484 17.88 13.00 -18.64
CA ASP C 484 18.99 12.41 -17.89
C ASP C 484 20.11 13.42 -17.69
N LEU C 485 20.21 14.43 -18.56
CA LEU C 485 21.26 15.41 -18.34
C LEU C 485 20.89 16.39 -17.24
N THR C 486 19.60 16.52 -16.93
CA THR C 486 19.19 17.20 -15.69
C THR C 486 19.82 16.56 -14.47
N GLU C 487 19.67 15.24 -14.32
CA GLU C 487 20.24 14.61 -13.14
C GLU C 487 21.74 14.41 -13.27
N LEU C 488 22.29 14.48 -14.50
CA LEU C 488 23.73 14.61 -14.70
C LEU C 488 24.26 15.86 -14.01
N TRP C 489 23.62 17.00 -14.27
CA TRP C 489 24.00 18.23 -13.58
C TRP C 489 23.75 18.13 -12.08
N GLU C 490 22.65 17.48 -11.70
CA GLU C 490 22.28 17.39 -10.29
C GLU C 490 23.30 16.61 -9.49
N SER C 491 23.78 15.49 -10.05
CA SER C 491 24.76 14.65 -9.36
C SER C 491 26.11 15.36 -9.26
N GLU C 492 26.51 16.06 -10.33
CA GLU C 492 27.80 16.72 -10.33
C GLU C 492 27.82 17.91 -9.38
N LEU C 493 26.75 18.69 -9.32
CA LEU C 493 26.72 19.81 -8.40
C LEU C 493 26.24 19.41 -7.01
N PHE C 494 25.83 18.16 -6.80
CA PHE C 494 25.77 17.61 -5.46
C PHE C 494 27.09 17.04 -4.99
N ASN C 495 27.97 16.65 -5.91
CA ASN C 495 29.21 15.98 -5.51
C ASN C 495 30.40 16.91 -5.42
N THR C 496 30.80 17.58 -6.52
CA THR C 496 32.06 18.32 -6.45
C THR C 496 31.89 19.62 -5.68
N PHE C 497 30.67 20.11 -5.56
CA PHE C 497 30.30 21.06 -4.53
C PHE C 497 29.32 20.32 -3.64
N LYS C 498 29.64 20.20 -2.36
CA LYS C 498 28.86 19.37 -1.45
C LYS C 498 27.54 20.06 -1.13
N LEU C 499 26.47 19.62 -1.78
CA LEU C 499 25.16 20.21 -1.58
C LEU C 499 24.20 19.15 -1.04
N THR C 500 23.76 19.34 0.21
CA THR C 500 22.83 18.41 0.82
C THR C 500 21.43 18.96 0.72
N PRO C 501 20.55 18.38 -0.09
CA PRO C 501 19.19 18.92 -0.20
C PRO C 501 18.34 18.63 1.02
N VAL C 502 18.04 19.68 1.77
CA VAL C 502 17.12 19.60 2.90
C VAL C 502 15.73 19.37 2.33
N VAL C 503 15.23 18.15 2.46
CA VAL C 503 13.98 17.76 1.79
C VAL C 503 12.96 17.26 2.80
N ASP C 504 11.71 17.18 2.37
CA ASP C 504 10.61 16.60 3.12
C ASP C 504 10.42 15.17 2.59
N ASN C 505 9.43 14.45 3.13
CA ASN C 505 9.11 13.11 2.67
C ASN C 505 8.60 13.17 1.23
N GLN C 506 9.37 12.55 0.32
CA GLN C 506 9.18 12.62 -1.13
C GLN C 506 9.17 14.07 -1.62
N GLY C 507 10.00 14.91 -1.00
CA GLY C 507 10.15 16.29 -1.43
C GLY C 507 11.13 16.35 -2.59
N GLN C 508 10.78 17.14 -3.59
CA GLN C 508 11.59 17.25 -4.80
C GLN C 508 12.56 18.42 -4.64
N ARG C 509 13.55 18.22 -3.76
CA ARG C 509 14.74 19.06 -3.65
C ARG C 509 14.39 20.51 -3.33
N LEU C 510 13.77 20.69 -2.17
CA LEU C 510 13.13 21.97 -1.87
C LEU C 510 14.08 22.98 -1.25
N TYR C 511 15.03 22.56 -0.43
CA TYR C 511 15.90 23.50 0.25
C TYR C 511 17.34 23.06 0.01
N VAL C 512 17.96 23.63 -1.02
CA VAL C 512 19.32 23.26 -1.41
C VAL C 512 20.29 24.21 -0.72
N ARG C 513 21.07 23.67 0.18
CA ARG C 513 21.82 24.46 1.15
C ARG C 513 23.28 24.01 1.16
N TYR C 514 24.16 24.96 1.44
CA TYR C 514 25.58 24.67 1.59
C TYR C 514 25.81 23.70 2.76
N SER C 515 26.92 22.99 2.68
CA SER C 515 27.30 21.97 3.63
C SER C 515 28.43 22.47 4.52
N SER C 516 28.93 21.57 5.36
CA SER C 516 30.09 21.88 6.18
C SER C 516 31.34 22.01 5.33
N ASP C 517 31.56 21.07 4.42
CA ASP C 517 32.80 21.07 3.66
C ASP C 517 32.75 21.92 2.42
N THR C 518 31.56 22.23 1.90
CA THR C 518 31.56 22.98 0.66
C THR C 518 31.82 24.47 0.89
N ILE C 519 31.59 24.97 2.11
CA ILE C 519 32.04 26.33 2.39
C ILE C 519 33.56 26.35 2.53
N SER C 520 34.14 25.25 3.03
CA SER C 520 35.59 25.11 3.06
C SER C 520 36.18 24.96 1.67
N ILE C 521 35.42 24.45 0.70
CA ILE C 521 35.96 24.31 -0.65
C ILE C 521 35.62 25.50 -1.55
N LEU C 522 34.65 26.33 -1.17
CA LEU C 522 34.33 27.51 -1.98
C LEU C 522 34.64 28.82 -1.28
N LEU C 523 34.04 29.09 -0.12
CA LEU C 523 34.31 30.36 0.54
C LEU C 523 35.58 30.28 1.37
N GLY C 524 35.99 29.06 1.72
CA GLY C 524 37.28 28.79 2.31
C GLY C 524 38.44 29.37 1.54
N PRO C 525 38.62 28.99 0.27
CA PRO C 525 39.64 29.68 -0.53
C PRO C 525 39.30 31.11 -0.85
N PHE C 526 38.01 31.45 -0.98
CA PHE C 526 37.62 32.80 -1.38
C PHE C 526 37.99 33.85 -0.35
N THR C 527 37.49 33.69 0.87
CA THR C 527 37.71 34.67 1.91
C THR C 527 39.13 34.71 2.43
N TYR C 528 39.97 33.73 2.09
CA TYR C 528 41.31 33.66 2.66
C TYR C 528 42.43 33.74 1.65
N LEU C 529 42.19 33.47 0.37
CA LEU C 529 43.27 33.27 -0.59
C LEU C 529 43.19 34.26 -1.74
N VAL C 530 42.03 34.39 -2.38
CA VAL C 530 41.88 35.42 -3.40
C VAL C 530 41.49 36.75 -2.77
N ALA C 531 40.78 36.72 -1.65
CA ALA C 531 40.55 37.90 -0.86
C ALA C 531 41.37 37.77 0.42
N GLU C 532 41.99 38.86 0.83
CA GLU C 532 42.98 38.83 1.90
C GLU C 532 42.36 39.14 3.26
N LEU C 533 41.11 38.71 3.46
CA LEU C 533 40.42 38.89 4.73
C LEU C 533 41.05 37.98 5.77
N SER C 534 42.07 38.49 6.46
CA SER C 534 42.77 37.65 7.44
C SER C 534 41.96 37.33 8.69
N PRO C 535 41.41 38.29 9.46
CA PRO C 535 40.86 37.89 10.76
C PRO C 535 39.44 37.37 10.71
N VAL C 536 38.91 37.03 9.53
CA VAL C 536 37.56 36.53 9.44
C VAL C 536 37.57 35.01 9.61
N GLU C 537 36.39 34.45 9.85
CA GLU C 537 36.24 33.04 10.13
C GLU C 537 35.33 32.39 9.08
N LEU C 538 35.06 31.10 9.30
CA LEU C 538 34.01 30.44 8.55
C LEU C 538 32.79 30.32 9.46
N VAL C 539 31.76 29.65 8.98
CA VAL C 539 30.54 29.49 9.76
C VAL C 539 30.28 28.02 9.98
N THR C 540 29.18 27.70 10.66
CA THR C 540 28.74 26.34 10.83
C THR C 540 27.63 26.03 9.84
N ASP C 541 27.05 24.85 10.00
CA ASP C 541 25.84 24.51 9.28
C ASP C 541 24.68 25.37 9.74
N VAL C 542 24.40 25.38 11.05
CA VAL C 542 23.25 26.14 11.57
C VAL C 542 23.55 27.63 11.65
N TYR C 543 24.81 28.04 11.55
CA TYR C 543 25.11 29.45 11.38
C TYR C 543 24.67 29.97 10.02
N ALA C 544 24.72 29.11 9.00
CA ALA C 544 24.30 29.49 7.66
C ALA C 544 22.87 29.13 7.36
N THR C 545 22.30 28.19 8.10
CA THR C 545 20.93 27.74 7.88
C THR C 545 19.90 28.70 8.47
N LEU C 546 20.11 29.12 9.72
CA LEU C 546 19.14 29.87 10.49
C LEU C 546 18.98 31.28 9.93
N GLY C 547 18.04 32.03 10.50
CA GLY C 547 17.84 33.40 10.07
C GLY C 547 19.01 34.28 10.50
N ILE C 548 19.25 35.34 9.72
CA ILE C 548 20.40 36.21 9.98
C ILE C 548 20.17 37.07 11.21
N VAL C 549 18.91 37.27 11.61
CA VAL C 549 18.65 37.80 12.94
C VAL C 549 18.46 36.71 13.97
N GLU C 550 18.08 35.51 13.53
CA GLU C 550 18.06 34.36 14.43
C GLU C 550 19.42 33.72 14.62
N ILE C 551 20.47 34.21 13.95
CA ILE C 551 21.81 33.79 14.37
C ILE C 551 22.40 34.80 15.34
N ILE C 552 21.81 35.99 15.44
CA ILE C 552 22.28 36.98 16.41
C ILE C 552 22.05 36.46 17.82
N ASP C 553 20.82 36.05 18.12
CA ASP C 553 20.53 35.53 19.44
C ASP C 553 21.12 34.14 19.64
N GLU C 554 21.44 33.43 18.55
CA GLU C 554 22.11 32.14 18.72
C GLU C 554 23.59 32.32 19.01
N LEU C 555 24.22 33.35 18.43
CA LEU C 555 25.52 33.80 18.88
C LEU C 555 25.47 34.22 20.33
N TYR C 556 24.41 34.95 20.70
CA TYR C 556 24.16 35.36 22.07
C TYR C 556 24.01 34.17 23.00
N ARG C 557 23.52 33.04 22.50
CA ARG C 557 23.50 31.82 23.30
C ARG C 557 24.88 31.29 23.62
N SER C 558 25.94 31.77 22.95
CA SER C 558 27.31 31.45 23.33
C SER C 558 28.27 32.62 23.14
N SER C 559 27.86 33.83 23.51
CA SER C 559 28.71 35.02 23.36
C SER C 559 29.15 35.58 24.71
N ARG C 560 30.34 36.17 24.71
CA ARG C 560 31.09 36.46 25.93
C ARG C 560 30.39 37.45 26.84
N LEU C 561 29.79 38.51 26.29
CA LEU C 561 28.91 39.36 27.08
C LEU C 561 27.73 38.60 27.64
N ALA C 562 27.07 37.81 26.81
CA ALA C 562 25.89 37.12 27.29
C ALA C 562 26.25 35.97 28.21
N ILE C 563 27.46 35.43 28.08
CA ILE C 563 27.92 34.52 29.12
C ILE C 563 28.18 35.29 30.41
N TYR C 564 28.75 36.49 30.32
CA TYR C 564 28.92 37.31 31.51
C TYR C 564 27.60 37.74 32.14
N ILE C 565 26.55 37.86 31.34
CA ILE C 565 25.21 38.05 31.90
C ILE C 565 24.72 36.75 32.52
N GLU C 566 25.11 35.62 31.94
CA GLU C 566 24.83 34.34 32.57
C GLU C 566 25.81 34.02 33.69
N ASP C 567 27.00 34.65 33.71
CA ASP C 567 27.78 34.74 34.95
C ASP C 567 26.96 35.42 36.02
N LEU C 568 26.33 36.53 35.66
CA LEU C 568 25.41 37.20 36.56
C LEU C 568 24.07 36.46 36.68
N GLY C 569 23.81 35.48 35.79
CA GLY C 569 22.62 34.63 35.83
C GLY C 569 22.39 33.95 37.16
N ARG C 570 23.45 33.62 37.90
CA ARG C 570 23.34 33.30 39.32
C ARG C 570 23.99 34.50 40.03
N LYS C 571 23.17 35.52 40.28
CA LYS C 571 23.56 36.77 40.94
C LYS C 571 24.75 37.47 40.26
N ALA D 18 -34.09 51.74 -24.65
CA ALA D 18 -34.93 50.57 -24.69
C ALA D 18 -34.35 49.41 -25.50
N ILE D 19 -33.80 48.39 -24.83
CA ILE D 19 -33.41 47.17 -25.51
C ILE D 19 -34.00 45.99 -24.74
N PRO D 20 -34.53 44.98 -25.43
CA PRO D 20 -35.05 43.81 -24.73
C PRO D 20 -33.92 43.04 -24.07
N VAL D 21 -34.23 42.47 -22.90
CA VAL D 21 -33.26 41.72 -22.12
C VAL D 21 -33.76 40.31 -21.91
N HIS D 22 -34.98 40.19 -21.37
CA HIS D 22 -35.52 38.85 -21.10
C HIS D 22 -35.83 38.05 -22.36
N PRO D 23 -36.76 38.48 -23.26
CA PRO D 23 -37.28 37.51 -24.24
C PRO D 23 -36.42 37.38 -25.49
N THR D 24 -35.19 37.88 -25.44
CA THR D 24 -34.26 37.67 -26.54
C THR D 24 -33.88 36.19 -26.61
N PRO D 25 -33.55 35.68 -27.82
CA PRO D 25 -33.29 34.24 -27.95
C PRO D 25 -32.10 33.73 -27.15
N ALA D 26 -30.99 34.47 -27.10
CA ALA D 26 -29.85 34.01 -26.31
C ALA D 26 -30.15 34.02 -24.82
N SER D 27 -30.84 35.04 -24.33
CA SER D 27 -31.16 35.08 -22.92
C SER D 27 -32.27 34.09 -22.55
N VAL D 28 -33.18 33.75 -23.47
CA VAL D 28 -34.14 32.73 -23.10
C VAL D 28 -33.49 31.35 -23.20
N ARG D 29 -32.44 31.21 -24.02
CA ARG D 29 -31.60 30.02 -23.92
C ARG D 29 -30.91 29.97 -22.57
N LEU D 30 -30.54 31.13 -22.04
CA LEU D 30 -29.92 31.18 -20.72
C LEU D 30 -30.92 30.85 -19.61
N PHE D 31 -32.15 31.34 -19.71
CA PHE D 31 -33.15 30.97 -18.73
C PHE D 31 -33.59 29.53 -18.88
N GLU D 32 -33.39 28.96 -20.06
CA GLU D 32 -33.77 27.58 -20.31
C GLU D 32 -32.84 26.60 -19.63
N ILE D 33 -31.53 26.85 -19.67
CA ILE D 33 -30.53 25.87 -19.24
C ILE D 33 -30.54 25.70 -17.73
N LEU D 34 -31.19 26.60 -17.01
CA LEU D 34 -31.60 26.35 -15.63
C LEU D 34 -32.43 25.10 -15.51
N GLN D 35 -33.38 24.92 -16.39
CA GLN D 35 -34.08 23.65 -16.50
C GLN D 35 -33.25 22.74 -17.39
N GLY D 36 -33.59 21.45 -17.44
CA GLY D 36 -32.74 20.48 -18.08
C GLY D 36 -32.93 20.27 -19.56
N LYS D 37 -33.63 21.19 -20.25
CA LYS D 37 -34.16 20.87 -21.58
C LYS D 37 -33.09 20.82 -22.67
N TYR D 38 -31.99 21.59 -22.56
CA TYR D 38 -31.04 21.54 -23.66
C TYR D 38 -29.83 20.65 -23.38
N ALA D 39 -29.11 20.90 -22.29
CA ALA D 39 -27.96 20.09 -21.98
C ALA D 39 -27.94 19.80 -20.49
N TYR D 40 -27.38 18.66 -20.12
CA TYR D 40 -27.41 18.29 -18.71
C TYR D 40 -26.31 17.27 -18.44
N VAL D 41 -25.57 17.50 -17.37
CA VAL D 41 -24.51 16.61 -16.91
C VAL D 41 -24.68 16.40 -15.40
N GLN D 42 -23.75 15.64 -14.84
CA GLN D 42 -23.77 15.33 -13.41
C GLN D 42 -23.44 16.56 -12.57
N GLY D 43 -22.69 17.50 -13.12
CA GLY D 43 -22.37 18.70 -12.37
C GLY D 43 -23.58 19.60 -12.15
N GLN D 44 -24.54 19.58 -13.08
CA GLN D 44 -25.75 20.39 -12.95
C GLN D 44 -26.69 19.83 -11.89
N THR D 45 -26.45 18.60 -11.41
CA THR D 45 -27.22 18.10 -10.28
C THR D 45 -26.93 18.89 -9.02
N ILE D 46 -25.72 19.43 -8.88
CA ILE D 46 -25.40 20.22 -7.69
C ILE D 46 -26.13 21.55 -7.69
N TYR D 47 -26.67 21.96 -8.84
CA TYR D 47 -27.38 23.23 -8.93
C TYR D 47 -28.71 23.18 -8.21
N ALA D 48 -29.39 22.03 -8.26
CA ALA D 48 -30.64 21.92 -7.54
C ALA D 48 -30.43 21.75 -6.05
N ASN D 49 -29.21 21.45 -5.60
CA ASN D 49 -28.95 21.28 -4.18
C ASN D 49 -29.14 22.59 -3.43
N LEU D 50 -28.66 23.68 -4.00
CA LEU D 50 -28.93 24.97 -3.40
C LEU D 50 -30.14 25.65 -4.01
N ARG D 51 -30.81 25.02 -4.98
CA ARG D 51 -32.16 25.46 -5.30
C ARG D 51 -33.17 25.01 -4.26
N ASN D 52 -32.78 24.16 -3.34
CA ASN D 52 -33.66 23.68 -2.30
C ASN D 52 -34.09 24.82 -1.38
N PRO D 53 -35.38 25.05 -1.21
CA PRO D 53 -35.82 25.94 -0.14
C PRO D 53 -35.75 25.26 1.21
N GLY D 54 -36.26 25.91 2.24
CA GLY D 54 -36.13 25.34 3.56
C GLY D 54 -35.06 26.06 4.36
N VAL D 55 -33.97 26.43 3.69
CA VAL D 55 -32.98 27.29 4.32
C VAL D 55 -33.55 28.67 4.56
N PHE D 56 -34.52 29.10 3.76
CA PHE D 56 -35.26 30.31 4.08
C PHE D 56 -36.22 30.07 5.23
N SER D 57 -36.82 28.88 5.29
CA SER D 57 -37.67 28.57 6.44
C SER D 57 -36.83 28.40 7.68
N ARG D 58 -35.58 27.94 7.52
CA ARG D 58 -34.62 27.88 8.60
C ARG D 58 -34.38 29.25 9.20
N GLN D 59 -34.23 30.26 8.33
CA GLN D 59 -34.04 31.65 8.74
C GLN D 59 -35.18 32.15 9.61
N VAL D 60 -36.41 32.10 9.08
CA VAL D 60 -37.56 32.61 9.81
C VAL D 60 -37.86 31.75 11.04
N PHE D 61 -37.54 30.46 10.96
CA PHE D 61 -37.72 29.52 12.06
C PHE D 61 -36.87 29.90 13.25
N THR D 62 -35.58 30.19 13.01
CA THR D 62 -34.73 30.55 14.14
C THR D 62 -34.96 32.00 14.53
N HIS D 63 -35.43 32.84 13.61
CA HIS D 63 -35.62 34.25 13.95
C HIS D 63 -36.82 34.45 14.86
N LEU D 64 -37.94 33.81 14.55
CA LEU D 64 -39.08 34.01 15.41
C LEU D 64 -38.94 33.17 16.68
N PHE D 65 -38.10 32.15 16.66
CA PHE D 65 -37.61 31.52 17.88
C PHE D 65 -36.91 32.53 18.77
N LYS D 66 -36.00 33.31 18.18
CA LYS D 66 -35.28 34.34 18.93
C LYS D 66 -36.24 35.40 19.46
N ARG D 67 -37.22 35.78 18.64
CA ARG D 67 -38.21 36.76 19.09
C ARG D 67 -39.10 36.19 20.19
N ALA D 68 -39.32 34.87 20.17
CA ALA D 68 -40.05 34.22 21.23
C ALA D 68 -39.25 34.19 22.53
N ILE D 69 -37.95 33.96 22.43
CA ILE D 69 -37.18 33.68 23.61
C ILE D 69 -36.62 34.96 24.22
N SER D 70 -36.63 36.06 23.47
CA SER D 70 -36.03 37.30 23.97
C SER D 70 -36.94 38.03 24.93
N HIS D 71 -38.23 38.17 24.60
CA HIS D 71 -39.11 39.08 25.33
C HIS D 71 -39.53 38.53 26.69
N CYS D 72 -38.99 37.42 27.14
CA CYS D 72 -39.33 36.85 28.43
C CYS D 72 -38.61 37.59 29.54
N THR D 73 -39.26 37.68 30.69
CA THR D 73 -38.74 38.42 31.83
C THR D 73 -38.31 37.46 32.92
N TYR D 74 -37.28 37.87 33.67
CA TYR D 74 -36.82 37.05 34.77
C TYR D 74 -37.81 37.02 35.92
N ASP D 75 -38.52 38.11 36.16
CA ASP D 75 -39.45 38.18 37.29
C ASP D 75 -40.64 37.27 37.12
N ASP D 76 -40.97 36.88 35.88
CA ASP D 76 -42.06 35.94 35.66
C ASP D 76 -41.66 34.52 36.01
N VAL D 77 -40.39 34.15 35.81
CA VAL D 77 -40.01 32.75 35.99
C VAL D 77 -39.51 32.47 37.41
N LEU D 78 -39.02 33.49 38.13
CA LEU D 78 -38.57 33.25 39.50
C LEU D 78 -39.75 33.01 40.42
N HIS D 79 -40.82 33.79 40.25
CA HIS D 79 -42.02 33.51 41.04
C HIS D 79 -42.74 32.28 40.51
N ASP D 80 -42.52 31.92 39.24
CA ASP D 80 -43.01 30.64 38.76
C ASP D 80 -42.33 29.48 39.47
N TRP D 81 -41.02 29.60 39.71
CA TRP D 81 -40.32 28.60 40.50
C TRP D 81 -40.74 28.62 41.96
N ASN D 82 -41.06 29.81 42.48
CA ASN D 82 -41.55 29.96 43.85
C ASN D 82 -42.89 29.23 44.02
N LYS D 83 -43.83 29.47 43.12
CA LYS D 83 -45.11 28.76 43.16
C LYS D 83 -44.93 27.29 42.80
N PHE D 84 -43.88 26.95 42.07
CA PHE D 84 -43.57 25.55 41.80
C PHE D 84 -43.11 24.84 43.07
N GLU D 85 -42.38 25.53 43.93
CA GLU D 85 -42.03 24.96 45.24
C GLU D 85 -43.25 24.89 46.15
N ALA D 86 -44.14 25.89 46.07
CA ALA D 86 -45.42 25.83 46.76
C ALA D 86 -46.28 24.66 46.29
N CYS D 87 -46.12 24.25 45.03
CA CYS D 87 -46.83 23.08 44.52
C CYS D 87 -46.30 21.79 45.11
N ILE D 88 -44.98 21.69 45.33
CA ILE D 88 -44.41 20.42 45.74
C ILE D 88 -44.41 20.25 47.26
N GLN D 89 -44.48 21.35 48.02
CA GLN D 89 -44.49 21.21 49.48
C GLN D 89 -45.77 20.58 50.01
N LYS D 90 -46.89 20.75 49.32
CA LYS D 90 -48.11 20.05 49.70
C LYS D 90 -48.13 18.62 49.17
N ARG D 91 -47.24 18.29 48.24
CA ARG D 91 -47.07 16.92 47.79
C ARG D 91 -45.93 16.22 48.52
N TRP D 92 -44.86 16.95 48.80
CA TRP D 92 -43.75 16.43 49.60
C TRP D 92 -43.20 17.52 50.51
N ASP D 96 -36.62 17.21 54.48
CA ASP D 96 -36.14 18.36 55.22
C ASP D 96 -34.66 18.59 54.91
N SER D 97 -33.80 17.85 55.59
CA SER D 97 -32.39 17.83 55.22
C SER D 97 -32.20 17.13 53.89
N CYS D 98 -32.98 16.08 53.64
CA CYS D 98 -33.03 15.46 52.33
C CYS D 98 -33.70 16.34 51.30
N ALA D 99 -34.53 17.29 51.75
CA ALA D 99 -35.22 18.19 50.84
C ALA D 99 -34.28 19.15 50.13
N SER D 100 -33.03 19.28 50.59
CA SER D 100 -32.05 20.07 49.83
C SER D 100 -31.81 19.45 48.46
N ARG D 101 -31.36 18.20 48.43
CA ARG D 101 -31.14 17.54 47.16
C ARG D 101 -32.45 17.15 46.47
N PHE D 102 -33.54 17.00 47.25
CA PHE D 102 -34.85 16.82 46.63
C PHE D 102 -35.26 18.06 45.85
N ARG D 103 -35.07 19.25 46.44
CA ARG D 103 -35.43 20.47 45.76
C ARG D 103 -34.49 20.77 44.60
N GLU D 104 -33.22 20.34 44.71
CA GLU D 104 -32.30 20.46 43.59
C GLU D 104 -32.74 19.56 42.43
N SER D 105 -33.07 18.30 42.73
CA SER D 105 -33.54 17.36 41.72
C SER D 105 -34.85 17.81 41.08
N THR D 106 -35.80 18.33 41.87
CA THR D 106 -37.06 18.74 41.29
C THR D 106 -36.90 20.02 40.48
N PHE D 107 -35.90 20.84 40.78
CA PHE D 107 -35.62 22.00 39.95
C PHE D 107 -34.94 21.57 38.64
N GLU D 108 -34.10 20.53 38.71
CA GLU D 108 -33.48 20.01 37.50
C GLU D 108 -34.50 19.42 36.55
N SER D 109 -35.40 18.60 37.09
CA SER D 109 -36.48 18.05 36.29
C SER D 109 -37.46 19.13 35.85
N TRP D 110 -37.59 20.19 36.65
CA TRP D 110 -38.44 21.31 36.29
C TRP D 110 -37.85 22.09 35.13
N SER D 111 -36.52 22.22 35.10
CA SER D 111 -35.85 22.82 33.95
C SER D 111 -36.03 21.96 32.70
N THR D 112 -35.95 20.65 32.88
CA THR D 112 -36.12 19.73 31.75
C THR D 112 -37.54 19.82 31.19
N THR D 113 -38.55 19.83 32.06
CA THR D 113 -39.90 19.98 31.54
C THR D 113 -40.20 21.41 31.15
N MET D 114 -39.39 22.39 31.58
CA MET D 114 -39.53 23.73 31.03
C MET D 114 -39.11 23.76 29.58
N LYS D 115 -37.96 23.15 29.26
CA LYS D 115 -37.54 22.98 27.88
C LYS D 115 -38.55 22.15 27.09
N LEU D 116 -39.11 21.12 27.73
CA LEU D 116 -40.09 20.27 27.05
C LEU D 116 -41.40 21.01 26.79
N THR D 117 -41.83 21.85 27.74
CA THR D 117 -43.13 22.51 27.63
C THR D 117 -43.05 23.77 26.81
N VAL D 118 -41.85 24.32 26.62
CA VAL D 118 -41.74 25.34 25.58
C VAL D 118 -41.59 24.66 24.23
N ARG D 119 -40.99 23.47 24.20
CA ARG D 119 -40.64 22.85 22.93
C ARG D 119 -41.85 22.25 22.22
N ASP D 120 -42.73 21.56 22.96
CA ASP D 120 -43.89 20.97 22.32
C ASP D 120 -44.86 22.04 21.87
N LEU D 121 -44.93 23.15 22.62
CA LEU D 121 -45.72 24.31 22.22
C LEU D 121 -45.16 24.95 20.96
N LEU D 122 -43.84 25.21 20.95
CA LEU D 122 -43.24 25.94 19.86
C LEU D 122 -43.24 25.10 18.59
N THR D 123 -43.09 23.79 18.72
CA THR D 123 -43.03 22.95 17.53
C THR D 123 -44.39 22.87 16.85
N THR D 124 -45.48 22.79 17.62
CA THR D 124 -46.76 22.81 16.91
C THR D 124 -47.04 24.18 16.31
N ASN D 125 -46.85 25.26 17.06
CA ASN D 125 -47.29 26.57 16.59
C ASN D 125 -46.39 27.09 15.45
N ILE D 126 -45.09 26.88 15.55
CA ILE D 126 -44.18 27.48 14.59
C ILE D 126 -44.13 26.67 13.30
N TYR D 127 -44.22 25.35 13.39
CA TYR D 127 -44.32 24.58 12.16
C TYR D 127 -45.70 24.76 11.54
N ARG D 128 -46.72 25.05 12.35
CA ARG D 128 -48.05 25.30 11.82
C ARG D 128 -48.10 26.61 11.04
N VAL D 129 -47.48 27.66 11.58
CA VAL D 129 -47.45 28.92 10.85
C VAL D 129 -46.40 28.87 9.75
N LEU D 130 -45.45 27.94 9.87
CA LEU D 130 -44.28 27.94 9.01
C LEU D 130 -44.61 27.34 7.65
N HIS D 131 -45.24 26.17 7.64
CA HIS D 131 -45.51 25.48 6.39
C HIS D 131 -46.90 25.76 5.83
N SER D 132 -47.42 26.96 6.04
CA SER D 132 -48.61 27.39 5.32
C SER D 132 -48.26 27.72 3.87
N ARG D 133 -49.25 28.18 3.12
CA ARG D 133 -48.97 28.59 1.75
C ARG D 133 -48.24 29.93 1.76
N SER D 134 -47.01 29.90 1.27
CA SER D 134 -46.21 31.10 1.10
C SER D 134 -46.01 31.33 -0.39
N VAL D 135 -46.51 32.47 -0.88
CA VAL D 135 -46.38 32.77 -2.29
C VAL D 135 -44.93 33.17 -2.60
N LEU D 136 -44.20 33.65 -1.61
CA LEU D 136 -42.77 33.87 -1.74
C LEU D 136 -42.06 32.53 -1.66
N SER D 137 -41.13 32.30 -2.57
CA SER D 137 -40.30 31.11 -2.54
C SER D 137 -38.85 31.48 -2.70
N TYR D 138 -38.00 30.83 -1.91
CA TYR D 138 -36.56 30.91 -2.15
C TYR D 138 -36.18 30.23 -3.45
N GLU D 139 -36.88 29.15 -3.80
CA GLU D 139 -36.60 28.42 -5.04
C GLU D 139 -36.87 29.29 -6.26
N ARG D 140 -37.92 30.09 -6.21
CA ARG D 140 -38.15 31.06 -7.29
C ARG D 140 -37.22 32.26 -7.22
N TYR D 141 -36.42 32.39 -6.18
CA TYR D 141 -35.41 33.44 -6.15
C TYR D 141 -34.06 32.97 -6.69
N VAL D 142 -33.58 31.81 -6.22
CA VAL D 142 -32.20 31.40 -6.41
C VAL D 142 -31.89 31.14 -7.87
N ASP D 143 -32.90 30.74 -8.64
CA ASP D 143 -32.73 30.58 -10.07
C ASP D 143 -32.56 31.93 -10.76
N TRP D 144 -33.21 32.96 -10.24
CA TRP D 144 -33.21 34.23 -10.95
C TRP D 144 -31.90 34.99 -10.76
N ILE D 145 -31.31 34.92 -9.57
CA ILE D 145 -30.05 35.62 -9.34
C ILE D 145 -28.92 34.98 -10.12
N CYS D 146 -28.88 33.65 -10.17
CA CYS D 146 -27.78 33.00 -10.86
C CYS D 146 -27.93 33.06 -12.36
N ALA D 147 -29.10 33.46 -12.87
CA ALA D 147 -29.29 33.51 -14.31
C ALA D 147 -28.86 34.86 -14.88
N THR D 148 -29.24 35.95 -14.22
CA THR D 148 -28.97 37.25 -14.81
C THR D 148 -28.50 38.27 -13.78
N GLY D 149 -28.51 37.90 -12.50
CA GLY D 149 -28.20 38.85 -11.46
C GLY D 149 -29.27 39.87 -11.22
N MET D 150 -30.51 39.56 -11.57
CA MET D 150 -31.63 40.47 -11.46
C MET D 150 -32.81 39.74 -10.83
N VAL D 151 -33.60 40.47 -10.06
CA VAL D 151 -34.76 39.92 -9.37
C VAL D 151 -35.95 40.81 -9.66
N PRO D 152 -37.09 40.26 -10.05
CA PRO D 152 -38.31 41.05 -10.10
C PRO D 152 -39.01 41.12 -8.75
N ALA D 153 -39.06 42.32 -8.16
CA ALA D 153 -39.68 42.52 -6.86
C ALA D 153 -41.13 42.95 -7.05
N VAL D 154 -42.06 42.05 -6.80
CA VAL D 154 -43.48 42.29 -7.01
C VAL D 154 -44.17 42.28 -5.67
N LYS D 155 -45.10 43.22 -5.47
CA LYS D 155 -45.86 43.34 -4.22
C LYS D 155 -47.31 42.98 -4.52
N LYS D 156 -47.71 41.75 -4.18
CA LYS D 156 -49.10 41.35 -4.35
C LYS D 156 -49.86 41.64 -3.08
N PRO D 157 -50.85 42.55 -3.12
CA PRO D 157 -51.47 43.02 -1.87
C PRO D 157 -52.47 42.06 -1.25
N ILE D 158 -52.68 40.87 -1.83
CA ILE D 158 -53.60 39.91 -1.21
C ILE D 158 -52.92 39.28 0.01
N THR D 159 -53.37 39.68 1.21
CA THR D 159 -52.74 39.31 2.48
C THR D 159 -53.80 38.85 3.50
N GLN D 160 -54.71 37.98 3.06
CA GLN D 160 -55.89 37.64 3.88
C GLN D 160 -55.86 36.25 4.48
N GLU D 161 -54.79 35.47 4.31
CA GLU D 161 -54.88 34.05 4.62
C GLU D 161 -54.42 33.71 6.03
N LEU D 162 -53.74 34.63 6.72
CA LEU D 162 -53.21 34.31 8.04
C LEU D 162 -54.31 34.23 9.09
N HIS D 163 -55.30 35.14 9.01
CA HIS D 163 -56.42 35.13 9.94
C HIS D 163 -57.32 33.92 9.69
N SER D 164 -57.32 33.40 8.47
CA SER D 164 -58.09 32.20 8.16
C SER D 164 -57.36 30.95 8.63
N LYS D 165 -56.04 30.91 8.45
CA LYS D 165 -55.31 29.69 8.77
C LYS D 165 -55.14 29.52 10.28
N ILE D 166 -55.13 30.63 11.03
CA ILE D 166 -55.00 30.56 12.48
C ILE D 166 -55.71 31.76 13.09
N LYS D 167 -56.41 31.53 14.19
CA LYS D 167 -57.05 32.60 14.95
C LYS D 167 -56.50 32.70 16.37
N SER D 168 -56.56 31.60 17.11
CA SER D 168 -56.04 31.46 18.47
C SER D 168 -56.08 29.99 18.82
N LEU D 169 -55.85 29.67 20.09
CA LEU D 169 -56.11 28.38 20.74
C LEU D 169 -55.26 27.22 20.24
N ARG D 170 -54.43 27.41 19.21
CA ARG D 170 -53.45 26.39 18.86
C ARG D 170 -52.29 26.44 19.85
N ASP D 171 -52.10 27.60 20.48
CA ASP D 171 -51.22 27.77 21.60
C ASP D 171 -51.89 27.44 22.94
N ARG D 172 -53.22 27.43 23.00
CA ARG D 172 -53.92 27.32 24.27
C ARG D 172 -54.39 25.91 24.60
N CYS D 173 -55.02 25.20 23.65
CA CYS D 173 -55.68 23.94 23.98
C CYS D 173 -54.69 22.84 24.34
N VAL D 174 -53.47 22.94 23.82
CA VAL D 174 -52.40 22.03 24.22
C VAL D 174 -51.92 22.33 25.64
N CYS D 175 -51.98 23.59 26.08
CA CYS D 175 -51.51 23.93 27.41
C CYS D 175 -52.62 24.07 28.44
N ARG D 176 -53.88 23.79 28.06
CA ARG D 176 -54.99 23.83 29.00
C ARG D 176 -54.92 22.60 29.91
N GLU D 177 -54.22 22.74 31.04
CA GLU D 177 -53.88 21.60 31.90
C GLU D 177 -54.07 22.02 33.35
N LEU D 178 -53.51 21.20 34.26
CA LEU D 178 -53.50 21.54 35.68
C LEU D 178 -52.57 22.72 35.95
N GLY D 179 -51.28 22.54 35.68
CA GLY D 179 -50.30 23.56 36.00
C GLY D 179 -50.37 24.74 35.06
N HIS D 180 -50.93 25.85 35.55
CA HIS D 180 -51.06 27.07 34.76
C HIS D 180 -49.71 27.77 34.72
N GLU D 181 -48.86 27.35 33.79
CA GLU D 181 -47.52 27.89 33.65
C GLU D 181 -47.61 29.27 32.98
N ARG D 182 -47.45 30.32 33.79
CA ARG D 182 -47.59 31.68 33.30
C ARG D 182 -46.46 32.08 32.36
N THR D 183 -45.35 31.33 32.34
CA THR D 183 -44.36 31.49 31.30
C THR D 183 -44.96 31.22 29.92
N ILE D 184 -45.81 30.19 29.82
CA ILE D 184 -46.45 29.89 28.55
C ILE D 184 -47.53 30.91 28.24
N ARG D 185 -48.35 31.27 29.24
CA ARG D 185 -49.40 32.26 29.05
C ARG D 185 -48.87 33.67 28.80
N SER D 186 -47.58 33.91 29.04
CA SER D 186 -46.97 35.18 28.70
C SER D 186 -46.22 35.13 27.37
N ILE D 187 -45.56 34.00 27.07
CA ILE D 187 -44.63 33.97 25.95
C ILE D 187 -45.25 33.38 24.69
N GLY D 188 -46.15 32.40 24.82
CA GLY D 188 -46.84 31.85 23.67
C GLY D 188 -47.69 32.89 22.96
N THR D 189 -48.32 33.80 23.71
CA THR D 189 -49.12 34.86 23.13
C THR D 189 -48.27 35.84 22.34
N GLU D 190 -47.14 36.27 22.89
CA GLU D 190 -46.33 37.24 22.17
C GLU D 190 -45.62 36.59 20.98
N LEU D 191 -45.22 35.31 21.07
CA LEU D 191 -44.67 34.65 19.89
C LEU D 191 -45.72 34.40 18.83
N TYR D 192 -46.97 34.16 19.23
CA TYR D 192 -48.05 34.02 18.28
C TYR D 192 -48.31 35.32 17.53
N GLU D 193 -48.40 36.43 18.25
CA GLU D 193 -48.64 37.70 17.57
C GLU D 193 -47.41 38.19 16.82
N ALA D 194 -46.21 37.74 17.19
CA ALA D 194 -45.02 38.13 16.44
C ALA D 194 -45.00 37.47 15.06
N THR D 195 -45.55 36.27 14.94
CA THR D 195 -45.59 35.58 13.66
C THR D 195 -46.51 36.29 12.67
N LYS D 196 -47.55 36.94 13.18
CA LYS D 196 -48.53 37.63 12.35
C LYS D 196 -47.94 38.82 11.62
N GLU D 197 -46.82 39.36 12.08
CA GLU D 197 -46.15 40.42 11.34
C GLU D 197 -45.09 39.89 10.38
N ILE D 198 -44.52 38.72 10.64
CA ILE D 198 -43.45 38.18 9.80
C ILE D 198 -44.01 37.44 8.60
N ILE D 199 -45.07 36.64 8.77
CA ILE D 199 -45.66 35.95 7.63
C ILE D 199 -46.36 36.94 6.71
N GLU D 200 -46.88 38.04 7.29
CA GLU D 200 -47.51 39.11 6.54
C GLU D 200 -46.52 39.79 5.59
N SER D 201 -45.31 40.02 6.10
CA SER D 201 -44.28 40.70 5.32
C SER D 201 -43.82 39.85 4.15
N LEU D 202 -43.72 38.54 4.35
CA LEU D 202 -43.24 37.69 3.26
C LEU D 202 -44.35 37.45 2.23
N ASN D 203 -45.60 37.28 2.69
CA ASN D 203 -46.65 36.98 1.72
C ASN D 203 -47.17 38.25 1.06
N SER D 204 -46.80 39.43 1.58
CA SER D 204 -47.08 40.66 0.86
C SER D 204 -46.21 40.75 -0.39
N THR D 205 -44.97 40.28 -0.29
CA THR D 205 -44.03 40.29 -1.40
C THR D 205 -44.33 39.14 -2.35
N PHE D 206 -43.74 39.22 -3.55
CA PHE D 206 -43.93 38.18 -4.54
C PHE D 206 -42.77 38.17 -5.52
N ILE D 207 -42.27 36.98 -5.80
CA ILE D 207 -41.26 36.73 -6.82
C ILE D 207 -41.88 35.82 -7.88
N PRO D 208 -41.90 36.21 -9.14
CA PRO D 208 -42.45 35.33 -10.17
C PRO D 208 -41.41 34.43 -10.82
N GLN D 209 -41.87 33.60 -11.74
CA GLN D 209 -41.01 32.82 -12.61
C GLN D 209 -40.60 33.70 -13.80
N PHE D 210 -40.14 33.07 -14.87
CA PHE D 210 -39.64 33.84 -16.01
C PHE D 210 -40.53 33.79 -17.24
N THR D 211 -41.29 32.72 -17.46
CA THR D 211 -41.83 32.44 -18.79
C THR D 211 -43.00 33.34 -19.20
N GLU D 212 -43.44 34.25 -18.34
CA GLU D 212 -44.52 35.16 -18.70
C GLU D 212 -44.23 36.61 -18.36
N VAL D 213 -43.26 36.88 -17.49
CA VAL D 213 -42.87 38.23 -17.18
C VAL D 213 -41.54 38.50 -17.86
N THR D 214 -41.15 39.77 -17.89
CA THR D 214 -39.97 40.14 -18.64
C THR D 214 -39.23 41.23 -17.88
N ILE D 215 -37.93 41.32 -18.13
CA ILE D 215 -37.10 42.39 -17.64
C ILE D 215 -36.58 43.13 -18.86
N GLU D 216 -36.50 44.45 -18.73
CA GLU D 216 -36.16 45.32 -19.84
C GLU D 216 -35.23 46.41 -19.32
N TYR D 217 -34.22 46.72 -20.13
CA TYR D 217 -33.22 47.71 -19.79
C TYR D 217 -33.18 48.79 -20.86
N LEU D 218 -33.11 50.05 -20.41
CA LEU D 218 -32.92 51.13 -21.36
C LEU D 218 -31.48 51.59 -21.31
N PRO D 219 -30.76 51.51 -22.43
CA PRO D 219 -29.36 51.95 -22.44
C PRO D 219 -29.23 53.46 -22.28
N ARG D 220 -30.14 54.21 -22.91
CA ARG D 220 -30.16 55.66 -22.78
C ARG D 220 -30.60 56.03 -21.37
N SER D 221 -29.69 56.63 -20.59
CA SER D 221 -29.92 57.03 -19.20
C SER D 221 -30.36 55.83 -18.35
N ASP D 222 -29.39 54.97 -18.05
CA ASP D 222 -29.61 53.58 -17.69
C ASP D 222 -30.40 53.38 -16.39
N GLU D 223 -31.54 52.71 -16.52
CA GLU D 223 -32.29 52.12 -15.42
C GLU D 223 -32.82 50.78 -15.91
N TYR D 224 -33.47 50.04 -15.03
CA TYR D 224 -34.00 48.72 -15.38
C TYR D 224 -35.48 48.71 -15.08
N VAL D 225 -36.27 48.16 -16.00
CA VAL D 225 -37.73 48.21 -15.92
C VAL D 225 -38.27 46.79 -16.05
N ALA D 226 -39.06 46.36 -15.08
CA ALA D 226 -39.73 45.06 -15.09
C ALA D 226 -41.20 45.23 -15.43
N TYR D 227 -41.82 44.13 -15.84
CA TYR D 227 -43.20 44.17 -16.29
C TYR D 227 -43.92 42.87 -15.99
N TYR D 228 -45.05 42.97 -15.29
CA TYR D 228 -46.10 41.96 -15.31
C TYR D 228 -47.42 42.69 -15.38
N CYS D 229 -48.24 42.33 -16.38
CA CYS D 229 -49.52 42.96 -16.67
C CYS D 229 -49.38 44.48 -16.85
N GLY D 230 -48.39 44.87 -17.65
CA GLY D 230 -48.31 46.21 -18.19
C GLY D 230 -47.83 47.30 -17.25
N ARG D 231 -47.34 46.95 -16.07
CA ARG D 231 -46.94 47.97 -15.11
C ARG D 231 -45.46 47.81 -14.74
N ARG D 232 -44.77 48.94 -14.60
CA ARG D 232 -43.38 48.95 -14.19
C ARG D 232 -43.30 48.56 -12.72
N ILE D 233 -42.80 47.36 -12.46
CA ILE D 233 -42.75 46.84 -11.11
C ILE D 233 -41.31 46.80 -10.62
N ARG D 234 -41.16 46.78 -9.30
CA ARG D 234 -39.89 47.02 -8.64
C ARG D 234 -38.93 45.86 -8.87
N LEU D 235 -37.66 46.12 -8.58
CA LEU D 235 -36.57 45.23 -8.91
C LEU D 235 -35.34 45.67 -8.15
N HIS D 236 -34.32 44.82 -8.17
CA HIS D 236 -33.05 45.15 -7.54
C HIS D 236 -31.91 44.57 -8.36
N VAL D 237 -30.94 45.39 -8.69
CA VAL D 237 -29.74 44.90 -9.36
C VAL D 237 -28.83 44.26 -8.33
N LEU D 238 -28.22 43.15 -8.71
CA LEU D 238 -27.16 42.54 -7.91
C LEU D 238 -25.86 42.44 -8.69
N PHE D 239 -25.91 41.92 -9.91
CA PHE D 239 -24.72 41.78 -10.75
C PHE D 239 -25.04 42.48 -12.06
N PRO D 240 -24.44 43.63 -12.31
CA PRO D 240 -24.82 44.44 -13.45
C PRO D 240 -24.29 43.85 -14.75
N PRO D 241 -25.16 43.65 -15.73
CA PRO D 241 -24.75 42.96 -16.94
C PRO D 241 -23.84 43.81 -17.81
N ALA D 242 -23.10 43.13 -18.69
CA ALA D 242 -22.30 43.81 -19.70
C ALA D 242 -23.16 43.93 -20.94
N ILE D 243 -23.47 45.17 -21.30
CA ILE D 243 -24.29 45.48 -22.46
C ILE D 243 -23.35 46.05 -23.51
N PHE D 244 -23.00 45.24 -24.50
CA PHE D 244 -22.29 45.82 -25.62
C PHE D 244 -23.27 46.31 -26.67
N ALA D 245 -22.72 46.87 -27.74
CA ALA D 245 -23.55 47.47 -28.79
C ALA D 245 -24.28 46.44 -29.63
N GLY D 246 -23.86 45.17 -29.59
CA GLY D 246 -24.56 44.16 -30.34
C GLY D 246 -25.32 43.20 -29.46
N THR D 247 -24.79 42.92 -28.27
CA THR D 247 -25.40 41.93 -27.40
C THR D 247 -25.26 42.35 -25.95
N VAL D 248 -26.02 41.66 -25.10
CA VAL D 248 -25.99 41.84 -23.66
C VAL D 248 -25.49 40.55 -23.03
N THR D 249 -24.46 40.67 -22.19
CA THR D 249 -23.94 39.53 -21.45
C THR D 249 -24.15 39.79 -19.97
N PHE D 250 -24.71 38.82 -19.27
CA PHE D 250 -24.96 38.95 -17.85
C PHE D 250 -23.82 38.31 -17.06
N ASP D 251 -23.27 39.05 -16.11
CA ASP D 251 -22.25 38.51 -15.23
C ASP D 251 -22.90 37.55 -14.24
N SER D 252 -23.04 36.30 -14.67
CA SER D 252 -23.82 35.32 -13.94
C SER D 252 -23.01 34.06 -13.75
N PRO D 253 -23.34 33.26 -12.74
CA PRO D 253 -22.70 31.94 -12.61
C PRO D 253 -22.96 31.03 -13.79
N VAL D 254 -24.17 31.08 -14.34
CA VAL D 254 -24.49 30.17 -15.44
C VAL D 254 -23.87 30.65 -16.74
N GLN D 255 -23.98 31.95 -17.06
CA GLN D 255 -23.52 32.42 -18.35
C GLN D 255 -22.01 32.54 -18.41
N ARG D 256 -21.32 32.40 -17.28
CA ARG D 256 -19.89 32.17 -17.31
C ARG D 256 -19.53 30.77 -17.79
N LEU D 257 -20.51 29.88 -17.96
CA LEU D 257 -20.27 28.56 -18.53
C LEU D 257 -20.97 28.35 -19.85
N TYR D 258 -21.60 29.40 -20.39
CA TYR D 258 -22.72 29.27 -21.33
C TYR D 258 -22.33 28.55 -22.62
N GLN D 259 -21.35 29.09 -23.33
CA GLN D 259 -21.01 28.46 -24.59
C GLN D 259 -20.20 27.19 -24.42
N ASN D 260 -19.67 26.92 -23.23
CA ASN D 260 -19.06 25.60 -23.03
C ASN D 260 -20.12 24.52 -22.91
N ILE D 261 -21.24 24.82 -22.23
CA ILE D 261 -22.33 23.87 -22.17
C ILE D 261 -22.98 23.72 -23.54
N PHE D 262 -23.10 24.83 -24.28
CA PHE D 262 -23.62 24.73 -25.65
C PHE D 262 -22.66 23.97 -26.55
N MET D 263 -21.35 24.06 -26.29
CA MET D 263 -20.39 23.28 -27.06
C MET D 263 -20.54 21.80 -26.76
N CYS D 264 -20.78 21.46 -25.49
CA CYS D 264 -21.00 20.06 -25.14
C CYS D 264 -22.29 19.53 -25.71
N TYR D 265 -23.34 20.36 -25.75
CA TYR D 265 -24.59 19.96 -26.38
C TYR D 265 -24.39 19.74 -27.87
N ARG D 266 -23.64 20.62 -28.52
CA ARG D 266 -23.38 20.51 -29.95
C ARG D 266 -22.59 19.26 -30.27
N THR D 267 -21.56 18.96 -29.47
CA THR D 267 -20.79 17.75 -29.78
C THR D 267 -21.53 16.49 -29.38
N LEU D 268 -22.46 16.55 -28.43
CA LEU D 268 -23.23 15.36 -28.12
C LEU D 268 -24.24 15.06 -29.23
N GLU D 269 -24.92 16.08 -29.74
CA GLU D 269 -25.85 15.83 -30.84
C GLU D 269 -25.10 15.49 -32.12
N HIS D 270 -23.89 16.03 -32.28
CA HIS D 270 -23.06 15.65 -33.43
C HIS D 270 -22.57 14.21 -33.29
N ALA D 271 -22.30 13.79 -32.06
CA ALA D 271 -21.90 12.40 -31.80
C ALA D 271 -23.03 11.44 -32.14
N LYS D 272 -24.25 11.80 -31.75
CA LYS D 272 -25.40 10.98 -32.10
C LYS D 272 -25.65 11.01 -33.61
N ILE D 273 -25.35 12.14 -34.26
CA ILE D 273 -25.50 12.23 -35.71
C ILE D 273 -24.55 11.27 -36.41
N CYS D 274 -23.28 11.26 -36.00
CA CYS D 274 -22.33 10.33 -36.61
C CYS D 274 -22.63 8.88 -36.25
N GLN D 275 -23.12 8.64 -35.03
CA GLN D 275 -23.50 7.28 -34.63
C GLN D 275 -24.67 6.77 -35.46
N LEU D 276 -25.68 7.60 -35.64
CA LEU D 276 -26.84 7.25 -36.46
C LEU D 276 -26.53 7.22 -37.94
N LEU D 277 -25.48 7.88 -38.38
CA LEU D 277 -25.15 7.84 -39.80
C LEU D 277 -24.19 6.71 -40.12
N ASN D 278 -23.47 6.20 -39.13
CA ASN D 278 -22.54 5.10 -39.36
C ASN D 278 -23.14 3.75 -38.99
N THR D 279 -24.47 3.62 -38.96
CA THR D 279 -25.08 2.34 -38.61
C THR D 279 -24.97 1.31 -39.70
N ALA D 280 -24.74 1.72 -40.93
CA ALA D 280 -24.62 0.76 -42.00
C ALA D 280 -23.33 -0.03 -41.82
N PRO D 281 -23.38 -1.35 -41.89
CA PRO D 281 -22.18 -2.15 -41.70
C PRO D 281 -21.28 -2.21 -42.93
N LEU D 282 -21.69 -1.55 -44.02
CA LEU D 282 -21.00 -1.67 -45.29
C LEU D 282 -21.33 -0.43 -46.11
N LYS D 283 -20.33 0.12 -46.77
CA LYS D 283 -20.40 1.46 -47.34
C LYS D 283 -20.30 1.35 -48.85
N ALA D 284 -21.42 1.56 -49.53
CA ALA D 284 -21.39 1.53 -50.98
C ALA D 284 -21.45 2.93 -51.57
N ILE D 285 -20.83 3.07 -52.74
CA ILE D 285 -20.88 4.31 -53.52
C ILE D 285 -21.38 3.97 -54.92
N VAL D 286 -22.26 4.79 -55.43
CA VAL D 286 -22.85 4.53 -56.74
C VAL D 286 -21.86 4.93 -57.83
N GLY D 287 -22.16 4.55 -59.06
CA GLY D 287 -21.31 4.89 -60.19
C GLY D 287 -22.05 5.63 -61.29
N ASP D 434 -41.70 -2.92 -29.61
CA ASP D 434 -41.79 -4.20 -30.30
C ASP D 434 -40.42 -4.59 -30.87
N ILE D 435 -39.68 -3.59 -31.31
CA ILE D 435 -38.32 -3.82 -31.79
C ILE D 435 -37.39 -4.08 -30.61
N LEU D 436 -37.73 -3.52 -29.45
CA LEU D 436 -36.86 -3.65 -28.28
C LEU D 436 -36.85 -5.07 -27.74
N THR D 437 -37.91 -5.82 -27.95
CA THR D 437 -38.00 -7.19 -27.43
C THR D 437 -38.89 -7.98 -28.38
N GLY D 438 -38.36 -9.07 -28.91
CA GLY D 438 -39.15 -9.93 -29.77
C GLY D 438 -38.36 -11.17 -30.09
N SER D 439 -39.01 -12.09 -30.81
CA SER D 439 -38.35 -13.29 -31.28
C SER D 439 -37.23 -12.93 -32.25
N THR D 440 -36.00 -13.21 -31.83
CA THR D 440 -34.83 -12.70 -32.53
C THR D 440 -34.69 -13.25 -33.93
N ALA D 441 -35.27 -14.42 -34.23
CA ALA D 441 -35.27 -14.93 -35.58
C ALA D 441 -36.14 -14.08 -36.50
N SER D 442 -37.31 -13.68 -36.01
CA SER D 442 -38.14 -12.74 -36.78
C SER D 442 -37.62 -11.32 -36.64
N ALA D 443 -36.92 -11.01 -35.56
CA ALA D 443 -36.35 -9.68 -35.40
C ALA D 443 -35.23 -9.43 -36.37
N ILE D 444 -34.47 -10.47 -36.73
CA ILE D 444 -33.55 -10.40 -37.86
C ILE D 444 -34.28 -10.03 -39.12
N GLU D 445 -35.42 -10.67 -39.39
CA GLU D 445 -36.13 -10.49 -40.65
C GLU D 445 -36.78 -9.11 -40.73
N LYS D 446 -37.18 -8.54 -39.59
CA LYS D 446 -37.92 -7.28 -39.62
C LYS D 446 -37.06 -6.08 -40.00
N LEU D 447 -35.73 -6.17 -39.90
CA LEU D 447 -34.91 -5.04 -40.29
C LEU D 447 -33.89 -5.34 -41.38
N PHE D 448 -33.71 -6.61 -41.75
CA PHE D 448 -32.78 -6.91 -42.84
C PHE D 448 -33.32 -6.44 -44.17
N ASN D 449 -34.62 -6.61 -44.39
CA ASN D 449 -35.25 -6.07 -45.58
C ASN D 449 -35.38 -4.56 -45.53
N SER D 450 -35.28 -3.98 -44.33
CA SER D 450 -35.44 -2.55 -44.17
C SER D 450 -34.28 -1.80 -44.80
N PRO D 451 -34.51 -0.57 -45.28
CA PRO D 451 -33.44 0.19 -45.93
C PRO D 451 -32.42 0.79 -44.97
N SER D 452 -32.46 0.44 -43.68
CA SER D 452 -31.44 0.92 -42.76
C SER D 452 -30.10 0.26 -43.02
N ALA D 453 -30.10 -0.95 -43.59
CA ALA D 453 -28.87 -1.69 -43.75
C ALA D 453 -27.99 -1.13 -44.85
N SER D 454 -28.55 -0.81 -45.99
CA SER D 454 -27.74 -0.37 -47.11
C SER D 454 -27.33 1.08 -46.93
N LEU D 455 -26.30 1.48 -47.68
CA LEU D 455 -25.89 2.87 -47.75
C LEU D 455 -25.19 3.08 -49.08
N GLY D 456 -25.90 3.72 -50.01
CA GLY D 456 -25.31 4.00 -51.30
C GLY D 456 -25.02 5.48 -51.46
N ALA D 457 -23.74 5.84 -51.38
CA ALA D 457 -23.39 7.24 -51.46
C ALA D 457 -23.33 7.71 -52.90
N ARG D 458 -23.74 8.94 -53.13
CA ARG D 458 -23.97 9.45 -54.47
C ARG D 458 -23.00 10.58 -54.80
N VAL D 459 -22.57 10.60 -56.06
CA VAL D 459 -21.97 11.78 -56.67
C VAL D 459 -23.07 12.47 -57.48
N SER D 460 -23.07 13.80 -57.48
CA SER D 460 -24.12 14.56 -58.13
C SER D 460 -24.07 14.41 -59.65
N GLY D 461 -22.92 14.68 -60.25
CA GLY D 461 -22.80 14.61 -61.70
C GLY D 461 -22.59 13.18 -62.17
N HIS D 462 -23.37 12.79 -63.18
CA HIS D 462 -23.21 11.47 -63.78
C HIS D 462 -21.99 11.37 -64.65
N ASN D 463 -21.60 12.48 -65.29
CA ASN D 463 -20.30 12.52 -65.95
C ASN D 463 -19.17 12.60 -64.94
N GLU D 464 -19.45 13.13 -63.76
CA GLU D 464 -18.44 13.27 -62.73
C GLU D 464 -18.08 11.91 -62.15
N SER D 465 -16.80 11.55 -62.22
CA SER D 465 -16.34 10.23 -61.83
C SER D 465 -15.51 10.30 -60.56
N ILE D 466 -15.31 9.15 -59.94
CA ILE D 466 -14.61 9.04 -58.66
C ILE D 466 -13.33 8.25 -58.88
N LEU D 467 -12.21 8.84 -58.46
CA LEU D 467 -10.92 8.20 -58.61
C LEU D 467 -10.54 7.34 -57.44
N ASN D 468 -10.94 7.70 -56.22
CA ASN D 468 -10.54 6.94 -55.06
C ASN D 468 -11.59 7.10 -53.98
N SER D 469 -11.62 6.12 -53.08
CA SER D 469 -12.73 5.96 -52.16
C SER D 469 -12.20 5.45 -50.84
N PHE D 470 -12.76 5.97 -49.76
CA PHE D 470 -12.19 5.73 -48.44
C PHE D 470 -13.26 5.29 -47.46
N VAL D 471 -12.84 4.91 -46.26
CA VAL D 471 -13.77 4.69 -45.16
C VAL D 471 -13.09 5.12 -43.86
N SER D 472 -13.85 5.76 -42.99
CA SER D 472 -13.37 6.12 -41.67
C SER D 472 -14.58 6.33 -40.78
N GLN D 473 -14.86 5.37 -39.91
CA GLN D 473 -15.78 5.69 -38.85
C GLN D 473 -15.07 6.57 -37.82
N TYR D 474 -15.83 7.48 -37.23
CA TYR D 474 -15.25 8.36 -36.23
C TYR D 474 -16.30 8.73 -35.21
N ILE D 475 -15.98 8.51 -33.95
CA ILE D 475 -16.82 8.97 -32.85
C ILE D 475 -16.05 10.07 -32.12
N PRO D 476 -16.63 11.25 -31.93
CA PRO D 476 -15.99 12.26 -31.10
C PRO D 476 -16.00 11.84 -29.65
N PRO D 477 -15.06 12.33 -28.85
CA PRO D 477 -15.02 11.93 -27.44
C PRO D 477 -16.18 12.52 -26.64
N SER D 478 -17.35 11.89 -26.78
CA SER D 478 -18.59 12.47 -26.29
C SER D 478 -18.66 12.44 -24.77
N ARG D 479 -18.56 11.23 -24.20
CA ARG D 479 -18.60 11.09 -22.75
C ARG D 479 -17.39 11.75 -22.09
N GLU D 480 -16.27 11.85 -22.79
CA GLU D 480 -15.16 12.65 -22.31
C GLU D 480 -15.54 14.12 -22.22
N MET D 481 -16.30 14.62 -23.21
CA MET D 481 -16.71 16.01 -23.16
C MET D 481 -17.79 16.24 -22.11
N THR D 482 -18.56 15.21 -21.78
CA THR D 482 -19.50 15.38 -20.67
C THR D 482 -18.75 15.37 -19.34
N LYS D 483 -17.74 14.51 -19.21
CA LYS D 483 -17.14 14.22 -17.90
C LYS D 483 -16.38 15.41 -17.36
N ASP D 484 -15.63 16.12 -18.19
CA ASP D 484 -14.94 17.28 -17.68
C ASP D 484 -15.89 18.44 -17.45
N LEU D 485 -17.02 18.48 -18.16
CA LEU D 485 -17.96 19.55 -17.92
C LEU D 485 -18.75 19.33 -16.64
N THR D 486 -18.85 18.09 -16.18
CA THR D 486 -19.33 17.81 -14.82
C THR D 486 -18.51 18.56 -13.78
N GLU D 487 -17.19 18.39 -13.81
CA GLU D 487 -16.37 19.05 -12.80
C GLU D 487 -16.16 20.53 -13.12
N LEU D 488 -16.42 20.95 -14.37
CA LEU D 488 -16.57 22.37 -14.69
C LEU D 488 -17.68 22.99 -13.87
N TRP D 489 -18.86 22.36 -13.89
CA TRP D 489 -19.97 22.83 -13.08
C TRP D 489 -19.66 22.73 -11.60
N GLU D 490 -18.98 21.64 -11.20
CA GLU D 490 -18.68 21.42 -9.79
C GLU D 490 -17.77 22.51 -9.24
N SER D 491 -16.75 22.90 -10.01
CA SER D 491 -15.82 23.93 -9.58
C SER D 491 -16.50 25.29 -9.51
N GLU D 492 -17.36 25.59 -10.47
CA GLU D 492 -18.01 26.90 -10.51
C GLU D 492 -19.04 27.05 -9.39
N LEU D 493 -19.81 26.01 -9.11
CA LEU D 493 -20.77 26.09 -8.02
C LEU D 493 -20.18 25.70 -6.68
N PHE D 494 -18.89 25.34 -6.62
CA PHE D 494 -18.16 25.42 -5.37
C PHE D 494 -17.52 26.78 -5.16
N ASN D 495 -17.24 27.52 -6.23
CA ASN D 495 -16.49 28.76 -6.10
C ASN D 495 -17.36 29.99 -5.97
N THR D 496 -18.22 30.30 -6.96
CA THR D 496 -18.95 31.57 -6.87
C THR D 496 -20.12 31.45 -5.90
N PHE D 497 -20.57 30.24 -5.64
CA PHE D 497 -21.42 29.94 -4.51
C PHE D 497 -20.59 29.05 -3.60
N LYS D 498 -20.31 29.51 -2.39
CA LYS D 498 -19.35 28.83 -1.53
C LYS D 498 -19.99 27.56 -0.97
N LEU D 499 -19.66 26.43 -1.57
CA LEU D 499 -20.22 25.16 -1.16
C LEU D 499 -19.10 24.24 -0.68
N THR D 500 -19.13 23.91 0.61
CA THR D 500 -18.11 23.06 1.19
C THR D 500 -18.64 21.65 1.32
N PRO D 501 -18.18 20.70 0.53
CA PRO D 501 -18.70 19.33 0.65
C PRO D 501 -18.23 18.60 1.90
N VAL D 502 -19.16 18.38 2.82
CA VAL D 502 -18.88 17.58 4.02
C VAL D 502 -18.74 16.13 3.57
N VAL D 503 -17.51 15.62 3.58
CA VAL D 503 -17.22 14.32 2.99
C VAL D 503 -16.57 13.38 4.00
N ASP D 504 -16.54 12.10 3.68
CA ASP D 504 -15.83 11.07 4.42
C ASP D 504 -14.50 10.81 3.72
N ASN D 505 -13.72 9.87 4.27
CA ASN D 505 -12.45 9.49 3.67
C ASN D 505 -12.69 8.82 2.32
N GLN D 506 -12.19 9.46 1.26
CA GLN D 506 -12.46 9.13 -0.13
C GLN D 506 -13.96 9.07 -0.42
N GLY D 507 -14.69 10.01 0.16
CA GLY D 507 -16.11 10.14 -0.09
C GLY D 507 -16.31 10.98 -1.34
N GLN D 508 -17.28 10.57 -2.15
CA GLN D 508 -17.58 11.27 -3.39
C GLN D 508 -18.73 12.25 -3.14
N ARG D 509 -18.41 13.30 -2.39
CA ARG D 509 -19.24 14.51 -2.24
C ARG D 509 -20.62 14.18 -1.69
N LEU D 510 -20.63 13.69 -0.46
CA LEU D 510 -21.85 13.10 0.09
C LEU D 510 -22.78 14.11 0.74
N TYR D 511 -22.26 15.16 1.37
CA TYR D 511 -23.12 16.11 2.07
C TYR D 511 -22.72 17.51 1.65
N VAL D 512 -23.45 18.05 0.67
CA VAL D 512 -23.15 19.36 0.11
C VAL D 512 -24.00 20.39 0.84
N ARG D 513 -23.33 21.36 1.44
CA ARG D 513 -23.93 22.22 2.45
C ARG D 513 -23.52 23.67 2.23
N TYR D 514 -24.41 24.58 2.61
CA TYR D 514 -24.12 26.00 2.59
C TYR D 514 -22.97 26.32 3.54
N SER D 515 -22.31 27.43 3.27
CA SER D 515 -21.15 27.89 4.01
C SER D 515 -21.53 29.04 4.93
N SER D 516 -20.52 29.57 5.61
CA SER D 516 -20.72 30.78 6.40
C SER D 516 -20.98 31.97 5.49
N ASP D 517 -20.31 32.03 4.35
CA ASP D 517 -20.42 33.22 3.52
C ASP D 517 -21.40 33.06 2.36
N THR D 518 -21.73 31.84 1.97
CA THR D 518 -22.65 31.74 0.83
C THR D 518 -24.07 32.02 1.25
N ILE D 519 -24.39 31.91 2.55
CA ILE D 519 -25.67 32.41 3.01
C ILE D 519 -25.68 33.93 2.99
N SER D 520 -24.53 34.55 3.25
CA SER D 520 -24.40 36.00 3.13
C SER D 520 -24.47 36.47 1.69
N ILE D 521 -24.15 35.61 0.73
CA ILE D 521 -24.22 36.03 -0.68
C ILE D 521 -25.49 35.54 -1.38
N LEU D 522 -26.24 34.62 -0.78
CA LEU D 522 -27.54 34.25 -1.35
C LEU D 522 -28.70 34.73 -0.51
N LEU D 523 -28.81 34.28 0.73
CA LEU D 523 -29.96 34.64 1.54
C LEU D 523 -29.74 35.99 2.21
N GLY D 524 -28.49 36.41 2.32
CA GLY D 524 -28.11 37.74 2.71
C GLY D 524 -28.80 38.83 1.91
N PRO D 525 -28.58 38.87 0.59
CA PRO D 525 -29.33 39.82 -0.23
C PRO D 525 -30.81 39.48 -0.34
N PHE D 526 -31.17 38.20 -0.29
CA PHE D 526 -32.57 37.80 -0.47
C PHE D 526 -33.47 38.28 0.64
N THR D 527 -33.14 37.94 1.87
CA THR D 527 -33.97 38.31 3.01
C THR D 527 -33.88 39.79 3.37
N TYR D 528 -32.94 40.54 2.79
CA TYR D 528 -32.74 41.92 3.21
C TYR D 528 -32.95 42.96 2.11
N LEU D 529 -32.97 42.58 0.83
CA LEU D 529 -33.08 43.56 -0.23
C LEU D 529 -34.32 43.34 -1.10
N VAL D 530 -34.52 42.14 -1.62
CA VAL D 530 -35.71 41.87 -2.41
C VAL D 530 -36.90 41.55 -1.51
N ALA D 531 -36.63 40.99 -0.34
CA ALA D 531 -37.64 40.87 0.70
C ALA D 531 -37.32 41.89 1.78
N GLU D 532 -38.36 42.55 2.27
CA GLU D 532 -38.19 43.62 3.25
C GLU D 532 -38.33 43.11 4.68
N LEU D 533 -37.87 41.88 4.91
CA LEU D 533 -37.83 41.30 6.24
C LEU D 533 -36.75 42.03 7.03
N SER D 534 -37.14 43.12 7.70
CA SER D 534 -36.16 43.94 8.42
C SER D 534 -35.56 43.23 9.63
N PRO D 535 -36.33 42.80 10.65
CA PRO D 535 -35.66 42.38 11.89
C PRO D 535 -35.16 40.96 11.88
N VAL D 536 -35.06 40.31 10.71
CA VAL D 536 -34.62 38.92 10.68
C VAL D 536 -33.10 38.85 10.67
N GLU D 537 -32.58 37.69 11.04
CA GLU D 537 -31.16 37.49 11.23
C GLU D 537 -30.64 36.42 10.26
N LEU D 538 -29.33 36.26 10.25
CA LEU D 538 -28.72 35.14 9.53
C LEU D 538 -28.43 34.03 10.53
N VAL D 539 -27.71 33.01 10.10
CA VAL D 539 -27.43 31.87 10.95
C VAL D 539 -25.94 31.57 10.98
N THR D 540 -25.59 30.49 11.67
CA THR D 540 -24.22 30.00 11.71
C THR D 540 -24.06 28.83 10.75
N ASP D 541 -22.88 28.22 10.80
CA ASP D 541 -22.68 26.96 10.12
C ASP D 541 -23.47 25.85 10.81
N VAL D 542 -23.32 25.70 12.13
CA VAL D 542 -24.01 24.63 12.85
C VAL D 542 -25.47 24.96 13.13
N TYR D 543 -25.89 26.22 12.95
CA TYR D 543 -27.31 26.52 12.97
C TYR D 543 -28.02 25.96 11.76
N ALA D 544 -27.38 26.01 10.59
CA ALA D 544 -27.99 25.50 9.37
C ALA D 544 -27.70 24.02 9.15
N THR D 545 -26.61 23.50 9.72
CA THR D 545 -26.27 22.09 9.56
C THR D 545 -27.14 21.17 10.40
N LEU D 546 -27.37 21.50 11.66
CA LEU D 546 -27.93 20.58 12.61
C LEU D 546 -29.44 20.42 12.35
N GLY D 547 -30.06 19.52 13.10
CA GLY D 547 -31.48 19.26 12.90
C GLY D 547 -32.33 20.41 13.40
N ILE D 548 -33.49 20.60 12.76
CA ILE D 548 -34.36 21.73 13.05
C ILE D 548 -34.99 21.60 14.44
N VAL D 549 -35.05 20.38 14.97
CA VAL D 549 -35.36 20.19 16.39
C VAL D 549 -34.12 20.16 17.25
N GLU D 550 -32.97 19.77 16.69
CA GLU D 550 -31.73 19.82 17.44
C GLU D 550 -31.14 21.21 17.53
N ILE D 551 -31.64 22.18 16.78
CA ILE D 551 -31.19 23.54 16.98
C ILE D 551 -32.06 24.24 18.03
N ILE D 552 -33.21 23.66 18.35
CA ILE D 552 -34.10 24.23 19.36
C ILE D 552 -33.44 24.20 20.73
N ASP D 553 -32.99 23.01 21.14
CA ASP D 553 -32.31 22.90 22.41
C ASP D 553 -30.92 23.52 22.39
N GLU D 554 -30.33 23.67 21.21
CA GLU D 554 -29.02 24.33 21.15
C GLU D 554 -29.14 25.83 21.26
N LEU D 555 -30.20 26.41 20.70
CA LEU D 555 -30.54 27.80 20.99
C LEU D 555 -30.92 27.96 22.45
N TYR D 556 -31.60 26.96 23.02
CA TYR D 556 -31.89 26.94 24.44
C TYR D 556 -30.62 26.94 25.27
N ARG D 557 -29.56 26.29 24.79
CA ARG D 557 -28.28 26.28 25.49
C ARG D 557 -27.64 27.66 25.58
N SER D 558 -28.04 28.59 24.71
CA SER D 558 -27.65 29.99 24.83
C SER D 558 -28.85 30.93 24.80
N SER D 559 -29.90 30.58 25.54
CA SER D 559 -31.11 31.39 25.57
C SER D 559 -31.26 32.08 26.90
N ARG D 560 -31.90 33.28 26.86
CA ARG D 560 -32.04 34.15 28.03
C ARG D 560 -32.83 33.49 29.16
N LEU D 561 -33.91 32.78 28.81
CA LEU D 561 -34.65 31.99 29.79
C LEU D 561 -33.77 30.94 30.44
N ALA D 562 -33.01 30.20 29.65
CA ALA D 562 -32.23 29.12 30.25
C ALA D 562 -30.98 29.62 30.94
N ILE D 563 -30.49 30.82 30.60
CA ILE D 563 -29.44 31.37 31.45
C ILE D 563 -30.01 31.85 32.77
N TYR D 564 -31.24 32.39 32.75
CA TYR D 564 -31.94 32.66 34.01
C TYR D 564 -32.22 31.39 34.80
N ILE D 565 -32.44 30.28 34.11
CA ILE D 565 -32.60 29.00 34.78
C ILE D 565 -31.27 28.51 35.32
N GLU D 566 -30.18 28.74 34.57
CA GLU D 566 -28.87 28.40 35.09
C GLU D 566 -28.39 29.43 36.11
N ASP D 567 -28.93 30.65 36.07
CA ASP D 567 -28.83 31.55 37.22
C ASP D 567 -29.50 30.93 38.44
N LEU D 568 -30.69 30.38 38.24
CA LEU D 568 -31.34 29.58 39.26
C LEU D 568 -30.67 28.22 39.45
N GLY D 569 -29.74 27.85 38.56
CA GLY D 569 -28.95 26.63 38.67
C GLY D 569 -28.16 26.53 39.95
N ARG D 570 -27.79 27.65 40.54
CA ARG D 570 -27.36 27.71 41.92
C ARG D 570 -28.51 28.43 42.63
N LYS D 571 -29.53 27.65 43.00
CA LYS D 571 -30.75 28.09 43.69
C LYS D 571 -31.50 29.22 42.95
N ALA E 18 1.14 -65.81 -12.65
CA ALA E 18 2.32 -65.16 -12.09
C ALA E 18 2.59 -63.83 -12.78
N ILE E 19 2.53 -62.72 -12.04
CA ILE E 19 2.76 -61.40 -12.62
C ILE E 19 3.93 -60.69 -11.93
N PRO E 20 4.95 -60.28 -12.68
CA PRO E 20 6.07 -59.56 -12.07
C PRO E 20 5.67 -58.16 -11.67
N VAL E 21 6.38 -57.62 -10.69
CA VAL E 21 6.08 -56.27 -10.21
C VAL E 21 7.23 -55.35 -10.55
N HIS E 22 8.44 -55.74 -10.15
CA HIS E 22 9.60 -54.86 -10.35
C HIS E 22 10.01 -54.73 -11.81
N PRO E 23 10.48 -55.79 -12.52
CA PRO E 23 11.27 -55.52 -13.73
C PRO E 23 10.45 -55.27 -14.98
N THR E 24 9.14 -55.01 -14.81
CA THR E 24 8.31 -54.61 -15.94
C THR E 24 8.75 -53.22 -16.42
N PRO E 25 8.60 -52.93 -17.71
CA PRO E 25 9.09 -51.63 -18.22
C PRO E 25 8.40 -50.42 -17.63
N ALA E 26 7.09 -50.48 -17.40
CA ALA E 26 6.40 -49.32 -16.80
C ALA E 26 6.80 -49.12 -15.34
N SER E 27 6.98 -50.19 -14.59
CA SER E 27 7.38 -50.03 -13.20
C SER E 27 8.83 -49.59 -13.06
N VAL E 28 9.72 -49.97 -13.98
CA VAL E 28 11.08 -49.47 -13.87
C VAL E 28 11.16 -48.04 -14.39
N ARG E 29 10.26 -47.66 -15.31
CA ARG E 29 10.08 -46.24 -15.61
C ARG E 29 9.62 -45.48 -14.37
N LEU E 30 8.81 -46.14 -13.54
CA LEU E 30 8.40 -45.50 -12.29
C LEU E 30 9.54 -45.43 -11.28
N PHE E 31 10.31 -46.51 -11.15
CA PHE E 31 11.47 -46.53 -10.25
C PHE E 31 12.57 -45.58 -10.69
N GLU E 32 12.61 -45.19 -11.96
CA GLU E 32 13.58 -44.22 -12.42
C GLU E 32 13.40 -42.85 -11.76
N ILE E 33 12.16 -42.43 -11.54
CA ILE E 33 11.87 -41.09 -11.04
C ILE E 33 12.27 -40.91 -9.58
N LEU E 34 12.63 -42.00 -8.89
CA LEU E 34 13.46 -41.90 -7.70
C LEU E 34 14.70 -41.08 -7.96
N GLN E 35 15.40 -41.37 -9.04
CA GLN E 35 16.49 -40.52 -9.50
C GLN E 35 15.90 -39.51 -10.48
N GLY E 36 16.76 -38.77 -11.18
CA GLY E 36 16.27 -37.72 -12.05
C GLY E 36 16.43 -37.93 -13.53
N LYS E 37 16.43 -39.16 -14.02
CA LYS E 37 16.96 -39.44 -15.36
C LYS E 37 16.02 -38.95 -16.47
N TYR E 38 14.70 -39.06 -16.30
CA TYR E 38 13.84 -38.76 -17.44
C TYR E 38 13.29 -37.34 -17.41
N ALA E 39 12.64 -36.97 -16.31
CA ALA E 39 12.18 -35.59 -16.16
C ALA E 39 12.47 -35.13 -14.75
N TYR E 40 12.71 -33.84 -14.59
CA TYR E 40 12.96 -33.30 -13.28
C TYR E 40 12.53 -31.85 -13.25
N VAL E 41 11.83 -31.49 -12.19
CA VAL E 41 11.14 -30.23 -11.99
C VAL E 41 11.47 -29.79 -10.56
N GLN E 42 11.33 -28.49 -10.27
CA GLN E 42 11.72 -27.92 -8.98
C GLN E 42 10.96 -28.52 -7.81
N GLY E 43 9.69 -28.90 -8.00
CA GLY E 43 8.93 -29.49 -6.92
C GLY E 43 9.43 -30.85 -6.49
N GLN E 44 10.20 -31.52 -7.35
CA GLN E 44 10.80 -32.80 -7.01
C GLN E 44 11.95 -32.68 -6.03
N THR E 45 12.42 -31.46 -5.76
CA THR E 45 13.50 -31.30 -4.79
C THR E 45 12.99 -31.51 -3.37
N ILE E 46 11.69 -31.29 -3.14
CA ILE E 46 11.06 -31.66 -1.88
C ILE E 46 11.14 -33.15 -1.63
N TYR E 47 11.04 -33.97 -2.68
CA TYR E 47 11.17 -35.41 -2.56
C TYR E 47 12.54 -35.82 -2.02
N ALA E 48 13.58 -35.08 -2.38
CA ALA E 48 14.87 -35.35 -1.77
C ALA E 48 14.94 -34.88 -0.32
N ASN E 49 14.09 -33.92 0.08
CA ASN E 49 14.25 -33.34 1.42
C ASN E 49 13.79 -34.30 2.49
N LEU E 50 12.67 -34.97 2.26
CA LEU E 50 12.30 -36.02 3.19
C LEU E 50 12.97 -37.35 2.86
N ARG E 51 13.69 -37.41 1.74
CA ARG E 51 14.58 -38.54 1.49
C ARG E 51 15.80 -38.50 2.39
N ASN E 52 16.06 -37.37 3.03
CA ASN E 52 17.20 -37.19 3.90
C ASN E 52 17.11 -38.11 5.10
N PRO E 53 18.10 -38.94 5.34
CA PRO E 53 18.16 -39.65 6.62
C PRO E 53 18.63 -38.73 7.72
N GLY E 54 18.82 -39.27 8.91
CA GLY E 54 19.21 -38.41 10.01
C GLY E 54 18.07 -38.28 11.00
N VAL E 55 16.84 -38.18 10.49
CA VAL E 55 15.68 -38.24 11.36
C VAL E 55 15.55 -39.62 11.98
N PHE E 56 16.07 -40.65 11.31
CA PHE E 56 16.15 -41.96 11.94
C PHE E 56 17.24 -41.98 13.00
N SER E 57 18.32 -41.22 12.81
CA SER E 57 19.31 -41.13 13.87
C SER E 57 18.78 -40.31 15.02
N ARG E 58 17.89 -39.33 14.74
CA ARG E 58 17.15 -38.64 15.79
C ARG E 58 16.30 -39.61 16.60
N GLN E 59 15.66 -40.56 15.93
CA GLN E 59 14.85 -41.59 16.56
C GLN E 59 15.66 -42.41 17.56
N VAL E 60 16.70 -43.10 17.06
CA VAL E 60 17.48 -44.01 17.91
C VAL E 60 18.30 -43.22 18.93
N PHE E 61 18.70 -42.00 18.57
CA PHE E 61 19.43 -41.09 19.44
C PHE E 61 18.61 -40.72 20.64
N THR E 62 17.37 -40.31 20.40
CA THR E 62 16.46 -39.98 21.49
C THR E 62 16.12 -41.22 22.31
N HIS E 63 15.91 -42.36 21.64
CA HIS E 63 15.43 -43.53 22.36
C HIS E 63 16.49 -44.13 23.27
N LEU E 64 17.73 -44.21 22.80
CA LEU E 64 18.75 -44.83 23.64
C LEU E 64 19.16 -43.88 24.76
N PHE E 65 19.07 -42.57 24.51
CA PHE E 65 19.22 -41.57 25.56
C PHE E 65 18.14 -41.73 26.62
N LYS E 66 16.90 -41.97 26.17
CA LYS E 66 15.79 -42.19 27.09
C LYS E 66 15.99 -43.48 27.89
N ARG E 67 16.56 -44.51 27.24
CA ARG E 67 16.84 -45.77 27.93
C ARG E 67 17.93 -45.57 28.97
N ALA E 68 18.91 -44.70 28.66
CA ALA E 68 20.00 -44.47 29.61
C ALA E 68 19.54 -43.63 30.78
N ILE E 69 18.74 -42.60 30.53
CA ILE E 69 18.41 -41.66 31.59
C ILE E 69 17.31 -42.23 32.50
N SER E 70 16.57 -43.23 32.03
CA SER E 70 15.48 -43.76 32.85
C SER E 70 15.99 -44.73 33.91
N HIS E 71 16.95 -45.57 33.57
CA HIS E 71 17.27 -46.72 34.39
C HIS E 71 18.11 -46.39 35.62
N CYS E 72 18.48 -45.13 35.83
CA CYS E 72 19.29 -44.81 37.00
C CYS E 72 18.43 -44.56 38.21
N THR E 73 19.04 -44.70 39.39
CA THR E 73 18.32 -44.75 40.65
C THR E 73 18.43 -43.42 41.39
N TYR E 74 17.40 -43.12 42.17
CA TYR E 74 17.38 -41.87 42.93
C TYR E 74 18.35 -41.93 44.11
N ASP E 75 18.51 -43.10 44.72
CA ASP E 75 19.30 -43.18 45.94
C ASP E 75 20.80 -43.04 45.71
N ASP E 76 21.26 -43.18 44.48
CA ASP E 76 22.68 -43.04 44.21
C ASP E 76 23.10 -41.57 44.21
N VAL E 77 22.28 -40.69 43.62
CA VAL E 77 22.68 -39.29 43.46
C VAL E 77 22.63 -38.53 44.78
N LEU E 78 21.84 -38.98 45.76
CA LEU E 78 21.72 -38.24 47.00
C LEU E 78 22.95 -38.44 47.88
N HIS E 79 23.46 -39.67 47.95
CA HIS E 79 24.70 -39.87 48.70
C HIS E 79 25.90 -39.32 47.92
N ASP E 80 25.78 -39.17 46.61
CA ASP E 80 26.80 -38.44 45.88
C ASP E 80 26.78 -36.96 46.22
N TRP E 81 25.60 -36.39 46.44
CA TRP E 81 25.55 -35.01 46.95
C TRP E 81 26.08 -34.92 48.37
N ASN E 82 25.86 -35.97 49.18
CA ASN E 82 26.42 -36.01 50.53
C ASN E 82 27.95 -36.01 50.50
N LYS E 83 28.53 -36.87 49.66
CA LYS E 83 29.99 -36.87 49.51
C LYS E 83 30.49 -35.60 48.83
N PHE E 84 29.64 -34.97 48.01
CA PHE E 84 29.98 -33.68 47.40
C PHE E 84 30.10 -32.59 48.46
N GLU E 85 29.19 -32.57 49.44
CA GLU E 85 29.31 -31.63 50.54
C GLU E 85 30.47 -32.01 51.45
N ALA E 86 30.75 -33.30 51.60
CA ALA E 86 31.93 -33.76 52.33
C ALA E 86 33.23 -33.32 51.67
N CYS E 87 33.22 -33.15 50.35
CA CYS E 87 34.37 -32.59 49.66
C CYS E 87 34.55 -31.12 49.97
N ILE E 88 33.46 -30.37 50.12
CA ILE E 88 33.54 -28.92 50.25
C ILE E 88 33.68 -28.44 51.70
N GLN E 89 33.38 -29.29 52.68
CA GLN E 89 33.54 -28.86 54.06
C GLN E 89 35.01 -28.77 54.47
N LYS E 90 35.86 -29.63 53.90
CA LYS E 90 37.29 -29.50 54.13
C LYS E 90 37.91 -28.42 53.26
N ARG E 91 37.20 -28.01 52.19
CA ARG E 91 37.64 -26.89 51.38
C ARG E 91 37.07 -25.56 51.87
N TRP E 92 35.86 -25.59 52.43
CA TRP E 92 35.29 -24.42 53.08
C TRP E 92 34.49 -24.83 54.31
N ASP E 96 29.30 -20.65 58.22
CA ASP E 96 28.41 -21.33 59.16
C ASP E 96 26.97 -20.91 58.88
N SER E 97 26.62 -19.71 59.34
CA SER E 97 25.34 -19.14 58.98
C SER E 97 25.30 -18.74 57.51
N CYS E 98 26.44 -18.24 57.01
CA CYS E 98 26.60 -17.99 55.58
C CYS E 98 26.71 -19.28 54.79
N ALA E 99 27.07 -20.39 55.45
CA ALA E 99 27.21 -21.66 54.78
C ALA E 99 25.88 -22.23 54.32
N SER E 100 24.76 -21.70 54.81
CA SER E 100 23.47 -22.11 54.29
C SER E 100 23.30 -21.72 52.83
N ARG E 101 23.46 -20.42 52.53
CA ARG E 101 23.40 -19.98 51.15
C ARG E 101 24.61 -20.45 50.35
N PHE E 102 25.76 -20.69 51.02
CA PHE E 102 26.88 -21.33 50.35
C PHE E 102 26.53 -22.74 49.89
N ARG E 103 25.82 -23.50 50.73
CA ARG E 103 25.42 -24.85 50.37
C ARG E 103 24.35 -24.84 49.29
N GLU E 104 23.50 -23.80 49.29
CA GLU E 104 22.52 -23.67 48.21
C GLU E 104 23.20 -23.39 46.88
N SER E 105 24.11 -22.43 46.86
CA SER E 105 24.82 -22.08 45.63
C SER E 105 25.70 -23.21 45.13
N THR E 106 26.36 -23.94 46.04
CA THR E 106 27.20 -25.02 45.59
C THR E 106 26.39 -26.21 45.11
N PHE E 107 25.15 -26.36 45.60
CA PHE E 107 24.29 -27.39 45.05
C PHE E 107 23.80 -26.97 43.67
N GLU E 108 23.56 -25.67 43.47
CA GLU E 108 23.14 -25.18 42.16
C GLU E 108 24.23 -25.38 41.12
N SER E 109 25.48 -25.05 41.48
CA SER E 109 26.59 -25.29 40.58
C SER E 109 26.84 -26.79 40.41
N TRP E 110 26.53 -27.57 41.45
CA TRP E 110 26.67 -29.02 41.36
C TRP E 110 25.66 -29.60 40.38
N SER E 111 24.44 -29.08 40.39
CA SER E 111 23.44 -29.49 39.41
C SER E 111 23.85 -29.07 38.01
N THR E 112 24.44 -27.88 37.89
CA THR E 112 24.89 -27.40 36.59
C THR E 112 26.00 -28.28 36.02
N THR E 113 27.00 -28.62 36.85
CA THR E 113 28.05 -29.50 36.36
C THR E 113 27.57 -30.94 36.30
N MET E 114 26.48 -31.28 36.97
CA MET E 114 25.88 -32.60 36.80
C MET E 114 25.28 -32.74 35.42
N LYS E 115 24.52 -31.72 35.00
CA LYS E 115 24.01 -31.65 33.63
C LYS E 115 25.16 -31.62 32.62
N LEU E 116 26.23 -30.89 32.96
CA LEU E 116 27.38 -30.82 32.06
C LEU E 116 28.09 -32.17 31.95
N THR E 117 28.23 -32.88 33.07
CA THR E 117 29.01 -34.11 33.08
C THR E 117 28.21 -35.28 32.56
N VAL E 118 26.88 -35.20 32.60
CA VAL E 118 26.12 -36.20 31.87
C VAL E 118 26.10 -35.84 30.40
N ARG E 119 26.10 -34.53 30.08
CA ARG E 119 25.90 -34.08 28.72
C ARG E 119 27.10 -34.39 27.85
N ASP E 120 28.31 -34.11 28.34
CA ASP E 120 29.50 -34.33 27.50
C ASP E 120 29.77 -35.82 27.33
N LEU E 121 29.77 -36.58 28.43
CA LEU E 121 30.04 -38.01 28.38
C LEU E 121 29.02 -38.75 27.52
N LEU E 122 27.74 -38.42 27.70
CA LEU E 122 26.69 -39.04 26.91
C LEU E 122 26.77 -38.57 25.47
N THR E 123 27.09 -37.30 25.25
CA THR E 123 27.18 -36.75 23.90
C THR E 123 28.38 -37.33 23.16
N THR E 124 29.51 -37.55 23.84
CA THR E 124 30.61 -38.25 23.21
C THR E 124 30.26 -39.70 22.88
N ASN E 125 29.80 -40.47 23.85
CA ASN E 125 29.65 -41.91 23.64
C ASN E 125 28.51 -42.25 22.67
N ILE E 126 27.40 -41.50 22.73
CA ILE E 126 26.28 -41.83 21.86
C ILE E 126 26.56 -41.40 20.42
N TYR E 127 27.26 -40.28 20.26
CA TYR E 127 27.65 -39.88 18.91
C TYR E 127 28.68 -40.86 18.35
N ARG E 128 29.56 -41.39 19.21
CA ARG E 128 30.55 -42.36 18.77
C ARG E 128 29.91 -43.67 18.32
N VAL E 129 28.92 -44.15 19.07
CA VAL E 129 28.27 -45.40 18.68
C VAL E 129 27.24 -45.13 17.59
N LEU E 130 26.85 -43.86 17.44
CA LEU E 130 25.72 -43.51 16.60
C LEU E 130 26.07 -43.59 15.13
N HIS E 131 27.25 -43.12 14.76
CA HIS E 131 27.65 -43.07 13.36
C HIS E 131 28.50 -44.26 12.96
N SER E 132 28.20 -45.44 13.49
CA SER E 132 28.69 -46.69 12.93
C SER E 132 28.23 -46.88 11.49
N ARG E 133 28.87 -47.82 10.80
CA ARG E 133 28.38 -48.21 9.49
C ARG E 133 27.04 -48.90 9.65
N SER E 134 25.99 -48.20 9.24
CA SER E 134 24.64 -48.73 9.33
C SER E 134 24.22 -49.22 7.96
N VAL E 135 24.12 -50.55 7.82
CA VAL E 135 23.69 -51.12 6.56
C VAL E 135 22.19 -50.91 6.37
N LEU E 136 21.46 -50.63 7.46
CA LEU E 136 20.10 -50.14 7.37
C LEU E 136 20.13 -48.69 6.97
N SER E 137 19.27 -48.31 6.03
CA SER E 137 19.24 -46.95 5.54
C SER E 137 17.80 -46.46 5.45
N TYR E 138 17.55 -45.28 6.02
CA TYR E 138 16.27 -44.63 5.81
C TYR E 138 16.14 -44.17 4.37
N GLU E 139 17.25 -43.78 3.76
CA GLU E 139 17.27 -43.39 2.35
C GLU E 139 16.82 -44.52 1.44
N ARG E 140 17.24 -45.74 1.74
CA ARG E 140 16.77 -46.88 0.96
C ARG E 140 15.36 -47.31 1.34
N TYR E 141 14.78 -46.74 2.39
CA TYR E 141 13.41 -47.06 2.75
C TYR E 141 12.41 -46.10 2.13
N VAL E 142 12.66 -44.79 2.23
CA VAL E 142 11.66 -43.76 1.94
C VAL E 142 11.27 -43.77 0.46
N ASP E 143 12.21 -44.14 -0.41
CA ASP E 143 11.89 -44.28 -1.82
C ASP E 143 10.99 -45.46 -2.07
N TRP E 144 11.23 -46.58 -1.36
CA TRP E 144 10.54 -47.81 -1.69
C TRP E 144 9.07 -47.78 -1.32
N ILE E 145 8.74 -47.14 -0.21
CA ILE E 145 7.33 -46.99 0.13
C ILE E 145 6.66 -46.02 -0.83
N CYS E 146 7.33 -44.93 -1.17
CA CYS E 146 6.68 -43.97 -2.05
C CYS E 146 6.71 -44.40 -3.50
N ALA E 147 7.57 -45.37 -3.85
CA ALA E 147 7.55 -45.86 -5.23
C ALA E 147 6.37 -46.79 -5.47
N THR E 148 6.16 -47.75 -4.58
CA THR E 148 5.18 -48.79 -4.89
C THR E 148 4.35 -49.22 -3.71
N GLY E 149 4.64 -48.73 -2.50
CA GLY E 149 3.94 -49.19 -1.32
C GLY E 149 4.32 -50.58 -0.87
N MET E 150 5.35 -51.15 -1.47
CA MET E 150 5.86 -52.48 -1.21
C MET E 150 7.32 -52.29 -0.82
N VAL E 151 7.79 -53.02 0.18
CA VAL E 151 9.14 -52.85 0.70
C VAL E 151 9.74 -54.24 0.96
N PRO E 152 10.98 -54.48 0.60
CA PRO E 152 11.62 -55.74 0.96
C PRO E 152 12.15 -55.72 2.38
N ALA E 153 11.52 -56.50 3.26
CA ALA E 153 11.94 -56.61 4.66
C ALA E 153 12.86 -57.80 4.79
N VAL E 154 14.13 -57.65 4.42
CA VAL E 154 15.04 -58.77 4.28
C VAL E 154 15.90 -58.87 5.53
N LYS E 155 16.38 -60.07 5.82
CA LYS E 155 17.08 -60.37 7.06
C LYS E 155 18.48 -60.85 6.71
N LYS E 156 19.44 -59.94 6.76
CA LYS E 156 20.82 -60.27 6.44
C LYS E 156 21.56 -60.59 7.71
N PRO E 157 21.87 -61.87 8.00
CA PRO E 157 22.27 -62.23 9.36
C PRO E 157 23.70 -61.89 9.73
N ILE E 158 24.47 -61.21 8.87
CA ILE E 158 25.82 -60.80 9.25
C ILE E 158 25.75 -59.70 10.31
N THR E 159 26.26 -59.99 11.50
CA THR E 159 26.13 -59.09 12.64
C THR E 159 27.42 -59.02 13.47
N GLN E 160 28.56 -58.98 12.79
CA GLN E 160 29.84 -59.08 13.48
C GLN E 160 30.57 -57.74 13.57
N GLU E 161 30.01 -56.66 13.01
CA GLU E 161 30.79 -55.42 12.89
C GLU E 161 30.78 -54.61 14.18
N LEU E 162 29.71 -54.70 14.99
CA LEU E 162 29.57 -53.82 16.15
C LEU E 162 30.59 -54.15 17.24
N HIS E 163 30.83 -55.44 17.49
CA HIS E 163 31.79 -55.81 18.52
C HIS E 163 33.21 -55.56 18.06
N SER E 164 33.46 -55.57 16.75
CA SER E 164 34.79 -55.28 16.26
C SER E 164 35.09 -53.78 16.36
N LYS E 165 34.12 -52.94 16.01
CA LYS E 165 34.41 -51.51 15.98
C LYS E 165 34.32 -50.89 17.36
N ILE E 166 33.45 -51.41 18.22
CA ILE E 166 33.29 -50.88 19.57
C ILE E 166 32.98 -52.02 20.54
N LYS E 167 33.95 -52.38 21.37
CA LYS E 167 33.84 -53.55 22.23
C LYS E 167 33.78 -53.18 23.71
N SER E 168 34.75 -52.42 24.21
CA SER E 168 34.86 -52.05 25.61
C SER E 168 35.85 -50.89 25.72
N LEU E 169 35.89 -50.25 26.89
CA LEU E 169 36.78 -49.17 27.32
C LEU E 169 36.49 -47.84 26.60
N ARG E 170 35.60 -47.82 25.60
CA ARG E 170 35.17 -46.55 25.03
C ARG E 170 34.29 -45.79 26.02
N ASP E 171 33.60 -46.53 26.89
CA ASP E 171 32.90 -45.94 28.01
C ASP E 171 33.80 -45.73 29.22
N ARG E 172 34.98 -46.35 29.23
CA ARG E 172 35.81 -46.34 30.43
C ARG E 172 37.04 -45.44 30.31
N CYS E 173 37.45 -45.06 29.10
CA CYS E 173 38.65 -44.24 28.94
C CYS E 173 38.45 -42.80 29.40
N VAL E 174 37.32 -42.19 29.07
CA VAL E 174 37.08 -40.79 29.37
C VAL E 174 36.59 -40.59 30.81
N CYS E 175 35.92 -41.58 31.39
CA CYS E 175 35.26 -41.41 32.68
C CYS E 175 36.21 -41.43 33.87
N ARG E 176 37.50 -41.73 33.66
CA ARG E 176 38.44 -41.82 34.77
C ARG E 176 38.89 -40.42 35.17
N GLU E 177 38.37 -39.92 36.29
CA GLU E 177 38.67 -38.57 36.77
C GLU E 177 38.92 -38.65 38.27
N LEU E 178 38.94 -37.47 38.91
CA LEU E 178 39.13 -37.40 40.36
C LEU E 178 37.85 -37.79 41.09
N GLY E 179 36.78 -37.02 40.90
CA GLY E 179 35.54 -37.26 41.60
C GLY E 179 34.83 -38.50 41.07
N HIS E 180 34.86 -39.57 41.87
CA HIS E 180 34.30 -40.86 41.45
C HIS E 180 32.78 -40.79 41.52
N GLU E 181 32.18 -40.18 40.50
CA GLU E 181 30.75 -40.00 40.41
C GLU E 181 30.11 -41.32 39.98
N ARG E 182 29.50 -42.02 40.94
CA ARG E 182 28.94 -43.34 40.68
C ARG E 182 27.71 -43.29 39.78
N THR E 183 27.09 -42.12 39.64
CA THR E 183 26.02 -41.94 38.67
C THR E 183 26.52 -42.16 37.25
N ILE E 184 27.72 -41.67 36.96
CA ILE E 184 28.33 -41.89 35.66
C ILE E 184 28.67 -43.36 35.45
N ARG E 185 29.20 -44.02 36.49
CA ARG E 185 29.48 -45.45 36.41
C ARG E 185 28.23 -46.29 36.29
N SER E 186 27.09 -45.77 36.76
CA SER E 186 25.82 -46.49 36.66
C SER E 186 25.14 -46.28 35.31
N ILE E 187 25.23 -45.07 34.77
CA ILE E 187 24.61 -44.83 33.48
C ILE E 187 25.49 -45.33 32.33
N GLY E 188 26.82 -45.34 32.50
CA GLY E 188 27.69 -45.58 31.39
C GLY E 188 27.69 -47.02 30.92
N THR E 189 27.74 -47.96 31.86
CA THR E 189 27.70 -49.38 31.53
C THR E 189 26.36 -49.78 30.91
N GLU E 190 25.25 -49.26 31.44
CA GLU E 190 23.95 -49.62 30.90
C GLU E 190 23.67 -48.96 29.56
N LEU E 191 24.09 -47.71 29.35
CA LEU E 191 23.98 -47.12 28.03
C LEU E 191 24.89 -47.81 27.03
N TYR E 192 26.05 -48.29 27.49
CA TYR E 192 26.98 -48.98 26.63
C TYR E 192 26.41 -50.31 26.16
N GLU E 193 25.89 -51.11 27.09
CA GLU E 193 25.31 -52.38 26.71
C GLU E 193 23.97 -52.24 26.00
N ALA E 194 23.26 -51.12 26.19
CA ALA E 194 22.00 -50.94 25.51
C ALA E 194 22.18 -50.72 24.02
N THR E 195 23.22 -49.98 23.61
CA THR E 195 23.53 -49.83 22.20
C THR E 195 23.95 -51.15 21.59
N LYS E 196 24.61 -52.01 22.37
CA LYS E 196 24.93 -53.36 21.90
C LYS E 196 23.69 -54.23 21.72
N GLU E 197 22.52 -53.82 22.20
CA GLU E 197 21.28 -54.48 21.82
C GLU E 197 20.55 -53.80 20.67
N ILE E 198 20.73 -52.48 20.50
CA ILE E 198 19.91 -51.72 19.57
C ILE E 198 20.56 -51.59 18.20
N ILE E 199 21.85 -51.25 18.14
CA ILE E 199 22.51 -51.19 16.84
C ILE E 199 22.72 -52.59 16.27
N GLU E 200 22.75 -53.59 17.16
CA GLU E 200 22.56 -54.99 16.82
C GLU E 200 21.30 -55.19 15.99
N SER E 201 20.19 -54.63 16.46
CA SER E 201 18.89 -54.85 15.82
C SER E 201 18.81 -54.14 14.47
N LEU E 202 19.44 -52.97 14.35
CA LEU E 202 19.35 -52.25 13.09
C LEU E 202 20.30 -52.85 12.06
N ASN E 203 21.49 -53.27 12.47
CA ASN E 203 22.44 -53.76 11.48
C ASN E 203 22.17 -55.22 11.15
N SER E 204 21.36 -55.91 11.96
CA SER E 204 20.90 -57.23 11.56
C SER E 204 19.89 -57.13 10.44
N THR E 205 19.07 -56.08 10.46
CA THR E 205 18.11 -55.85 9.39
C THR E 205 18.81 -55.30 8.16
N PHE E 206 18.11 -55.34 7.03
CA PHE E 206 18.64 -54.79 5.80
C PHE E 206 17.51 -54.37 4.90
N ILE E 207 17.72 -53.27 4.19
CA ILE E 207 16.87 -52.82 3.09
C ILE E 207 17.76 -52.67 1.86
N PRO E 208 17.50 -53.40 0.79
CA PRO E 208 18.34 -53.25 -0.39
C PRO E 208 17.88 -52.11 -1.28
N GLN E 209 18.57 -51.96 -2.41
CA GLN E 209 18.20 -51.02 -3.45
C GLN E 209 17.15 -51.64 -4.35
N PHE E 210 16.97 -51.09 -5.54
CA PHE E 210 15.98 -51.63 -6.46
C PHE E 210 16.60 -52.33 -7.66
N THR E 211 17.77 -51.88 -8.12
CA THR E 211 18.22 -52.19 -9.48
C THR E 211 18.70 -53.62 -9.64
N GLU E 212 18.88 -54.37 -8.55
CA GLU E 212 19.32 -55.74 -8.64
C GLU E 212 18.38 -56.73 -7.96
N VAL E 213 17.41 -56.25 -7.18
CA VAL E 213 16.42 -57.12 -6.57
C VAL E 213 15.15 -57.06 -7.40
N THR E 214 14.19 -57.92 -7.08
CA THR E 214 12.92 -57.91 -7.77
C THR E 214 11.82 -58.35 -6.82
N ILE E 215 10.58 -58.09 -7.20
CA ILE E 215 9.40 -58.44 -6.42
C ILE E 215 8.35 -59.00 -7.37
N GLU E 216 7.68 -60.07 -6.93
CA GLU E 216 6.76 -60.83 -7.75
C GLU E 216 5.42 -60.93 -7.04
N TYR E 217 4.34 -60.83 -7.81
CA TYR E 217 2.99 -60.97 -7.27
C TYR E 217 2.31 -62.17 -7.93
N LEU E 218 1.85 -63.11 -7.12
CA LEU E 218 1.04 -64.16 -7.69
C LEU E 218 -0.43 -63.80 -7.55
N PRO E 219 -1.20 -63.87 -8.64
CA PRO E 219 -2.61 -63.48 -8.59
C PRO E 219 -3.47 -64.44 -7.77
N ARG E 220 -3.37 -65.74 -8.08
CA ARG E 220 -4.15 -66.75 -7.38
C ARG E 220 -3.54 -67.00 -6.01
N SER E 221 -4.36 -66.91 -4.95
CA SER E 221 -3.93 -66.94 -3.55
C SER E 221 -2.86 -65.87 -3.30
N ASP E 222 -3.33 -64.62 -3.34
CA ASP E 222 -2.47 -63.45 -3.53
C ASP E 222 -1.50 -63.22 -2.37
N GLU E 223 -0.22 -63.48 -2.63
CA GLU E 223 0.87 -63.07 -1.76
C GLU E 223 1.88 -62.33 -2.62
N TYR E 224 3.01 -61.99 -2.01
CA TYR E 224 4.08 -61.28 -2.68
C TYR E 224 5.37 -62.00 -2.34
N VAL E 225 6.21 -62.23 -3.35
CA VAL E 225 7.47 -62.95 -3.20
C VAL E 225 8.59 -62.10 -3.77
N ALA E 226 9.58 -61.80 -2.93
CA ALA E 226 10.75 -61.02 -3.34
C ALA E 226 11.97 -61.91 -3.48
N TYR E 227 13.01 -61.36 -4.09
CA TYR E 227 14.19 -62.14 -4.41
C TYR E 227 15.45 -61.29 -4.34
N TYR E 228 16.47 -61.84 -3.70
CA TYR E 228 17.84 -61.37 -3.84
C TYR E 228 18.75 -62.59 -3.89
N CYS E 229 19.48 -62.71 -4.99
CA CYS E 229 20.45 -63.80 -5.23
C CYS E 229 19.80 -65.18 -5.13
N GLY E 230 18.56 -65.27 -5.60
CA GLY E 230 17.90 -66.54 -5.86
C GLY E 230 17.08 -67.13 -4.74
N ARG E 231 16.72 -66.36 -3.71
CA ARG E 231 15.96 -66.89 -2.59
C ARG E 231 14.77 -66.01 -2.28
N ARG E 232 13.68 -66.63 -1.84
CA ARG E 232 12.47 -65.91 -1.44
C ARG E 232 12.73 -65.24 -0.09
N ILE E 233 12.52 -63.93 -0.04
CA ILE E 233 12.88 -63.14 1.13
C ILE E 233 11.68 -62.32 1.59
N ARG E 234 11.68 -61.99 2.88
CA ARG E 234 10.50 -61.45 3.54
C ARG E 234 10.27 -59.99 3.13
N LEU E 235 9.07 -59.51 3.45
CA LEU E 235 8.51 -58.28 2.92
C LEU E 235 7.26 -57.92 3.71
N HIS E 236 6.82 -56.67 3.59
CA HIS E 236 5.66 -56.19 4.31
C HIS E 236 4.88 -55.20 3.47
N VAL E 237 3.69 -55.58 3.05
CA VAL E 237 2.87 -54.71 2.23
C VAL E 237 2.33 -53.56 3.08
N LEU E 238 2.46 -52.35 2.57
CA LEU E 238 1.99 -51.17 3.27
C LEU E 238 0.89 -50.46 2.51
N PHE E 239 1.00 -50.36 1.19
CA PHE E 239 -0.01 -49.74 0.35
C PHE E 239 -0.32 -50.75 -0.74
N PRO E 240 -1.49 -51.37 -0.72
CA PRO E 240 -1.76 -52.51 -1.60
C PRO E 240 -1.89 -52.07 -3.04
N PRO E 241 -1.07 -52.62 -3.93
CA PRO E 241 -1.08 -52.19 -5.32
C PRO E 241 -2.31 -52.71 -6.04
N ALA E 242 -2.72 -51.97 -7.06
CA ALA E 242 -3.93 -52.30 -7.82
C ALA E 242 -3.50 -53.07 -9.05
N ILE E 243 -3.87 -54.34 -9.09
CA ILE E 243 -3.50 -55.22 -10.18
C ILE E 243 -4.76 -55.42 -11.02
N PHE E 244 -4.82 -54.73 -12.15
CA PHE E 244 -5.89 -55.04 -13.07
C PHE E 244 -5.43 -56.19 -13.98
N ALA E 245 -6.36 -56.71 -14.78
CA ALA E 245 -6.05 -57.82 -15.66
C ALA E 245 -5.14 -57.43 -16.82
N GLY E 246 -4.98 -56.13 -17.08
CA GLY E 246 -4.12 -55.71 -18.15
C GLY E 246 -2.80 -55.13 -17.66
N THR E 247 -2.84 -54.47 -16.52
CA THR E 247 -1.64 -53.81 -15.99
C THR E 247 -1.73 -53.75 -14.48
N VAL E 248 -0.64 -53.30 -13.87
CA VAL E 248 -0.49 -53.24 -12.42
C VAL E 248 -0.19 -51.80 -12.06
N THR E 249 -0.94 -51.27 -11.09
CA THR E 249 -0.75 -49.90 -10.61
C THR E 249 -0.51 -49.97 -9.11
N PHE E 250 0.24 -49.01 -8.57
CA PHE E 250 0.52 -48.99 -7.14
C PHE E 250 -0.03 -47.72 -6.54
N ASP E 251 -0.67 -47.83 -5.39
CA ASP E 251 -1.16 -46.65 -4.68
C ASP E 251 0.04 -45.93 -4.10
N SER E 252 0.55 -44.96 -4.83
CA SER E 252 1.85 -44.36 -4.55
C SER E 252 1.79 -42.88 -4.82
N PRO E 253 2.62 -42.09 -4.13
CA PRO E 253 2.68 -40.65 -4.43
C PRO E 253 3.22 -40.35 -5.82
N VAL E 254 4.20 -41.12 -6.28
CA VAL E 254 4.76 -40.80 -7.57
C VAL E 254 3.88 -41.31 -8.71
N GLN E 255 3.23 -42.46 -8.54
CA GLN E 255 2.37 -42.95 -9.60
C GLN E 255 1.03 -42.23 -9.62
N ARG E 256 0.71 -41.47 -8.58
CA ARG E 256 -0.36 -40.51 -8.67
C ARG E 256 0.03 -39.28 -9.49
N LEU E 257 1.29 -39.15 -9.86
CA LEU E 257 1.75 -38.07 -10.73
C LEU E 257 2.28 -38.57 -12.07
N TYR E 258 2.20 -39.88 -12.33
CA TYR E 258 3.07 -40.57 -13.27
C TYR E 258 2.94 -40.05 -14.69
N GLN E 259 1.75 -40.16 -15.26
CA GLN E 259 1.62 -39.73 -16.64
C GLN E 259 1.57 -38.21 -16.78
N ASN E 260 1.37 -37.46 -15.69
CA ASN E 260 1.53 -36.02 -15.82
C ASN E 260 3.00 -35.64 -15.93
N ILE E 261 3.87 -36.30 -15.15
CA ILE E 261 5.31 -36.11 -15.31
C ILE E 261 5.76 -36.56 -16.70
N PHE E 262 5.25 -37.70 -17.17
CA PHE E 262 5.62 -38.13 -18.51
C PHE E 262 5.05 -37.21 -19.58
N MET E 263 3.90 -36.58 -19.33
CA MET E 263 3.37 -35.62 -20.28
C MET E 263 4.24 -34.38 -20.34
N CYS E 264 4.76 -33.94 -19.18
CA CYS E 264 5.64 -32.79 -19.17
C CYS E 264 6.98 -33.11 -19.84
N TYR E 265 7.48 -34.33 -19.64
CA TYR E 265 8.68 -34.76 -20.33
C TYR E 265 8.45 -34.79 -21.83
N ARG E 266 7.29 -35.29 -22.27
CA ARG E 266 6.98 -35.37 -23.68
C ARG E 266 6.86 -34.00 -24.31
N THR E 267 6.20 -33.07 -23.64
CA THR E 267 6.08 -31.75 -24.25
C THR E 267 7.39 -30.98 -24.18
N LEU E 268 8.27 -31.28 -23.22
CA LEU E 268 9.56 -30.61 -23.22
C LEU E 268 10.46 -31.12 -24.34
N GLU E 269 10.48 -32.43 -24.57
CA GLU E 269 11.31 -32.94 -25.66
C GLU E 269 10.71 -32.57 -27.00
N HIS E 270 9.38 -32.50 -27.09
CA HIS E 270 8.73 -32.02 -28.31
C HIS E 270 9.01 -30.53 -28.52
N ALA E 271 9.10 -29.77 -27.43
CA ALA E 271 9.44 -28.36 -27.50
C ALA E 271 10.84 -28.17 -28.04
N LYS E 272 11.79 -28.97 -27.57
CA LYS E 272 13.14 -28.85 -28.11
C LYS E 272 13.21 -29.38 -29.54
N ILE E 273 12.32 -30.32 -29.89
CA ILE E 273 12.25 -30.80 -31.27
C ILE E 273 11.84 -29.67 -32.21
N CYS E 274 10.76 -28.96 -31.86
CA CYS E 274 10.33 -27.85 -32.72
C CYS E 274 11.32 -26.68 -32.67
N GLN E 275 11.93 -26.45 -31.51
CA GLN E 275 12.92 -25.39 -31.36
C GLN E 275 14.13 -25.66 -32.24
N LEU E 276 14.64 -26.87 -32.23
CA LEU E 276 15.78 -27.22 -33.06
C LEU E 276 15.41 -27.42 -34.51
N LEU E 277 14.14 -27.62 -34.80
CA LEU E 277 13.75 -27.82 -36.19
C LEU E 277 13.43 -26.51 -36.90
N ASN E 278 13.06 -25.46 -36.19
CA ASN E 278 12.82 -24.19 -36.86
C ASN E 278 14.02 -23.24 -36.82
N THR E 279 15.22 -23.75 -36.53
CA THR E 279 16.40 -22.88 -36.43
C THR E 279 16.82 -22.23 -37.73
N ALA E 280 16.37 -22.77 -38.86
CA ALA E 280 16.63 -22.09 -40.12
C ALA E 280 15.90 -20.75 -40.11
N PRO E 281 16.56 -19.68 -40.54
CA PRO E 281 15.92 -18.36 -40.54
C PRO E 281 14.98 -18.15 -41.71
N LEU E 282 14.86 -19.14 -42.59
CA LEU E 282 14.13 -19.00 -43.84
C LEU E 282 13.72 -20.39 -44.28
N LYS E 283 12.52 -20.50 -44.81
CA LYS E 283 11.94 -21.80 -45.15
C LYS E 283 11.68 -21.79 -46.64
N ALA E 284 12.34 -22.69 -47.36
CA ALA E 284 12.03 -22.88 -48.76
C ALA E 284 11.34 -24.23 -48.97
N ILE E 285 10.75 -24.39 -50.15
CA ILE E 285 10.14 -25.64 -50.56
C ILE E 285 10.61 -25.97 -51.96
N VAL E 286 10.99 -27.22 -52.18
CA VAL E 286 11.50 -27.63 -53.48
C VAL E 286 10.34 -27.80 -54.45
N GLY E 287 10.66 -27.92 -55.73
CA GLY E 287 9.63 -28.07 -56.75
C GLY E 287 9.99 -29.03 -57.85
N ASP E 434 33.98 -25.18 -28.56
CA ASP E 434 34.77 -24.32 -29.41
C ASP E 434 33.88 -23.32 -30.14
N ILE E 435 32.66 -23.77 -30.45
CA ILE E 435 31.69 -22.90 -31.09
C ILE E 435 31.19 -21.85 -30.10
N LEU E 436 31.10 -22.22 -28.82
CA LEU E 436 30.51 -21.35 -27.82
C LEU E 436 31.33 -20.11 -27.56
N THR E 437 32.63 -20.17 -27.80
CA THR E 437 33.50 -19.03 -27.59
C THR E 437 34.57 -19.04 -28.67
N GLY E 438 34.59 -17.99 -29.48
CA GLY E 438 35.60 -17.86 -30.51
C GLY E 438 35.48 -16.50 -31.15
N SER E 439 36.41 -16.24 -32.07
CA SER E 439 36.35 -15.00 -32.85
C SER E 439 35.10 -14.99 -33.70
N THR E 440 34.21 -14.04 -33.42
CA THR E 440 32.88 -14.03 -33.98
C THR E 440 32.88 -13.82 -35.49
N ALA E 441 33.93 -13.20 -36.05
CA ALA E 441 34.03 -13.09 -37.49
C ALA E 441 34.28 -14.44 -38.14
N SER E 442 35.14 -15.25 -37.53
CA SER E 442 35.33 -16.61 -38.02
C SER E 442 34.20 -17.53 -37.59
N ALA E 443 33.54 -17.21 -36.46
CA ALA E 443 32.39 -17.99 -36.05
C ALA E 443 31.21 -17.80 -36.99
N ILE E 444 31.10 -16.62 -37.61
CA ILE E 444 30.20 -16.41 -38.73
C ILE E 444 30.52 -17.35 -39.88
N GLU E 445 31.81 -17.47 -40.22
CA GLU E 445 32.24 -18.31 -41.33
C GLU E 445 31.99 -19.79 -41.04
N LYS E 446 32.13 -20.21 -39.79
CA LYS E 446 32.10 -21.64 -39.49
C LYS E 446 30.69 -22.22 -39.52
N LEU E 447 29.64 -21.41 -39.64
CA LEU E 447 28.30 -21.98 -39.70
C LEU E 447 27.45 -21.53 -40.88
N PHE E 448 27.85 -20.50 -41.63
CA PHE E 448 27.08 -20.13 -42.81
C PHE E 448 27.26 -21.14 -43.92
N ASN E 449 28.46 -21.67 -44.09
CA ASN E 449 28.67 -22.75 -45.04
C ASN E 449 28.04 -24.05 -44.56
N SER E 450 27.76 -24.16 -43.27
CA SER E 450 27.16 -25.36 -42.72
C SER E 450 25.73 -25.51 -43.22
N PRO E 451 25.25 -26.74 -43.38
CA PRO E 451 23.88 -26.97 -43.86
C PRO E 451 22.78 -26.68 -42.84
N SER E 452 23.13 -26.15 -41.67
CA SER E 452 22.12 -25.78 -40.70
C SER E 452 21.31 -24.58 -41.16
N ALA E 453 21.90 -23.72 -41.99
CA ALA E 453 21.21 -22.51 -42.40
C ALA E 453 20.08 -22.78 -43.36
N SER E 454 20.30 -23.64 -44.35
CA SER E 454 19.31 -23.82 -45.40
C SER E 454 18.16 -24.70 -44.93
N LEU E 455 17.02 -24.52 -45.59
CA LEU E 455 15.87 -25.39 -45.42
C LEU E 455 15.02 -25.36 -46.67
N GLY E 456 15.13 -26.40 -47.48
CA GLY E 456 14.23 -26.57 -48.60
C GLY E 456 13.35 -27.79 -48.36
N ALA E 457 12.08 -27.57 -48.08
CA ALA E 457 11.19 -28.67 -47.75
C ALA E 457 10.74 -29.39 -49.01
N ARG E 458 10.29 -30.63 -48.84
CA ARG E 458 10.19 -31.55 -49.95
C ARG E 458 8.77 -32.09 -50.07
N VAL E 459 8.32 -32.21 -51.32
CA VAL E 459 7.19 -33.04 -51.68
C VAL E 459 7.75 -34.34 -52.25
N SER E 460 7.09 -35.46 -51.95
CA SER E 460 7.60 -36.76 -52.36
C SER E 460 7.51 -36.96 -53.87
N GLY E 461 6.31 -36.83 -54.43
CA GLY E 461 6.14 -37.05 -55.86
C GLY E 461 6.59 -35.86 -56.68
N HIS E 462 7.41 -36.15 -57.70
CA HIS E 462 7.86 -35.10 -58.60
C HIS E 462 6.75 -34.62 -59.52
N ASN E 463 5.82 -35.50 -59.88
CA ASN E 463 4.61 -35.05 -60.57
C ASN E 463 3.68 -34.32 -59.61
N GLU E 464 3.78 -34.60 -58.32
CA GLU E 464 2.89 -33.98 -57.34
C GLU E 464 3.29 -32.54 -57.11
N SER E 465 2.37 -31.61 -57.36
CA SER E 465 2.63 -30.19 -57.29
C SER E 465 1.96 -29.58 -56.07
N ILE E 466 2.37 -28.35 -55.74
CA ILE E 466 1.89 -27.65 -54.56
C ILE E 466 1.15 -26.41 -55.01
N LEU E 467 -0.08 -26.26 -54.54
CA LEU E 467 -0.86 -25.07 -54.86
C LEU E 467 -0.59 -23.90 -53.95
N ASN E 468 -0.37 -24.15 -52.66
CA ASN E 468 -0.17 -23.04 -51.74
C ASN E 468 0.69 -23.50 -50.58
N SER E 469 1.38 -22.54 -49.98
CA SER E 469 2.33 -22.82 -48.93
C SER E 469 2.05 -21.89 -47.77
N PHE E 470 2.27 -22.39 -46.56
CA PHE E 470 2.04 -21.61 -45.36
C PHE E 470 3.29 -21.62 -44.52
N VAL E 471 3.37 -20.76 -43.52
CA VAL E 471 4.47 -20.77 -42.57
C VAL E 471 3.96 -20.37 -41.19
N SER E 472 4.35 -21.15 -40.20
CA SER E 472 3.98 -20.86 -38.81
C SER E 472 5.00 -21.56 -37.92
N GLN E 473 5.95 -20.81 -37.40
CA GLN E 473 6.72 -21.37 -36.30
C GLN E 473 5.84 -21.40 -35.07
N TYR E 474 6.12 -22.36 -34.19
CA TYR E 474 5.28 -22.51 -33.00
C TYR E 474 6.10 -23.12 -31.88
N ILE E 475 6.01 -22.49 -30.71
CA ILE E 475 6.64 -23.01 -29.50
C ILE E 475 5.53 -23.41 -28.54
N PRO E 476 5.50 -24.65 -28.08
CA PRO E 476 4.54 -25.04 -27.06
C PRO E 476 4.91 -24.42 -25.73
N PRO E 477 3.93 -24.20 -24.84
CA PRO E 477 4.24 -23.56 -23.56
C PRO E 477 5.01 -24.49 -22.63
N SER E 478 6.32 -24.61 -22.87
CA SER E 478 7.12 -25.63 -22.19
C SER E 478 7.34 -25.27 -20.73
N ARG E 479 7.93 -24.10 -20.48
CA ARG E 479 8.19 -23.68 -19.10
C ARG E 479 6.90 -23.44 -18.33
N GLU E 480 5.80 -23.10 -19.02
CA GLU E 480 4.52 -23.06 -18.36
C GLU E 480 4.08 -24.45 -17.92
N MET E 481 4.40 -25.46 -18.72
CA MET E 481 4.07 -26.83 -18.32
C MET E 481 4.97 -27.31 -17.20
N THR E 482 6.18 -26.75 -17.09
CA THR E 482 7.01 -27.11 -15.94
C THR E 482 6.52 -26.40 -14.68
N LYS E 483 6.08 -25.15 -14.83
CA LYS E 483 5.87 -24.28 -13.67
C LYS E 483 4.68 -24.72 -12.83
N ASP E 484 3.59 -25.15 -13.48
CA ASP E 484 2.47 -25.65 -12.68
C ASP E 484 2.79 -27.03 -12.11
N LEU E 485 3.67 -27.78 -12.76
CA LEU E 485 4.00 -29.09 -12.23
C LEU E 485 4.92 -28.98 -11.01
N THR E 486 5.61 -27.85 -10.87
CA THR E 486 6.29 -27.54 -9.59
C THR E 486 5.32 -27.61 -8.42
N GLU E 487 4.27 -26.80 -8.45
CA GLU E 487 3.33 -26.79 -7.34
C GLU E 487 2.45 -28.04 -7.33
N LEU E 488 2.35 -28.76 -8.46
CA LEU E 488 1.75 -30.09 -8.44
C LEU E 488 2.53 -31.05 -7.56
N TRP E 489 3.86 -31.09 -7.72
CA TRP E 489 4.69 -31.91 -6.84
C TRP E 489 4.62 -31.41 -5.41
N GLU E 490 4.63 -30.09 -5.23
CA GLU E 490 4.59 -29.47 -3.91
C GLU E 490 3.32 -29.83 -3.17
N SER E 491 2.20 -29.88 -3.88
CA SER E 491 0.91 -30.16 -3.25
C SER E 491 0.82 -31.61 -2.79
N GLU E 492 1.20 -32.55 -3.65
CA GLU E 492 1.19 -33.97 -3.28
C GLU E 492 2.16 -34.28 -2.15
N LEU E 493 3.35 -33.71 -2.16
CA LEU E 493 4.26 -34.03 -1.08
C LEU E 493 4.13 -33.10 0.11
N PHE E 494 3.20 -32.15 0.06
CA PHE E 494 2.70 -31.53 1.27
C PHE E 494 1.51 -32.29 1.83
N ASN E 495 0.79 -33.04 1.01
CA ASN E 495 -0.46 -33.66 1.43
C ASN E 495 -0.29 -35.11 1.88
N THR E 496 0.10 -36.02 0.98
CA THR E 496 0.12 -37.43 1.40
C THR E 496 1.31 -37.72 2.30
N PHE E 497 2.36 -36.93 2.20
CA PHE E 497 3.36 -36.84 3.25
C PHE E 497 3.17 -35.46 3.87
N LYS E 498 2.83 -35.42 5.16
CA LYS E 498 2.44 -34.17 5.80
C LYS E 498 3.69 -33.34 6.07
N LEU E 499 3.91 -32.33 5.25
CA LEU E 499 5.06 -31.45 5.37
C LEU E 499 4.58 -30.02 5.60
N THR E 500 4.97 -29.44 6.74
CA THR E 500 4.56 -28.09 7.08
C THR E 500 5.69 -27.13 6.77
N PRO E 501 5.57 -26.27 5.78
CA PRO E 501 6.64 -25.32 5.48
C PRO E 501 6.75 -24.20 6.51
N VAL E 502 7.77 -24.26 7.35
CA VAL E 502 8.03 -23.20 8.32
C VAL E 502 8.58 -22.01 7.57
N VAL E 503 7.78 -20.95 7.44
CA VAL E 503 8.13 -19.82 6.57
C VAL E 503 8.15 -18.51 7.35
N ASP E 504 8.75 -17.49 6.75
CA ASP E 504 8.70 -16.12 7.25
C ASP E 504 7.61 -15.38 6.47
N ASN E 505 7.48 -14.08 6.76
CA ASN E 505 6.49 -13.25 6.09
C ASN E 505 6.86 -13.07 4.63
N GLN E 506 5.99 -13.57 3.75
CA GLN E 506 6.24 -13.73 2.31
C GLN E 506 7.52 -14.51 2.04
N GLY E 507 7.75 -15.54 2.85
CA GLY E 507 8.89 -16.42 2.68
C GLY E 507 8.53 -17.54 1.72
N GLN E 508 9.46 -17.85 0.82
CA GLN E 508 9.22 -18.87 -0.19
C GLN E 508 9.82 -20.19 0.28
N ARG E 509 9.14 -20.80 1.26
CA ARG E 509 9.32 -22.20 1.67
C ARG E 509 10.76 -22.46 2.15
N LEU E 510 11.11 -21.81 3.25
CA LEU E 510 12.48 -21.83 3.70
C LEU E 510 12.83 -23.03 4.57
N TYR E 511 11.87 -23.61 5.28
CA TYR E 511 12.17 -24.68 6.23
C TYR E 511 11.11 -25.76 6.10
N VAL E 512 11.39 -26.77 5.28
CA VAL E 512 10.48 -27.88 5.06
C VAL E 512 10.76 -28.93 6.11
N ARG E 513 9.78 -29.21 6.95
CA ARG E 513 9.98 -29.97 8.17
C ARG E 513 8.88 -31.01 8.32
N TYR E 514 9.23 -32.13 8.93
CA TYR E 514 8.28 -33.18 9.24
C TYR E 514 7.22 -32.68 10.21
N SER E 515 6.05 -33.31 10.14
CA SER E 515 4.89 -32.99 10.94
C SER E 515 4.78 -33.96 12.10
N SER E 516 3.68 -33.84 12.84
CA SER E 516 3.37 -34.80 13.89
C SER E 516 3.03 -36.16 13.28
N ASP E 517 2.04 -36.20 12.41
CA ASP E 517 1.55 -37.48 11.94
C ASP E 517 2.38 -38.06 10.80
N THR E 518 3.25 -37.26 10.17
CA THR E 518 3.99 -37.83 9.06
C THR E 518 5.14 -38.70 9.54
N ILE E 519 5.61 -38.52 10.78
CA ILE E 519 6.56 -39.49 11.29
C ILE E 519 5.84 -40.78 11.66
N SER E 520 4.56 -40.69 12.03
CA SER E 520 3.77 -41.88 12.25
C SER E 520 3.45 -42.61 10.96
N ILE E 521 3.45 -41.91 9.83
CA ILE E 521 3.18 -42.57 8.55
C ILE E 521 4.46 -42.92 7.79
N LEU E 522 5.62 -42.40 8.20
CA LEU E 522 6.87 -42.83 7.59
C LEU E 522 7.74 -43.67 8.52
N LEU E 523 8.14 -43.13 9.66
CA LEU E 523 9.00 -43.88 10.55
C LEU E 523 8.20 -44.79 11.46
N GLY E 524 6.91 -44.52 11.62
CA GLY E 524 5.97 -45.42 12.24
C GLY E 524 6.01 -46.82 11.67
N PRO E 525 5.71 -46.97 10.37
CA PRO E 525 5.89 -48.29 9.75
C PRO E 525 7.34 -48.70 9.63
N PHE E 526 8.28 -47.76 9.51
CA PHE E 526 9.67 -48.11 9.28
C PHE E 526 10.30 -48.77 10.50
N THR E 527 10.22 -48.12 11.65
CA THR E 527 10.84 -48.64 12.85
C THR E 527 10.10 -49.84 13.44
N TYR E 528 8.90 -50.14 12.96
CA TYR E 528 8.10 -51.21 13.54
C TYR E 528 7.72 -52.34 12.59
N LEU E 529 7.96 -52.21 11.28
CA LEU E 529 7.60 -53.28 10.34
C LEU E 529 8.82 -53.87 9.66
N VAL E 530 9.59 -53.06 8.95
CA VAL E 530 10.80 -53.58 8.33
C VAL E 530 11.91 -53.67 9.35
N ALA E 531 11.95 -52.72 10.28
CA ALA E 531 12.85 -52.79 11.41
C ALA E 531 12.10 -53.38 12.60
N GLU E 532 12.74 -54.33 13.28
CA GLU E 532 12.19 -54.94 14.48
C GLU E 532 12.65 -54.22 15.74
N LEU E 533 12.82 -52.91 15.65
CA LEU E 533 13.24 -52.09 16.79
C LEU E 533 12.09 -52.01 17.78
N SER E 534 11.96 -53.04 18.64
CA SER E 534 10.76 -53.17 19.46
C SER E 534 10.60 -52.13 20.56
N PRO E 535 11.57 -51.87 21.45
CA PRO E 535 11.27 -50.92 22.53
C PRO E 535 11.50 -49.47 22.13
N VAL E 536 11.58 -49.18 20.84
CA VAL E 536 11.93 -47.84 20.36
C VAL E 536 10.65 -47.04 20.17
N GLU E 537 10.71 -45.75 20.50
CA GLU E 537 9.54 -44.88 20.46
C GLU E 537 9.67 -43.85 19.36
N LEU E 538 8.59 -43.11 19.16
CA LEU E 538 8.61 -41.99 18.23
C LEU E 538 8.97 -40.72 18.99
N VAL E 539 9.04 -39.61 18.28
CA VAL E 539 9.51 -38.36 18.85
C VAL E 539 8.42 -37.32 18.70
N THR E 540 8.68 -36.10 19.15
CA THR E 540 7.72 -35.03 19.03
C THR E 540 8.00 -34.22 17.78
N ASP E 541 7.26 -33.14 17.62
CA ASP E 541 7.63 -32.11 16.65
C ASP E 541 8.94 -31.45 17.05
N VAL E 542 9.04 -30.96 18.29
CA VAL E 542 10.22 -30.22 18.72
C VAL E 542 11.38 -31.13 19.09
N TYR E 543 11.15 -32.44 19.19
CA TYR E 543 12.27 -33.35 19.34
C TYR E 543 13.08 -33.46 18.04
N ALA E 544 12.41 -33.34 16.90
CA ALA E 544 13.07 -33.40 15.60
C ALA E 544 13.34 -32.03 15.01
N THR E 545 12.67 -31.00 15.51
CA THR E 545 12.88 -29.63 15.04
C THR E 545 14.14 -29.02 15.62
N LEU E 546 14.35 -29.15 16.92
CA LEU E 546 15.39 -28.43 17.63
C LEU E 546 16.75 -29.09 17.38
N GLY E 547 17.79 -28.49 17.93
CA GLY E 547 19.14 -29.00 17.71
C GLY E 547 19.36 -30.33 18.43
N ILE E 548 20.24 -31.14 17.85
CA ILE E 548 20.46 -32.51 18.35
C ILE E 548 21.23 -32.47 19.67
N VAL E 549 21.94 -31.39 19.95
CA VAL E 549 22.48 -31.18 21.29
C VAL E 549 21.55 -30.33 22.15
N GLU E 550 20.65 -29.58 21.55
CA GLU E 550 19.62 -28.87 22.31
C GLU E 550 18.43 -29.75 22.65
N ILE E 551 18.38 -30.99 22.16
CA ILE E 551 17.36 -31.89 22.67
C ILE E 551 17.89 -32.67 23.86
N ILE E 552 19.21 -32.64 24.08
CA ILE E 552 19.81 -33.30 25.24
C ILE E 552 19.29 -32.68 26.52
N ASP E 553 19.52 -31.38 26.68
CA ASP E 553 19.03 -30.67 27.85
C ASP E 553 17.52 -30.58 27.87
N GLU E 554 16.86 -30.71 26.72
CA GLU E 554 15.41 -30.68 26.72
C GLU E 554 14.80 -32.00 27.20
N LEU E 555 15.39 -33.13 26.80
CA LEU E 555 15.05 -34.41 27.40
C LEU E 555 15.38 -34.42 28.87
N TYR E 556 16.50 -33.77 29.24
CA TYR E 556 16.87 -33.58 30.63
C TYR E 556 15.80 -32.82 31.39
N ARG E 557 15.22 -31.78 30.79
CA ARG E 557 14.20 -30.96 31.42
C ARG E 557 12.94 -31.75 31.78
N SER E 558 12.68 -32.85 31.10
CA SER E 558 11.62 -33.77 31.47
C SER E 558 12.14 -35.18 31.71
N SER E 559 13.32 -35.29 32.33
CA SER E 559 13.92 -36.58 32.63
C SER E 559 13.66 -36.98 34.07
N ARG E 560 13.86 -38.26 34.36
CA ARG E 560 13.75 -38.75 35.73
C ARG E 560 14.83 -38.16 36.63
N LEU E 561 16.06 -38.08 36.12
CA LEU E 561 17.20 -37.68 36.93
C LEU E 561 17.14 -36.21 37.29
N ALA E 562 16.82 -35.35 36.33
CA ALA E 562 16.84 -33.92 36.64
C ALA E 562 15.66 -33.49 37.48
N ILE E 563 14.55 -34.21 37.44
CA ILE E 563 13.51 -33.90 38.41
C ILE E 563 13.88 -34.45 39.78
N TYR E 564 14.66 -35.54 39.82
CA TYR E 564 15.25 -35.94 41.09
C TYR E 564 16.20 -34.89 41.65
N ILE E 565 16.93 -34.19 40.78
CA ILE E 565 17.79 -33.11 41.25
C ILE E 565 16.96 -31.87 41.57
N GLU E 566 15.84 -31.69 40.88
CA GLU E 566 14.90 -30.63 41.26
C GLU E 566 14.04 -31.03 42.45
N ASP E 567 13.89 -32.32 42.71
CA ASP E 567 13.47 -32.75 44.03
C ASP E 567 14.48 -32.31 45.07
N LEU E 568 15.76 -32.53 44.79
CA LEU E 568 16.82 -31.95 45.59
C LEU E 568 16.91 -30.43 45.43
N GLY E 569 16.29 -29.85 44.40
CA GLY E 569 16.21 -28.41 44.22
C GLY E 569 15.59 -27.68 45.38
N ARG E 570 14.67 -28.29 46.10
CA ARG E 570 14.25 -27.83 47.40
C ARG E 570 14.93 -28.75 48.41
N LYS E 571 16.20 -28.43 48.72
CA LYS E 571 17.10 -29.23 49.56
C LYS E 571 17.29 -30.69 49.15
N ALA F 18 63.35 -0.58 -20.31
CA ALA F 18 62.71 0.67 -20.66
C ALA F 18 61.40 0.44 -21.39
N ILE F 19 60.28 0.78 -20.74
CA ILE F 19 58.99 0.79 -21.42
C ILE F 19 58.22 2.01 -20.91
N PRO F 20 57.45 2.69 -21.78
CA PRO F 20 56.74 3.89 -21.32
C PRO F 20 55.53 3.54 -20.48
N VAL F 21 55.15 4.48 -19.61
CA VAL F 21 54.02 4.31 -18.71
C VAL F 21 53.01 5.42 -18.96
N HIS F 22 53.47 6.67 -18.88
CA HIS F 22 52.56 7.78 -19.16
C HIS F 22 52.27 7.98 -20.64
N PRO F 23 53.25 8.30 -21.52
CA PRO F 23 52.88 8.92 -22.80
C PRO F 23 52.46 7.95 -23.89
N THR F 24 52.12 6.72 -23.51
CA THR F 24 51.55 5.79 -24.47
C THR F 24 50.15 6.27 -24.85
N PRO F 25 49.69 5.99 -26.08
CA PRO F 25 48.32 6.40 -26.46
C PRO F 25 47.24 5.77 -25.60
N ALA F 26 47.39 4.50 -25.21
CA ALA F 26 46.39 3.88 -24.35
C ALA F 26 46.37 4.49 -22.97
N SER F 27 47.54 4.82 -22.41
CA SER F 27 47.52 5.39 -21.07
C SER F 27 47.14 6.86 -21.07
N VAL F 28 47.35 7.59 -22.17
CA VAL F 28 46.82 8.95 -22.16
C VAL F 28 45.32 8.92 -22.41
N ARG F 29 44.82 7.91 -23.13
CA ARG F 29 43.37 7.68 -23.17
C ARG F 29 42.85 7.33 -21.78
N LEU F 30 43.68 6.64 -20.99
CA LEU F 30 43.30 6.36 -19.62
C LEU F 30 43.34 7.61 -18.75
N PHE F 31 44.37 8.44 -18.90
CA PHE F 31 44.49 9.66 -18.12
C PHE F 31 43.45 10.69 -18.51
N GLU F 32 42.85 10.57 -19.69
CA GLU F 32 41.83 11.51 -20.12
C GLU F 32 40.57 11.42 -19.26
N ILE F 33 40.22 10.22 -18.81
CA ILE F 33 38.96 10.00 -18.08
C ILE F 33 38.97 10.63 -16.69
N LEU F 34 40.15 11.02 -16.21
CA LEU F 34 40.25 12.01 -15.14
C LEU F 34 39.41 13.25 -15.43
N GLN F 35 39.58 13.84 -16.60
CA GLN F 35 38.66 14.86 -17.06
C GLN F 35 37.52 14.18 -17.82
N GLY F 36 36.67 14.97 -18.46
CA GLY F 36 35.50 14.41 -19.11
C GLY F 36 35.49 14.38 -20.62
N LYS F 37 36.64 14.34 -21.27
CA LYS F 37 36.72 14.70 -22.69
C LYS F 37 36.07 13.66 -23.60
N TYR F 38 36.18 12.37 -23.31
CA TYR F 38 35.68 11.39 -24.29
C TYR F 38 34.31 10.86 -23.93
N ALA F 39 34.16 10.27 -22.74
CA ALA F 39 32.88 9.76 -22.32
C ALA F 39 32.60 10.21 -20.90
N TYR F 40 31.33 10.46 -20.60
CA TYR F 40 30.97 10.91 -19.26
C TYR F 40 29.51 10.58 -19.02
N VAL F 41 29.24 10.10 -17.80
CA VAL F 41 27.91 9.73 -17.36
C VAL F 41 27.71 10.24 -15.94
N GLN F 42 26.57 9.87 -15.36
CA GLN F 42 26.20 10.37 -14.03
C GLN F 42 27.03 9.71 -12.94
N GLY F 43 27.45 8.46 -13.14
CA GLY F 43 28.25 7.79 -12.13
C GLY F 43 29.62 8.41 -11.95
N GLN F 44 30.16 9.04 -12.99
CA GLN F 44 31.48 9.66 -12.89
C GLN F 44 31.43 10.96 -12.10
N THR F 45 30.23 11.48 -11.79
CA THR F 45 30.15 12.61 -10.88
C THR F 45 30.60 12.26 -9.48
N ILE F 46 30.42 11.00 -9.08
CA ILE F 46 30.85 10.58 -7.75
C ILE F 46 32.37 10.52 -7.65
N TYR F 47 33.06 10.49 -8.79
CA TYR F 47 34.51 10.48 -8.80
C TYR F 47 35.09 11.81 -8.34
N ALA F 48 34.41 12.91 -8.65
CA ALA F 48 34.87 14.20 -8.14
C ALA F 48 34.63 14.35 -6.65
N ASN F 49 33.67 13.62 -6.08
CA ASN F 49 33.37 13.76 -4.66
C ASN F 49 34.49 13.19 -3.81
N LEU F 50 35.04 12.06 -4.22
CA LEU F 50 36.27 11.60 -3.59
C LEU F 50 37.48 12.35 -4.09
N ARG F 51 37.37 13.08 -5.21
CA ARG F 51 38.44 13.96 -5.63
C ARG F 51 38.43 15.26 -4.86
N ASN F 52 37.40 15.51 -4.06
CA ASN F 52 37.31 16.74 -3.30
C ASN F 52 38.39 16.81 -2.24
N PRO F 53 39.21 17.84 -2.24
CA PRO F 53 40.10 18.05 -1.09
C PRO F 53 39.34 18.63 0.08
N GLY F 54 40.06 18.99 1.13
CA GLY F 54 39.37 19.45 2.32
C GLY F 54 39.49 18.42 3.42
N VAL F 55 39.33 17.15 3.06
CA VAL F 55 39.53 16.08 4.02
C VAL F 55 41.00 15.99 4.42
N PHE F 56 41.91 16.40 3.54
CA PHE F 56 43.30 16.48 3.94
C PHE F 56 43.55 17.68 4.84
N SER F 57 42.83 18.78 4.61
CA SER F 57 42.98 19.91 5.50
C SER F 57 42.38 19.62 6.86
N ARG F 58 41.34 18.78 6.89
CA ARG F 58 40.82 18.24 8.14
C ARG F 58 41.90 17.52 8.93
N GLN F 59 42.79 16.79 8.22
CA GLN F 59 43.82 15.99 8.88
C GLN F 59 44.82 16.86 9.62
N VAL F 60 45.49 17.76 8.88
CA VAL F 60 46.48 18.67 9.46
C VAL F 60 45.81 19.62 10.46
N PHE F 61 44.56 19.98 10.21
CA PHE F 61 43.73 20.81 11.05
C PHE F 61 43.55 20.21 12.43
N THR F 62 42.89 19.04 12.52
CA THR F 62 42.64 18.43 13.82
C THR F 62 43.92 17.89 14.45
N HIS F 63 44.93 17.58 13.63
CA HIS F 63 46.19 17.13 14.19
C HIS F 63 46.93 18.26 14.88
N LEU F 64 46.86 19.47 14.34
CA LEU F 64 47.54 20.55 15.02
C LEU F 64 46.73 21.04 16.21
N PHE F 65 45.40 20.87 16.18
CA PHE F 65 44.60 21.01 17.40
C PHE F 65 45.04 20.01 18.46
N LYS F 66 45.32 18.77 18.05
CA LYS F 66 45.76 17.74 18.97
C LYS F 66 47.13 18.05 19.54
N ARG F 67 48.03 18.58 18.72
CA ARG F 67 49.35 18.96 19.20
C ARG F 67 49.27 20.15 20.15
N ALA F 68 48.36 21.10 19.87
CA ALA F 68 48.21 22.25 20.74
C ALA F 68 47.54 21.88 22.05
N ILE F 69 46.67 20.86 22.03
CA ILE F 69 45.88 20.57 23.20
C ILE F 69 46.58 19.56 24.10
N SER F 70 47.59 18.85 23.58
CA SER F 70 48.22 17.78 24.36
C SER F 70 49.37 18.30 25.23
N HIS F 71 50.15 19.25 24.71
CA HIS F 71 51.41 19.64 25.34
C HIS F 71 51.25 20.56 26.55
N CYS F 72 50.05 20.64 27.13
CA CYS F 72 49.79 21.61 28.17
C CYS F 72 50.05 21.04 29.55
N THR F 73 50.23 21.93 30.52
CA THR F 73 50.50 21.57 31.90
C THR F 73 49.25 21.80 32.74
N TYR F 74 48.98 20.83 33.64
CA TYR F 74 47.84 20.96 34.54
C TYR F 74 48.08 22.02 35.60
N ASP F 75 49.35 22.24 35.96
CA ASP F 75 49.66 23.16 37.04
C ASP F 75 49.46 24.62 36.65
N ASP F 76 49.42 24.93 35.35
CA ASP F 76 49.19 26.31 34.95
C ASP F 76 47.73 26.71 35.14
N VAL F 77 46.79 25.85 34.72
CA VAL F 77 45.38 26.24 34.73
C VAL F 77 44.80 26.29 36.14
N LEU F 78 45.37 25.58 37.10
CA LEU F 78 44.84 25.62 38.46
C LEU F 78 45.20 26.94 39.14
N HIS F 79 46.41 27.44 38.92
CA HIS F 79 46.73 28.75 39.46
C HIS F 79 46.05 29.86 38.68
N ASP F 80 45.71 29.59 37.41
CA ASP F 80 44.82 30.48 36.67
C ASP F 80 43.44 30.54 37.31
N TRP F 81 42.94 29.40 37.80
CA TRP F 81 41.67 29.41 38.50
C TRP F 81 41.75 30.11 39.85
N ASN F 82 42.87 29.94 40.56
CA ASN F 82 43.05 30.65 41.82
C ASN F 82 43.13 32.15 41.63
N LYS F 83 43.87 32.61 40.61
CA LYS F 83 43.89 34.03 40.30
C LYS F 83 42.55 34.50 39.74
N PHE F 84 41.79 33.60 39.11
CA PHE F 84 40.46 33.92 38.65
C PHE F 84 39.51 34.17 39.82
N GLU F 85 39.64 33.38 40.88
CA GLU F 85 38.85 33.63 42.09
C GLU F 85 39.34 34.87 42.82
N ALA F 86 40.65 35.14 42.77
CA ALA F 86 41.19 36.39 43.30
C ALA F 86 40.66 37.60 42.56
N CYS F 87 40.34 37.44 41.27
CA CYS F 87 39.69 38.51 40.52
C CYS F 87 38.27 38.76 41.02
N ILE F 88 37.55 37.71 41.42
CA ILE F 88 36.13 37.86 41.70
C ILE F 88 35.85 38.16 43.18
N GLN F 89 36.81 37.91 44.08
CA GLN F 89 36.57 38.24 45.48
C GLN F 89 36.58 39.75 45.73
N LYS F 90 37.36 40.51 44.96
CA LYS F 90 37.31 41.96 45.06
C LYS F 90 36.11 42.52 44.33
N ARG F 91 35.51 41.75 43.43
CA ARG F 91 34.27 42.15 42.77
C ARG F 91 33.04 41.64 43.52
N TRP F 92 33.14 40.47 44.14
CA TRP F 92 32.08 39.97 45.02
C TRP F 92 32.68 39.26 46.22
N ASP F 96 29.12 34.47 51.20
CA ASP F 96 29.86 33.66 52.16
C ASP F 96 29.38 32.23 52.09
N SER F 97 28.23 31.97 52.71
CA SER F 97 27.59 30.67 52.56
C SER F 97 27.03 30.50 51.15
N CYS F 98 26.51 31.59 50.58
CA CYS F 98 26.06 31.60 49.19
C CYS F 98 27.25 31.61 48.23
N ALA F 99 28.43 31.97 48.73
CA ALA F 99 29.61 32.03 47.87
C ALA F 99 30.08 30.64 47.44
N SER F 100 29.62 29.58 48.10
CA SER F 100 29.94 28.24 47.63
C SER F 100 29.33 27.98 46.25
N ARG F 101 28.03 28.19 46.11
CA ARG F 101 27.40 28.02 44.81
C ARG F 101 27.77 29.16 43.86
N PHE F 102 28.12 30.33 44.39
CA PHE F 102 28.66 31.40 43.55
C PHE F 102 29.98 30.96 42.91
N ARG F 103 30.85 30.33 43.69
CA ARG F 103 32.13 29.87 43.17
C ARG F 103 31.97 28.68 42.25
N GLU F 104 30.94 27.85 42.50
CA GLU F 104 30.66 26.76 41.57
C GLU F 104 30.20 27.29 40.22
N SER F 105 29.24 28.21 40.23
CA SER F 105 28.73 28.81 38.99
C SER F 105 29.80 29.60 38.25
N THR F 106 30.64 30.35 38.98
CA THR F 106 31.65 31.13 38.30
C THR F 106 32.77 30.25 37.76
N PHE F 107 33.00 29.08 38.35
CA PHE F 107 33.94 28.15 37.76
C PHE F 107 33.35 27.51 36.51
N GLU F 108 32.06 27.16 36.55
CA GLU F 108 31.41 26.56 35.39
C GLU F 108 31.43 27.52 34.21
N SER F 109 31.10 28.78 34.46
CA SER F 109 31.13 29.78 33.41
C SER F 109 32.57 30.12 33.02
N TRP F 110 33.51 29.97 33.95
CA TRP F 110 34.92 30.15 33.62
C TRP F 110 35.40 29.06 32.66
N SER F 111 34.91 27.83 32.87
CA SER F 111 35.21 26.74 31.94
C SER F 111 34.59 27.00 30.58
N THR F 112 33.36 27.52 30.57
CA THR F 112 32.68 27.82 29.30
C THR F 112 33.41 28.91 28.54
N THR F 113 33.79 30.01 29.21
CA THR F 113 34.53 31.04 28.48
C THR F 113 35.97 30.62 28.24
N MET F 114 36.49 29.64 28.98
CA MET F 114 37.81 29.11 28.68
C MET F 114 37.80 28.36 27.36
N LYS F 115 36.78 27.51 27.17
CA LYS F 115 36.55 26.85 25.88
C LYS F 115 36.36 27.87 24.77
N LEU F 116 35.57 28.91 25.04
CA LEU F 116 35.32 29.92 24.02
C LEU F 116 36.58 30.71 23.68
N THR F 117 37.33 31.10 24.70
CA THR F 117 38.46 32.01 24.50
C THR F 117 39.68 31.27 24.02
N VAL F 118 39.67 29.93 24.10
CA VAL F 118 40.68 29.23 23.33
C VAL F 118 40.18 29.05 21.90
N ARG F 119 38.90 28.65 21.74
CA ARG F 119 38.39 28.14 20.48
C ARG F 119 38.35 29.21 19.41
N ASP F 120 38.07 30.46 19.80
CA ASP F 120 38.03 31.53 18.81
C ASP F 120 39.40 31.82 18.24
N LEU F 121 40.43 31.92 19.09
CA LEU F 121 41.76 32.22 18.61
C LEU F 121 42.36 31.06 17.83
N LEU F 122 42.02 29.83 18.23
CA LEU F 122 42.36 28.67 17.41
C LEU F 122 41.69 28.74 16.05
N THR F 123 40.43 29.15 16.01
CA THR F 123 39.69 29.23 14.76
C THR F 123 40.26 30.30 13.84
N THR F 124 40.73 31.42 14.42
CA THR F 124 41.44 32.42 13.62
C THR F 124 42.76 31.89 13.07
N ASN F 125 43.69 31.55 13.96
CA ASN F 125 45.08 31.32 13.54
C ASN F 125 45.22 30.03 12.73
N ILE F 126 44.45 29.00 13.08
CA ILE F 126 44.63 27.71 12.43
C ILE F 126 44.00 27.70 11.05
N TYR F 127 42.88 28.41 10.89
CA TYR F 127 42.37 28.60 9.54
C TYR F 127 43.26 29.55 8.74
N ARG F 128 43.95 30.47 9.44
CA ARG F 128 44.86 31.38 8.76
C ARG F 128 46.07 30.63 8.18
N VAL F 129 46.58 29.66 8.92
CA VAL F 129 47.68 28.87 8.40
C VAL F 129 47.18 27.72 7.55
N LEU F 130 45.87 27.47 7.60
CA LEU F 130 45.31 26.34 6.87
C LEU F 130 45.16 26.66 5.39
N HIS F 131 44.63 27.83 5.07
CA HIS F 131 44.34 28.17 3.70
C HIS F 131 45.45 28.99 3.04
N SER F 132 46.70 28.73 3.44
CA SER F 132 47.85 29.21 2.69
C SER F 132 47.92 28.54 1.32
N ARG F 133 48.80 29.06 0.46
CA ARG F 133 49.03 28.39 -0.80
C ARG F 133 49.85 27.13 -0.56
N SER F 134 49.21 25.98 -0.80
CA SER F 134 49.87 24.69 -0.71
C SER F 134 50.00 24.11 -2.11
N VAL F 135 51.24 23.93 -2.55
CA VAL F 135 51.48 23.37 -3.88
C VAL F 135 51.19 21.88 -3.89
N LEU F 136 51.25 21.25 -2.72
CA LEU F 136 50.73 19.90 -2.55
C LEU F 136 49.22 19.96 -2.48
N SER F 137 48.56 19.08 -3.22
CA SER F 137 47.11 19.00 -3.18
C SER F 137 46.70 17.54 -3.08
N TYR F 138 45.70 17.27 -2.25
CA TYR F 138 45.04 15.96 -2.28
C TYR F 138 44.38 15.71 -3.63
N GLU F 139 43.85 16.77 -4.25
CA GLU F 139 43.16 16.64 -5.53
C GLU F 139 44.09 16.16 -6.62
N ARG F 140 45.32 16.65 -6.64
CA ARG F 140 46.32 16.15 -7.57
C ARG F 140 46.89 14.80 -7.14
N TYR F 141 46.59 14.33 -5.94
CA TYR F 141 47.01 13.00 -5.56
C TYR F 141 46.02 11.93 -5.98
N VAL F 142 44.73 12.13 -5.69
CA VAL F 142 43.75 11.05 -5.74
C VAL F 142 43.48 10.62 -7.18
N ASP F 143 43.57 11.56 -8.12
CA ASP F 143 43.39 11.21 -9.52
C ASP F 143 44.57 10.40 -10.03
N TRP F 144 45.75 10.65 -9.49
CA TRP F 144 46.92 9.92 -9.97
C TRP F 144 46.93 8.48 -9.50
N ILE F 145 46.58 8.25 -8.23
CA ILE F 145 46.58 6.89 -7.72
C ILE F 145 45.46 6.07 -8.36
N CYS F 146 44.31 6.69 -8.62
CA CYS F 146 43.23 5.95 -9.25
C CYS F 146 43.47 5.71 -10.73
N ALA F 147 44.40 6.46 -11.34
CA ALA F 147 44.67 6.30 -12.77
C ALA F 147 45.57 5.10 -13.03
N THR F 148 46.66 4.98 -12.28
CA THR F 148 47.68 4.01 -12.64
C THR F 148 48.23 3.24 -11.46
N GLY F 149 47.75 3.55 -10.26
CA GLY F 149 48.31 2.92 -9.07
C GLY F 149 49.69 3.40 -8.72
N MET F 150 50.11 4.52 -9.29
CA MET F 150 51.45 5.06 -9.16
C MET F 150 51.34 6.56 -8.97
N VAL F 151 52.30 7.13 -8.26
CA VAL F 151 52.25 8.53 -7.86
C VAL F 151 53.66 9.09 -7.88
N PRO F 152 53.90 10.23 -8.53
CA PRO F 152 55.24 10.84 -8.49
C PRO F 152 55.49 11.57 -7.19
N ALA F 153 56.39 11.04 -6.38
CA ALA F 153 56.75 11.64 -5.10
C ALA F 153 57.85 12.66 -5.35
N VAL F 154 57.46 13.90 -5.64
CA VAL F 154 58.38 14.93 -6.07
C VAL F 154 58.74 15.79 -4.87
N LYS F 155 60.02 15.95 -4.64
CA LYS F 155 60.55 16.72 -3.51
C LYS F 155 61.09 18.02 -4.06
N LYS F 156 60.25 19.07 -4.03
CA LYS F 156 60.59 20.35 -4.61
C LYS F 156 61.16 21.25 -3.51
N PRO F 157 62.45 21.58 -3.56
CA PRO F 157 63.10 22.15 -2.36
C PRO F 157 62.82 23.61 -2.10
N ILE F 158 61.97 24.29 -2.89
CA ILE F 158 61.60 25.66 -2.55
C ILE F 158 60.65 25.67 -1.35
N THR F 159 61.08 26.30 -0.26
CA THR F 159 60.26 26.41 0.94
C THR F 159 60.38 27.81 1.56
N GLN F 160 60.38 28.84 0.71
CA GLN F 160 60.50 30.21 1.19
C GLN F 160 59.16 30.92 1.23
N GLU F 161 58.05 30.20 1.07
CA GLU F 161 56.76 30.87 1.07
C GLU F 161 56.23 31.08 2.48
N LEU F 162 56.50 30.14 3.40
CA LEU F 162 55.80 30.13 4.69
C LEU F 162 56.28 31.26 5.59
N HIS F 163 57.59 31.52 5.66
CA HIS F 163 58.09 32.58 6.52
C HIS F 163 57.78 33.94 5.95
N SER F 164 57.64 34.02 4.63
CA SER F 164 57.29 35.29 4.01
C SER F 164 55.82 35.63 4.26
N LYS F 165 54.94 34.63 4.14
CA LYS F 165 53.51 34.91 4.31
C LYS F 165 53.14 35.07 5.78
N ILE F 166 53.83 34.36 6.66
CA ILE F 166 53.59 34.45 8.10
C ILE F 166 54.92 34.31 8.82
N LYS F 167 55.34 35.40 9.47
CA LYS F 167 56.64 35.43 10.14
C LYS F 167 56.48 35.50 11.66
N SER F 168 55.79 36.51 12.17
CA SER F 168 55.57 36.68 13.60
C SER F 168 54.38 37.60 13.85
N LEU F 169 53.97 37.71 15.11
CA LEU F 169 52.96 38.61 15.69
C LEU F 169 51.52 38.27 15.26
N ARG F 170 51.32 37.29 14.36
CA ARG F 170 49.96 36.86 14.04
C ARG F 170 49.37 36.08 15.21
N ASP F 171 50.22 35.38 15.96
CA ASP F 171 49.82 34.79 17.22
C ASP F 171 49.85 35.78 18.38
N ARG F 172 50.46 36.95 18.19
CA ARG F 172 50.63 37.89 19.29
C ARG F 172 49.65 39.06 19.25
N CYS F 173 49.10 39.39 18.09
CA CYS F 173 48.29 40.61 17.98
C CYS F 173 46.90 40.45 18.59
N VAL F 174 46.31 39.26 18.53
CA VAL F 174 44.91 39.10 18.92
C VAL F 174 44.74 38.85 20.42
N CYS F 175 45.78 38.36 21.09
CA CYS F 175 45.65 37.85 22.45
C CYS F 175 45.81 38.94 23.51
N ARG F 176 46.01 40.19 23.14
CA ARG F 176 46.24 41.25 24.11
C ARG F 176 44.92 41.72 24.70
N GLU F 177 44.59 41.25 25.90
CA GLU F 177 43.33 41.58 26.57
C GLU F 177 43.63 41.93 28.03
N LEU F 178 42.56 42.03 28.83
CA LEU F 178 42.72 42.31 30.25
C LEU F 178 43.23 41.08 31.00
N GLY F 179 42.44 40.00 30.98
CA GLY F 179 42.79 38.81 31.73
C GLY F 179 43.95 38.08 31.09
N HIS F 180 45.13 38.21 31.71
CA HIS F 180 46.35 37.63 31.16
C HIS F 180 46.35 36.14 31.42
N GLU F 181 45.58 35.42 30.61
CA GLU F 181 45.46 33.97 30.72
C GLU F 181 46.74 33.35 30.18
N ARG F 182 47.61 32.93 31.09
CA ARG F 182 48.92 32.38 30.72
C ARG F 182 48.81 31.05 30.01
N THR F 183 47.67 30.36 30.14
CA THR F 183 47.39 29.19 29.32
C THR F 183 47.46 29.51 27.83
N ILE F 184 46.87 30.63 27.42
CA ILE F 184 46.93 31.03 26.02
C ILE F 184 48.33 31.46 25.63
N ARG F 185 49.04 32.17 26.51
CA ARG F 185 50.42 32.58 26.26
C ARG F 185 51.37 31.39 26.19
N SER F 186 51.00 30.24 26.76
CA SER F 186 51.80 29.04 26.63
C SER F 186 51.42 28.24 25.39
N ILE F 187 50.14 28.18 25.07
CA ILE F 187 49.74 27.30 23.97
C ILE F 187 49.89 27.97 22.60
N GLY F 188 49.79 29.29 22.52
CA GLY F 188 49.84 29.95 21.22
C GLY F 188 51.21 29.86 20.60
N THR F 189 52.25 29.97 21.42
CA THR F 189 53.62 29.83 20.95
C THR F 189 53.91 28.43 20.43
N GLU F 190 53.50 27.39 21.15
CA GLU F 190 53.81 26.05 20.69
C GLU F 190 52.96 25.65 19.48
N LEU F 191 51.68 26.07 19.42
CA LEU F 191 50.91 25.80 18.21
C LEU F 191 51.41 26.61 17.03
N TYR F 192 51.93 27.81 17.27
CA TYR F 192 52.48 28.63 16.21
C TYR F 192 53.73 28.01 15.62
N GLU F 193 54.67 27.61 16.48
CA GLU F 193 55.89 27.00 15.98
C GLU F 193 55.65 25.59 15.44
N ALA F 194 54.60 24.90 15.90
CA ALA F 194 54.32 23.57 15.37
C ALA F 194 53.87 23.62 13.92
N THR F 195 53.07 24.63 13.56
CA THR F 195 52.65 24.78 12.18
C THR F 195 53.82 25.14 11.27
N LYS F 196 54.83 25.83 11.81
CA LYS F 196 56.00 26.17 11.03
C LYS F 196 56.83 24.96 10.65
N GLU F 197 56.66 23.82 11.33
CA GLU F 197 57.26 22.59 10.87
C GLU F 197 56.33 21.75 10.01
N ILE F 198 55.02 21.91 10.14
CA ILE F 198 54.06 21.10 9.40
C ILE F 198 53.82 21.65 7.99
N ILE F 199 53.62 22.96 7.86
CA ILE F 199 53.46 23.58 6.55
C ILE F 199 54.75 23.47 5.76
N GLU F 200 55.89 23.52 6.45
CA GLU F 200 57.19 23.18 5.90
C GLU F 200 57.18 21.82 5.23
N SER F 201 56.61 20.82 5.89
CA SER F 201 56.66 19.45 5.40
C SER F 201 55.77 19.27 4.17
N LEU F 202 54.59 19.91 4.16
CA LEU F 202 53.71 19.74 3.02
C LEU F 202 54.17 20.56 1.83
N ASN F 203 54.70 21.76 2.07
CA ASN F 203 55.10 22.58 0.93
C ASN F 203 56.46 22.16 0.41
N SER F 204 57.22 21.41 1.20
CA SER F 204 58.46 20.83 0.69
C SER F 204 58.17 19.71 -0.30
N THR F 205 57.12 18.94 -0.04
CA THR F 205 56.69 17.90 -0.95
C THR F 205 55.99 18.52 -2.15
N PHE F 206 55.82 17.72 -3.20
CA PHE F 206 55.18 18.20 -4.41
C PHE F 206 54.56 17.05 -5.17
N ILE F 207 53.37 17.30 -5.70
CA ILE F 207 52.71 16.40 -6.64
C ILE F 207 52.40 17.20 -7.92
N PRO F 208 52.82 16.74 -9.07
CA PRO F 208 52.47 17.46 -10.30
C PRO F 208 51.18 16.95 -10.93
N GLN F 209 50.87 17.53 -12.08
CA GLN F 209 49.81 17.07 -12.95
C GLN F 209 50.34 15.92 -13.81
N PHE F 210 49.64 15.61 -14.88
CA PHE F 210 50.05 14.51 -15.75
C PHE F 210 50.50 14.95 -17.13
N THR F 211 49.95 16.05 -17.64
CA THR F 211 50.05 16.35 -19.07
C THR F 211 51.44 16.82 -19.50
N GLU F 212 52.35 17.07 -18.57
CA GLU F 212 53.68 17.54 -18.92
C GLU F 212 54.81 16.76 -18.25
N VAL F 213 54.52 15.94 -17.25
CA VAL F 213 55.50 15.02 -16.69
C VAL F 213 55.23 13.64 -17.28
N THR F 214 56.20 12.75 -17.10
CA THR F 214 56.03 11.38 -17.54
C THR F 214 56.63 10.44 -16.51
N ILE F 215 56.35 9.15 -16.67
CA ILE F 215 56.79 8.10 -15.76
C ILE F 215 57.26 6.91 -16.60
N GLU F 216 58.37 6.30 -16.16
CA GLU F 216 59.05 5.27 -16.95
C GLU F 216 59.26 4.02 -16.11
N TYR F 217 59.01 2.87 -16.73
CA TYR F 217 59.26 1.57 -16.13
C TYR F 217 60.23 0.77 -16.97
N LEU F 218 61.27 0.27 -16.33
CA LEU F 218 62.17 -0.64 -17.01
C LEU F 218 61.87 -2.07 -16.59
N PRO F 219 61.49 -2.93 -17.54
CA PRO F 219 61.25 -4.35 -17.23
C PRO F 219 62.49 -5.07 -16.74
N ARG F 220 63.61 -4.87 -17.43
CA ARG F 220 64.88 -5.42 -17.02
C ARG F 220 65.31 -4.78 -15.71
N SER F 221 65.46 -5.61 -14.66
CA SER F 221 65.75 -5.17 -13.29
C SER F 221 64.71 -4.15 -12.82
N ASP F 222 63.51 -4.66 -12.55
CA ASP F 222 62.29 -3.86 -12.46
C ASP F 222 62.36 -2.78 -11.37
N GLU F 223 62.52 -1.54 -11.83
CA GLU F 223 62.30 -0.35 -11.02
C GLU F 223 61.49 0.62 -11.86
N TYR F 224 61.18 1.77 -11.28
CA TYR F 224 60.37 2.78 -11.96
C TYR F 224 61.11 4.10 -11.86
N VAL F 225 61.12 4.86 -12.95
CA VAL F 225 61.86 6.12 -13.03
C VAL F 225 60.89 7.24 -13.38
N ALA F 226 60.76 8.21 -12.48
CA ALA F 226 60.00 9.42 -12.69
C ALA F 226 60.80 10.43 -13.49
N TYR F 227 60.12 11.36 -14.14
CA TYR F 227 60.80 12.42 -14.86
C TYR F 227 59.99 13.69 -14.82
N TYR F 228 60.68 14.79 -14.48
CA TYR F 228 60.13 16.13 -14.60
C TYR F 228 61.32 17.08 -14.71
N CYS F 229 61.39 17.80 -15.83
CA CYS F 229 62.52 18.68 -16.19
C CYS F 229 63.86 17.94 -16.13
N GLY F 230 63.86 16.68 -16.58
CA GLY F 230 65.08 15.97 -16.89
C GLY F 230 65.75 15.21 -15.76
N ARG F 231 65.05 14.89 -14.68
CA ARG F 231 65.66 14.18 -13.56
C ARG F 231 64.78 13.05 -13.06
N ARG F 232 65.42 12.03 -12.49
CA ARG F 232 64.71 10.93 -11.83
C ARG F 232 64.29 11.38 -10.44
N ILE F 233 62.98 11.34 -10.17
CA ILE F 233 62.47 11.78 -8.87
C ILE F 233 61.90 10.57 -8.14
N ARG F 234 61.72 10.71 -6.83
CA ARG F 234 61.27 9.62 -5.97
C ARG F 234 59.83 9.23 -6.29
N LEU F 235 59.45 8.04 -5.86
CA LEU F 235 58.28 7.34 -6.38
C LEU F 235 57.78 6.36 -5.33
N HIS F 236 56.55 5.91 -5.51
CA HIS F 236 55.96 4.96 -4.59
C HIS F 236 54.96 4.08 -5.32
N VAL F 237 55.26 2.80 -5.39
CA VAL F 237 54.36 1.82 -5.96
C VAL F 237 53.25 1.55 -4.96
N LEU F 238 52.02 1.50 -5.46
CA LEU F 238 50.94 0.94 -4.68
C LEU F 238 50.25 -0.21 -5.38
N PHE F 239 49.90 -0.01 -6.65
CA PHE F 239 49.16 -1.00 -7.44
C PHE F 239 50.03 -1.25 -8.67
N PRO F 240 50.87 -2.28 -8.63
CA PRO F 240 51.82 -2.49 -9.74
C PRO F 240 51.11 -3.06 -10.95
N PRO F 241 51.40 -2.52 -12.14
CA PRO F 241 50.61 -2.87 -13.32
C PRO F 241 51.01 -4.20 -13.89
N ALA F 242 50.13 -4.74 -14.73
CA ALA F 242 50.39 -5.97 -15.47
C ALA F 242 51.07 -5.59 -16.78
N ILE F 243 52.33 -5.98 -16.91
CA ILE F 243 53.12 -5.75 -18.12
C ILE F 243 53.12 -7.05 -18.90
N PHE F 244 52.33 -7.12 -19.96
CA PHE F 244 52.57 -8.22 -20.87
C PHE F 244 53.53 -7.76 -21.95
N ALA F 245 53.98 -8.71 -22.78
CA ALA F 245 54.96 -8.39 -23.83
C ALA F 245 54.39 -7.50 -24.92
N GLY F 246 53.07 -7.39 -25.02
CA GLY F 246 52.46 -6.57 -26.04
C GLY F 246 51.93 -5.26 -25.53
N THR F 247 51.46 -5.23 -24.29
CA THR F 247 50.89 -4.02 -23.72
C THR F 247 51.04 -4.05 -22.21
N VAL F 248 50.74 -2.91 -21.60
CA VAL F 248 50.77 -2.74 -20.16
C VAL F 248 49.41 -2.24 -19.72
N THR F 249 48.78 -2.95 -18.80
CA THR F 249 47.53 -2.52 -18.19
C THR F 249 47.73 -2.35 -16.70
N PHE F 250 47.04 -1.37 -16.13
CA PHE F 250 47.25 -0.96 -14.75
C PHE F 250 46.11 -1.47 -13.91
N ASP F 251 46.44 -2.05 -12.75
CA ASP F 251 45.43 -2.39 -11.77
C ASP F 251 44.91 -1.11 -11.15
N SER F 252 43.84 -0.57 -11.72
CA SER F 252 43.34 0.74 -11.34
C SER F 252 41.82 0.70 -11.29
N PRO F 253 41.20 1.61 -10.52
CA PRO F 253 39.73 1.71 -10.55
C PRO F 253 39.18 2.07 -11.91
N VAL F 254 39.84 2.98 -12.64
CA VAL F 254 39.28 3.38 -13.91
C VAL F 254 39.56 2.34 -14.99
N GLN F 255 40.74 1.69 -14.97
CA GLN F 255 41.01 0.70 -16.00
C GLN F 255 40.37 -0.64 -15.70
N ARG F 256 39.71 -0.77 -14.55
CA ARG F 256 38.76 -1.86 -14.39
C ARG F 256 37.43 -1.55 -15.08
N LEU F 257 37.27 -0.35 -15.64
CA LEU F 257 36.07 0.04 -16.36
C LEU F 257 36.35 0.37 -17.81
N TYR F 258 37.62 0.32 -18.24
CA TYR F 258 38.14 1.12 -19.35
C TYR F 258 37.42 0.84 -20.67
N GLN F 259 37.46 -0.40 -21.13
CA GLN F 259 36.83 -0.67 -22.41
C GLN F 259 35.32 -0.71 -22.32
N ASN F 260 34.74 -0.81 -21.12
CA ASN F 260 33.28 -0.64 -21.04
C ASN F 260 32.91 0.83 -21.23
N ILE F 261 33.70 1.74 -20.67
CA ILE F 261 33.49 3.17 -20.93
C ILE F 261 33.71 3.50 -22.40
N PHE F 262 34.76 2.94 -22.99
CA PHE F 262 34.98 3.17 -24.41
C PHE F 262 33.90 2.52 -25.27
N MET F 263 33.34 1.40 -24.83
CA MET F 263 32.22 0.80 -25.55
C MET F 263 31.00 1.70 -25.50
N CYS F 264 30.75 2.32 -24.34
CA CYS F 264 29.62 3.23 -24.24
C CYS F 264 29.83 4.49 -25.07
N TYR F 265 31.07 4.99 -25.11
CA TYR F 265 31.39 6.12 -25.97
C TYR F 265 31.19 5.76 -27.44
N ARG F 266 31.62 4.56 -27.82
CA ARG F 266 31.48 4.11 -29.20
C ARG F 266 30.03 3.96 -29.60
N THR F 267 29.20 3.39 -28.72
CA THR F 267 27.81 3.23 -29.12
C THR F 267 27.05 4.55 -29.04
N LEU F 268 27.50 5.51 -28.22
CA LEU F 268 26.83 6.80 -28.23
C LEU F 268 27.14 7.59 -29.49
N GLU F 269 28.42 7.61 -29.91
CA GLU F 269 28.74 8.30 -31.15
C GLU F 269 28.15 7.55 -32.35
N HIS F 270 28.07 6.21 -32.24
CA HIS F 270 27.39 5.40 -33.24
C HIS F 270 25.91 5.74 -33.32
N ALA F 271 25.28 5.98 -32.17
CA ALA F 271 23.87 6.30 -32.13
C ALA F 271 23.61 7.66 -32.76
N LYS F 272 24.49 8.62 -32.49
CA LYS F 272 24.32 9.92 -33.13
C LYS F 272 24.64 9.83 -34.62
N ILE F 273 25.53 8.91 -35.02
CA ILE F 273 25.83 8.70 -36.45
C ILE F 273 24.59 8.19 -37.17
N CYS F 274 23.93 7.16 -36.62
CA CYS F 274 22.74 6.65 -37.29
C CYS F 274 21.57 7.62 -37.20
N GLN F 275 21.46 8.34 -36.07
CA GLN F 275 20.44 9.37 -35.93
C GLN F 275 20.60 10.47 -36.95
N LEU F 276 21.83 10.91 -37.18
CA LEU F 276 22.11 11.93 -38.17
C LEU F 276 22.11 11.38 -39.58
N LEU F 277 22.18 10.07 -39.76
CA LEU F 277 22.20 9.53 -41.10
C LEU F 277 20.82 9.16 -41.60
N ASN F 278 19.85 8.95 -40.72
CA ASN F 278 18.50 8.67 -41.18
C ASN F 278 17.57 9.88 -41.10
N THR F 279 18.12 11.10 -41.01
CA THR F 279 17.29 12.31 -40.85
C THR F 279 16.40 12.59 -42.03
N ALA F 280 16.73 12.10 -43.21
CA ALA F 280 15.85 12.28 -44.35
C ALA F 280 14.55 11.53 -44.09
N PRO F 281 13.41 12.12 -44.39
CA PRO F 281 12.12 11.46 -44.17
C PRO F 281 11.76 10.49 -45.27
N LEU F 282 12.65 10.25 -46.21
CA LEU F 282 12.37 9.46 -47.40
C LEU F 282 13.69 9.03 -48.00
N LYS F 283 13.74 7.79 -48.47
CA LYS F 283 14.98 7.18 -48.96
C LYS F 283 14.78 6.79 -50.42
N ALA F 284 15.64 7.31 -51.28
CA ALA F 284 15.66 6.90 -52.67
C ALA F 284 16.89 6.05 -52.96
N ILE F 285 16.84 5.34 -54.09
CA ILE F 285 17.98 4.61 -54.61
C ILE F 285 18.12 4.92 -56.08
N VAL F 286 19.33 5.30 -56.49
CA VAL F 286 19.56 5.67 -57.87
C VAL F 286 19.90 4.43 -58.67
N GLY F 287 19.84 4.54 -59.99
CA GLY F 287 20.21 3.44 -60.87
C GLY F 287 19.97 3.73 -62.34
N ASP F 434 20.59 30.56 -35.18
CA ASP F 434 19.58 31.25 -35.99
C ASP F 434 18.56 30.26 -36.54
N ILE F 435 19.01 29.03 -36.80
CA ILE F 435 18.09 27.98 -37.22
C ILE F 435 17.23 27.54 -36.06
N LEU F 436 17.76 27.62 -34.84
CA LEU F 436 17.04 27.17 -33.66
C LEU F 436 15.86 28.06 -33.32
N THR F 437 15.89 29.32 -33.74
CA THR F 437 14.80 30.23 -33.42
C THR F 437 14.62 31.19 -34.58
N GLY F 438 13.44 31.17 -35.19
CA GLY F 438 13.15 32.09 -36.27
C GLY F 438 11.70 31.93 -36.67
N SER F 439 11.30 32.78 -37.62
CA SER F 439 9.96 32.68 -38.20
C SER F 439 9.83 31.35 -38.93
N THR F 440 8.94 30.49 -38.41
CA THR F 440 8.87 29.11 -38.84
C THR F 440 8.43 28.97 -40.29
N ALA F 441 7.73 29.96 -40.85
CA ALA F 441 7.38 29.92 -42.27
C ALA F 441 8.63 30.09 -43.13
N SER F 442 9.49 31.05 -42.80
CA SER F 442 10.75 31.18 -43.50
C SER F 442 11.73 30.08 -43.09
N ALA F 443 11.59 29.56 -41.87
CA ALA F 443 12.45 28.48 -41.43
C ALA F 443 12.17 27.20 -42.19
N ILE F 444 10.92 27.00 -42.62
CA ILE F 444 10.59 25.94 -43.57
C ILE F 444 11.38 26.12 -44.85
N GLU F 445 11.41 27.33 -45.41
CA GLU F 445 12.07 27.62 -46.66
C GLU F 445 13.59 27.45 -46.56
N LYS F 446 14.15 27.77 -45.40
CA LYS F 446 15.60 27.75 -45.27
C LYS F 446 16.20 26.34 -45.26
N LEU F 447 15.41 25.29 -45.03
CA LEU F 447 15.97 23.94 -45.09
C LEU F 447 15.28 23.01 -46.07
N PHE F 448 14.12 23.38 -46.61
CA PHE F 448 13.46 22.50 -47.58
C PHE F 448 14.23 22.48 -48.90
N ASN F 449 14.80 23.62 -49.28
CA ASN F 449 15.69 23.66 -50.42
C ASN F 449 17.04 23.03 -50.12
N SER F 450 17.39 22.88 -48.84
CA SER F 450 18.69 22.36 -48.47
C SER F 450 18.79 20.87 -48.82
N PRO F 451 20.00 20.39 -49.12
CA PRO F 451 20.16 18.97 -49.47
C PRO F 451 20.04 18.00 -48.32
N SER F 452 19.69 18.46 -47.12
CA SER F 452 19.44 17.54 -46.02
C SER F 452 18.17 16.74 -46.24
N ALA F 453 17.24 17.26 -47.03
CA ALA F 453 15.96 16.59 -47.22
C ALA F 453 16.08 15.33 -48.05
N SER F 454 16.76 15.40 -49.18
CA SER F 454 16.82 14.25 -50.07
C SER F 454 17.86 13.24 -49.58
N LEU F 455 17.65 11.99 -49.98
CA LEU F 455 18.64 10.95 -49.78
C LEU F 455 18.44 9.88 -50.83
N GLY F 456 19.30 9.88 -51.84
CA GLY F 456 19.25 8.87 -52.87
C GLY F 456 20.46 7.96 -52.81
N ALA F 457 20.26 6.71 -52.40
CA ALA F 457 21.38 5.81 -52.22
C ALA F 457 21.88 5.31 -53.57
N ARG F 458 23.12 4.82 -53.58
CA ARG F 458 23.84 4.60 -54.82
C ARG F 458 24.35 3.18 -54.91
N VAL F 459 24.32 2.64 -56.13
CA VAL F 459 25.08 1.47 -56.51
C VAL F 459 26.29 1.97 -57.29
N SER F 460 27.45 1.32 -57.09
CA SER F 460 28.69 1.76 -57.71
C SER F 460 28.66 1.53 -59.23
N GLY F 461 28.44 0.29 -59.65
CA GLY F 461 28.46 -0.02 -61.06
C GLY F 461 27.15 0.35 -61.73
N HIS F 462 27.26 1.04 -62.86
CA HIS F 462 26.08 1.41 -63.63
C HIS F 462 25.48 0.21 -64.35
N ASN F 463 26.31 -0.75 -64.75
CA ASN F 463 25.78 -2.02 -65.26
C ASN F 463 25.22 -2.86 -64.13
N GLU F 464 25.72 -2.66 -62.91
CA GLU F 464 25.24 -3.42 -61.77
C GLU F 464 23.84 -2.96 -61.38
N SER F 465 22.88 -3.88 -61.44
CA SER F 465 21.48 -3.56 -61.22
C SER F 465 21.07 -4.00 -59.81
N ILE F 466 19.89 -3.54 -59.40
CA ILE F 466 19.35 -3.85 -58.08
C ILE F 466 18.08 -4.66 -58.25
N LEU F 467 18.05 -5.84 -57.66
CA LEU F 467 16.87 -6.69 -57.76
C LEU F 467 15.83 -6.38 -56.71
N ASN F 468 16.25 -6.04 -55.49
CA ASN F 468 15.29 -5.74 -54.43
C ASN F 468 15.91 -4.76 -53.46
N SER F 469 15.05 -4.06 -52.73
CA SER F 469 15.50 -3.00 -51.86
C SER F 469 14.69 -3.04 -50.59
N PHE F 470 15.35 -2.73 -49.48
CA PHE F 470 14.73 -2.82 -48.16
C PHE F 470 14.86 -1.50 -47.43
N VAL F 471 14.15 -1.34 -46.32
CA VAL F 471 14.28 -0.14 -45.50
C VAL F 471 14.13 -0.51 -44.03
N SER F 472 15.04 0.00 -43.21
CA SER F 472 14.99 -0.22 -41.77
C SER F 472 15.77 0.90 -41.10
N GLN F 473 15.07 1.90 -40.58
CA GLN F 473 15.75 2.76 -39.63
C GLN F 473 15.97 1.98 -38.34
N TYR F 474 17.03 2.33 -37.62
CA TYR F 474 17.36 1.58 -36.43
C TYR F 474 17.88 2.50 -35.36
N ILE F 475 17.33 2.35 -34.16
CA ILE F 475 17.77 3.10 -32.99
C ILE F 475 18.59 2.15 -32.10
N PRO F 476 19.88 2.36 -31.95
CA PRO F 476 20.63 1.61 -30.96
C PRO F 476 20.33 2.12 -29.56
N PRO F 477 20.27 1.22 -28.57
CA PRO F 477 19.84 1.64 -27.23
C PRO F 477 20.91 2.45 -26.51
N SER F 478 21.02 3.73 -26.87
CA SER F 478 22.12 4.56 -26.39
C SER F 478 21.96 4.90 -24.92
N ARG F 479 20.85 5.52 -24.55
CA ARG F 479 20.63 5.92 -23.17
C ARG F 479 20.50 4.72 -22.24
N GLU F 480 20.07 3.57 -22.76
CA GLU F 480 20.12 2.34 -21.98
C GLU F 480 21.55 1.94 -21.70
N MET F 481 22.45 2.14 -22.66
CA MET F 481 23.85 1.83 -22.42
C MET F 481 24.49 2.83 -21.48
N THR F 482 23.96 4.05 -21.42
CA THR F 482 24.47 4.99 -20.42
C THR F 482 23.95 4.64 -19.04
N LYS F 483 22.70 4.15 -18.97
CA LYS F 483 22.02 4.04 -17.68
C LYS F 483 22.60 2.93 -16.82
N ASP F 484 22.98 1.80 -17.42
CA ASP F 484 23.59 0.76 -16.62
C ASP F 484 25.05 1.09 -16.31
N LEU F 485 25.70 1.85 -17.17
CA LEU F 485 27.09 2.17 -16.91
C LEU F 485 27.23 3.24 -15.84
N THR F 486 26.17 4.02 -15.59
CA THR F 486 26.15 4.91 -14.44
C THR F 486 26.28 4.12 -13.13
N GLU F 487 25.44 3.10 -12.95
CA GLU F 487 25.53 2.33 -11.73
C GLU F 487 26.72 1.38 -11.74
N LEU F 488 27.28 1.09 -12.93
CA LEU F 488 28.60 0.46 -13.01
C LEU F 488 29.66 1.32 -12.34
N TRP F 489 29.68 2.60 -12.66
CA TRP F 489 30.60 3.53 -12.00
C TRP F 489 30.31 3.64 -10.52
N GLU F 490 29.02 3.71 -10.16
CA GLU F 490 28.61 3.83 -8.77
C GLU F 490 29.06 2.65 -7.93
N SER F 491 28.98 1.45 -8.50
CA SER F 491 29.33 0.24 -7.76
C SER F 491 30.83 0.15 -7.52
N GLU F 492 31.65 0.46 -8.55
CA GLU F 492 33.09 0.45 -8.38
C GLU F 492 33.56 1.51 -7.39
N LEU F 493 32.99 2.70 -7.45
CA LEU F 493 33.46 3.72 -6.52
C LEU F 493 32.77 3.65 -5.17
N PHE F 494 31.78 2.78 -5.00
CA PHE F 494 31.38 2.37 -3.66
C PHE F 494 32.23 1.24 -3.11
N ASN F 495 32.80 0.40 -3.97
CA ASN F 495 33.48 -0.80 -3.49
C ASN F 495 34.98 -0.59 -3.28
N THR F 496 35.73 -0.25 -4.32
CA THR F 496 37.18 -0.22 -4.14
C THR F 496 37.61 1.01 -3.35
N PHE F 497 36.81 2.06 -3.35
CA PHE F 497 36.92 3.13 -2.36
C PHE F 497 35.65 3.05 -1.54
N LYS F 498 35.79 2.88 -0.23
CA LYS F 498 34.64 2.63 0.64
C LYS F 498 33.84 3.92 0.79
N LEU F 499 32.75 4.02 0.03
CA LEU F 499 31.86 5.18 0.09
C LEU F 499 30.49 4.73 0.54
N THR F 500 30.06 5.19 1.73
CA THR F 500 28.78 4.81 2.28
C THR F 500 27.78 5.92 2.03
N PRO F 501 26.79 5.72 1.16
CA PRO F 501 25.80 6.77 0.92
C PRO F 501 24.83 6.96 2.08
N VAL F 502 25.01 8.04 2.83
CA VAL F 502 24.10 8.38 3.92
C VAL F 502 22.81 8.91 3.30
N VAL F 503 21.73 8.13 3.39
CA VAL F 503 20.50 8.46 2.69
C VAL F 503 19.33 8.59 3.64
N ASP F 504 18.21 9.13 3.15
CA ASP F 504 16.94 9.15 3.85
C ASP F 504 16.10 7.98 3.33
N ASN F 505 14.86 7.88 3.82
CA ASN F 505 13.96 6.83 3.39
C ASN F 505 13.56 7.06 1.94
N GLN F 506 13.93 6.09 1.08
CA GLN F 506 13.90 6.20 -0.38
C GLN F 506 14.65 7.45 -0.86
N GLY F 507 15.79 7.71 -0.23
CA GLY F 507 16.63 8.83 -0.60
C GLY F 507 17.59 8.41 -1.70
N GLN F 508 17.74 9.27 -2.70
CA GLN F 508 18.57 8.98 -3.86
C GLN F 508 19.96 9.56 -3.66
N ARG F 509 20.70 8.93 -2.73
CA ARG F 509 22.15 9.12 -2.55
C ARG F 509 22.50 10.58 -2.23
N LEU F 510 22.02 11.04 -1.08
CA LEU F 510 22.13 12.46 -0.79
C LEU F 510 23.45 12.85 -0.13
N TYR F 511 24.02 12.00 0.71
CA TYR F 511 25.23 12.37 1.45
C TYR F 511 26.28 11.29 1.26
N VAL F 512 27.19 11.50 0.31
CA VAL F 512 28.22 10.53 -0.02
C VAL F 512 29.48 10.90 0.73
N ARG F 513 29.95 9.99 1.57
CA ARG F 513 30.93 10.31 2.60
C ARG F 513 32.00 9.23 2.66
N TYR F 514 33.21 9.64 3.03
CA TYR F 514 34.27 8.70 3.32
C TYR F 514 33.88 7.81 4.50
N SER F 515 34.42 6.60 4.49
CA SER F 515 34.20 5.59 5.51
C SER F 515 35.34 5.59 6.50
N SER F 516 35.33 4.59 7.37
CA SER F 516 36.47 4.31 8.22
C SER F 516 37.68 3.91 7.40
N ASP F 517 37.57 2.84 6.64
CA ASP F 517 38.76 2.26 6.03
C ASP F 517 39.18 2.96 4.75
N THR F 518 38.32 3.79 4.15
CA THR F 518 38.75 4.40 2.90
C THR F 518 39.71 5.55 3.12
N ILE F 519 39.72 6.15 4.31
CA ILE F 519 40.78 7.12 4.56
C ILE F 519 42.08 6.39 4.84
N SER F 520 42.01 5.17 5.37
CA SER F 520 43.19 4.33 5.52
C SER F 520 43.70 3.83 4.18
N ILE F 521 42.85 3.79 3.15
CA ILE F 521 43.31 3.34 1.84
C ILE F 521 43.57 4.49 0.85
N LEU F 522 43.13 5.71 1.16
CA LEU F 522 43.52 6.86 0.36
C LEU F 522 44.45 7.82 1.08
N LEU F 523 44.03 8.38 2.21
CA LEU F 523 44.85 9.39 2.87
C LEU F 523 45.89 8.76 3.76
N GLY F 524 45.66 7.52 4.19
CA GLY F 524 46.63 6.69 4.85
C GLY F 524 47.95 6.59 4.09
N PRO F 525 47.92 6.05 2.87
CA PRO F 525 49.15 6.04 2.07
C PRO F 525 49.60 7.42 1.64
N PHE F 526 48.68 8.37 1.46
CA PHE F 526 49.02 9.70 1.00
C PHE F 526 49.85 10.47 2.01
N THR F 527 49.35 10.60 3.22
CA THR F 527 50.05 11.34 4.25
C THR F 527 51.28 10.64 4.79
N TYR F 528 51.52 9.38 4.44
CA TYR F 528 52.64 8.65 4.99
C TYR F 528 53.60 8.09 3.97
N LEU F 529 53.34 8.20 2.67
CA LEU F 529 54.30 7.74 1.68
C LEU F 529 54.82 8.89 0.83
N VAL F 530 53.93 9.61 0.14
CA VAL F 530 54.40 10.74 -0.65
C VAL F 530 54.51 11.99 0.19
N ALA F 531 53.73 12.06 1.26
CA ALA F 531 53.92 13.10 2.26
C ALA F 531 54.72 12.52 3.41
N GLU F 532 55.71 13.30 3.86
CA GLU F 532 56.55 12.90 4.98
C GLU F 532 56.00 13.48 6.29
N LEU F 533 54.69 13.63 6.36
CA LEU F 533 54.01 14.10 7.55
C LEU F 533 54.06 13.00 8.60
N SER F 534 55.16 12.96 9.36
CA SER F 534 55.34 11.85 10.30
C SER F 534 54.39 11.86 11.49
N PRO F 535 54.24 12.94 12.29
CA PRO F 535 53.45 12.78 13.51
C PRO F 535 51.96 12.98 13.31
N VAL F 536 51.46 13.00 12.07
CA VAL F 536 50.03 13.18 11.85
C VAL F 536 49.35 11.82 11.84
N GLU F 537 48.03 11.85 12.02
CA GLU F 537 47.24 10.63 12.17
C GLU F 537 46.13 10.60 11.13
N LEU F 538 45.43 9.48 11.07
CA LEU F 538 44.13 9.48 10.43
C LEU F 538 43.07 9.74 11.50
N VAL F 539 41.82 9.83 11.09
CA VAL F 539 40.77 10.29 12.00
C VAL F 539 39.61 9.32 12.04
N THR F 540 38.56 9.69 12.75
CA THR F 540 37.37 8.87 12.88
C THR F 540 36.41 9.14 11.73
N ASP F 541 35.28 8.45 11.78
CA ASP F 541 34.17 8.77 10.89
C ASP F 541 33.59 10.14 11.22
N VAL F 542 33.24 10.36 12.49
CA VAL F 542 32.58 11.60 12.89
C VAL F 542 33.53 12.76 13.00
N TYR F 543 34.84 12.52 12.96
CA TYR F 543 35.79 13.62 12.82
C TYR F 543 35.70 14.27 11.45
N ALA F 544 35.42 13.49 10.41
CA ALA F 544 35.29 14.03 9.06
C ALA F 544 33.86 14.30 8.65
N THR F 545 32.90 13.66 9.32
CA THR F 545 31.48 13.87 9.04
C THR F 545 30.97 15.20 9.57
N LEU F 546 31.31 15.54 10.80
CA LEU F 546 30.70 16.64 11.51
C LEU F 546 31.27 17.96 11.02
N GLY F 547 30.77 19.06 11.58
CA GLY F 547 31.27 20.37 11.20
C GLY F 547 32.69 20.58 11.66
N ILE F 548 33.45 21.34 10.87
CA ILE F 548 34.89 21.47 11.09
C ILE F 548 35.18 22.34 12.32
N VAL F 549 34.24 23.21 12.69
CA VAL F 549 34.30 23.84 14.01
C VAL F 549 33.50 23.05 15.02
N GLU F 550 32.56 22.22 14.58
CA GLU F 550 31.79 21.38 15.47
C GLU F 550 32.57 20.14 15.91
N ILE F 551 33.70 19.85 15.28
CA ILE F 551 34.57 18.82 15.81
C ILE F 551 35.54 19.39 16.82
N ILE F 552 35.64 20.71 16.93
CA ILE F 552 36.63 21.32 17.81
C ILE F 552 36.21 21.15 19.26
N ASP F 553 34.95 21.48 19.55
CA ASP F 553 34.42 21.23 20.87
C ASP F 553 34.26 19.74 21.14
N GLU F 554 34.21 18.91 20.10
CA GLU F 554 34.18 17.47 20.34
C GLU F 554 35.55 16.93 20.70
N LEU F 555 36.61 17.45 20.07
CA LEU F 555 37.98 17.21 20.52
C LEU F 555 38.16 17.70 21.95
N TYR F 556 37.58 18.85 22.25
CA TYR F 556 37.57 19.39 23.61
C TYR F 556 36.89 18.44 24.57
N ARG F 557 35.79 17.80 24.15
CA ARG F 557 35.06 16.87 25.01
C ARG F 557 35.88 15.64 25.38
N SER F 558 36.89 15.29 24.59
CA SER F 558 37.85 14.27 24.96
C SER F 558 39.27 14.80 24.96
N SER F 559 39.45 16.05 25.39
CA SER F 559 40.77 16.66 25.46
C SER F 559 41.38 16.51 26.84
N ARG F 560 42.71 16.62 26.89
CA ARG F 560 43.43 16.66 28.15
C ARG F 560 43.08 17.91 28.95
N LEU F 561 42.84 19.04 28.26
CA LEU F 561 42.48 20.28 28.93
C LEU F 561 41.16 20.17 29.65
N ALA F 562 40.10 19.80 28.94
CA ALA F 562 38.79 19.77 29.56
C ALA F 562 38.65 18.60 30.51
N ILE F 563 39.47 17.57 30.38
CA ILE F 563 39.42 16.52 31.40
C ILE F 563 40.17 16.97 32.65
N TYR F 564 41.14 17.89 32.50
CA TYR F 564 41.67 18.56 33.67
C TYR F 564 40.65 19.51 34.29
N ILE F 565 39.82 20.15 33.46
CA ILE F 565 38.84 21.08 33.99
C ILE F 565 37.64 20.32 34.58
N GLU F 566 37.37 19.12 34.08
CA GLU F 566 36.37 18.28 34.72
C GLU F 566 36.92 17.55 35.93
N ASP F 567 38.25 17.41 36.03
CA ASP F 567 38.87 17.16 37.32
C ASP F 567 38.61 18.32 38.25
N LEU F 568 38.76 19.54 37.75
CA LEU F 568 38.31 20.70 38.51
C LEU F 568 36.79 20.80 38.55
N GLY F 569 36.08 20.08 37.67
CA GLY F 569 34.62 19.97 37.67
C GLY F 569 34.04 19.56 39.01
N ARG F 570 34.75 18.74 39.77
CA ARG F 570 34.49 18.59 41.18
C ARG F 570 35.60 19.36 41.90
N LYS F 571 35.35 20.64 42.14
CA LYS F 571 36.27 21.57 42.81
C LYS F 571 37.66 21.67 42.17
N ALA G 18 -2.18 60.54 -28.45
CA ALA G 18 -3.28 59.99 -27.67
C ALA G 18 -3.57 58.54 -28.06
N ILE G 19 -3.76 57.66 -27.08
CA ILE G 19 -4.06 56.26 -27.39
C ILE G 19 -5.08 55.72 -26.40
N PRO G 20 -6.14 55.06 -26.87
CA PRO G 20 -7.14 54.55 -25.95
C PRO G 20 -6.68 53.31 -25.21
N VAL G 21 -7.35 53.04 -24.08
CA VAL G 21 -7.02 51.91 -23.22
C VAL G 21 -8.18 50.94 -23.20
N HIS G 22 -9.39 51.43 -22.92
CA HIS G 22 -10.55 50.53 -22.86
C HIS G 22 -10.98 50.03 -24.24
N PRO G 23 -11.50 50.88 -25.16
CA PRO G 23 -12.34 50.32 -26.23
C PRO G 23 -11.56 49.81 -27.42
N THR G 24 -10.25 49.59 -27.28
CA THR G 24 -9.49 48.98 -28.35
C THR G 24 -9.92 47.53 -28.52
N PRO G 25 -9.81 46.97 -29.74
CA PRO G 25 -10.28 45.58 -29.95
C PRO G 25 -9.54 44.54 -29.12
N ALA G 26 -8.23 44.68 -28.96
CA ALA G 26 -7.50 43.74 -28.11
C ALA G 26 -7.87 43.87 -26.65
N SER G 27 -8.06 45.11 -26.17
CA SER G 27 -8.43 45.25 -24.77
C SER G 27 -9.87 44.89 -24.50
N VAL G 28 -10.78 45.02 -25.47
CA VAL G 28 -12.13 44.56 -25.20
C VAL G 28 -12.18 43.04 -25.30
N ARG G 29 -11.28 42.44 -26.10
CA ARG G 29 -11.09 40.99 -26.03
C ARG G 29 -10.56 40.59 -24.65
N LEU G 30 -9.74 41.45 -24.04
CA LEU G 30 -9.26 41.18 -22.70
C LEU G 30 -10.37 41.34 -21.66
N PHE G 31 -11.18 42.39 -21.78
CA PHE G 31 -12.29 42.61 -20.86
C PHE G 31 -13.39 41.58 -21.01
N GLU G 32 -13.45 40.89 -22.14
CA GLU G 32 -14.45 39.84 -22.32
C GLU G 32 -14.23 38.67 -21.36
N ILE G 33 -12.97 38.34 -21.07
CA ILE G 33 -12.64 37.19 -20.24
C ILE G 33 -13.01 37.37 -18.78
N LEU G 34 -13.35 38.61 -18.38
CA LEU G 34 -14.14 38.81 -17.17
C LEU G 34 -15.40 37.94 -17.18
N GLN G 35 -16.15 37.95 -18.26
CA GLN G 35 -17.21 36.98 -18.44
C GLN G 35 -16.64 35.77 -19.16
N GLY G 36 -17.49 34.86 -19.60
CA GLY G 36 -17.01 33.62 -20.20
C GLY G 36 -17.21 33.46 -21.68
N LYS G 37 -17.28 34.54 -22.46
CA LYS G 37 -17.83 34.48 -23.80
C LYS G 37 -16.93 33.75 -24.80
N TYR G 38 -15.61 33.86 -24.68
CA TYR G 38 -14.78 33.27 -25.73
C TYR G 38 -14.21 31.91 -25.33
N ALA G 39 -13.49 31.85 -24.22
CA ALA G 39 -12.94 30.58 -23.76
C ALA G 39 -13.18 30.46 -22.27
N TYR G 40 -13.37 29.22 -21.82
CA TYR G 40 -13.59 29.00 -20.41
C TYR G 40 -13.22 27.57 -20.06
N VAL G 41 -12.56 27.41 -18.92
CA VAL G 41 -12.11 26.12 -18.42
C VAL G 41 -12.42 26.03 -16.93
N GLN G 42 -11.99 24.93 -16.32
CA GLN G 42 -12.28 24.68 -14.92
C GLN G 42 -11.50 25.61 -14.00
N GLY G 43 -10.29 25.99 -14.40
CA GLY G 43 -9.48 26.85 -13.57
C GLY G 43 -10.03 28.26 -13.44
N GLN G 44 -10.74 28.73 -14.47
CA GLN G 44 -11.32 30.08 -14.43
C GLN G 44 -12.54 30.15 -13.52
N THR G 45 -13.01 29.03 -12.99
CA THR G 45 -14.03 29.08 -11.95
C THR G 45 -13.47 29.69 -10.68
N ILE G 46 -12.17 29.51 -10.40
CA ILE G 46 -11.59 30.07 -9.19
C ILE G 46 -11.51 31.59 -9.26
N TYR G 47 -11.61 32.15 -10.46
CA TYR G 47 -11.64 33.60 -10.63
C TYR G 47 -12.90 34.20 -10.05
N ALA G 48 -14.01 33.48 -10.14
CA ALA G 48 -15.23 33.99 -9.52
C ALA G 48 -15.22 33.83 -8.01
N ASN G 49 -14.35 32.98 -7.46
CA ASN G 49 -14.34 32.77 -6.02
C ASN G 49 -13.79 33.98 -5.28
N LEU G 50 -12.75 34.58 -5.80
CA LEU G 50 -12.30 35.84 -5.22
C LEU G 50 -12.99 37.02 -5.87
N ARG G 51 -13.79 36.80 -6.92
CA ARG G 51 -14.70 37.84 -7.37
C ARG G 51 -15.89 37.99 -6.44
N ASN G 52 -16.09 37.05 -5.54
CA ASN G 52 -17.19 37.08 -4.59
C ASN G 52 -17.04 38.27 -3.65
N PRO G 53 -18.05 39.10 -3.54
CA PRO G 53 -18.06 40.09 -2.45
C PRO G 53 -18.40 39.44 -1.13
N GLY G 54 -18.52 40.23 -0.09
CA GLY G 54 -18.79 39.66 1.21
C GLY G 54 -17.63 39.89 2.16
N VAL G 55 -16.40 39.71 1.64
CA VAL G 55 -15.22 40.04 2.43
C VAL G 55 -15.15 41.53 2.68
N PHE G 56 -15.70 42.34 1.78
CA PHE G 56 -15.80 43.77 2.03
C PHE G 56 -16.87 44.06 3.07
N SER G 57 -17.92 43.25 3.12
CA SER G 57 -18.90 43.42 4.19
C SER G 57 -18.31 42.99 5.52
N ARG G 58 -17.46 41.96 5.51
CA ARG G 58 -16.69 41.58 6.68
C ARG G 58 -15.79 42.72 7.15
N GLN G 59 -15.18 43.43 6.19
CA GLN G 59 -14.32 44.57 6.47
C GLN G 59 -15.05 45.66 7.26
N VAL G 60 -16.09 46.24 6.67
CA VAL G 60 -16.87 47.29 7.31
C VAL G 60 -17.58 46.78 8.55
N PHE G 61 -17.93 45.48 8.55
CA PHE G 61 -18.59 44.82 9.66
C PHE G 61 -17.74 44.82 10.91
N THR G 62 -16.50 44.35 10.79
CA THR G 62 -15.62 44.32 11.95
C THR G 62 -15.16 45.73 12.31
N HIS G 63 -15.07 46.64 11.32
CA HIS G 63 -14.62 48.00 11.64
C HIS G 63 -15.67 48.74 12.46
N LEU G 64 -16.93 48.66 12.08
CA LEU G 64 -17.95 49.38 12.83
C LEU G 64 -18.22 48.71 14.17
N PHE G 65 -18.05 47.38 14.23
CA PHE G 65 -18.04 46.66 15.50
C PHE G 65 -16.96 47.19 16.42
N LYS G 66 -15.75 47.38 15.89
CA LYS G 66 -14.63 47.89 16.67
C LYS G 66 -14.87 49.33 17.09
N ARG G 67 -15.51 50.11 16.23
CA ARG G 67 -15.84 51.50 16.59
C ARG G 67 -16.89 51.54 17.69
N ALA G 68 -17.79 50.56 17.69
CA ALA G 68 -18.85 50.55 18.70
C ALA G 68 -18.35 50.08 20.06
N ILE G 69 -17.60 48.97 20.08
CA ILE G 69 -17.25 48.35 21.35
C ILE G 69 -16.16 49.14 22.08
N SER G 70 -15.36 49.91 21.34
CA SER G 70 -14.24 50.62 21.97
C SER G 70 -14.71 51.86 22.72
N HIS G 71 -15.72 52.55 22.19
CA HIS G 71 -16.10 53.86 22.71
C HIS G 71 -16.85 53.81 24.04
N CYS G 72 -17.06 52.63 24.62
CA CYS G 72 -17.79 52.54 25.87
C CYS G 72 -16.83 52.67 27.05
N THR G 73 -17.39 53.02 28.20
CA THR G 73 -16.61 53.40 29.38
C THR G 73 -16.70 52.31 30.44
N TYR G 74 -15.64 52.24 31.26
CA TYR G 74 -15.61 51.27 32.35
C TYR G 74 -16.55 51.65 33.48
N ASP G 75 -16.72 52.94 33.73
CA ASP G 75 -17.47 53.39 34.89
C ASP G 75 -18.96 53.14 34.75
N ASP G 76 -19.46 53.00 33.53
CA ASP G 76 -20.89 52.76 33.35
C ASP G 76 -21.27 51.33 33.70
N VAL G 77 -20.45 50.35 33.30
CA VAL G 77 -20.84 48.95 33.50
C VAL G 77 -20.71 48.52 34.97
N LEU G 78 -19.89 49.20 35.77
CA LEU G 78 -19.71 48.79 37.15
C LEU G 78 -20.89 49.19 38.01
N HIS G 79 -21.41 50.40 37.82
CA HIS G 79 -22.62 50.76 38.55
C HIS G 79 -23.84 50.06 37.99
N ASP G 80 -23.79 49.61 36.74
CA ASP G 80 -24.83 48.73 36.23
C ASP G 80 -24.79 47.38 36.93
N TRP G 81 -23.60 46.87 37.22
CA TRP G 81 -23.52 45.65 38.03
C TRP G 81 -23.98 45.90 39.47
N ASN G 82 -23.72 47.09 39.98
CA ASN G 82 -24.20 47.46 41.32
C ASN G 82 -25.72 47.46 41.39
N LYS G 83 -26.36 48.11 40.42
CA LYS G 83 -27.82 48.09 40.35
C LYS G 83 -28.35 46.71 39.99
N PHE G 84 -27.55 45.90 39.30
CA PHE G 84 -27.92 44.52 39.01
C PHE G 84 -27.98 43.69 40.28
N GLU G 85 -27.02 43.88 41.18
CA GLU G 85 -27.08 43.20 42.48
C GLU G 85 -28.18 43.79 43.36
N ALA G 86 -28.45 45.09 43.23
CA ALA G 86 -29.57 45.71 43.91
C ALA G 86 -30.91 45.15 43.45
N CYS G 87 -30.99 44.69 42.20
CA CYS G 87 -32.17 43.99 41.72
C CYS G 87 -32.31 42.62 42.38
N ILE G 88 -31.21 41.93 42.63
CA ILE G 88 -31.28 40.54 43.10
C ILE G 88 -31.35 40.43 44.62
N GLN G 89 -31.00 41.49 45.36
CA GLN G 89 -31.10 41.40 46.81
C GLN G 89 -32.55 41.43 47.29
N LYS G 90 -33.42 42.15 46.58
CA LYS G 90 -34.84 42.11 46.92
C LYS G 90 -35.50 40.86 46.35
N ARG G 91 -34.87 40.21 45.38
CA ARG G 91 -35.38 38.94 44.87
C ARG G 91 -34.80 37.75 45.63
N TRP G 92 -33.53 37.84 46.04
CA TRP G 92 -32.93 36.84 46.90
C TRP G 92 -31.98 37.49 47.89
N ASP G 96 -26.56 34.45 52.67
CA ASP G 96 -25.63 35.35 53.34
C ASP G 96 -24.20 34.90 53.05
N SER G 97 -23.78 33.84 53.73
CA SER G 97 -22.51 33.21 53.41
C SER G 97 -22.60 32.49 52.07
N CYS G 98 -23.74 31.87 51.79
CA CYS G 98 -23.99 31.29 50.48
C CYS G 98 -24.22 32.36 49.42
N ALA G 99 -24.54 33.58 49.84
CA ALA G 99 -24.77 34.67 48.90
C ALA G 99 -23.49 35.12 48.22
N SER G 100 -22.32 34.74 48.75
CA SER G 100 -21.07 35.03 48.04
C SER G 100 -20.99 34.25 46.74
N ARG G 101 -21.18 32.94 46.80
CA ARG G 101 -21.20 32.14 45.58
C ARG G 101 -22.45 32.42 44.75
N PHE G 102 -23.55 32.82 45.40
CA PHE G 102 -24.72 33.30 44.64
C PHE G 102 -24.38 34.54 43.83
N ARG G 103 -23.61 35.46 44.41
CA ARG G 103 -23.23 36.68 43.72
C ARG G 103 -22.23 36.38 42.60
N GLU G 104 -21.34 35.40 42.82
CA GLU G 104 -20.41 35.01 41.76
C GLU G 104 -21.16 34.38 40.59
N SER G 105 -22.08 33.47 40.88
CA SER G 105 -22.87 32.82 39.83
C SER G 105 -23.77 33.81 39.09
N THR G 106 -24.40 34.75 39.81
CA THR G 106 -25.25 35.70 39.14
C THR G 106 -24.44 36.71 38.34
N PHE G 107 -23.20 36.96 38.71
CA PHE G 107 -22.34 37.81 37.90
C PHE G 107 -21.89 37.07 36.65
N GLU G 108 -21.65 35.76 36.76
CA GLU G 108 -21.28 34.98 35.59
C GLU G 108 -22.42 34.92 34.58
N SER G 109 -23.65 34.68 35.07
CA SER G 109 -24.81 34.72 34.18
C SER G 109 -25.06 36.12 33.67
N TRP G 110 -24.70 37.13 34.46
CA TRP G 110 -24.84 38.52 34.02
C TRP G 110 -23.86 38.83 32.90
N SER G 111 -22.65 38.27 32.97
CA SER G 111 -21.68 38.42 31.89
C SER G 111 -22.16 37.73 30.62
N THR G 112 -22.71 36.52 30.78
CA THR G 112 -23.21 35.78 29.62
C THR G 112 -24.37 36.51 28.96
N THR G 113 -25.32 37.01 29.76
CA THR G 113 -26.42 37.76 29.15
C THR G 113 -25.98 39.15 28.75
N MET G 114 -24.85 39.64 29.24
CA MET G 114 -24.32 40.91 28.75
C MET G 114 -23.81 40.76 27.33
N LYS G 115 -23.02 39.70 27.10
CA LYS G 115 -22.61 39.34 25.75
C LYS G 115 -23.82 39.07 24.85
N LEU G 116 -24.82 38.38 25.40
CA LEU G 116 -26.02 38.08 24.63
C LEU G 116 -26.81 39.35 24.29
N THR G 117 -26.90 40.29 25.24
CA THR G 117 -27.79 41.43 25.08
C THR G 117 -27.10 42.55 24.31
N VAL G 118 -25.78 42.49 24.17
CA VAL G 118 -25.20 43.35 23.15
C VAL G 118 -25.28 42.67 21.79
N ARG G 119 -25.12 41.34 21.77
CA ARG G 119 -24.93 40.61 20.52
C ARG G 119 -26.22 40.56 19.71
N ASP G 120 -27.37 40.39 20.38
CA ASP G 120 -28.63 40.29 19.65
C ASP G 120 -29.00 41.62 19.01
N LEU G 121 -28.84 42.72 19.75
CA LEU G 121 -29.21 44.03 19.21
C LEU G 121 -28.25 44.46 18.10
N LEU G 122 -26.95 44.18 18.28
CA LEU G 122 -26.01 44.54 17.21
C LEU G 122 -26.25 43.67 15.99
N THR G 123 -26.58 42.40 16.18
CA THR G 123 -26.74 41.48 15.05
C THR G 123 -27.94 41.88 14.20
N THR G 124 -29.01 42.38 14.81
CA THR G 124 -30.07 43.00 14.04
C THR G 124 -29.61 44.27 13.33
N ASN G 125 -29.11 45.25 14.10
CA ASN G 125 -28.99 46.60 13.56
C ASN G 125 -27.88 46.71 12.52
N ILE G 126 -26.77 46.00 12.72
CA ILE G 126 -25.63 46.23 11.85
C ILE G 126 -25.73 45.34 10.61
N TYR G 127 -26.46 44.23 10.71
CA TYR G 127 -26.86 43.55 9.49
C TYR G 127 -27.90 44.37 8.72
N ARG G 128 -28.73 45.13 9.45
CA ARG G 128 -29.73 45.97 8.81
C ARG G 128 -29.09 47.10 8.04
N VAL G 129 -28.04 47.71 8.61
CA VAL G 129 -27.35 48.77 7.90
C VAL G 129 -26.33 48.16 6.93
N LEU G 130 -26.01 46.88 7.11
CA LEU G 130 -24.98 46.26 6.31
C LEU G 130 -25.45 45.96 4.91
N HIS G 131 -26.65 45.38 4.79
CA HIS G 131 -27.15 44.96 3.49
C HIS G 131 -28.05 45.99 2.84
N SER G 132 -27.73 47.26 3.00
CA SER G 132 -28.32 48.31 2.18
C SER G 132 -27.96 48.14 0.71
N ARG G 133 -28.64 48.89 -0.14
CA ARG G 133 -28.19 48.98 -1.53
C ARG G 133 -26.90 49.79 -1.58
N SER G 134 -25.81 49.11 -1.91
CA SER G 134 -24.52 49.74 -2.05
C SER G 134 -24.20 49.85 -3.53
N VAL G 135 -24.08 51.09 -4.02
CA VAL G 135 -23.71 51.29 -5.41
C VAL G 135 -22.23 51.00 -5.60
N LEU G 136 -21.44 51.09 -4.53
CA LEU G 136 -20.08 50.59 -4.54
C LEU G 136 -20.13 49.08 -4.39
N SER G 137 -19.36 48.38 -5.22
CA SER G 137 -19.27 46.94 -5.13
C SER G 137 -17.82 46.51 -5.18
N TYR G 138 -17.48 45.55 -4.32
CA TYR G 138 -16.20 44.88 -4.44
C TYR G 138 -16.11 44.08 -5.74
N GLU G 139 -17.26 43.53 -6.18
CA GLU G 139 -17.29 42.71 -7.38
C GLU G 139 -16.96 43.54 -8.63
N ARG G 140 -17.45 44.77 -8.68
CA ARG G 140 -17.07 45.66 -9.77
C ARG G 140 -15.65 46.21 -9.60
N TYR G 141 -15.02 45.99 -8.46
CA TYR G 141 -13.64 46.41 -8.29
C TYR G 141 -12.64 45.34 -8.71
N VAL G 142 -12.84 44.10 -8.24
CA VAL G 142 -11.81 43.05 -8.32
C VAL G 142 -11.55 42.65 -9.75
N ASP G 143 -12.54 42.76 -10.62
CA ASP G 143 -12.32 42.49 -12.03
C ASP G 143 -11.51 43.60 -12.68
N TRP G 144 -11.70 44.84 -12.22
CA TRP G 144 -11.05 45.96 -12.90
C TRP G 144 -9.57 46.01 -12.62
N ILE G 145 -9.14 45.68 -11.40
CA ILE G 145 -7.72 45.63 -11.12
C ILE G 145 -7.07 44.46 -11.85
N CYS G 146 -7.74 43.32 -11.91
CA CYS G 146 -7.14 42.19 -12.59
C CYS G 146 -7.20 42.32 -14.10
N ALA G 147 -8.03 43.22 -14.64
CA ALA G 147 -8.11 43.35 -16.08
C ALA G 147 -6.92 44.09 -16.64
N THR G 148 -6.61 45.27 -16.10
CA THR G 148 -5.56 46.07 -16.70
C THR G 148 -4.69 46.76 -15.66
N GLY G 149 -4.89 46.46 -14.39
CA GLY G 149 -4.16 47.14 -13.35
C GLY G 149 -4.60 48.57 -13.13
N MET G 150 -5.79 48.92 -13.59
CA MET G 150 -6.33 50.27 -13.55
C MET G 150 -7.73 50.22 -13.00
N VAL G 151 -8.10 51.25 -12.24
CA VAL G 151 -9.41 51.35 -11.62
C VAL G 151 -9.93 52.76 -11.81
N PRO G 152 -11.19 52.94 -12.23
CA PRO G 152 -11.78 54.28 -12.22
C PRO G 152 -12.34 54.65 -10.86
N ALA G 153 -11.80 55.71 -10.25
CA ALA G 153 -12.27 56.19 -8.96
C ALA G 153 -13.32 57.26 -9.18
N VAL G 154 -14.57 56.85 -9.35
CA VAL G 154 -15.67 57.75 -9.66
C VAL G 154 -16.27 58.23 -8.35
N LYS G 155 -16.44 59.54 -8.23
CA LYS G 155 -17.04 60.16 -7.05
C LYS G 155 -18.44 60.63 -7.45
N LYS G 156 -19.44 59.78 -7.19
CA LYS G 156 -20.80 60.06 -7.62
C LYS G 156 -21.54 60.77 -6.49
N PRO G 157 -21.85 62.06 -6.61
CA PRO G 157 -22.23 62.85 -5.43
C PRO G 157 -23.66 62.64 -4.96
N ILE G 158 -24.37 61.60 -5.39
CA ILE G 158 -25.67 61.32 -4.81
C ILE G 158 -25.50 60.69 -3.43
N THR G 159 -25.87 61.45 -2.40
CA THR G 159 -25.65 61.08 -0.99
C THR G 159 -26.96 61.15 -0.22
N GLN G 160 -28.02 60.54 -0.75
CA GLN G 160 -29.35 60.71 -0.16
C GLN G 160 -30.01 59.39 0.22
N GLU G 161 -29.40 58.24 -0.07
CA GLU G 161 -30.08 56.97 0.16
C GLU G 161 -30.07 56.58 1.64
N LEU G 162 -29.01 56.90 2.37
CA LEU G 162 -28.83 56.35 3.72
C LEU G 162 -29.82 56.96 4.71
N HIS G 163 -30.06 58.27 4.64
CA HIS G 163 -30.96 58.90 5.59
C HIS G 163 -32.41 58.56 5.25
N SER G 164 -32.68 58.24 3.99
CA SER G 164 -34.03 57.84 3.60
C SER G 164 -34.33 56.43 4.10
N LYS G 165 -33.36 55.51 3.98
CA LYS G 165 -33.65 54.14 4.34
C LYS G 165 -33.56 53.91 5.86
N ILE G 166 -32.65 54.61 6.54
CA ILE G 166 -32.47 54.45 7.97
C ILE G 166 -32.11 55.80 8.59
N LYS G 167 -33.04 56.34 9.38
CA LYS G 167 -32.89 57.69 9.92
C LYS G 167 -32.78 57.72 11.43
N SER G 168 -33.79 57.19 12.14
CA SER G 168 -33.85 57.23 13.59
C SER G 168 -34.81 56.16 14.07
N LEU G 169 -34.80 55.87 15.37
CA LEU G 169 -35.66 54.95 16.11
C LEU G 169 -35.44 53.48 15.78
N ARG G 170 -34.60 53.15 14.79
CA ARG G 170 -34.27 51.75 14.52
C ARG G 170 -33.37 51.20 15.62
N ASP G 171 -32.54 52.06 16.19
CA ASP G 171 -31.74 51.71 17.35
C ASP G 171 -32.52 51.82 18.66
N ARG G 172 -33.72 52.41 18.62
CA ARG G 172 -34.50 52.60 19.84
C ARG G 172 -35.72 51.70 19.93
N CYS G 173 -36.08 51.02 18.85
CA CYS G 173 -37.31 50.24 18.86
C CYS G 173 -37.19 48.95 19.65
N VAL G 174 -36.06 48.24 19.52
CA VAL G 174 -35.90 46.94 20.18
C VAL G 174 -35.38 47.08 21.61
N CYS G 175 -34.79 48.23 21.95
CA CYS G 175 -34.08 48.38 23.22
C CYS G 175 -34.98 48.63 24.42
N ARG G 176 -36.28 48.77 24.22
CA ARG G 176 -37.19 49.09 25.32
C ARG G 176 -37.57 47.83 26.07
N GLU G 177 -36.94 47.61 27.23
CA GLU G 177 -37.16 46.42 28.05
C GLU G 177 -37.29 46.85 29.52
N LEU G 178 -37.26 45.87 30.41
CA LEU G 178 -37.29 46.15 31.85
C LEU G 178 -35.99 46.77 32.33
N GLY G 179 -34.88 46.03 32.21
CA GLY G 179 -33.62 46.47 32.76
C GLY G 179 -32.99 47.56 31.93
N HIS G 180 -33.07 48.79 32.44
CA HIS G 180 -32.59 49.97 31.70
C HIS G 180 -31.07 49.99 31.72
N GLU G 181 -30.46 49.23 30.83
CA GLU G 181 -29.02 49.10 30.74
C GLU G 181 -28.46 50.30 30.00
N ARG G 182 -27.70 51.14 30.71
CA ARG G 182 -27.11 52.31 30.09
C ARG G 182 -25.94 51.95 29.17
N THR G 183 -25.43 50.72 29.28
CA THR G 183 -24.37 50.26 28.38
C THR G 183 -24.87 50.13 26.95
N ILE G 184 -26.06 49.55 26.76
CA ILE G 184 -26.59 49.46 25.41
C ILE G 184 -27.06 50.83 24.92
N ARG G 185 -27.46 51.72 25.84
CA ARG G 185 -27.79 53.10 25.46
C ARG G 185 -26.55 53.88 25.05
N SER G 186 -25.38 53.52 25.58
CA SER G 186 -24.14 54.17 25.21
C SER G 186 -23.59 53.61 23.89
N ILE G 187 -23.66 52.29 23.72
CA ILE G 187 -23.11 51.71 22.51
C ILE G 187 -24.02 51.92 21.30
N GLY G 188 -25.34 51.94 21.50
CA GLY G 188 -26.26 51.89 20.37
C GLY G 188 -26.32 53.18 19.59
N THR G 189 -26.38 54.31 20.28
CA THR G 189 -26.40 55.60 19.61
C THR G 189 -25.10 55.88 18.88
N GLU G 190 -23.96 55.51 19.47
CA GLU G 190 -22.68 55.73 18.82
C GLU G 190 -22.48 54.79 17.63
N LEU G 191 -22.90 53.53 17.72
CA LEU G 191 -22.83 52.66 16.55
C LEU G 191 -23.82 53.09 15.48
N TYR G 192 -24.94 53.68 15.86
CA TYR G 192 -25.91 54.18 14.91
C TYR G 192 -25.36 55.36 14.14
N GLU G 193 -24.79 56.34 14.84
CA GLU G 193 -24.22 57.50 14.17
C GLU G 193 -22.91 57.19 13.46
N ALA G 194 -22.22 56.11 13.83
CA ALA G 194 -21.00 55.76 13.12
C ALA G 194 -21.29 55.26 11.72
N THR G 195 -22.33 54.43 11.56
CA THR G 195 -22.70 53.91 10.25
C THR G 195 -23.18 55.01 9.32
N LYS G 196 -23.80 56.06 9.88
CA LYS G 196 -24.17 57.22 9.08
C LYS G 196 -22.96 57.98 8.56
N GLU G 197 -21.79 57.79 9.16
CA GLU G 197 -20.56 58.31 8.62
C GLU G 197 -19.89 57.35 7.65
N ILE G 198 -20.02 56.04 7.86
CA ILE G 198 -19.25 55.05 7.12
C ILE G 198 -19.94 54.66 5.81
N ILE G 199 -21.24 54.33 5.86
CA ILE G 199 -21.92 53.92 4.65
C ILE G 199 -22.12 55.10 3.70
N GLU G 200 -22.12 56.31 4.25
CA GLU G 200 -22.07 57.53 3.43
C GLU G 200 -20.81 57.56 2.59
N SER G 201 -19.68 57.18 3.18
CA SER G 201 -18.41 57.24 2.48
C SER G 201 -18.35 56.18 1.38
N LEU G 202 -18.99 55.03 1.59
CA LEU G 202 -18.95 54.00 0.55
C LEU G 202 -19.92 54.32 -0.57
N ASN G 203 -21.12 54.82 -0.24
CA ASN G 203 -22.10 55.03 -1.29
C ASN G 203 -21.85 56.34 -2.01
N SER G 204 -21.04 57.22 -1.44
CA SER G 204 -20.64 58.42 -2.15
C SER G 204 -19.64 58.11 -3.24
N THR G 205 -18.73 57.16 -2.97
CA THR G 205 -17.79 56.66 -3.96
C THR G 205 -18.53 55.78 -4.97
N PHE G 206 -17.86 55.51 -6.09
CA PHE G 206 -18.49 54.73 -7.15
C PHE G 206 -17.44 54.04 -8.00
N ILE G 207 -17.73 52.79 -8.33
CA ILE G 207 -16.99 52.02 -9.33
C ILE G 207 -17.98 51.59 -10.42
N PRO G 208 -17.71 51.86 -11.67
CA PRO G 208 -18.68 51.48 -12.70
C PRO G 208 -18.43 50.11 -13.27
N GLN G 209 -19.36 49.66 -14.10
CA GLN G 209 -19.15 48.53 -14.99
C GLN G 209 -18.37 49.04 -16.20
N PHE G 210 -17.86 48.12 -17.03
CA PHE G 210 -16.86 48.50 -18.02
C PHE G 210 -17.44 48.84 -19.39
N THR G 211 -18.59 48.28 -19.74
CA THR G 211 -18.99 48.18 -21.15
C THR G 211 -19.49 49.50 -21.74
N GLU G 212 -19.55 50.57 -20.97
CA GLU G 212 -20.01 51.86 -21.49
C GLU G 212 -19.07 53.01 -21.15
N VAL G 213 -18.16 52.83 -20.19
CA VAL G 213 -17.19 53.84 -19.86
C VAL G 213 -15.88 53.50 -20.57
N THR G 214 -14.96 54.46 -20.59
CA THR G 214 -13.70 54.27 -21.28
C THR G 214 -12.58 54.92 -20.49
N ILE G 215 -11.36 54.50 -20.76
CA ILE G 215 -10.15 55.05 -20.16
C ILE G 215 -9.16 55.37 -21.26
N GLU G 216 -8.49 56.52 -21.14
CA GLU G 216 -7.64 57.10 -22.17
C GLU G 216 -6.25 57.36 -21.59
N TYR G 217 -5.22 57.04 -22.37
CA TYR G 217 -3.84 57.30 -21.97
C TYR G 217 -3.16 58.18 -23.00
N LEU G 218 -2.57 59.27 -22.53
CA LEU G 218 -1.77 60.05 -23.45
C LEU G 218 -0.30 59.71 -23.25
N PRO G 219 0.42 59.40 -24.33
CA PRO G 219 1.86 59.07 -24.21
C PRO G 219 2.71 60.25 -23.76
N ARG G 220 2.63 61.36 -24.47
CA ARG G 220 3.43 62.52 -24.15
C ARG G 220 2.86 63.21 -22.93
N SER G 221 3.72 63.46 -21.93
CA SER G 221 3.33 63.95 -20.60
C SER G 221 2.29 63.00 -19.98
N ASP G 222 2.76 61.81 -19.65
CA ASP G 222 1.92 60.64 -19.44
C ASP G 222 0.98 60.78 -18.24
N GLU G 223 -0.31 60.86 -18.53
CA GLU G 223 -1.36 60.73 -17.53
C GLU G 223 -2.41 59.78 -18.09
N TYR G 224 -3.40 59.48 -17.26
CA TYR G 224 -4.46 58.55 -17.62
C TYR G 224 -5.78 59.24 -17.35
N VAL G 225 -6.67 59.23 -18.33
CA VAL G 225 -7.88 60.04 -18.30
C VAL G 225 -9.10 59.13 -18.44
N ALA G 226 -9.93 59.11 -17.41
CA ALA G 226 -11.16 58.32 -17.36
C ALA G 226 -12.32 59.16 -17.89
N TYR G 227 -13.40 58.47 -18.27
CA TYR G 227 -14.56 59.15 -18.84
C TYR G 227 -15.84 58.39 -18.57
N TYR G 228 -16.86 59.13 -18.14
CA TYR G 228 -18.24 58.69 -18.20
C TYR G 228 -19.11 59.93 -18.35
N CYS G 229 -19.95 59.93 -19.39
CA CYS G 229 -20.83 61.04 -19.75
C CYS G 229 -20.04 62.34 -19.92
N GLY G 230 -18.88 62.24 -20.56
CA GLY G 230 -18.17 63.39 -21.07
C GLY G 230 -17.26 64.12 -20.11
N ARG G 231 -16.94 63.55 -18.95
CA ARG G 231 -16.12 64.24 -17.97
C ARG G 231 -14.94 63.38 -17.55
N ARG G 232 -13.81 64.04 -17.25
CA ARG G 232 -12.61 63.35 -16.79
C ARG G 232 -12.80 62.96 -15.33
N ILE G 233 -12.64 61.67 -15.03
CA ILE G 233 -12.93 61.18 -13.69
C ILE G 233 -11.62 60.81 -12.99
N ARG G 234 -11.64 60.88 -11.66
CA ARG G 234 -10.52 60.43 -10.85
C ARG G 234 -10.36 58.92 -10.98
N LEU G 235 -9.17 58.45 -10.58
CA LEU G 235 -8.66 57.15 -10.99
C LEU G 235 -7.35 56.93 -10.27
N HIS G 236 -6.87 55.70 -10.30
CA HIS G 236 -5.61 55.37 -9.63
C HIS G 236 -4.86 54.32 -10.42
N VAL G 237 -3.60 54.60 -10.71
CA VAL G 237 -2.70 53.60 -11.29
C VAL G 237 -2.30 52.62 -10.21
N LEU G 238 -2.35 51.35 -10.53
CA LEU G 238 -1.82 50.30 -9.68
C LEU G 238 -0.73 49.51 -10.37
N PHE G 239 -0.99 49.04 -11.58
CA PHE G 239 -0.04 48.25 -12.35
C PHE G 239 0.09 48.95 -13.70
N PRO G 240 1.19 49.63 -13.95
CA PRO G 240 1.28 50.51 -15.10
C PRO G 240 1.46 49.73 -16.39
N PRO G 241 0.63 49.99 -17.39
CA PRO G 241 0.66 49.18 -18.61
C PRO G 241 1.90 49.48 -19.44
N ALA G 242 2.27 48.51 -20.26
CA ALA G 242 3.43 48.62 -21.12
C ALA G 242 2.95 49.11 -22.48
N ILE G 243 3.44 50.26 -22.89
CA ILE G 243 3.05 50.89 -24.15
C ILE G 243 4.23 50.78 -25.09
N PHE G 244 4.12 49.93 -26.10
CA PHE G 244 5.06 50.10 -27.19
C PHE G 244 4.44 51.01 -28.23
N ALA G 245 5.25 51.42 -29.21
CA ALA G 245 4.78 52.32 -30.25
C ALA G 245 3.75 51.69 -31.18
N GLY G 246 3.65 50.37 -31.21
CA GLY G 246 2.69 49.71 -32.06
C GLY G 246 1.48 49.19 -31.31
N THR G 247 1.68 48.74 -30.07
CA THR G 247 0.59 48.20 -29.28
C THR G 247 0.84 48.49 -27.81
N VAL G 248 -0.23 48.34 -27.03
CA VAL G 248 -0.22 48.56 -25.59
C VAL G 248 -0.66 47.27 -24.91
N THR G 249 0.14 46.80 -23.96
CA THR G 249 -0.24 45.66 -23.14
C THR G 249 -0.25 46.07 -21.68
N PHE G 250 -1.03 45.38 -20.87
CA PHE G 250 -1.20 45.74 -19.48
C PHE G 250 -0.61 44.66 -18.60
N ASP G 251 0.13 45.07 -17.59
CA ASP G 251 0.66 44.12 -16.60
C ASP G 251 -0.50 43.63 -15.76
N SER G 252 -1.05 42.49 -16.13
CA SER G 252 -2.30 42.01 -15.56
C SER G 252 -2.19 40.52 -15.27
N PRO G 253 -2.94 40.03 -14.28
CA PRO G 253 -3.00 38.59 -14.08
C PRO G 253 -3.65 37.85 -15.24
N VAL G 254 -4.66 38.45 -15.86
CA VAL G 254 -5.32 37.75 -16.94
C VAL G 254 -4.56 37.90 -18.24
N GLN G 255 -3.88 39.04 -18.46
CA GLN G 255 -3.12 39.20 -19.69
C GLN G 255 -1.77 38.52 -19.61
N ARG G 256 -1.38 38.02 -18.45
CA ARG G 256 -0.29 37.06 -18.40
C ARG G 256 -0.72 35.67 -18.88
N LEU G 257 -2.00 35.48 -19.19
CA LEU G 257 -2.48 34.23 -19.75
C LEU G 257 -3.01 34.39 -21.17
N TYR G 258 -3.01 35.62 -21.70
CA TYR G 258 -3.95 36.07 -22.73
C TYR G 258 -3.87 35.24 -24.01
N GLN G 259 -2.70 35.19 -24.63
CA GLN G 259 -2.63 34.44 -25.87
C GLN G 259 -2.60 32.95 -25.65
N ASN G 260 -2.33 32.47 -24.43
CA ASN G 260 -2.51 31.04 -24.18
C ASN G 260 -3.99 30.70 -24.10
N ILE G 261 -4.80 31.58 -23.51
CA ILE G 261 -6.25 31.40 -23.52
C ILE G 261 -6.78 31.45 -24.95
N PHE G 262 -6.31 32.41 -25.75
CA PHE G 262 -6.76 32.46 -27.13
C PHE G 262 -6.24 31.28 -27.94
N MET G 263 -5.08 30.74 -27.59
CA MET G 263 -4.59 29.54 -28.26
C MET G 263 -5.46 28.35 -27.95
N CYS G 264 -5.91 28.23 -26.70
CA CYS G 264 -6.79 27.13 -26.35
C CYS G 264 -8.16 27.27 -26.99
N TYR G 265 -8.66 28.51 -27.10
CA TYR G 265 -9.90 28.76 -27.81
C TYR G 265 -9.76 28.39 -29.28
N ARG G 266 -8.63 28.76 -29.89
CA ARG G 266 -8.39 28.48 -31.29
C ARG G 266 -8.30 26.98 -31.55
N THR G 267 -7.60 26.25 -30.69
CA THR G 267 -7.51 24.81 -30.95
C THR G 267 -8.80 24.09 -30.59
N LEU G 268 -9.63 24.64 -29.70
CA LEU G 268 -10.91 23.99 -29.45
C LEU G 268 -11.87 24.17 -30.62
N GLU G 269 -11.96 25.39 -31.16
CA GLU G 269 -12.82 25.59 -32.33
C GLU G 269 -12.24 24.89 -33.54
N HIS G 270 -10.91 24.79 -33.61
CA HIS G 270 -10.25 24.01 -34.66
C HIS G 270 -10.56 22.53 -34.55
N ALA G 271 -10.62 22.02 -33.31
CA ALA G 271 -10.94 20.62 -33.09
C ALA G 271 -12.37 20.33 -33.50
N LYS G 272 -13.28 21.24 -33.19
CA LYS G 272 -14.65 21.03 -33.66
C LYS G 272 -14.75 21.23 -35.16
N ILE G 273 -13.88 22.04 -35.76
CA ILE G 273 -13.87 22.20 -37.21
C ILE G 273 -13.49 20.88 -37.88
N CYS G 274 -12.42 20.25 -37.40
CA CYS G 274 -12.03 18.97 -38.00
C CYS G 274 -13.02 17.85 -37.63
N GLN G 275 -13.60 17.91 -36.44
CA GLN G 275 -14.60 16.93 -36.03
C GLN G 275 -15.84 17.00 -36.90
N LEU G 276 -16.31 18.20 -37.19
CA LEU G 276 -17.44 18.35 -38.09
C LEU G 276 -17.05 18.17 -39.54
N LEU G 277 -15.78 18.26 -39.89
CA LEU G 277 -15.41 18.13 -41.28
C LEU G 277 -15.10 16.70 -41.66
N ASN G 278 -14.81 15.82 -40.71
CA ASN G 278 -14.61 14.42 -41.07
C ASN G 278 -15.82 13.53 -40.74
N THR G 279 -17.01 14.13 -40.56
CA THR G 279 -18.21 13.36 -40.19
C THR G 279 -18.65 12.37 -41.26
N ALA G 280 -18.26 12.58 -42.51
CA ALA G 280 -18.56 11.59 -43.52
C ALA G 280 -17.83 10.29 -43.19
N PRO G 281 -18.51 9.15 -43.27
CA PRO G 281 -17.86 7.87 -43.00
C PRO G 281 -17.06 7.35 -44.17
N LEU G 282 -17.01 8.10 -45.26
CA LEU G 282 -16.41 7.66 -46.51
C LEU G 282 -16.04 8.89 -47.30
N LYS G 283 -14.90 8.82 -47.98
CA LYS G 283 -14.35 9.97 -48.69
C LYS G 283 -14.21 9.62 -50.16
N ALA G 284 -14.98 10.31 -51.00
CA ALA G 284 -14.81 10.23 -52.43
C ALA G 284 -14.04 11.45 -52.94
N ILE G 285 -13.42 11.29 -54.10
CA ILE G 285 -12.70 12.37 -54.77
C ILE G 285 -13.17 12.43 -56.22
N VAL G 286 -13.68 13.58 -56.62
CA VAL G 286 -14.22 13.70 -57.97
C VAL G 286 -13.08 13.88 -58.96
N GLY G 287 -13.38 13.71 -60.24
CA GLY G 287 -12.38 13.90 -61.28
C GLY G 287 -12.87 13.60 -62.68
N ASP G 434 -35.48 17.52 -32.27
CA ASP G 434 -36.29 16.45 -32.84
C ASP G 434 -35.41 15.33 -33.35
N ILE G 435 -34.21 15.70 -33.80
CA ILE G 435 -33.25 14.69 -34.24
C ILE G 435 -32.71 13.93 -33.04
N LEU G 436 -32.57 14.61 -31.90
CA LEU G 436 -31.93 14.03 -30.72
C LEU G 436 -32.72 12.88 -30.14
N THR G 437 -34.03 12.88 -30.35
CA THR G 437 -34.89 11.82 -29.83
C THR G 437 -36.00 11.57 -30.83
N GLY G 438 -36.05 10.35 -31.35
CA GLY G 438 -37.12 10.00 -32.27
C GLY G 438 -37.04 8.52 -32.56
N SER G 439 -38.00 8.04 -33.33
CA SER G 439 -38.00 6.66 -33.78
C SER G 439 -36.80 6.41 -34.67
N THR G 440 -35.89 5.55 -34.19
CA THR G 440 -34.58 5.41 -34.82
C THR G 440 -34.66 4.84 -36.23
N ALA G 441 -35.73 4.10 -36.55
CA ALA G 441 -35.91 3.62 -37.92
C ALA G 441 -36.20 4.79 -38.87
N SER G 442 -37.04 5.72 -38.46
CA SER G 442 -37.25 6.92 -39.25
C SER G 442 -36.10 7.90 -39.11
N ALA G 443 -35.40 7.86 -37.97
CA ALA G 443 -34.23 8.72 -37.81
C ALA G 443 -33.10 8.31 -38.74
N ILE G 444 -32.99 7.02 -39.04
CA ILE G 444 -32.14 6.54 -40.11
C ILE G 444 -32.51 7.17 -41.44
N GLU G 445 -33.80 7.20 -41.77
CA GLU G 445 -34.27 7.76 -43.03
C GLU G 445 -34.04 9.26 -43.11
N LYS G 446 -34.13 9.97 -41.97
CA LYS G 446 -34.08 11.42 -42.02
C LYS G 446 -32.66 11.97 -42.22
N LEU G 447 -31.61 11.13 -42.24
CA LEU G 447 -30.29 11.69 -42.51
C LEU G 447 -29.48 10.96 -43.57
N PHE G 448 -29.91 9.78 -44.02
CA PHE G 448 -29.17 9.11 -45.09
C PHE G 448 -29.38 9.81 -46.42
N ASN G 449 -30.59 10.29 -46.68
CA ASN G 449 -30.85 11.10 -47.85
C ASN G 449 -30.18 12.47 -47.75
N SER G 450 -29.87 12.91 -46.53
CA SER G 450 -29.25 14.20 -46.32
C SER G 450 -27.83 14.21 -46.88
N PRO G 451 -27.34 15.35 -47.35
CA PRO G 451 -25.98 15.43 -47.89
C PRO G 451 -24.88 15.38 -46.86
N SER G 452 -25.20 15.16 -45.58
CA SER G 452 -24.16 15.00 -44.57
C SER G 452 -23.39 13.70 -44.76
N ALA G 453 -24.02 12.69 -45.36
CA ALA G 453 -23.37 11.40 -45.52
C ALA G 453 -22.25 11.44 -46.55
N SER G 454 -22.53 11.97 -47.74
CA SER G 454 -21.56 11.91 -48.81
C SER G 454 -20.47 12.95 -48.63
N LEU G 455 -19.35 12.70 -49.30
CA LEU G 455 -18.27 13.68 -49.40
C LEU G 455 -17.44 13.37 -50.64
N GLY G 456 -17.57 14.21 -51.66
CA GLY G 456 -16.75 14.09 -52.85
C GLY G 456 -15.72 15.19 -52.90
N ALA G 457 -14.45 14.83 -52.78
CA ALA G 457 -13.38 15.83 -52.80
C ALA G 457 -13.18 16.34 -54.21
N ARG G 458 -12.84 17.62 -54.33
CA ARG G 458 -12.80 18.28 -55.62
C ARG G 458 -11.40 18.76 -55.94
N VAL G 459 -11.01 18.55 -57.20
CA VAL G 459 -9.87 19.23 -57.80
C VAL G 459 -10.43 20.40 -58.60
N SER G 460 -9.72 21.53 -58.61
CA SER G 460 -10.22 22.74 -59.25
C SER G 460 -10.25 22.61 -60.76
N GLY G 461 -9.11 22.30 -61.38
CA GLY G 461 -9.05 22.19 -62.82
C GLY G 461 -9.53 20.84 -63.30
N HIS G 462 -10.37 20.86 -64.33
CA HIS G 462 -10.84 19.62 -64.93
C HIS G 462 -9.76 18.93 -65.74
N ASN G 463 -8.87 19.71 -66.35
CA ASN G 463 -7.69 19.13 -66.98
C ASN G 463 -6.69 18.67 -65.94
N GLU G 464 -6.70 19.28 -64.76
CA GLU G 464 -5.77 18.90 -63.71
C GLU G 464 -6.16 17.55 -63.13
N SER G 465 -5.27 16.58 -63.27
CA SER G 465 -5.54 15.21 -62.86
C SER G 465 -4.86 14.92 -61.52
N ILE G 466 -5.25 13.80 -60.91
CA ILE G 466 -4.74 13.40 -59.60
C ILE G 466 -3.96 12.11 -59.77
N LEU G 467 -2.69 12.14 -59.40
CA LEU G 467 -1.85 10.96 -59.48
C LEU G 467 -2.02 10.03 -58.29
N ASN G 468 -2.16 10.58 -57.08
CA ASN G 468 -2.32 9.72 -55.92
C ASN G 468 -3.16 10.45 -54.89
N SER G 469 -3.75 9.68 -53.99
CA SER G 469 -4.70 10.21 -53.04
C SER G 469 -4.51 9.49 -51.72
N PHE G 470 -4.67 10.23 -50.63
CA PHE G 470 -4.38 9.72 -49.31
C PHE G 470 -5.57 9.97 -48.40
N VAL G 471 -5.54 9.45 -47.17
CA VAL G 471 -6.60 9.70 -46.21
C VAL G 471 -6.02 9.63 -44.80
N SER G 472 -6.32 10.65 -44.01
CA SER G 472 -5.89 10.69 -42.61
C SER G 472 -6.84 11.62 -41.87
N GLN G 473 -7.78 11.04 -41.14
CA GLN G 473 -8.49 11.87 -40.18
C GLN G 473 -7.56 12.20 -39.02
N TYR G 474 -7.78 13.34 -38.39
CA TYR G 474 -6.90 13.76 -37.31
C TYR G 474 -7.68 14.62 -36.34
N ILE G 475 -7.53 14.31 -35.05
CA ILE G 475 -8.12 15.11 -33.99
C ILE G 475 -6.98 15.76 -33.22
N PRO G 476 -6.93 17.07 -33.13
CA PRO G 476 -5.96 17.72 -32.26
C PRO G 476 -6.31 17.48 -30.80
N PRO G 477 -5.31 17.39 -29.92
CA PRO G 477 -5.60 17.03 -28.52
C PRO G 477 -6.30 18.14 -27.76
N SER G 478 -7.62 18.23 -27.96
CA SER G 478 -8.38 19.38 -27.49
C SER G 478 -8.50 19.40 -25.98
N ARG G 479 -9.06 18.35 -25.40
CA ARG G 479 -9.25 18.29 -23.96
C ARG G 479 -7.92 18.25 -23.22
N GLU G 480 -6.86 17.74 -23.85
CA GLU G 480 -5.54 17.86 -23.26
C GLU G 480 -5.10 19.30 -23.21
N MET G 481 -5.44 20.09 -24.22
CA MET G 481 -5.10 21.51 -24.19
C MET G 481 -5.96 22.26 -23.19
N THR G 482 -7.16 21.77 -22.91
CA THR G 482 -7.96 22.42 -21.87
C THR G 482 -7.43 22.07 -20.48
N LYS G 483 -7.00 20.82 -20.30
CA LYS G 483 -6.74 20.30 -18.96
C LYS G 483 -5.53 20.96 -18.31
N ASP G 484 -4.46 21.18 -19.07
CA ASP G 484 -3.30 21.85 -18.49
C ASP G 484 -3.57 23.35 -18.33
N LEU G 485 -4.46 23.90 -19.14
CA LEU G 485 -4.74 25.32 -18.99
C LEU G 485 -5.64 25.59 -17.79
N THR G 486 -6.37 24.56 -17.32
CA THR G 486 -7.02 24.65 -16.02
C THR G 486 -6.01 24.93 -14.90
N GLU G 487 -4.96 24.11 -14.81
CA GLU G 487 -4.00 24.34 -13.73
C GLU G 487 -3.09 25.53 -14.03
N LEU G 488 -3.01 25.95 -15.31
CA LEU G 488 -2.43 27.25 -15.64
C LEU G 488 -3.19 28.38 -14.95
N TRP G 489 -4.52 28.36 -15.03
CA TRP G 489 -5.33 29.32 -14.29
C TRP G 489 -5.14 29.18 -12.79
N GLU G 490 -5.09 27.93 -12.31
CA GLU G 490 -4.96 27.67 -10.88
C GLU G 490 -3.65 28.20 -10.33
N SER G 491 -2.57 28.10 -11.11
CA SER G 491 -1.26 28.54 -10.65
C SER G 491 -1.19 30.05 -10.52
N GLU G 492 -1.64 30.78 -11.55
CA GLU G 492 -1.68 32.24 -11.49
C GLU G 492 -2.58 32.77 -10.40
N LEU G 493 -3.78 32.22 -10.25
CA LEU G 493 -4.66 32.78 -9.23
C LEU G 493 -4.44 32.14 -7.86
N PHE G 494 -3.50 31.23 -7.74
CA PHE G 494 -2.93 30.88 -6.45
C PHE G 494 -1.72 31.75 -6.11
N ASN G 495 -1.05 32.29 -7.12
CA ASN G 495 0.22 32.96 -6.89
C ASN G 495 0.10 34.47 -6.82
N THR G 496 -0.26 35.16 -7.91
CA THR G 496 -0.22 36.62 -7.86
C THR G 496 -1.37 37.18 -7.04
N PHE G 497 -2.44 36.41 -6.89
CA PHE G 497 -3.37 36.58 -5.79
C PHE G 497 -3.17 35.40 -4.87
N LYS G 498 -2.74 35.66 -3.65
CA LYS G 498 -2.34 34.61 -2.72
C LYS G 498 -3.57 33.86 -2.24
N LEU G 499 -3.80 32.68 -2.78
CA LEU G 499 -4.95 31.86 -2.42
C LEU G 499 -4.47 30.53 -1.88
N THR G 500 -4.77 30.25 -0.61
CA THR G 500 -4.33 29.03 0.04
C THR G 500 -5.48 28.03 0.06
N PRO G 501 -5.39 26.95 -0.70
CA PRO G 501 -6.49 25.96 -0.69
C PRO G 501 -6.51 25.10 0.57
N VAL G 502 -7.46 25.37 1.45
CA VAL G 502 -7.64 24.57 2.66
C VAL G 502 -8.27 23.24 2.24
N VAL G 503 -7.50 22.15 2.34
CA VAL G 503 -7.94 20.87 1.82
C VAL G 503 -7.95 19.80 2.90
N ASP G 504 -8.55 18.65 2.59
CA ASP G 504 -8.47 17.46 3.42
C ASP G 504 -7.38 16.55 2.85
N ASN G 505 -7.21 15.38 3.47
CA ASN G 505 -6.25 14.41 2.97
C ASN G 505 -6.71 13.88 1.63
N GLN G 506 -5.91 14.17 0.59
CA GLN G 506 -6.28 14.03 -0.82
C GLN G 506 -7.60 14.75 -1.11
N GLY G 507 -7.72 15.96 -0.59
CA GLY G 507 -8.89 16.79 -0.81
C GLY G 507 -8.68 17.64 -2.04
N GLN G 508 -9.69 17.70 -2.90
CA GLN G 508 -9.58 18.38 -4.18
C GLN G 508 -10.11 19.81 -4.05
N ARG G 509 -9.33 20.64 -3.33
CA ARG G 509 -9.43 22.10 -3.31
C ARG G 509 -10.81 22.56 -2.84
N LEU G 510 -11.12 22.23 -1.59
CA LEU G 510 -12.47 22.39 -1.11
C LEU G 510 -12.74 23.77 -0.51
N TYR G 511 -11.75 24.39 0.13
CA TYR G 511 -11.98 25.66 0.80
C TYR G 511 -10.91 26.64 0.34
N VAL G 512 -11.25 27.46 -0.65
CA VAL G 512 -10.31 28.42 -1.23
C VAL G 512 -10.55 29.76 -0.57
N ARG G 513 -9.50 30.27 0.07
CA ARG G 513 -9.63 31.35 1.04
C ARG G 513 -8.51 32.37 0.85
N TYR G 514 -8.83 33.62 1.17
CA TYR G 514 -7.82 34.67 1.21
C TYR G 514 -6.77 34.37 2.28
N SER G 515 -5.57 34.88 2.03
CA SER G 515 -4.42 34.79 2.90
C SER G 515 -4.28 36.10 3.66
N SER G 516 -3.14 36.25 4.32
CA SER G 516 -2.83 37.50 5.00
C SER G 516 -2.61 38.63 3.99
N ASP G 517 -1.59 38.50 3.16
CA ASP G 517 -1.18 39.63 2.33
C ASP G 517 -2.02 39.80 1.08
N THR G 518 -2.87 38.84 0.73
CA THR G 518 -3.66 39.05 -0.47
C THR G 518 -4.82 40.01 -0.21
N ILE G 519 -5.23 40.18 1.05
CA ILE G 519 -6.17 41.25 1.33
C ILE G 519 -5.43 42.58 1.32
N SER G 520 -4.12 42.58 1.61
CA SER G 520 -3.33 43.79 1.45
C SER G 520 -3.06 44.11 -0.01
N ILE G 521 -3.20 43.15 -0.91
CA ILE G 521 -3.04 43.44 -2.34
C ILE G 521 -4.38 43.58 -3.07
N LEU G 522 -5.49 43.18 -2.47
CA LEU G 522 -6.80 43.44 -3.06
C LEU G 522 -7.62 44.46 -2.30
N LEU G 523 -7.94 44.20 -1.04
CA LEU G 523 -8.80 45.11 -0.30
C LEU G 523 -7.99 46.21 0.35
N GLY G 524 -6.71 45.97 0.58
CA GLY G 524 -5.75 46.98 0.98
C GLY G 524 -5.76 48.22 0.10
N PRO G 525 -5.48 48.07 -1.21
CA PRO G 525 -5.63 49.22 -2.10
C PRO G 525 -7.06 49.66 -2.26
N PHE G 526 -8.02 48.76 -2.16
CA PHE G 526 -9.42 49.10 -2.40
C PHE G 526 -9.97 50.02 -1.32
N THR G 527 -9.91 49.59 -0.07
CA THR G 527 -10.44 50.37 1.04
C THR G 527 -9.63 51.62 1.36
N TYR G 528 -8.42 51.76 0.83
CA TYR G 528 -7.59 52.90 1.17
C TYR G 528 -7.22 53.79 0.00
N LEU G 529 -7.55 53.44 -1.25
CA LEU G 529 -7.16 54.26 -2.38
C LEU G 529 -8.36 54.73 -3.19
N VAL G 530 -9.21 53.82 -3.65
CA VAL G 530 -10.38 54.24 -4.40
C VAL G 530 -11.55 54.49 -3.45
N ALA G 531 -11.61 53.77 -2.35
CA ALA G 531 -12.52 54.09 -1.27
C ALA G 531 -11.74 54.91 -0.25
N GLU G 532 -12.35 56.01 0.19
CA GLU G 532 -11.72 56.91 1.15
C GLU G 532 -12.11 56.54 2.57
N LEU G 533 -12.29 55.26 2.84
CA LEU G 533 -12.60 54.75 4.16
C LEU G 533 -11.38 54.88 5.04
N SER G 534 -11.21 56.05 5.67
CA SER G 534 -10.01 56.28 6.48
C SER G 534 -9.96 55.43 7.75
N PRO G 535 -10.94 55.44 8.66
CA PRO G 535 -10.69 54.79 9.95
C PRO G 535 -10.97 53.29 9.96
N VAL G 536 -11.04 52.64 8.80
CA VAL G 536 -11.29 51.20 8.77
C VAL G 536 -9.97 50.46 8.83
N GLU G 537 -10.04 49.18 9.16
CA GLU G 537 -8.87 48.34 9.28
C GLU G 537 -8.98 47.18 8.31
N LEU G 538 -7.87 46.46 8.15
CA LEU G 538 -7.92 45.18 7.46
C LEU G 538 -8.15 44.11 8.51
N VAL G 539 -8.26 42.85 8.09
CA VAL G 539 -8.69 41.80 8.99
C VAL G 539 -7.60 40.75 9.11
N THR G 540 -7.86 39.72 9.91
CA THR G 540 -6.93 38.63 10.06
C THR G 540 -7.34 37.48 9.16
N ASP G 541 -6.59 36.39 9.29
CA ASP G 541 -7.00 35.13 8.67
C ASP G 541 -8.29 34.63 9.30
N VAL G 542 -8.31 34.47 10.63
CA VAL G 542 -9.47 33.92 11.30
C VAL G 542 -10.60 34.92 11.46
N TYR G 543 -10.35 36.21 11.18
CA TYR G 543 -11.44 37.17 11.12
C TYR G 543 -12.33 36.95 9.91
N ALA G 544 -11.76 36.55 8.78
CA ALA G 544 -12.53 36.26 7.58
C ALA G 544 -12.86 34.79 7.43
N THR G 545 -12.08 33.91 8.04
CA THR G 545 -12.31 32.48 7.95
C THR G 545 -13.51 32.02 8.76
N LEU G 546 -13.65 32.52 9.98
CA LEU G 546 -14.65 32.04 10.91
C LEU G 546 -16.02 32.61 10.53
N GLY G 547 -17.04 32.22 11.30
CA GLY G 547 -18.38 32.70 11.01
C GLY G 547 -18.53 34.16 11.39
N ILE G 548 -19.38 34.86 10.63
CA ILE G 548 -19.60 36.29 10.83
C ILE G 548 -20.32 36.53 12.16
N VAL G 549 -21.10 35.56 12.62
CA VAL G 549 -21.58 35.59 13.99
C VAL G 549 -20.61 34.98 14.97
N GLU G 550 -19.70 34.10 14.53
CA GLU G 550 -18.68 33.58 15.43
C GLU G 550 -17.46 34.48 15.54
N ILE G 551 -17.39 35.56 14.77
CA ILE G 551 -16.34 36.53 15.04
C ILE G 551 -16.82 37.59 16.01
N ILE G 552 -18.13 37.64 16.25
CA ILE G 552 -18.71 38.55 17.24
C ILE G 552 -18.15 38.24 18.63
N ASP G 553 -18.35 37.01 19.08
CA ASP G 553 -17.82 36.59 20.38
C ASP G 553 -16.30 36.49 20.37
N GLU G 554 -15.70 36.28 19.20
CA GLU G 554 -14.23 36.22 19.15
C GLU G 554 -13.61 37.59 19.33
N LEU G 555 -14.15 38.62 18.67
CA LEU G 555 -13.74 39.99 18.93
C LEU G 555 -14.12 40.42 20.34
N TYR G 556 -15.22 39.90 20.85
CA TYR G 556 -15.58 40.10 22.25
C TYR G 556 -14.51 39.56 23.18
N ARG G 557 -13.92 38.41 22.84
CA ARG G 557 -12.89 37.79 23.65
C ARG G 557 -11.63 38.65 23.76
N SER G 558 -11.41 39.58 22.84
CA SER G 558 -10.38 40.59 22.97
C SER G 558 -10.96 41.99 22.90
N SER G 559 -12.15 42.20 23.46
CA SER G 559 -12.76 43.52 23.49
C SER G 559 -12.60 44.17 24.85
N ARG G 560 -12.52 45.51 24.83
CA ARG G 560 -12.25 46.32 26.03
C ARG G 560 -13.30 46.13 27.11
N LEU G 561 -14.58 46.09 26.73
CA LEU G 561 -15.65 45.88 27.70
C LEU G 561 -15.57 44.50 28.33
N ALA G 562 -15.27 43.47 27.53
CA ALA G 562 -15.24 42.14 28.10
C ALA G 562 -14.02 41.91 28.97
N ILE G 563 -12.93 42.62 28.72
CA ILE G 563 -11.82 42.59 29.67
C ILE G 563 -12.19 43.34 30.94
N TYR G 564 -12.98 44.41 30.82
CA TYR G 564 -13.52 45.08 32.01
C TYR G 564 -14.45 44.17 32.81
N ILE G 565 -15.20 43.32 32.13
CA ILE G 565 -16.00 42.31 32.80
C ILE G 565 -15.08 41.25 33.41
N GLU G 566 -14.00 40.89 32.72
CA GLU G 566 -13.04 39.95 33.29
C GLU G 566 -12.17 40.60 34.36
N ASP G 567 -12.03 41.93 34.32
CA ASP G 567 -11.56 42.66 35.50
C ASP G 567 -12.50 42.43 36.67
N LEU G 568 -13.80 42.64 36.43
CA LEU G 568 -14.81 42.24 37.39
C LEU G 568 -14.92 40.73 37.55
N GLY G 569 -14.38 39.96 36.60
CA GLY G 569 -14.26 38.51 36.67
C GLY G 569 -13.60 38.00 37.93
N ARG G 570 -12.65 38.75 38.45
CA ARG G 570 -12.19 38.56 39.82
C ARG G 570 -12.70 39.77 40.61
N LYS G 571 -13.97 39.73 40.99
CA LYS G 571 -14.69 40.82 41.68
C LYS G 571 -14.55 42.19 41.01
N ALA H 18 -64.72 -4.12 -18.76
CA ALA H 18 -63.81 -4.90 -17.94
C ALA H 18 -62.49 -5.13 -18.67
N ILE H 19 -61.40 -5.31 -17.92
CA ILE H 19 -60.10 -5.57 -18.53
C ILE H 19 -59.36 -6.63 -17.72
N PRO H 20 -58.80 -7.66 -18.36
CA PRO H 20 -58.11 -8.70 -17.60
C PRO H 20 -56.75 -8.23 -17.10
N VAL H 21 -56.33 -8.80 -15.97
CA VAL H 21 -55.08 -8.38 -15.33
C VAL H 21 -54.11 -9.54 -15.29
N HIS H 22 -54.49 -10.65 -14.62
CA HIS H 22 -53.56 -11.76 -14.43
C HIS H 22 -53.23 -12.50 -15.73
N PRO H 23 -54.19 -13.15 -16.45
CA PRO H 23 -53.76 -14.11 -17.48
C PRO H 23 -53.43 -13.47 -18.82
N THR H 24 -53.23 -12.16 -18.82
CA THR H 24 -52.70 -11.48 -19.98
C THR H 24 -51.26 -11.94 -20.21
N PRO H 25 -50.79 -11.96 -21.47
CA PRO H 25 -49.44 -12.48 -21.74
C PRO H 25 -48.32 -11.68 -21.09
N ALA H 26 -48.44 -10.35 -21.04
CA ALA H 26 -47.38 -9.55 -20.42
C ALA H 26 -47.30 -9.78 -18.92
N SER H 27 -48.45 -9.89 -18.25
CA SER H 27 -48.42 -10.10 -16.81
C SER H 27 -47.99 -11.51 -16.44
N VAL H 28 -48.26 -12.52 -17.29
CA VAL H 28 -47.74 -13.85 -16.94
C VAL H 28 -46.26 -13.94 -17.30
N ARG H 29 -45.80 -13.17 -18.30
CA ARG H 29 -44.36 -13.01 -18.52
C ARG H 29 -43.71 -12.35 -17.31
N LEU H 30 -44.42 -11.43 -16.66
CA LEU H 30 -43.91 -10.82 -15.45
C LEU H 30 -43.93 -11.80 -14.28
N PHE H 31 -45.03 -12.54 -14.11
CA PHE H 31 -45.16 -13.52 -13.04
C PHE H 31 -44.20 -14.68 -13.19
N GLU H 32 -43.68 -14.91 -14.40
CA GLU H 32 -42.67 -15.94 -14.59
C GLU H 32 -41.38 -15.62 -13.86
N ILE H 33 -41.00 -14.34 -13.75
CA ILE H 33 -39.71 -13.96 -13.17
C ILE H 33 -39.69 -14.16 -11.65
N LEU H 34 -40.84 -14.46 -11.04
CA LEU H 34 -40.86 -15.12 -9.75
C LEU H 34 -40.02 -16.38 -9.76
N GLN H 35 -40.20 -17.22 -10.76
CA GLN H 35 -39.32 -18.35 -11.00
C GLN H 35 -38.21 -17.87 -11.93
N GLY H 36 -37.41 -18.79 -12.46
CA GLY H 36 -36.29 -18.42 -13.28
C GLY H 36 -36.34 -18.81 -14.74
N LYS H 37 -37.53 -18.93 -15.33
CA LYS H 37 -37.67 -19.63 -16.61
C LYS H 37 -37.09 -18.85 -17.78
N TYR H 38 -37.24 -17.52 -17.82
CA TYR H 38 -36.82 -16.80 -19.02
C TYR H 38 -35.42 -16.20 -18.88
N ALA H 39 -35.21 -15.39 -17.86
CA ALA H 39 -33.90 -14.81 -17.64
C ALA H 39 -33.55 -14.89 -16.16
N TYR H 40 -32.27 -15.07 -15.88
CA TYR H 40 -31.83 -15.18 -14.50
C TYR H 40 -30.36 -14.81 -14.42
N VAL H 41 -30.01 -14.05 -13.39
CA VAL H 41 -28.66 -13.59 -13.13
C VAL H 41 -28.37 -13.73 -11.64
N GLN H 42 -27.21 -13.23 -11.23
CA GLN H 42 -26.79 -13.34 -9.84
C GLN H 42 -27.61 -12.43 -8.93
N GLY H 43 -28.06 -11.29 -9.44
CA GLY H 43 -28.78 -10.34 -8.60
C GLY H 43 -30.14 -10.85 -8.16
N GLN H 44 -30.77 -11.71 -8.97
CA GLN H 44 -32.08 -12.27 -8.63
C GLN H 44 -32.03 -13.27 -7.49
N THR H 45 -30.83 -13.69 -7.09
CA THR H 45 -30.71 -14.56 -5.92
C THR H 45 -31.03 -13.82 -4.63
N ILE H 46 -30.74 -12.52 -4.59
CA ILE H 46 -31.11 -11.68 -3.45
C ILE H 46 -32.61 -11.63 -3.26
N TYR H 47 -33.36 -11.59 -4.35
CA TYR H 47 -34.82 -11.66 -4.33
C TYR H 47 -35.32 -12.96 -3.69
N ALA H 48 -34.56 -14.04 -3.84
CA ALA H 48 -34.94 -15.26 -3.14
C ALA H 48 -34.63 -15.21 -1.65
N ASN H 49 -33.74 -14.31 -1.21
CA ASN H 49 -33.33 -14.33 0.18
C ASN H 49 -34.41 -13.76 1.08
N LEU H 50 -35.07 -12.69 0.65
CA LEU H 50 -36.24 -12.27 1.42
C LEU H 50 -37.49 -13.01 1.01
N ARG H 51 -37.40 -13.85 -0.04
CA ARG H 51 -38.47 -14.79 -0.30
C ARG H 51 -38.49 -15.93 0.72
N ASN H 52 -37.42 -16.08 1.49
CA ASN H 52 -37.36 -17.07 2.56
C ASN H 52 -38.37 -16.72 3.63
N PRO H 53 -39.24 -17.65 4.01
CA PRO H 53 -40.04 -17.47 5.22
C PRO H 53 -39.20 -17.72 6.46
N GLY H 54 -39.85 -17.76 7.61
CA GLY H 54 -39.10 -17.95 8.84
C GLY H 54 -39.13 -16.72 9.70
N VAL H 55 -39.03 -15.56 9.06
CA VAL H 55 -39.20 -14.30 9.79
C VAL H 55 -40.64 -14.15 10.27
N PHE H 56 -41.59 -14.76 9.56
CA PHE H 56 -42.96 -14.79 10.05
C PHE H 56 -43.08 -15.73 11.24
N SER H 57 -42.30 -16.80 11.26
CA SER H 57 -42.31 -17.64 12.46
C SER H 57 -41.64 -16.93 13.61
N ARG H 58 -40.61 -16.12 13.34
CA ARG H 58 -40.03 -15.28 14.37
C ARG H 58 -41.04 -14.29 14.93
N GLN H 59 -41.82 -13.68 14.04
CA GLN H 59 -42.92 -12.78 14.37
C GLN H 59 -43.89 -13.41 15.36
N VAL H 60 -44.54 -14.51 14.94
CA VAL H 60 -45.56 -15.16 15.75
C VAL H 60 -44.94 -15.80 16.99
N PHE H 61 -43.67 -16.20 16.90
CA PHE H 61 -42.88 -16.80 17.96
C PHE H 61 -42.73 -15.83 19.11
N THR H 62 -42.17 -14.65 18.83
CA THR H 62 -41.96 -13.70 19.91
C THR H 62 -43.27 -13.08 20.37
N HIS H 63 -44.29 -13.03 19.50
CA HIS H 63 -45.57 -12.48 19.94
C HIS H 63 -46.27 -13.40 20.92
N LEU H 64 -46.28 -14.70 20.66
CA LEU H 64 -46.91 -15.61 21.62
C LEU H 64 -46.06 -15.73 22.87
N PHE H 65 -44.75 -15.49 22.73
CA PHE H 65 -43.89 -15.44 23.90
C PHE H 65 -44.23 -14.25 24.78
N LYS H 66 -44.46 -13.09 24.15
CA LYS H 66 -44.87 -11.89 24.86
C LYS H 66 -46.22 -12.09 25.52
N ARG H 67 -47.11 -12.85 24.88
CA ARG H 67 -48.40 -13.16 25.50
C ARG H 67 -48.22 -14.08 26.70
N ALA H 68 -47.34 -15.07 26.59
CA ALA H 68 -47.18 -16.05 27.66
C ALA H 68 -46.43 -15.45 28.85
N ILE H 69 -45.50 -14.53 28.58
CA ILE H 69 -44.68 -14.02 29.65
C ILE H 69 -45.40 -12.92 30.42
N SER H 70 -46.42 -12.30 29.82
CA SER H 70 -47.03 -11.11 30.41
C SER H 70 -48.12 -11.44 31.43
N HIS H 71 -48.92 -12.47 31.19
CA HIS H 71 -50.11 -12.72 31.99
C HIS H 71 -49.82 -13.34 33.36
N CYS H 72 -48.61 -13.20 33.88
CA CYS H 72 -48.22 -13.86 35.11
C CYS H 72 -48.43 -12.94 36.31
N THR H 73 -48.52 -13.56 37.49
CA THR H 73 -48.73 -12.83 38.72
C THR H 73 -47.43 -12.81 39.54
N TYR H 74 -47.17 -11.67 40.16
CA TYR H 74 -45.99 -11.54 41.00
C TYR H 74 -46.13 -12.34 42.29
N ASP H 75 -47.36 -12.47 42.79
CA ASP H 75 -47.57 -13.13 44.08
C ASP H 75 -47.36 -14.63 44.04
N ASP H 76 -47.40 -15.24 42.84
CA ASP H 76 -47.20 -16.68 42.77
C ASP H 76 -45.73 -17.05 42.94
N VAL H 77 -44.82 -16.32 42.30
CA VAL H 77 -43.41 -16.69 42.33
C VAL H 77 -42.77 -16.45 43.68
N LEU H 78 -43.29 -15.53 44.48
CA LEU H 78 -42.67 -15.22 45.76
C LEU H 78 -42.95 -16.32 46.78
N HIS H 79 -44.18 -16.83 46.82
CA HIS H 79 -44.45 -17.94 47.72
C HIS H 79 -43.85 -19.23 47.18
N ASP H 80 -43.60 -19.32 45.87
CA ASP H 80 -42.80 -20.43 45.36
C ASP H 80 -41.37 -20.35 45.83
N TRP H 81 -40.81 -19.13 45.93
CA TRP H 81 -39.49 -19.00 46.53
C TRP H 81 -39.52 -19.32 48.02
N ASN H 82 -40.64 -19.00 48.69
CA ASN H 82 -40.81 -19.35 50.10
C ASN H 82 -40.81 -20.86 50.29
N LYS H 83 -41.57 -21.59 49.48
CA LYS H 83 -41.56 -23.05 49.55
C LYS H 83 -40.24 -23.62 49.05
N PHE H 84 -39.54 -22.90 48.18
CA PHE H 84 -38.20 -23.30 47.74
C PHE H 84 -37.21 -23.25 48.90
N GLU H 85 -37.29 -22.21 49.73
CA GLU H 85 -36.45 -22.15 50.93
C GLU H 85 -36.90 -23.16 51.97
N ALA H 86 -38.21 -23.44 52.03
CA ALA H 86 -38.72 -24.51 52.88
C ALA H 86 -38.20 -25.87 52.47
N CYS H 87 -37.91 -26.06 51.19
CA CYS H 87 -37.27 -27.29 50.73
C CYS H 87 -35.82 -27.38 51.20
N ILE H 88 -35.11 -26.27 51.24
CA ILE H 88 -33.67 -26.32 51.50
C ILE H 88 -33.34 -26.25 53.00
N GLN H 89 -34.28 -25.78 53.84
CA GLN H 89 -33.98 -25.73 55.27
C GLN H 89 -33.94 -27.11 55.90
N LYS H 90 -34.76 -28.05 55.41
CA LYS H 90 -34.65 -29.43 55.88
C LYS H 90 -33.48 -30.15 55.23
N ARG H 91 -32.96 -29.62 54.11
CA ARG H 91 -31.76 -30.16 53.49
C ARG H 91 -30.50 -29.50 54.02
N TRP H 92 -30.56 -28.22 54.35
CA TRP H 92 -29.45 -27.53 55.01
C TRP H 92 -29.97 -26.51 56.01
N ASP H 96 -26.28 -20.69 59.53
CA ASP H 96 -27.09 -19.73 60.28
C ASP H 96 -26.69 -18.32 59.87
N SER H 97 -25.52 -17.88 60.35
CA SER H 97 -24.94 -16.64 59.86
C SER H 97 -24.44 -16.82 58.44
N CYS H 98 -23.89 -17.99 58.12
CA CYS H 98 -23.50 -18.32 56.76
C CYS H 98 -24.71 -18.58 55.87
N ALA H 99 -25.86 -18.85 56.49
CA ALA H 99 -27.08 -19.14 55.74
C ALA H 99 -27.59 -17.94 54.96
N SER H 100 -27.14 -16.73 55.30
CA SER H 100 -27.49 -15.56 54.51
C SER H 100 -26.91 -15.64 53.11
N ARG H 101 -25.59 -15.88 53.00
CA ARG H 101 -24.98 -16.04 51.70
C ARG H 101 -25.42 -17.36 51.05
N PHE H 102 -25.71 -18.38 51.87
CA PHE H 102 -26.28 -19.62 51.33
C PHE H 102 -27.63 -19.37 50.67
N ARG H 103 -28.47 -18.55 51.29
CA ARG H 103 -29.77 -18.24 50.74
C ARG H 103 -29.66 -17.36 49.50
N GLU H 104 -28.70 -16.44 49.48
CA GLU H 104 -28.51 -15.61 48.29
C GLU H 104 -28.02 -16.45 47.12
N SER H 105 -27.06 -17.33 47.35
CA SER H 105 -26.56 -18.22 46.31
C SER H 105 -27.62 -19.20 45.83
N THR H 106 -28.42 -19.75 46.74
CA THR H 106 -29.46 -20.67 46.31
C THR H 106 -30.59 -19.95 45.60
N PHE H 107 -30.80 -18.67 45.88
CA PHE H 107 -31.76 -17.91 45.10
C PHE H 107 -31.22 -17.59 43.72
N GLU H 108 -29.90 -17.36 43.62
CA GLU H 108 -29.30 -17.12 42.30
C GLU H 108 -29.38 -18.35 41.42
N SER H 109 -29.07 -19.52 41.99
CA SER H 109 -29.22 -20.77 41.25
C SER H 109 -30.68 -21.05 40.97
N TRP H 110 -31.57 -20.63 41.88
CA TRP H 110 -33.00 -20.79 41.67
C TRP H 110 -33.48 -19.94 40.51
N SER H 111 -32.94 -18.73 40.36
CA SER H 111 -33.27 -17.87 39.23
C SER H 111 -32.77 -18.46 37.93
N THR H 112 -31.55 -19.01 37.96
CA THR H 112 -30.98 -19.63 36.77
C THR H 112 -31.78 -20.85 36.35
N THR H 113 -32.15 -21.71 37.30
CA THR H 113 -32.97 -22.85 36.92
C THR H 113 -34.42 -22.45 36.71
N MET H 114 -34.83 -21.26 37.17
CA MET H 114 -36.15 -20.76 36.82
C MET H 114 -36.22 -20.42 35.35
N LYS H 115 -35.21 -19.69 34.86
CA LYS H 115 -35.08 -19.45 33.43
C LYS H 115 -34.94 -20.76 32.66
N LEU H 116 -34.20 -21.72 33.21
CA LEU H 116 -34.02 -23.00 32.54
C LEU H 116 -35.31 -23.81 32.51
N THR H 117 -36.07 -23.80 33.61
CA THR H 117 -37.22 -24.67 33.74
C THR H 117 -38.46 -24.03 33.13
N VAL H 118 -38.41 -22.74 32.83
CA VAL H 118 -39.40 -22.25 31.89
C VAL H 118 -38.94 -22.52 30.47
N ARG H 119 -37.62 -22.44 30.23
CA ARG H 119 -37.07 -22.40 28.87
C ARG H 119 -37.20 -23.74 28.18
N ASP H 120 -36.98 -24.84 28.92
CA ASP H 120 -37.08 -26.16 28.33
C ASP H 120 -38.51 -26.46 27.87
N LEU H 121 -39.50 -26.13 28.71
CA LEU H 121 -40.88 -26.46 28.38
C LEU H 121 -41.40 -25.57 27.26
N LEU H 122 -41.03 -24.28 27.26
CA LEU H 122 -41.47 -23.41 26.18
C LEU H 122 -40.82 -23.78 24.85
N THR H 123 -39.56 -24.20 24.90
CA THR H 123 -38.84 -24.53 23.66
C THR H 123 -39.42 -25.78 23.01
N THR H 124 -39.82 -26.77 23.82
CA THR H 124 -40.54 -27.92 23.29
C THR H 124 -41.90 -27.53 22.71
N ASN H 125 -42.78 -26.94 23.53
CA ASN H 125 -44.18 -26.79 23.13
C ASN H 125 -44.34 -25.77 22.01
N ILE H 126 -43.49 -24.75 21.98
CA ILE H 126 -43.70 -23.68 21.03
C ILE H 126 -43.10 -24.04 19.68
N TYR H 127 -41.97 -24.75 19.67
CA TYR H 127 -41.50 -25.36 18.43
C TYR H 127 -42.48 -26.43 17.96
N ARG H 128 -43.19 -27.07 18.88
CA ARG H 128 -44.19 -28.06 18.50
C ARG H 128 -45.37 -27.40 17.79
N VAL H 129 -45.76 -26.21 18.25
CA VAL H 129 -46.95 -25.58 17.69
C VAL H 129 -46.59 -24.74 16.45
N LEU H 130 -45.32 -24.39 16.30
CA LEU H 130 -44.93 -23.60 15.12
C LEU H 130 -44.96 -24.42 13.84
N HIS H 131 -44.27 -25.54 13.83
CA HIS H 131 -43.95 -26.22 12.57
C HIS H 131 -45.01 -27.25 12.17
N SER H 132 -46.27 -27.02 12.53
CA SER H 132 -47.37 -27.77 11.93
C SER H 132 -47.56 -27.38 10.48
N ARG H 133 -48.56 -27.98 9.85
CA ARG H 133 -48.93 -27.54 8.51
C ARG H 133 -49.63 -26.20 8.59
N SER H 134 -49.00 -25.18 8.03
CA SER H 134 -49.59 -23.87 7.91
C SER H 134 -49.92 -23.62 6.45
N VAL H 135 -51.21 -23.51 6.15
CA VAL H 135 -51.62 -23.28 4.77
C VAL H 135 -51.32 -21.85 4.35
N LEU H 136 -51.13 -20.95 5.32
CA LEU H 136 -50.65 -19.62 5.03
C LEU H 136 -49.15 -19.67 4.85
N SER H 137 -48.65 -19.00 3.82
CA SER H 137 -47.22 -18.98 3.56
C SER H 137 -46.76 -17.54 3.37
N TYR H 138 -45.69 -17.18 4.07
CA TYR H 138 -44.99 -15.93 3.79
C TYR H 138 -44.39 -15.97 2.40
N GLU H 139 -43.90 -17.14 1.97
CA GLU H 139 -43.30 -17.29 0.65
C GLU H 139 -44.32 -17.05 -0.45
N ARG H 140 -45.54 -17.52 -0.25
CA ARG H 140 -46.60 -17.24 -1.21
C ARG H 140 -47.12 -15.82 -1.09
N TYR H 141 -46.72 -15.06 -0.08
CA TYR H 141 -47.09 -13.66 0.02
C TYR H 141 -46.09 -12.74 -0.65
N VAL H 142 -44.80 -12.94 -0.39
CA VAL H 142 -43.77 -11.96 -0.74
C VAL H 142 -43.63 -11.83 -2.25
N ASP H 143 -43.88 -12.91 -2.98
CA ASP H 143 -43.80 -12.86 -4.43
C ASP H 143 -44.96 -12.08 -5.01
N TRP H 144 -46.12 -12.14 -4.36
CA TRP H 144 -47.31 -11.54 -4.94
C TRP H 144 -47.28 -10.03 -4.87
N ILE H 145 -46.79 -9.46 -3.77
CA ILE H 145 -46.76 -8.01 -3.66
C ILE H 145 -45.71 -7.43 -4.61
N CYS H 146 -44.55 -8.06 -4.72
CA CYS H 146 -43.53 -7.53 -5.60
C CYS H 146 -43.86 -7.79 -7.07
N ALA H 147 -44.78 -8.70 -7.35
CA ALA H 147 -45.16 -8.94 -8.75
C ALA H 147 -46.08 -7.85 -9.26
N THR H 148 -47.17 -7.58 -8.57
CA THR H 148 -48.18 -6.70 -9.15
C THR H 148 -48.71 -5.69 -8.16
N GLY H 149 -48.22 -5.72 -6.93
CA GLY H 149 -48.70 -4.78 -5.92
C GLY H 149 -50.05 -5.12 -5.38
N MET H 150 -50.55 -6.32 -5.67
CA MET H 150 -51.90 -6.76 -5.35
C MET H 150 -51.79 -8.12 -4.70
N VAL H 151 -52.63 -8.37 -3.71
CA VAL H 151 -52.62 -9.62 -2.95
C VAL H 151 -54.04 -10.17 -2.88
N PRO H 152 -54.23 -11.46 -3.09
CA PRO H 152 -55.55 -12.05 -2.83
C PRO H 152 -55.71 -12.46 -1.39
N ALA H 153 -56.67 -11.86 -0.68
CA ALA H 153 -56.92 -12.15 0.72
C ALA H 153 -58.00 -13.20 0.84
N VAL H 154 -57.60 -14.47 0.74
CA VAL H 154 -58.54 -15.58 0.64
C VAL H 154 -58.83 -16.10 2.04
N LYS H 155 -60.12 -16.15 2.38
CA LYS H 155 -60.58 -16.66 3.65
C LYS H 155 -61.10 -18.07 3.40
N LYS H 156 -60.26 -19.06 3.66
CA LYS H 156 -60.59 -20.44 3.38
C LYS H 156 -61.13 -21.09 4.64
N PRO H 157 -62.42 -21.41 4.71
CA PRO H 157 -63.03 -21.72 6.03
C PRO H 157 -62.74 -23.11 6.57
N ILE H 158 -61.76 -23.85 6.05
CA ILE H 158 -61.36 -25.09 6.70
C ILE H 158 -60.54 -24.75 7.94
N THR H 159 -61.12 -24.97 9.12
CA THR H 159 -60.55 -24.57 10.40
C THR H 159 -60.48 -25.77 11.34
N GLN H 160 -60.03 -26.91 10.83
CA GLN H 160 -60.09 -28.16 11.59
C GLN H 160 -58.76 -28.88 11.73
N GLU H 161 -57.65 -28.29 11.28
CA GLU H 161 -56.37 -28.99 11.36
C GLU H 161 -55.75 -28.87 12.74
N LEU H 162 -56.04 -27.80 13.48
CA LEU H 162 -55.28 -27.50 14.70
C LEU H 162 -55.70 -28.41 15.85
N HIS H 163 -56.99 -28.71 15.99
CA HIS H 163 -57.42 -29.57 17.08
C HIS H 163 -57.09 -31.02 16.78
N SER H 164 -57.03 -31.38 15.50
CA SER H 164 -56.62 -32.73 15.12
C SER H 164 -55.13 -32.91 15.31
N LYS H 165 -54.35 -31.84 15.13
CA LYS H 165 -52.92 -31.92 15.38
C LYS H 165 -52.63 -31.95 16.87
N ILE H 166 -52.94 -30.87 17.58
CA ILE H 166 -52.59 -30.74 18.99
C ILE H 166 -53.89 -30.48 19.77
N LYS H 167 -54.18 -31.35 20.74
CA LYS H 167 -55.44 -31.25 21.46
C LYS H 167 -55.25 -31.02 22.96
N SER H 168 -54.51 -31.91 23.63
CA SER H 168 -54.44 -31.93 25.08
C SER H 168 -53.27 -32.79 25.52
N LEU H 169 -52.81 -32.58 26.77
CA LEU H 169 -51.74 -33.29 27.48
C LEU H 169 -50.35 -33.05 26.89
N ARG H 170 -50.22 -32.28 25.80
CA ARG H 170 -48.90 -31.95 25.27
C ARG H 170 -48.21 -30.94 26.18
N ASP H 171 -48.99 -30.07 26.80
CA ASP H 171 -48.45 -29.15 27.81
C ASP H 171 -48.34 -29.80 29.17
N ARG H 172 -48.99 -30.93 29.39
CA ARG H 172 -49.07 -31.50 30.73
C ARG H 172 -48.14 -32.70 30.91
N CYS H 173 -47.67 -33.32 29.83
CA CYS H 173 -46.86 -34.53 29.95
C CYS H 173 -45.45 -34.24 30.45
N VAL H 174 -44.82 -33.17 29.96
CA VAL H 174 -43.42 -32.91 30.25
C VAL H 174 -43.25 -32.23 31.60
N CYS H 175 -44.28 -31.56 32.12
CA CYS H 175 -44.11 -30.73 33.31
C CYS H 175 -44.29 -31.50 34.61
N ARG H 176 -44.63 -32.78 34.56
CA ARG H 176 -44.85 -33.56 35.78
C ARG H 176 -43.51 -33.94 36.40
N GLU H 177 -43.14 -33.25 37.48
CA GLU H 177 -41.85 -33.45 38.13
C GLU H 177 -42.06 -33.46 39.64
N LEU H 178 -40.96 -33.33 40.40
CA LEU H 178 -41.04 -33.29 41.85
C LEU H 178 -41.56 -31.94 42.32
N GLY H 179 -40.81 -30.87 42.04
CA GLY H 179 -41.17 -29.55 42.52
C GLY H 179 -42.39 -28.98 41.82
N HIS H 180 -43.51 -28.96 42.52
CA HIS H 180 -44.77 -28.52 41.95
C HIS H 180 -44.76 -27.00 41.82
N GLU H 181 -44.14 -26.53 40.74
CA GLU H 181 -44.01 -25.11 40.47
C GLU H 181 -45.31 -24.60 39.86
N ARG H 182 -46.02 -23.76 40.61
CA ARG H 182 -47.29 -23.22 40.12
C ARG H 182 -47.10 -22.20 39.01
N THR H 183 -45.88 -21.68 38.86
CA THR H 183 -45.59 -20.75 37.76
C THR H 183 -45.76 -21.44 36.41
N ILE H 184 -45.11 -22.59 36.24
CA ILE H 184 -45.22 -23.30 34.97
C ILE H 184 -46.61 -23.90 34.79
N ARG H 185 -47.28 -24.30 35.88
CA ARG H 185 -48.63 -24.81 35.80
C ARG H 185 -49.65 -23.73 35.49
N SER H 186 -49.30 -22.46 35.76
CA SER H 186 -50.15 -21.34 35.41
C SER H 186 -49.88 -20.86 33.99
N ILE H 187 -48.63 -20.88 33.56
CA ILE H 187 -48.33 -20.32 32.25
C ILE H 187 -48.54 -21.32 31.13
N GLY H 188 -48.43 -22.62 31.40
CA GLY H 188 -48.56 -23.61 30.35
C GLY H 188 -49.97 -23.66 29.81
N THR H 189 -50.96 -23.52 30.68
CA THR H 189 -52.35 -23.49 30.27
C THR H 189 -52.67 -22.26 29.40
N GLU H 190 -52.21 -21.08 29.81
CA GLU H 190 -52.54 -19.90 29.02
C GLU H 190 -51.75 -19.84 27.73
N LEU H 191 -50.48 -20.28 27.71
CA LEU H 191 -49.75 -20.34 26.45
C LEU H 191 -50.30 -21.43 25.54
N TYR H 192 -50.85 -22.50 26.12
CA TYR H 192 -51.47 -23.56 25.34
C TYR H 192 -52.73 -23.07 24.67
N GLU H 193 -53.60 -22.40 25.42
CA GLU H 193 -54.84 -21.90 24.81
C GLU H 193 -54.61 -20.69 23.92
N ALA H 194 -53.53 -19.94 24.12
CA ALA H 194 -53.30 -18.76 23.31
C ALA H 194 -52.94 -19.14 21.87
N THR H 195 -52.16 -20.19 21.69
CA THR H 195 -51.87 -20.69 20.35
C THR H 195 -53.13 -21.19 19.65
N LYS H 196 -54.08 -21.73 20.42
CA LYS H 196 -55.34 -22.17 19.84
C LYS H 196 -56.19 -21.03 19.32
N GLU H 197 -55.89 -19.78 19.70
CA GLU H 197 -56.50 -18.65 19.01
C GLU H 197 -55.64 -18.08 17.89
N ILE H 198 -54.32 -18.25 17.95
CA ILE H 198 -53.43 -17.59 17.01
C ILE H 198 -53.23 -18.42 15.75
N ILE H 199 -52.87 -19.72 15.87
CA ILE H 199 -52.63 -20.50 14.68
C ILE H 199 -53.93 -20.81 13.96
N GLU H 200 -55.05 -20.79 14.69
CA GLU H 200 -56.39 -20.81 14.09
C GLU H 200 -56.57 -19.65 13.12
N SER H 201 -56.13 -18.46 13.52
CA SER H 201 -56.34 -17.28 12.70
C SER H 201 -55.49 -17.31 11.43
N LEU H 202 -54.29 -17.89 11.52
CA LEU H 202 -53.46 -17.96 10.32
C LEU H 202 -53.93 -19.07 9.40
N ASN H 203 -54.37 -20.21 9.95
CA ASN H 203 -54.76 -21.32 9.09
C ASN H 203 -56.14 -21.08 8.49
N SER H 204 -56.93 -20.19 9.11
CA SER H 204 -58.21 -19.83 8.52
C SER H 204 -58.03 -18.95 7.29
N THR H 205 -57.03 -18.09 7.32
CA THR H 205 -56.68 -17.26 6.17
C THR H 205 -55.93 -18.10 5.14
N PHE H 206 -55.84 -17.57 3.92
CA PHE H 206 -55.19 -18.29 2.84
C PHE H 206 -54.61 -17.32 1.84
N ILE H 207 -53.43 -17.65 1.33
CA ILE H 207 -52.83 -16.98 0.18
C ILE H 207 -52.60 -18.04 -0.91
N PRO H 208 -53.11 -17.85 -2.10
CA PRO H 208 -52.97 -18.91 -3.11
C PRO H 208 -51.73 -18.81 -3.97
N GLN H 209 -51.61 -19.82 -4.83
CA GLN H 209 -50.64 -19.89 -5.90
C GLN H 209 -51.18 -19.06 -7.07
N PHE H 210 -50.32 -18.68 -8.02
CA PHE H 210 -50.73 -17.75 -9.05
C PHE H 210 -51.23 -18.41 -10.33
N THR H 211 -50.81 -19.63 -10.63
CA THR H 211 -51.08 -20.20 -11.95
C THR H 211 -52.51 -20.71 -12.10
N GLU H 212 -53.30 -20.70 -11.04
CA GLU H 212 -54.66 -21.22 -11.10
C GLU H 212 -55.70 -20.17 -10.78
N VAL H 213 -55.31 -19.07 -10.14
CA VAL H 213 -56.24 -18.00 -9.79
C VAL H 213 -55.97 -16.83 -10.74
N THR H 214 -56.87 -15.86 -10.72
CA THR H 214 -56.70 -14.68 -11.57
C THR H 214 -57.21 -13.46 -10.82
N ILE H 215 -56.78 -12.29 -11.28
CA ILE H 215 -57.24 -11.01 -10.74
C ILE H 215 -57.86 -10.21 -11.87
N GLU H 216 -58.95 -9.53 -11.56
CA GLU H 216 -59.75 -8.82 -12.54
C GLU H 216 -60.02 -7.39 -12.06
N TYR H 217 -59.79 -6.43 -12.95
CA TYR H 217 -60.02 -5.02 -12.67
C TYR H 217 -60.99 -4.44 -13.67
N LEU H 218 -61.99 -3.74 -13.17
CA LEU H 218 -62.91 -3.04 -14.04
C LEU H 218 -62.58 -1.55 -14.06
N PRO H 219 -62.48 -0.95 -15.25
CA PRO H 219 -62.09 0.47 -15.32
C PRO H 219 -63.15 1.40 -14.78
N ARG H 220 -64.37 1.27 -15.29
CA ARG H 220 -65.48 2.08 -14.83
C ARG H 220 -65.92 1.58 -13.45
N SER H 221 -65.97 2.50 -12.48
CA SER H 221 -66.22 2.21 -11.06
C SER H 221 -65.17 1.23 -10.52
N ASP H 222 -63.94 1.76 -10.39
CA ASP H 222 -62.73 0.96 -10.21
C ASP H 222 -62.74 0.12 -8.93
N GLU H 223 -62.79 -1.20 -9.12
CA GLU H 223 -62.60 -2.18 -8.05
C GLU H 223 -61.77 -3.32 -8.62
N TYR H 224 -61.36 -4.24 -7.74
CA TYR H 224 -60.55 -5.37 -8.15
C TYR H 224 -61.23 -6.64 -7.67
N VAL H 225 -61.41 -7.61 -8.57
CA VAL H 225 -62.15 -8.84 -8.29
C VAL H 225 -61.21 -10.03 -8.45
N ALA H 226 -61.11 -10.84 -7.41
CA ALA H 226 -60.32 -12.08 -7.40
C ALA H 226 -61.21 -13.26 -7.78
N TYR H 227 -60.58 -14.35 -8.21
CA TYR H 227 -61.33 -15.54 -8.58
C TYR H 227 -60.53 -16.79 -8.27
N TYR H 228 -61.19 -17.74 -7.60
CA TYR H 228 -60.69 -19.10 -7.45
C TYR H 228 -61.90 -20.01 -7.31
N CYS H 229 -62.02 -20.97 -8.23
CA CYS H 229 -63.14 -21.90 -8.34
C CYS H 229 -64.48 -21.16 -8.41
N GLY H 230 -64.49 -20.04 -9.16
CA GLY H 230 -65.71 -19.40 -9.58
C GLY H 230 -66.31 -18.39 -8.65
N ARG H 231 -65.59 -17.91 -7.63
CA ARG H 231 -66.15 -16.97 -6.68
C ARG H 231 -65.24 -15.76 -6.51
N ARG H 232 -65.86 -14.61 -6.21
CA ARG H 232 -65.12 -13.39 -5.87
C ARG H 232 -64.62 -13.48 -4.44
N ILE H 233 -63.32 -13.30 -4.24
CA ILE H 233 -62.75 -13.40 -2.91
C ILE H 233 -62.16 -12.05 -2.54
N ARG H 234 -62.04 -11.81 -1.24
CA ARG H 234 -61.47 -10.59 -0.70
C ARG H 234 -60.00 -10.45 -1.07
N LEU H 235 -59.52 -9.22 -0.96
CA LEU H 235 -58.23 -8.77 -1.49
C LEU H 235 -57.92 -7.40 -0.91
N HIS H 236 -56.71 -6.94 -1.15
CA HIS H 236 -56.28 -5.64 -0.61
C HIS H 236 -55.34 -4.98 -1.61
N VAL H 237 -55.69 -3.80 -2.07
CA VAL H 237 -54.78 -3.01 -2.87
C VAL H 237 -53.65 -2.55 -1.99
N LEU H 238 -52.43 -2.67 -2.49
CA LEU H 238 -51.29 -2.03 -1.87
C LEU H 238 -50.59 -1.07 -2.80
N PHE H 239 -50.27 -1.50 -4.00
CA PHE H 239 -49.64 -0.65 -5.02
C PHE H 239 -50.54 -0.76 -6.23
N PRO H 240 -51.38 0.23 -6.49
CA PRO H 240 -52.39 0.10 -7.53
C PRO H 240 -51.80 0.36 -8.89
N PRO H 241 -52.12 -0.50 -9.86
CA PRO H 241 -51.40 -0.47 -11.13
C PRO H 241 -51.82 0.69 -12.02
N ALA H 242 -50.92 1.03 -12.93
CA ALA H 242 -51.19 2.05 -13.94
C ALA H 242 -51.85 1.36 -15.12
N ILE H 243 -53.07 1.77 -15.44
CA ILE H 243 -53.80 1.25 -16.57
C ILE H 243 -53.91 2.36 -17.58
N PHE H 244 -53.18 2.26 -18.67
CA PHE H 244 -53.48 3.16 -19.76
C PHE H 244 -54.54 2.50 -20.65
N ALA H 245 -55.02 3.23 -21.64
CA ALA H 245 -56.05 2.70 -22.54
C ALA H 245 -55.53 1.57 -23.43
N GLY H 246 -54.22 1.41 -23.55
CA GLY H 246 -53.68 0.35 -24.38
C GLY H 246 -53.09 -0.80 -23.61
N THR H 247 -52.57 -0.53 -22.41
CA THR H 247 -51.92 -1.57 -21.63
C THR H 247 -52.03 -1.23 -20.15
N VAL H 248 -51.62 -2.20 -19.33
CA VAL H 248 -51.65 -2.09 -17.89
C VAL H 248 -50.23 -2.31 -17.37
N THR H 249 -49.77 -1.43 -16.48
CA THR H 249 -48.47 -1.56 -15.85
C THR H 249 -48.65 -1.55 -14.34
N PHE H 250 -47.94 -2.43 -13.66
CA PHE H 250 -48.06 -2.54 -12.21
C PHE H 250 -46.91 -1.80 -11.56
N ASP H 251 -47.22 -0.96 -10.58
CA ASP H 251 -46.19 -0.29 -9.80
C ASP H 251 -45.54 -1.31 -8.89
N SER H 252 -44.48 -1.94 -9.40
CA SER H 252 -43.92 -3.11 -8.76
C SER H 252 -42.41 -3.07 -8.84
N PRO H 253 -41.71 -3.72 -7.90
CA PRO H 253 -40.24 -3.79 -8.00
C PRO H 253 -39.76 -4.56 -9.21
N VAL H 254 -40.48 -5.60 -9.61
CA VAL H 254 -39.99 -6.39 -10.74
C VAL H 254 -40.29 -5.68 -12.05
N GLN H 255 -41.48 -5.09 -12.21
CA GLN H 255 -41.80 -4.42 -13.46
C GLN H 255 -41.12 -3.08 -13.59
N ARG H 256 -40.46 -2.60 -12.54
CA ARG H 256 -39.52 -1.51 -12.69
C ARG H 256 -38.20 -1.97 -13.31
N LEU H 257 -38.01 -3.28 -13.50
CA LEU H 257 -36.84 -3.83 -14.16
C LEU H 257 -37.18 -4.54 -15.46
N TYR H 258 -38.45 -4.52 -15.86
CA TYR H 258 -39.04 -5.55 -16.73
C TYR H 258 -38.36 -5.62 -18.09
N GLN H 259 -38.40 -4.54 -18.85
CA GLN H 259 -37.83 -4.61 -20.18
C GLN H 259 -36.31 -4.57 -20.15
N ASN H 260 -35.67 -4.20 -19.04
CA ASN H 260 -34.23 -4.37 -18.97
C ASN H 260 -33.85 -5.83 -18.81
N ILE H 261 -34.60 -6.57 -18.00
CA ILE H 261 -34.40 -8.03 -17.90
C ILE H 261 -34.70 -8.69 -19.24
N PHE H 262 -35.77 -8.28 -19.90
CA PHE H 262 -36.07 -8.85 -21.21
C PHE H 262 -35.03 -8.45 -22.26
N MET H 263 -34.45 -7.26 -22.13
CA MET H 263 -33.38 -6.86 -23.02
C MET H 263 -32.15 -7.72 -22.81
N CYS H 264 -31.83 -8.03 -21.56
CA CYS H 264 -30.70 -8.91 -21.29
C CYS H 264 -30.94 -10.32 -21.78
N TYR H 265 -32.18 -10.81 -21.64
CA TYR H 265 -32.53 -12.11 -22.19
C TYR H 265 -32.40 -12.11 -23.71
N ARG H 266 -32.86 -11.03 -24.36
CA ARG H 266 -32.79 -10.94 -25.80
C ARG H 266 -31.36 -10.90 -26.29
N THR H 267 -30.50 -10.13 -25.62
CA THR H 267 -29.12 -10.08 -26.10
C THR H 267 -28.36 -11.35 -25.76
N LEU H 268 -28.77 -12.08 -24.72
CA LEU H 268 -28.10 -13.34 -24.45
C LEU H 268 -28.49 -14.40 -25.47
N GLU H 269 -29.78 -14.50 -25.82
CA GLU H 269 -30.17 -15.48 -26.83
C GLU H 269 -29.66 -15.07 -28.20
N HIS H 270 -29.57 -13.77 -28.47
CA HIS H 270 -28.98 -13.30 -29.71
C HIS H 270 -27.48 -13.58 -29.74
N ALA H 271 -26.83 -13.49 -28.58
CA ALA H 271 -25.42 -13.82 -28.47
C ALA H 271 -25.18 -15.29 -28.79
N LYS H 272 -26.02 -16.16 -28.24
CA LYS H 272 -25.85 -17.57 -28.55
C LYS H 272 -26.26 -17.86 -29.99
N ILE H 273 -27.15 -17.04 -30.57
CA ILE H 273 -27.51 -17.18 -31.98
C ILE H 273 -26.30 -16.90 -32.86
N CYS H 274 -25.60 -15.79 -32.60
CA CYS H 274 -24.41 -15.49 -33.41
C CYS H 274 -23.28 -16.46 -33.12
N GLN H 275 -23.16 -16.90 -31.87
CA GLN H 275 -22.16 -17.90 -31.50
C GLN H 275 -22.39 -19.21 -32.20
N LEU H 276 -23.64 -19.63 -32.32
CA LEU H 276 -24.02 -20.83 -33.05
C LEU H 276 -24.03 -20.64 -34.55
N LEU H 277 -24.04 -19.40 -35.02
CA LEU H 277 -24.10 -19.20 -36.46
C LEU H 277 -22.74 -19.00 -37.08
N ASN H 278 -21.74 -18.57 -36.30
CA ASN H 278 -20.42 -18.37 -36.87
C ASN H 278 -19.44 -19.51 -36.57
N THR H 279 -19.95 -20.69 -36.18
CA THR H 279 -19.08 -21.79 -35.76
C THR H 279 -18.23 -22.36 -36.87
N ALA H 280 -18.65 -22.21 -38.12
CA ALA H 280 -17.83 -22.70 -39.21
C ALA H 280 -16.53 -21.92 -39.25
N PRO H 281 -15.39 -22.58 -39.38
CA PRO H 281 -14.11 -21.89 -39.34
C PRO H 281 -13.76 -21.17 -40.63
N LEU H 282 -14.64 -21.24 -41.62
CA LEU H 282 -14.36 -20.74 -42.96
C LEU H 282 -15.69 -20.44 -43.63
N LYS H 283 -15.74 -19.31 -44.34
CA LYS H 283 -17.00 -18.80 -44.87
C LYS H 283 -16.88 -18.75 -46.39
N ALA H 284 -17.69 -19.53 -47.07
CA ALA H 284 -17.79 -19.44 -48.52
C ALA H 284 -19.11 -18.80 -48.93
N ILE H 285 -19.17 -18.36 -50.18
CA ILE H 285 -20.40 -17.84 -50.78
C ILE H 285 -20.62 -18.53 -52.12
N VAL H 286 -21.84 -18.99 -52.35
CA VAL H 286 -22.14 -19.72 -53.58
C VAL H 286 -22.40 -18.74 -54.70
N GLY H 287 -22.42 -19.24 -55.94
CA GLY H 287 -22.70 -18.40 -57.09
C GLY H 287 -22.70 -19.14 -58.41
N ASP H 434 -21.96 -38.39 -25.49
CA ASP H 434 -21.01 -39.20 -26.26
C ASP H 434 -20.06 -38.29 -27.02
N ILE H 435 -20.58 -37.15 -27.47
CA ILE H 435 -19.76 -36.18 -28.18
C ILE H 435 -18.85 -35.46 -27.20
N LEU H 436 -19.31 -35.28 -25.96
CA LEU H 436 -18.54 -34.56 -24.96
C LEU H 436 -17.30 -35.32 -24.52
N THR H 437 -17.33 -36.63 -24.60
CA THR H 437 -16.18 -37.44 -24.16
C THR H 437 -16.09 -38.67 -25.05
N GLY H 438 -14.96 -38.81 -25.73
CA GLY H 438 -14.74 -39.98 -26.55
C GLY H 438 -13.32 -39.99 -27.06
N SER H 439 -12.98 -41.06 -27.77
CA SER H 439 -11.68 -41.16 -28.41
C SER H 439 -11.53 -40.05 -29.45
N THR H 440 -10.61 -39.13 -29.19
CA THR H 440 -10.51 -37.89 -29.94
C THR H 440 -10.11 -38.10 -31.38
N ALA H 441 -9.46 -39.22 -31.71
CA ALA H 441 -9.17 -39.51 -33.11
C ALA H 441 -10.45 -39.87 -33.87
N SER H 442 -11.32 -40.66 -33.24
CA SER H 442 -12.62 -40.92 -33.85
C SER H 442 -13.57 -39.74 -33.67
N ALA H 443 -13.39 -38.97 -32.59
CA ALA H 443 -14.23 -37.80 -32.39
C ALA H 443 -13.93 -36.70 -33.40
N ILE H 444 -12.68 -36.63 -33.88
CA ILE H 444 -12.35 -35.86 -35.06
C ILE H 444 -13.16 -36.33 -36.26
N GLU H 445 -13.21 -37.64 -36.50
CA GLU H 445 -13.86 -38.17 -37.70
C GLU H 445 -15.37 -37.97 -37.66
N LYS H 446 -15.95 -37.99 -36.46
CA LYS H 446 -17.40 -37.99 -36.34
C LYS H 446 -18.02 -36.63 -36.64
N LEU H 447 -17.24 -35.55 -36.73
CA LEU H 447 -17.85 -34.26 -37.04
C LEU H 447 -17.25 -33.54 -38.23
N PHE H 448 -16.09 -33.96 -38.74
CA PHE H 448 -15.59 -33.34 -39.97
C PHE H 448 -16.46 -33.70 -41.17
N ASN H 449 -16.99 -34.92 -41.19
CA ASN H 449 -17.94 -35.28 -42.23
C ASN H 449 -19.29 -34.64 -42.04
N SER H 450 -19.57 -34.15 -40.83
CA SER H 450 -20.86 -33.54 -40.54
C SER H 450 -20.98 -32.20 -41.25
N PRO H 451 -22.20 -31.79 -41.61
CA PRO H 451 -22.39 -30.51 -42.31
C PRO H 451 -22.22 -29.28 -41.44
N SER H 452 -21.82 -29.42 -40.18
CA SER H 452 -21.53 -28.26 -39.36
C SER H 452 -20.30 -27.52 -39.82
N ALA H 453 -19.37 -28.23 -40.47
CA ALA H 453 -18.11 -27.60 -40.85
C ALA H 453 -18.28 -26.62 -42.00
N SER H 454 -19.04 -26.98 -43.03
CA SER H 454 -19.12 -26.16 -44.21
C SER H 454 -20.02 -24.95 -44.00
N LEU H 455 -19.77 -23.92 -44.80
CA LEU H 455 -20.65 -22.76 -44.86
C LEU H 455 -20.50 -22.10 -46.22
N GLY H 456 -21.47 -22.32 -47.10
CA GLY H 456 -21.54 -21.60 -48.36
C GLY H 456 -22.76 -20.70 -48.38
N ALA H 457 -22.55 -19.40 -48.26
CA ALA H 457 -23.67 -18.48 -48.18
C ALA H 457 -24.27 -18.26 -49.57
N ARG H 458 -25.52 -17.82 -49.59
CA ARG H 458 -26.33 -17.89 -50.79
C ARG H 458 -26.86 -16.53 -51.17
N VAL H 459 -26.89 -16.27 -52.48
CA VAL H 459 -27.69 -15.22 -53.08
C VAL H 459 -28.94 -15.89 -53.66
N SER H 460 -30.08 -15.21 -53.57
CA SER H 460 -31.34 -15.80 -54.00
C SER H 460 -31.42 -15.95 -55.51
N GLY H 461 -31.22 -14.84 -56.24
CA GLY H 461 -31.32 -14.89 -57.69
C GLY H 461 -30.04 -15.42 -58.32
N HIS H 462 -30.21 -16.37 -59.25
CA HIS H 462 -29.07 -16.90 -59.97
C HIS H 462 -28.53 -15.92 -60.99
N ASN H 463 -29.39 -15.08 -61.56
CA ASN H 463 -28.91 -13.99 -62.40
C ASN H 463 -28.30 -12.88 -61.56
N GLU H 464 -28.73 -12.77 -60.31
CA GLU H 464 -28.19 -11.73 -59.42
C GLU H 464 -26.76 -12.10 -59.03
N SER H 465 -25.81 -11.25 -59.37
CA SER H 465 -24.41 -11.51 -59.14
C SER H 465 -23.93 -10.76 -57.91
N ILE H 466 -22.73 -11.12 -57.45
CA ILE H 466 -22.13 -10.51 -56.27
C ILE H 466 -20.88 -9.76 -56.70
N LEU H 467 -20.84 -8.47 -56.41
CA LEU H 467 -19.69 -7.66 -56.77
C LEU H 467 -18.60 -7.71 -55.71
N ASN H 468 -18.95 -7.73 -54.44
CA ASN H 468 -17.94 -7.78 -53.39
C ASN H 468 -18.52 -8.48 -52.18
N SER H 469 -17.62 -8.95 -51.32
CA SER H 469 -18.03 -9.71 -50.16
C SER H 469 -17.09 -9.38 -49.03
N PHE H 470 -17.61 -9.45 -47.80
CA PHE H 470 -16.76 -9.16 -46.65
C PHE H 470 -17.00 -10.21 -45.58
N VAL H 471 -16.27 -10.13 -44.47
CA VAL H 471 -16.43 -11.06 -43.37
C VAL H 471 -16.16 -10.34 -42.05
N SER H 472 -17.06 -10.53 -41.09
CA SER H 472 -16.90 -9.95 -39.77
C SER H 472 -17.71 -10.78 -38.78
N GLN H 473 -17.04 -11.67 -38.05
CA GLN H 473 -17.70 -12.27 -36.91
C GLN H 473 -17.83 -11.23 -35.81
N TYR H 474 -18.83 -11.42 -34.96
CA TYR H 474 -19.10 -10.41 -33.95
C TYR H 474 -19.73 -11.05 -32.72
N ILE H 475 -19.21 -10.69 -31.55
CA ILE H 475 -19.77 -11.10 -30.28
C ILE H 475 -20.41 -9.87 -29.64
N PRO H 476 -21.69 -9.87 -29.34
CA PRO H 476 -22.23 -8.83 -28.49
C PRO H 476 -21.75 -9.00 -27.07
N PRO H 477 -21.62 -7.90 -26.32
CA PRO H 477 -21.10 -8.02 -24.94
C PRO H 477 -22.11 -8.66 -23.99
N SER H 478 -22.22 -9.99 -24.07
CA SER H 478 -23.29 -10.70 -23.38
C SER H 478 -23.08 -10.69 -21.87
N ARG H 479 -21.93 -11.20 -21.42
CA ARG H 479 -21.64 -11.26 -20.00
C ARG H 479 -21.49 -9.87 -19.40
N GLU H 480 -21.10 -8.88 -20.20
CA GLU H 480 -21.13 -7.50 -19.73
C GLU H 480 -22.55 -7.04 -19.49
N MET H 481 -23.49 -7.47 -20.33
CA MET H 481 -24.87 -7.11 -20.11
C MET H 481 -25.46 -7.86 -18.92
N THR H 482 -24.93 -9.03 -18.60
CA THR H 482 -25.37 -9.69 -17.38
C THR H 482 -24.79 -9.00 -16.14
N LYS H 483 -23.55 -8.54 -16.24
CA LYS H 483 -22.81 -8.11 -15.06
C LYS H 483 -23.35 -6.81 -14.49
N ASP H 484 -23.74 -5.86 -15.33
CA ASP H 484 -24.31 -4.64 -14.79
C ASP H 484 -25.75 -4.85 -14.34
N LEU H 485 -26.45 -5.78 -14.98
CA LEU H 485 -27.84 -6.01 -14.58
C LEU H 485 -27.92 -6.78 -13.27
N THR H 486 -26.86 -7.49 -12.90
CA THR H 486 -26.79 -8.07 -11.56
C THR H 486 -26.86 -7.00 -10.47
N GLU H 487 -26.01 -5.98 -10.58
CA GLU H 487 -26.08 -4.93 -9.57
C GLU H 487 -27.28 -4.02 -9.76
N LEU H 488 -27.85 -3.99 -10.97
CA LEU H 488 -29.17 -3.37 -11.16
C LEU H 488 -30.24 -4.07 -10.33
N TRP H 489 -30.23 -5.40 -10.30
CA TRP H 489 -31.13 -6.14 -9.42
C TRP H 489 -30.81 -5.87 -7.95
N GLU H 490 -29.52 -5.87 -7.61
CA GLU H 490 -29.09 -5.68 -6.22
C GLU H 490 -29.50 -4.31 -5.70
N SER H 491 -29.49 -3.30 -6.56
CA SER H 491 -29.83 -1.95 -6.15
C SER H 491 -31.31 -1.81 -5.78
N GLU H 492 -32.21 -2.33 -6.62
CA GLU H 492 -33.63 -2.24 -6.26
C GLU H 492 -33.98 -3.18 -5.12
N LEU H 493 -33.34 -4.33 -5.02
CA LEU H 493 -33.67 -5.19 -3.90
C LEU H 493 -32.98 -4.77 -2.61
N PHE H 494 -32.05 -3.81 -2.67
CA PHE H 494 -31.63 -3.09 -1.48
C PHE H 494 -32.49 -1.87 -1.20
N ASN H 495 -33.09 -1.28 -2.22
CA ASN H 495 -33.75 0.01 -2.08
C ASN H 495 -35.24 -0.10 -1.78
N THR H 496 -36.04 -0.74 -2.64
CA THR H 496 -37.47 -0.76 -2.41
C THR H 496 -37.82 -1.66 -1.25
N PHE H 497 -37.11 -2.75 -1.11
CA PHE H 497 -37.12 -3.52 0.12
C PHE H 497 -35.80 -3.24 0.80
N LYS H 498 -35.85 -2.65 1.99
CA LYS H 498 -34.66 -2.14 2.65
C LYS H 498 -33.83 -3.29 3.19
N LEU H 499 -32.79 -3.65 2.46
CA LEU H 499 -31.92 -4.77 2.84
C LEU H 499 -30.52 -4.23 3.10
N THR H 500 -30.05 -4.37 4.34
CA THR H 500 -28.73 -3.88 4.72
C THR H 500 -27.74 -5.02 4.68
N PRO H 501 -26.80 -5.04 3.75
CA PRO H 501 -25.82 -6.13 3.70
C PRO H 501 -24.78 -6.06 4.81
N VAL H 502 -24.90 -6.94 5.80
CA VAL H 502 -23.95 -7.01 6.89
C VAL H 502 -22.68 -7.66 6.36
N VAL H 503 -21.60 -6.87 6.23
CA VAL H 503 -20.39 -7.34 5.58
C VAL H 503 -19.19 -7.26 6.51
N ASP H 504 -18.10 -7.90 6.11
CA ASP H 504 -16.79 -7.78 6.74
C ASP H 504 -15.96 -6.77 5.96
N ASN H 505 -14.72 -6.56 6.39
CA ASN H 505 -13.82 -5.66 5.68
C ASN H 505 -13.45 -6.27 4.33
N GLN H 506 -13.87 -5.57 3.26
CA GLN H 506 -13.89 -6.07 1.89
C GLN H 506 -14.63 -7.40 1.80
N GLY H 507 -15.77 -7.48 2.47
CA GLY H 507 -16.62 -8.65 2.43
C GLY H 507 -17.63 -8.50 1.30
N GLN H 508 -17.81 -9.60 0.56
CA GLN H 508 -18.69 -9.59 -0.61
C GLN H 508 -20.07 -10.07 -0.22
N ARG H 509 -20.77 -9.23 0.56
CA ARG H 509 -22.20 -9.34 0.85
C ARG H 509 -22.54 -10.68 1.52
N LEU H 510 -22.02 -10.85 2.73
CA LEU H 510 -22.08 -12.15 3.37
C LEU H 510 -23.36 -12.39 4.15
N TYR H 511 -23.99 -11.33 4.68
CA TYR H 511 -25.14 -11.51 5.55
C TYR H 511 -26.20 -10.51 5.15
N VAL H 512 -27.12 -10.95 4.30
CA VAL H 512 -28.20 -10.10 3.80
C VAL H 512 -29.38 -10.22 4.73
N ARG H 513 -29.76 -9.10 5.34
CA ARG H 513 -30.63 -9.10 6.50
C ARG H 513 -31.70 -8.04 6.36
N TYR H 514 -32.86 -8.33 6.93
CA TYR H 514 -33.92 -7.35 7.02
C TYR H 514 -33.49 -6.17 7.90
N SER H 515 -34.05 -5.02 7.59
CA SER H 515 -33.82 -3.77 8.29
C SER H 515 -34.95 -3.49 9.25
N SER H 516 -34.94 -2.30 9.81
CA SER H 516 -36.06 -1.84 10.64
C SER H 516 -37.30 -1.63 9.80
N ASP H 517 -37.21 -0.76 8.79
CA ASP H 517 -38.41 -0.34 8.09
C ASP H 517 -38.90 -1.36 7.07
N THR H 518 -38.06 -2.31 6.67
CA THR H 518 -38.55 -3.23 5.64
C THR H 518 -39.49 -4.27 6.24
N ILE H 519 -39.43 -4.51 7.55
CA ILE H 519 -40.44 -5.36 8.14
C ILE H 519 -41.74 -4.60 8.26
N SER H 520 -41.67 -3.28 8.40
CA SER H 520 -42.87 -2.46 8.36
C SER H 520 -43.46 -2.36 6.97
N ILE H 521 -42.65 -2.55 5.93
CA ILE H 521 -43.20 -2.51 4.57
C ILE H 521 -43.51 -3.91 4.01
N LEU H 522 -43.05 -4.98 4.66
CA LEU H 522 -43.44 -6.32 4.23
C LEU H 522 -44.37 -7.01 5.21
N LEU H 523 -43.95 -7.21 6.45
CA LEU H 523 -44.79 -7.93 7.40
C LEU H 523 -45.76 -7.01 8.11
N GLY H 524 -45.48 -5.70 8.08
CA GLY H 524 -46.44 -4.68 8.43
C GLY H 524 -47.76 -4.85 7.73
N PRO H 525 -47.78 -4.79 6.39
CA PRO H 525 -49.02 -5.07 5.68
C PRO H 525 -49.43 -6.53 5.73
N PHE H 526 -48.49 -7.47 5.82
CA PHE H 526 -48.82 -8.89 5.74
C PHE H 526 -49.63 -9.36 6.94
N THR H 527 -49.09 -9.17 8.13
CA THR H 527 -49.74 -9.63 9.35
C THR H 527 -50.98 -8.82 9.71
N TYR H 528 -51.22 -7.69 9.06
CA TYR H 528 -52.32 -6.82 9.44
C TYR H 528 -53.32 -6.54 8.33
N LEU H 529 -53.11 -7.00 7.09
CA LEU H 529 -54.07 -6.80 6.03
C LEU H 529 -54.64 -8.10 5.51
N VAL H 530 -53.81 -9.01 5.02
CA VAL H 530 -54.31 -10.30 4.57
C VAL H 530 -54.41 -11.27 5.73
N ALA H 531 -53.57 -11.09 6.74
CA ALA H 531 -53.73 -11.80 7.99
C ALA H 531 -54.49 -10.90 8.94
N GLU H 532 -55.52 -11.46 9.57
CA GLU H 532 -56.28 -10.74 10.58
C GLU H 532 -55.75 -11.03 11.97
N LEU H 533 -54.44 -11.22 12.07
CA LEU H 533 -53.74 -11.41 13.33
C LEU H 533 -53.74 -10.08 14.06
N SER H 534 -54.81 -9.81 14.82
CA SER H 534 -54.94 -8.51 15.46
C SER H 534 -53.94 -8.24 16.58
N PRO H 535 -53.79 -9.08 17.62
CA PRO H 535 -52.95 -8.65 18.73
C PRO H 535 -51.47 -8.93 18.56
N VAL H 536 -51.00 -9.16 17.34
CA VAL H 536 -49.59 -9.49 17.17
C VAL H 536 -48.75 -8.24 17.03
N GLU H 537 -47.48 -8.37 17.38
CA GLU H 537 -46.54 -7.26 17.41
C GLU H 537 -45.41 -7.51 16.43
N LEU H 538 -44.76 -6.43 16.03
CA LEU H 538 -43.61 -6.53 15.14
C LEU H 538 -42.37 -6.84 15.96
N VAL H 539 -41.23 -6.98 15.29
CA VAL H 539 -40.01 -7.37 15.97
C VAL H 539 -39.01 -6.23 15.84
N THR H 540 -37.84 -6.41 16.43
CA THR H 540 -36.77 -5.44 16.29
C THR H 540 -35.78 -5.90 15.24
N ASP H 541 -34.70 -5.14 15.11
CA ASP H 541 -33.54 -5.62 14.37
C ASP H 541 -32.92 -6.82 15.05
N VAL H 542 -32.59 -6.70 16.34
CA VAL H 542 -31.94 -7.80 17.04
C VAL H 542 -32.89 -8.89 17.47
N TYR H 543 -34.20 -8.67 17.35
CA TYR H 543 -35.15 -9.76 17.53
C TYR H 543 -35.11 -10.74 16.36
N ALA H 544 -34.81 -10.25 15.16
CA ALA H 544 -34.72 -11.11 13.99
C ALA H 544 -33.29 -11.50 13.64
N THR H 545 -32.31 -10.69 14.03
CA THR H 545 -30.91 -10.97 13.75
C THR H 545 -30.34 -12.07 14.63
N LEU H 546 -30.56 -11.97 15.93
CA LEU H 546 -29.95 -12.86 16.90
C LEU H 546 -30.63 -14.24 16.83
N GLY H 547 -30.07 -15.20 17.56
CA GLY H 547 -30.54 -16.57 17.45
C GLY H 547 -31.92 -16.74 18.05
N ILE H 548 -32.67 -17.70 17.49
CA ILE H 548 -34.08 -17.88 17.82
C ILE H 548 -34.25 -18.37 19.25
N VAL H 549 -33.28 -19.10 19.79
CA VAL H 549 -33.28 -19.35 21.23
C VAL H 549 -32.53 -18.27 21.99
N GLU H 550 -31.58 -17.59 21.35
CA GLU H 550 -30.89 -16.47 21.96
C GLU H 550 -31.74 -15.22 22.03
N ILE H 551 -32.91 -15.18 21.40
CA ILE H 551 -33.80 -14.06 21.64
C ILE H 551 -34.80 -14.37 22.74
N ILE H 552 -34.97 -15.65 23.11
CA ILE H 552 -35.88 -15.99 24.20
C ILE H 552 -35.35 -15.45 25.51
N ASP H 553 -34.07 -15.72 25.81
CA ASP H 553 -33.49 -15.20 27.03
C ASP H 553 -33.26 -13.69 26.95
N GLU H 554 -33.20 -13.14 25.74
CA GLU H 554 -33.15 -11.68 25.63
C GLU H 554 -34.50 -11.05 25.92
N LEU H 555 -35.58 -11.72 25.51
CA LEU H 555 -36.92 -11.34 25.94
C LEU H 555 -37.07 -11.48 27.44
N TYR H 556 -36.48 -12.52 28.00
CA TYR H 556 -36.42 -12.72 29.43
C TYR H 556 -35.69 -11.57 30.11
N ARG H 557 -34.61 -11.07 29.48
CA ARG H 557 -33.84 -9.96 30.02
C ARG H 557 -34.64 -8.67 30.12
N SER H 558 -35.69 -8.52 29.32
CA SER H 558 -36.64 -7.43 29.47
C SER H 558 -38.06 -7.93 29.68
N SER H 559 -38.21 -8.99 30.48
CA SER H 559 -39.52 -9.56 30.75
C SER H 559 -40.06 -9.08 32.09
N ARG H 560 -41.38 -9.21 32.25
CA ARG H 560 -42.01 -9.00 33.54
C ARG H 560 -41.55 -10.02 34.56
N LEU H 561 -41.30 -11.26 34.11
CA LEU H 561 -40.84 -12.33 35.00
C LEU H 561 -39.50 -11.99 35.63
N ALA H 562 -38.49 -11.77 34.81
CA ALA H 562 -37.16 -11.55 35.35
C ALA H 562 -37.03 -10.18 36.00
N ILE H 563 -37.89 -9.23 35.66
CA ILE H 563 -37.84 -7.98 36.40
C ILE H 563 -38.50 -8.16 37.77
N TYR H 564 -39.42 -9.12 37.89
CA TYR H 564 -39.86 -9.53 39.23
C TYR H 564 -38.79 -10.33 39.96
N ILE H 565 -38.00 -11.10 39.23
CA ILE H 565 -36.93 -11.89 39.83
C ILE H 565 -35.79 -10.99 40.30
N GLU H 566 -35.45 -9.97 39.52
CA GLU H 566 -34.44 -9.03 39.95
C GLU H 566 -34.98 -8.07 41.00
N ASP H 567 -36.30 -7.92 41.10
CA ASP H 567 -36.89 -7.37 42.30
C ASP H 567 -36.57 -8.25 43.49
N LEU H 568 -36.79 -9.55 43.36
CA LEU H 568 -36.29 -10.48 44.35
C LEU H 568 -34.76 -10.58 44.33
N GLY H 569 -34.11 -10.16 43.25
CA GLY H 569 -32.65 -10.06 43.16
C GLY H 569 -32.04 -9.20 44.23
N ARG H 570 -32.76 -8.21 44.72
CA ARG H 570 -32.42 -7.53 45.94
C ARG H 570 -33.40 -8.05 47.00
N LYS H 571 -33.09 -9.22 47.55
CA LYS H 571 -33.95 -9.97 48.49
C LYS H 571 -35.40 -10.15 48.02
N ALA I 18 -31.21 -58.51 -12.05
CA ALA I 18 -29.81 -58.35 -11.66
C ALA I 18 -29.11 -57.34 -12.56
N ILE I 19 -28.38 -56.40 -11.97
CA ILE I 19 -27.60 -55.46 -12.77
C ILE I 19 -26.20 -55.34 -12.16
N PRO I 20 -25.16 -55.39 -12.98
CA PRO I 20 -23.80 -55.22 -12.44
C PRO I 20 -23.51 -53.79 -12.04
N VAL I 21 -22.63 -53.65 -11.04
CA VAL I 21 -22.31 -52.35 -10.46
C VAL I 21 -20.82 -52.08 -10.64
N HIS I 22 -19.99 -52.97 -10.09
CA HIS I 22 -18.54 -52.70 -10.05
C HIS I 22 -17.85 -52.82 -11.40
N PRO I 23 -17.81 -54.00 -12.09
CA PRO I 23 -16.87 -54.13 -13.20
C PRO I 23 -17.40 -53.60 -14.52
N THR I 24 -18.44 -52.79 -14.47
CA THR I 24 -18.90 -52.06 -15.63
C THR I 24 -17.82 -51.07 -16.07
N PRO I 25 -17.71 -50.76 -17.36
CA PRO I 25 -16.64 -49.86 -17.81
C PRO I 25 -16.73 -48.45 -17.26
N ALA I 26 -17.93 -47.89 -17.11
CA ALA I 26 -18.04 -46.55 -16.55
C ALA I 26 -17.68 -46.54 -15.06
N SER I 27 -18.05 -47.57 -14.32
CA SER I 27 -17.70 -47.60 -12.91
C SER I 27 -16.23 -47.87 -12.69
N VAL I 28 -15.57 -48.65 -13.55
CA VAL I 28 -14.13 -48.83 -13.34
C VAL I 28 -13.38 -47.60 -13.84
N ARG I 29 -13.96 -46.85 -14.78
CA ARG I 29 -13.44 -45.51 -15.07
C ARG I 29 -13.56 -44.61 -13.85
N LEU I 30 -14.62 -44.79 -13.07
CA LEU I 30 -14.74 -44.04 -11.83
C LEU I 30 -13.75 -44.50 -10.77
N PHE I 31 -13.59 -45.82 -10.61
CA PHE I 31 -12.64 -46.36 -9.65
C PHE I 31 -11.19 -46.09 -10.03
N GLU I 32 -10.92 -45.73 -11.29
CA GLU I 32 -9.56 -45.39 -11.68
C GLU I 32 -9.07 -44.10 -11.03
N ILE I 33 -9.96 -43.12 -10.85
CA ILE I 33 -9.56 -41.78 -10.40
C ILE I 33 -9.10 -41.77 -8.95
N LEU I 34 -9.37 -42.84 -8.21
CA LEU I 34 -8.62 -43.18 -7.01
C LEU I 34 -7.12 -43.11 -7.27
N GLN I 35 -6.65 -43.78 -8.31
CA GLN I 35 -5.28 -43.62 -8.74
C GLN I 35 -5.23 -42.47 -9.74
N GLY I 36 -4.08 -42.26 -10.38
CA GLY I 36 -3.93 -41.14 -11.27
C GLY I 36 -3.87 -41.44 -12.75
N LYS I 37 -4.39 -42.58 -13.20
CA LYS I 37 -4.02 -43.14 -14.50
C LYS I 37 -4.54 -42.32 -15.67
N TYR I 38 -5.76 -41.77 -15.59
CA TYR I 38 -6.31 -41.11 -16.77
C TYR I 38 -6.15 -39.60 -16.73
N ALA I 39 -6.59 -38.97 -15.64
CA ALA I 39 -6.43 -37.53 -15.52
C ALA I 39 -5.97 -37.22 -14.10
N TYR I 40 -5.15 -36.19 -13.98
CA TYR I 40 -4.64 -35.80 -12.68
C TYR I 40 -4.24 -34.34 -12.73
N VAL I 41 -4.60 -33.60 -11.69
CA VAL I 41 -4.36 -32.18 -11.60
C VAL I 41 -3.87 -31.90 -10.18
N GLN I 42 -3.53 -30.63 -9.91
CA GLN I 42 -3.03 -30.25 -8.60
C GLN I 42 -4.09 -30.39 -7.50
N GLY I 43 -5.36 -30.22 -7.85
CA GLY I 43 -6.41 -30.32 -6.84
C GLY I 43 -6.60 -31.72 -6.30
N GLN I 44 -6.27 -32.74 -7.10
CA GLN I 44 -6.41 -34.13 -6.66
C GLN I 44 -5.35 -34.53 -5.65
N THR I 45 -4.36 -33.68 -5.40
CA THR I 45 -3.40 -33.94 -4.34
C THR I 45 -4.03 -33.86 -2.97
N ILE I 46 -5.06 -33.02 -2.81
CA ILE I 46 -5.71 -32.91 -1.51
C ILE I 46 -6.56 -34.13 -1.22
N TYR I 47 -6.86 -34.91 -2.25
CA TYR I 47 -7.65 -36.13 -2.09
C TYR I 47 -6.87 -37.21 -1.38
N ALA I 48 -5.56 -37.28 -1.63
CA ALA I 48 -4.76 -38.24 -0.87
C ALA I 48 -4.47 -37.77 0.54
N ASN I 49 -4.70 -36.48 0.84
CA ASN I 49 -4.36 -35.97 2.16
C ASN I 49 -5.26 -36.56 3.24
N LEU I 50 -6.56 -36.62 2.97
CA LEU I 50 -7.45 -37.29 3.90
C LEU I 50 -7.52 -38.79 3.64
N ARG I 51 -6.88 -39.27 2.57
CA ARG I 51 -6.68 -40.70 2.43
C ARG I 51 -5.58 -41.21 3.34
N ASN I 52 -4.81 -40.32 3.95
CA ASN I 52 -3.78 -40.71 4.90
C ASN I 52 -4.41 -41.39 6.11
N PRO I 53 -4.01 -42.60 6.44
CA PRO I 53 -4.41 -43.16 7.73
C PRO I 53 -3.61 -42.54 8.85
N GLY I 54 -3.79 -43.03 10.06
CA GLY I 54 -3.12 -42.40 11.17
C GLY I 54 -4.12 -41.74 12.09
N VAL I 55 -5.10 -41.05 11.51
CA VAL I 55 -6.21 -40.53 12.29
C VAL I 55 -7.03 -41.68 12.84
N PHE I 56 -7.06 -42.83 12.16
CA PHE I 56 -7.64 -44.02 12.75
C PHE I 56 -6.77 -44.56 13.87
N SER I 57 -5.44 -44.46 13.74
CA SER I 57 -4.60 -44.90 14.83
C SER I 57 -4.69 -43.94 15.99
N ARG I 58 -4.86 -42.64 15.71
CA ARG I 58 -5.13 -41.66 16.77
C ARG I 58 -6.40 -42.00 17.52
N GLN I 59 -7.44 -42.42 16.80
CA GLN I 59 -8.72 -42.83 17.37
C GLN I 59 -8.54 -43.94 18.41
N VAL I 60 -8.06 -45.10 17.97
CA VAL I 60 -7.91 -46.26 18.85
C VAL I 60 -6.83 -46.00 19.90
N PHE I 61 -5.84 -45.18 19.57
CA PHE I 61 -4.73 -44.84 20.43
C PHE I 61 -5.20 -44.06 21.65
N THR I 62 -5.98 -43.01 21.43
CA THR I 62 -6.47 -42.25 22.58
C THR I 62 -7.58 -43.01 23.27
N HIS I 63 -8.32 -43.87 22.55
CA HIS I 63 -9.39 -44.61 23.20
C HIS I 63 -8.86 -45.64 24.17
N LEU I 64 -7.79 -46.33 23.79
CA LEU I 64 -7.27 -47.36 24.69
C LEU I 64 -6.46 -46.74 25.81
N PHE I 65 -5.88 -45.55 25.57
CA PHE I 65 -5.34 -44.75 26.65
C PHE I 65 -6.43 -44.38 27.65
N LYS I 66 -7.60 -43.99 27.14
CA LYS I 66 -8.73 -43.64 28.00
C LYS I 66 -9.23 -44.85 28.76
N ARG I 67 -9.22 -46.01 28.11
CA ARG I 67 -9.60 -47.25 28.78
C ARG I 67 -8.59 -47.61 29.86
N ALA I 68 -7.32 -47.28 29.63
CA ALA I 68 -6.28 -47.59 30.60
C ALA I 68 -6.38 -46.69 31.82
N ILE I 69 -6.51 -45.38 31.61
CA ILE I 69 -6.41 -44.44 32.71
C ILE I 69 -7.67 -44.44 33.57
N SER I 70 -8.80 -44.87 33.01
CA SER I 70 -10.06 -44.78 33.74
C SER I 70 -10.19 -45.83 34.83
N HIS I 71 -9.85 -47.08 34.52
CA HIS I 71 -10.18 -48.21 35.39
C HIS I 71 -9.40 -48.24 36.69
N CYS I 72 -8.38 -47.41 36.85
CA CYS I 72 -7.62 -47.40 38.09
C CYS I 72 -8.42 -46.71 39.18
N THR I 73 -8.10 -47.04 40.42
CA THR I 73 -8.91 -46.63 41.57
C THR I 73 -8.18 -45.57 42.37
N TYR I 74 -8.96 -44.77 43.10
CA TYR I 74 -8.36 -43.74 43.95
C TYR I 74 -7.63 -44.34 45.12
N ASP I 75 -8.12 -45.45 45.68
CA ASP I 75 -7.46 -46.05 46.83
C ASP I 75 -6.13 -46.69 46.48
N ASP I 76 -5.89 -47.01 45.21
CA ASP I 76 -4.61 -47.58 44.83
C ASP I 76 -3.50 -46.53 44.83
N VAL I 77 -3.83 -45.26 44.65
CA VAL I 77 -2.76 -44.28 44.54
C VAL I 77 -2.52 -43.48 45.81
N LEU I 78 -3.53 -43.34 46.67
CA LEU I 78 -3.36 -42.56 47.88
C LEU I 78 -2.48 -43.29 48.88
N HIS I 79 -2.65 -44.60 49.01
CA HIS I 79 -1.76 -45.34 49.90
C HIS I 79 -0.39 -45.51 49.28
N ASP I 80 -0.29 -45.46 47.95
CA ASP I 80 1.02 -45.47 47.33
C ASP I 80 1.73 -44.14 47.59
N TRP I 81 0.99 -43.05 47.68
CA TRP I 81 1.59 -41.80 48.13
C TRP I 81 1.97 -41.86 49.61
N ASN I 82 1.17 -42.58 50.42
CA ASN I 82 1.49 -42.79 51.83
C ASN I 82 2.80 -43.56 51.98
N LYS I 83 2.94 -44.65 51.24
CA LYS I 83 4.19 -45.41 51.24
C LYS I 83 5.32 -44.63 50.60
N PHE I 84 5.00 -43.70 49.69
CA PHE I 84 6.02 -42.83 49.12
C PHE I 84 6.56 -41.86 50.18
N GLU I 85 5.70 -41.38 51.08
CA GLU I 85 6.17 -40.59 52.21
C GLU I 85 6.97 -41.43 53.19
N ALA I 86 6.56 -42.71 53.37
CA ALA I 86 7.34 -43.64 54.17
C ALA I 86 8.72 -43.91 53.57
N CYS I 87 8.85 -43.80 52.25
CA CYS I 87 10.14 -43.95 51.60
C CYS I 87 11.05 -42.75 51.86
N ILE I 88 10.49 -41.54 51.88
CA ILE I 88 11.33 -40.35 51.97
C ILE I 88 11.66 -39.99 53.42
N GLN I 89 10.85 -40.43 54.39
CA GLN I 89 11.18 -40.11 55.79
C GLN I 89 12.42 -40.85 56.28
N LYS I 90 12.71 -42.04 55.76
CA LYS I 90 13.92 -42.74 56.15
C LYS I 90 15.14 -42.22 55.41
N ARG I 91 14.93 -41.46 54.33
CA ARG I 91 16.03 -40.77 53.66
C ARG I 91 16.15 -39.32 54.13
N TRP I 92 15.02 -38.65 54.36
CA TRP I 92 15.03 -37.30 54.91
C TRP I 92 13.88 -37.11 55.88
N ASP I 96 11.38 -30.77 59.41
CA ASP I 96 10.23 -30.84 60.29
C ASP I 96 9.25 -29.74 59.95
N SER I 97 9.54 -28.52 60.42
CA SER I 97 8.79 -27.36 59.95
C SER I 97 9.09 -27.06 58.50
N CYS I 98 10.35 -27.27 58.09
CA CYS I 98 10.71 -27.21 56.68
C CYS I 98 10.16 -28.39 55.90
N ALA I 99 9.84 -29.49 56.59
CA ALA I 99 9.32 -30.67 55.92
C ALA I 99 7.92 -30.45 55.36
N SER I 100 7.23 -29.38 55.74
CA SER I 100 5.95 -29.05 55.10
C SER I 100 6.15 -28.76 53.62
N ARG I 101 6.98 -27.77 53.30
CA ARG I 101 7.25 -27.47 51.91
C ARG I 101 8.16 -28.51 51.26
N PHE I 102 8.95 -29.24 52.05
CA PHE I 102 9.70 -30.38 51.51
C PHE I 102 8.75 -31.48 51.02
N ARG I 103 7.72 -31.79 51.81
CA ARG I 103 6.77 -32.82 51.42
C ARG I 103 5.87 -32.33 50.29
N GLU I 104 5.59 -31.03 50.24
CA GLU I 104 4.86 -30.48 49.10
C GLU I 104 5.67 -30.59 47.82
N SER I 105 6.95 -30.21 47.87
CA SER I 105 7.85 -30.31 46.73
C SER I 105 8.06 -31.75 46.28
N THR I 106 8.23 -32.68 47.23
CA THR I 106 8.46 -34.06 46.82
C THR I 106 7.18 -34.70 46.29
N PHE I 107 6.01 -34.23 46.72
CA PHE I 107 4.77 -34.70 46.11
C PHE I 107 4.61 -34.12 44.72
N GLU I 108 5.07 -32.88 44.50
CA GLU I 108 5.00 -32.28 43.18
C GLU I 108 5.89 -33.02 42.19
N SER I 109 7.12 -33.31 42.61
CA SER I 109 8.01 -34.10 41.76
C SER I 109 7.51 -35.54 41.62
N TRP I 110 6.80 -36.02 42.64
CA TRP I 110 6.20 -37.35 42.55
C TRP I 110 5.07 -37.37 41.53
N SER I 111 4.32 -36.28 41.44
CA SER I 111 3.31 -36.13 40.40
C SER I 111 3.95 -36.05 39.02
N THR I 112 5.06 -35.34 38.92
CA THR I 112 5.76 -35.21 37.65
C THR I 112 6.32 -36.54 37.19
N THR I 113 6.96 -37.29 38.09
CA THR I 113 7.44 -38.60 37.70
C THR I 113 6.30 -39.61 37.62
N MET I 114 5.13 -39.31 38.19
CA MET I 114 3.98 -40.16 37.97
C MET I 114 3.49 -40.03 36.55
N LYS I 115 3.38 -38.80 36.06
CA LYS I 115 3.09 -38.55 34.66
C LYS I 115 4.18 -39.12 33.75
N LEU I 116 5.43 -39.03 34.20
CA LEU I 116 6.53 -39.60 33.42
C LEU I 116 6.45 -41.12 33.39
N THR I 117 6.15 -41.75 34.52
CA THR I 117 6.19 -43.20 34.61
C THR I 117 4.93 -43.83 34.04
N VAL I 118 3.86 -43.06 33.90
CA VAL I 118 2.78 -43.59 33.08
C VAL I 118 3.11 -43.38 31.61
N ARG I 119 3.71 -42.23 31.27
CA ARG I 119 3.88 -41.84 29.88
C ARG I 119 4.86 -42.74 29.15
N ASP I 120 5.99 -43.06 29.80
CA ASP I 120 7.02 -43.83 29.11
C ASP I 120 6.57 -45.27 28.88
N LEU I 121 6.02 -45.92 29.91
CA LEU I 121 5.61 -47.31 29.78
C LEU I 121 4.44 -47.45 28.82
N LEU I 122 3.48 -46.52 28.88
CA LEU I 122 2.33 -46.67 28.01
C LEU I 122 2.69 -46.31 26.57
N THR I 123 3.64 -45.38 26.37
CA THR I 123 4.06 -45.09 25.01
C THR I 123 4.80 -46.26 24.39
N THR I 124 5.62 -46.98 25.18
CA THR I 124 6.24 -48.20 24.67
C THR I 124 5.22 -49.26 24.29
N ASN I 125 4.32 -49.60 25.21
CA ASN I 125 3.39 -50.70 24.98
C ASN I 125 2.37 -50.36 23.89
N ILE I 126 1.94 -49.11 23.83
CA ILE I 126 0.83 -48.78 22.96
C ILE I 126 1.32 -48.42 21.55
N TYR I 127 2.55 -47.89 21.43
CA TYR I 127 3.15 -47.83 20.10
C TYR I 127 3.55 -49.21 19.62
N ARG I 128 3.88 -50.12 20.55
CA ARG I 128 4.22 -51.49 20.17
C ARG I 128 3.00 -52.22 19.60
N VAL I 129 1.83 -52.05 20.25
CA VAL I 129 0.63 -52.70 19.73
C VAL I 129 0.03 -51.87 18.60
N LEU I 130 0.45 -50.61 18.49
CA LEU I 130 -0.23 -49.67 17.60
C LEU I 130 0.10 -49.95 16.14
N HIS I 131 1.39 -50.06 15.83
CA HIS I 131 1.80 -50.35 14.47
C HIS I 131 1.97 -51.84 14.23
N SER I 132 1.12 -52.66 14.83
CA SER I 132 1.05 -54.07 14.50
C SER I 132 0.55 -54.25 13.07
N ARG I 133 0.67 -55.45 12.55
CA ARG I 133 0.14 -55.69 11.21
C ARG I 133 -1.37 -55.71 11.26
N SER I 134 -1.97 -54.67 10.70
CA SER I 134 -3.42 -54.52 10.67
C SER I 134 -3.91 -54.74 9.26
N VAL I 135 -4.76 -55.76 9.08
CA VAL I 135 -5.28 -56.02 7.74
C VAL I 135 -6.41 -55.05 7.42
N LEU I 136 -6.99 -54.43 8.44
CA LEU I 136 -7.95 -53.35 8.25
C LEU I 136 -7.18 -52.05 8.03
N SER I 137 -7.57 -51.29 7.01
CA SER I 137 -6.84 -50.07 6.69
C SER I 137 -7.81 -48.94 6.37
N TYR I 138 -7.61 -47.80 7.03
CA TYR I 138 -8.38 -46.60 6.72
C TYR I 138 -8.07 -46.11 5.32
N GLU I 139 -6.82 -46.28 4.89
CA GLU I 139 -6.42 -46.11 3.49
C GLU I 139 -7.25 -46.98 2.57
N ARG I 140 -7.56 -48.20 2.99
CA ARG I 140 -8.46 -49.02 2.21
C ARG I 140 -9.92 -48.69 2.48
N TYR I 141 -10.23 -47.83 3.45
CA TYR I 141 -11.63 -47.49 3.68
C TYR I 141 -12.09 -46.28 2.88
N VAL I 142 -11.36 -45.17 2.98
CA VAL I 142 -11.87 -43.88 2.54
C VAL I 142 -11.99 -43.82 1.02
N ASP I 143 -11.19 -44.62 0.33
CA ASP I 143 -11.19 -44.63 -1.12
C ASP I 143 -12.49 -45.22 -1.68
N TRP I 144 -13.10 -46.14 -0.94
CA TRP I 144 -14.39 -46.67 -1.36
C TRP I 144 -15.52 -45.66 -1.23
N ILE I 145 -15.65 -45.05 -0.05
CA ILE I 145 -16.82 -44.26 0.28
C ILE I 145 -16.87 -42.99 -0.56
N CYS I 146 -15.72 -42.46 -0.93
CA CYS I 146 -15.72 -41.34 -1.85
C CYS I 146 -16.00 -41.76 -3.27
N ALA I 147 -15.86 -43.05 -3.59
CA ALA I 147 -16.05 -43.49 -4.96
C ALA I 147 -17.48 -43.92 -5.25
N THR I 148 -18.10 -44.64 -4.31
CA THR I 148 -19.37 -45.26 -4.64
C THR I 148 -20.39 -45.15 -3.51
N GLY I 149 -19.95 -44.69 -2.35
CA GLY I 149 -20.83 -44.67 -1.19
C GLY I 149 -21.08 -46.02 -0.58
N MET I 150 -20.25 -47.00 -0.88
CA MET I 150 -20.43 -48.39 -0.47
C MET I 150 -19.13 -48.93 0.08
N VAL I 151 -19.23 -49.75 1.11
CA VAL I 151 -18.10 -50.48 1.67
C VAL I 151 -18.42 -51.97 1.61
N PRO I 152 -17.50 -52.78 1.15
CA PRO I 152 -17.61 -54.22 1.37
C PRO I 152 -17.12 -54.62 2.75
N ALA I 153 -18.02 -55.07 3.60
CA ALA I 153 -17.71 -55.36 5.00
C ALA I 153 -17.40 -56.85 5.15
N VAL I 154 -16.12 -57.20 5.19
CA VAL I 154 -15.71 -58.60 5.15
C VAL I 154 -15.31 -59.04 6.54
N LYS I 155 -15.93 -60.12 7.01
CA LYS I 155 -15.65 -60.71 8.32
C LYS I 155 -14.73 -61.89 8.07
N LYS I 156 -13.43 -61.62 8.09
CA LYS I 156 -12.44 -62.65 7.82
C LYS I 156 -12.09 -63.35 9.11
N PRO I 157 -12.25 -64.68 9.19
CA PRO I 157 -12.26 -65.35 10.51
C PRO I 157 -10.89 -65.54 11.13
N ILE I 158 -9.80 -65.49 10.37
CA ILE I 158 -8.48 -65.70 10.94
C ILE I 158 -8.05 -64.48 11.74
N THR I 159 -7.83 -64.66 13.05
CA THR I 159 -7.42 -63.59 13.94
C THR I 159 -6.32 -64.08 14.91
N GLN I 160 -5.41 -64.91 14.41
CA GLN I 160 -4.40 -65.52 15.25
C GLN I 160 -3.04 -64.84 15.21
N GLU I 161 -3.00 -63.51 15.05
CA GLU I 161 -1.71 -62.84 14.97
C GLU I 161 -1.30 -62.17 16.27
N LEU I 162 -2.26 -61.84 17.15
CA LEU I 162 -1.94 -61.02 18.32
C LEU I 162 -1.15 -61.81 19.37
N HIS I 163 -1.54 -63.05 19.64
CA HIS I 163 -0.85 -63.85 20.65
C HIS I 163 0.53 -64.27 20.17
N SER I 164 0.72 -64.34 18.85
CA SER I 164 2.02 -64.67 18.29
C SER I 164 2.93 -63.46 18.24
N LYS I 165 2.36 -62.28 17.97
CA LYS I 165 3.21 -61.09 17.86
C LYS I 165 3.58 -60.54 19.23
N ILE I 166 2.77 -60.83 20.24
CA ILE I 166 3.05 -60.37 21.60
C ILE I 166 2.44 -61.35 22.59
N LYS I 167 3.21 -61.71 23.62
CA LYS I 167 2.72 -62.65 24.63
C LYS I 167 2.66 -62.04 26.02
N SER I 168 3.81 -61.60 26.55
CA SER I 168 3.95 -61.11 27.91
C SER I 168 5.29 -60.41 28.02
N LEU I 169 5.56 -59.80 29.18
CA LEU I 169 6.83 -59.20 29.62
C LEU I 169 7.24 -57.96 28.83
N ARG I 170 6.48 -57.55 27.81
CA ARG I 170 6.71 -56.27 27.18
C ARG I 170 6.23 -55.14 28.08
N ASP I 171 5.26 -55.45 28.95
CA ASP I 171 4.81 -54.54 29.98
C ASP I 171 5.56 -54.73 31.29
N ARG I 172 6.32 -55.82 31.44
CA ARG I 172 6.86 -56.17 32.74
C ARG I 172 8.35 -55.87 32.89
N CYS I 173 9.15 -56.08 31.85
CA CYS I 173 10.60 -55.93 31.97
C CYS I 173 11.03 -54.48 32.11
N VAL I 174 10.18 -53.54 31.70
CA VAL I 174 10.55 -52.14 31.78
C VAL I 174 10.25 -51.54 33.17
N CYS I 175 9.31 -52.13 33.91
CA CYS I 175 8.94 -51.60 35.21
C CYS I 175 9.63 -52.30 36.38
N ARG I 176 10.48 -53.28 36.13
CA ARG I 176 11.13 -54.01 37.21
C ARG I 176 12.24 -53.14 37.80
N GLU I 177 11.89 -52.35 38.81
CA GLU I 177 12.75 -51.33 39.38
C GLU I 177 12.70 -51.42 40.90
N LEU I 178 13.20 -50.37 41.57
CA LEU I 178 13.17 -50.31 43.02
C LEU I 178 11.75 -50.12 43.55
N GLY I 179 11.10 -49.02 43.18
CA GLY I 179 9.82 -48.70 43.75
C GLY I 179 8.69 -49.51 43.16
N HIS I 180 8.22 -50.50 43.92
CA HIS I 180 7.17 -51.40 43.46
C HIS I 180 5.84 -50.69 43.53
N GLU I 181 5.58 -49.85 42.53
CA GLU I 181 4.35 -49.06 42.46
C GLU I 181 3.22 -49.97 42.01
N ARG I 182 2.16 -50.04 42.83
CA ARG I 182 1.00 -50.82 42.43
C ARG I 182 0.15 -50.10 41.40
N THR I 183 0.41 -48.81 41.17
CA THR I 183 -0.36 -48.06 40.18
C THR I 183 -0.04 -48.52 38.77
N ILE I 184 1.25 -48.62 38.46
CA ILE I 184 1.65 -49.13 37.15
C ILE I 184 1.33 -50.61 37.01
N ARG I 185 1.41 -51.38 38.10
CA ARG I 185 1.02 -52.78 38.07
C ARG I 185 -0.49 -52.97 37.93
N SER I 186 -1.27 -51.95 38.25
CA SER I 186 -2.72 -52.04 38.08
C SER I 186 -3.15 -51.54 36.70
N ILE I 187 -2.51 -50.48 36.20
CA ILE I 187 -2.90 -49.98 34.89
C ILE I 187 -2.35 -50.86 33.78
N GLY I 188 -1.14 -51.43 33.94
CA GLY I 188 -0.47 -52.07 32.83
C GLY I 188 -1.10 -53.39 32.45
N THR I 189 -1.46 -54.20 33.46
CA THR I 189 -2.11 -55.48 33.18
C THR I 189 -3.50 -55.29 32.58
N GLU I 190 -4.24 -54.29 33.04
CA GLU I 190 -5.57 -54.06 32.50
C GLU I 190 -5.54 -53.48 31.10
N LEU I 191 -4.63 -52.54 30.81
CA LEU I 191 -4.51 -52.09 29.43
C LEU I 191 -3.93 -53.18 28.53
N TYR I 192 -3.07 -54.04 29.08
CA TYR I 192 -2.46 -55.11 28.33
C TYR I 192 -3.48 -56.13 27.89
N GLU I 193 -4.42 -56.48 28.77
CA GLU I 193 -5.50 -57.35 28.35
C GLU I 193 -6.56 -56.61 27.54
N ALA I 194 -6.68 -55.28 27.72
CA ALA I 194 -7.72 -54.55 27.00
C ALA I 194 -7.40 -54.45 25.52
N THR I 195 -6.12 -54.38 25.16
CA THR I 195 -5.73 -54.39 23.76
C THR I 195 -6.03 -55.73 23.10
N LYS I 196 -6.01 -56.81 23.89
CA LYS I 196 -6.29 -58.13 23.33
C LYS I 196 -7.75 -58.30 22.91
N GLU I 197 -8.65 -57.42 23.35
CA GLU I 197 -9.97 -57.36 22.74
C GLU I 197 -10.07 -56.34 21.61
N ILE I 198 -9.23 -55.31 21.61
CA ILE I 198 -9.41 -54.17 20.71
C ILE I 198 -8.70 -54.37 19.38
N ILE I 199 -7.44 -54.82 19.40
CA ILE I 199 -6.77 -55.16 18.13
C ILE I 199 -7.41 -56.39 17.50
N GLU I 200 -8.00 -57.25 18.34
CA GLU I 200 -8.78 -58.40 17.91
C GLU I 200 -9.95 -57.99 17.03
N SER I 201 -10.69 -56.96 17.47
CA SER I 201 -11.87 -56.50 16.77
C SER I 201 -11.52 -55.92 15.41
N LEU I 202 -10.41 -55.19 15.33
CA LEU I 202 -10.05 -54.57 14.06
C LEU I 202 -9.39 -55.59 13.13
N ASN I 203 -8.65 -56.55 13.66
CA ASN I 203 -7.98 -57.49 12.77
C ASN I 203 -8.93 -58.60 12.33
N SER I 204 -10.03 -58.77 13.07
CA SER I 204 -11.06 -59.71 12.62
C SER I 204 -11.82 -59.16 11.43
N THR I 205 -11.96 -57.84 11.35
CA THR I 205 -12.65 -57.20 10.25
C THR I 205 -11.73 -57.12 9.04
N PHE I 206 -12.32 -56.87 7.88
CA PHE I 206 -11.54 -56.74 6.66
C PHE I 206 -12.27 -55.85 5.67
N ILE I 207 -11.51 -54.97 5.04
CA ILE I 207 -11.95 -54.22 3.87
C ILE I 207 -11.09 -54.65 2.69
N PRO I 208 -11.68 -55.09 1.60
CA PRO I 208 -10.85 -55.56 0.49
C PRO I 208 -10.46 -54.47 -0.49
N GLN I 209 -9.70 -54.86 -1.50
CA GLN I 209 -9.25 -53.96 -2.55
C GLN I 209 -10.23 -54.06 -3.73
N PHE I 210 -10.33 -53.02 -4.54
CA PHE I 210 -11.37 -52.99 -5.57
C PHE I 210 -11.06 -53.84 -6.79
N THR I 211 -9.78 -54.07 -7.11
CA THR I 211 -9.43 -54.59 -8.43
C THR I 211 -9.67 -56.09 -8.56
N GLU I 212 -10.11 -56.75 -7.51
CA GLU I 212 -10.40 -58.18 -7.55
C GLU I 212 -11.77 -58.53 -7.02
N VAL I 213 -12.44 -57.65 -6.30
CA VAL I 213 -13.77 -57.92 -5.78
C VAL I 213 -14.77 -57.15 -6.64
N THR I 214 -16.05 -57.46 -6.45
CA THR I 214 -17.10 -56.79 -7.19
C THR I 214 -18.30 -56.59 -6.29
N ILE I 215 -19.17 -55.68 -6.68
CA ILE I 215 -20.36 -55.33 -5.92
C ILE I 215 -21.56 -55.46 -6.87
N GLU I 216 -22.69 -55.91 -6.33
CA GLU I 216 -23.84 -56.26 -7.13
C GLU I 216 -25.12 -55.77 -6.46
N TYR I 217 -26.00 -55.18 -7.28
CA TYR I 217 -27.31 -54.71 -6.84
C TYR I 217 -28.36 -55.37 -7.71
N LEU I 218 -29.44 -55.84 -7.07
CA LEU I 218 -30.53 -56.32 -7.88
C LEU I 218 -31.69 -55.33 -7.81
N PRO I 219 -32.31 -55.00 -8.95
CA PRO I 219 -33.41 -54.03 -8.96
C PRO I 219 -34.66 -54.52 -8.26
N ARG I 220 -35.14 -55.69 -8.65
CA ARG I 220 -36.39 -56.23 -8.12
C ARG I 220 -36.15 -56.81 -6.74
N SER I 221 -36.95 -56.38 -5.77
CA SER I 221 -36.74 -56.61 -4.33
C SER I 221 -35.33 -56.17 -3.95
N ASP I 222 -35.13 -54.86 -3.96
CA ASP I 222 -33.82 -54.24 -3.99
C ASP I 222 -32.97 -54.54 -2.76
N GLU I 223 -31.87 -55.24 -2.98
CA GLU I 223 -30.81 -55.39 -2.00
C GLU I 223 -29.48 -55.21 -2.74
N TYR I 224 -28.41 -55.01 -1.98
CA TYR I 224 -27.09 -54.88 -2.55
C TYR I 224 -26.25 -56.05 -2.04
N VAL I 225 -25.58 -56.74 -2.96
CA VAL I 225 -24.91 -58.01 -2.67
C VAL I 225 -23.42 -57.87 -2.95
N ALA I 226 -22.60 -58.18 -1.96
CA ALA I 226 -21.16 -58.16 -2.05
C ALA I 226 -20.64 -59.53 -2.48
N TYR I 227 -19.69 -59.53 -3.41
CA TYR I 227 -19.18 -60.79 -3.92
C TYR I 227 -17.68 -60.76 -4.03
N TYR I 228 -17.05 -61.73 -3.37
CA TYR I 228 -15.63 -61.99 -3.47
C TYR I 228 -15.43 -63.44 -3.06
N CYS I 229 -14.65 -64.18 -3.87
CA CYS I 229 -14.41 -65.62 -3.67
C CYS I 229 -15.72 -66.40 -3.59
N GLY I 230 -16.66 -66.06 -4.48
CA GLY I 230 -17.87 -66.80 -4.69
C GLY I 230 -18.90 -66.74 -3.57
N ARG I 231 -18.75 -65.84 -2.61
CA ARG I 231 -19.62 -65.81 -1.45
C ARG I 231 -20.24 -64.43 -1.25
N ARG I 232 -21.45 -64.40 -0.71
CA ARG I 232 -22.11 -63.16 -0.35
C ARG I 232 -21.55 -62.68 0.98
N ILE I 233 -20.87 -61.53 0.97
CA ILE I 233 -20.29 -61.01 2.19
C ILE I 233 -21.14 -59.82 2.65
N ARG I 234 -20.96 -59.40 3.90
CA ARG I 234 -21.64 -58.24 4.43
C ARG I 234 -21.09 -56.96 3.78
N LEU I 235 -21.83 -55.88 3.98
CA LEU I 235 -21.67 -54.61 3.27
C LEU I 235 -22.63 -53.61 3.88
N HIS I 236 -22.40 -52.34 3.60
CA HIS I 236 -23.29 -51.31 4.13
C HIS I 236 -23.49 -50.22 3.09
N VAL I 237 -24.73 -49.93 2.78
CA VAL I 237 -25.09 -48.75 2.00
C VAL I 237 -24.82 -47.53 2.86
N LEU I 238 -24.25 -46.49 2.28
CA LEU I 238 -24.16 -45.21 2.96
C LEU I 238 -24.69 -44.07 2.10
N PHE I 239 -24.34 -44.05 0.83
CA PHE I 239 -24.88 -43.07 -0.11
C PHE I 239 -25.56 -43.88 -1.19
N PRO I 240 -26.88 -43.85 -1.25
CA PRO I 240 -27.64 -44.75 -2.14
C PRO I 240 -27.46 -44.35 -3.59
N PRO I 241 -26.92 -45.25 -4.42
CA PRO I 241 -26.64 -44.88 -5.81
C PRO I 241 -27.92 -44.76 -6.62
N ALA I 242 -27.87 -43.91 -7.64
CA ALA I 242 -29.02 -43.71 -8.51
C ALA I 242 -28.93 -44.73 -9.64
N ILE I 243 -29.93 -45.59 -9.72
CA ILE I 243 -30.02 -46.61 -10.76
C ILE I 243 -31.10 -46.14 -11.72
N PHE I 244 -30.70 -45.49 -12.80
CA PHE I 244 -31.70 -45.22 -13.81
C PHE I 244 -31.88 -46.44 -14.70
N ALA I 245 -32.89 -46.37 -15.58
CA ALA I 245 -33.21 -47.48 -16.46
C ALA I 245 -32.15 -47.70 -17.53
N GLY I 246 -31.30 -46.72 -17.79
CA GLY I 246 -30.27 -46.87 -18.79
C GLY I 246 -28.88 -46.99 -18.21
N THR I 247 -28.67 -46.41 -17.02
CA THR I 247 -27.34 -46.42 -16.42
C THR I 247 -27.47 -46.29 -14.91
N VAL I 248 -26.33 -46.47 -14.25
CA VAL I 248 -26.22 -46.39 -12.80
C VAL I 248 -25.20 -45.32 -12.48
N THR I 249 -25.55 -44.39 -11.60
CA THR I 249 -24.61 -43.40 -11.14
C THR I 249 -24.58 -43.39 -9.62
N PHE I 250 -23.47 -42.96 -9.05
CA PHE I 250 -23.25 -43.04 -7.62
C PHE I 250 -23.24 -41.64 -7.05
N ASP I 251 -24.04 -41.41 -6.01
CA ASP I 251 -23.97 -40.14 -5.28
C ASP I 251 -22.67 -40.12 -4.48
N SER I 252 -21.61 -39.66 -5.11
CA SER I 252 -20.27 -39.75 -4.57
C SER I 252 -19.54 -38.46 -4.86
N PRO I 253 -18.57 -38.10 -4.02
CA PRO I 253 -17.81 -36.87 -4.28
C PRO I 253 -16.96 -36.93 -5.53
N VAL I 254 -16.48 -38.12 -5.89
CA VAL I 254 -15.65 -38.19 -7.08
C VAL I 254 -16.51 -38.10 -8.33
N GLN I 255 -17.65 -38.79 -8.36
CA GLN I 255 -18.51 -38.74 -9.54
C GLN I 255 -19.26 -37.42 -9.66
N ARG I 256 -19.27 -36.61 -8.60
CA ARG I 256 -19.80 -35.27 -8.73
C ARG I 256 -18.92 -34.37 -9.59
N LEU I 257 -17.68 -34.78 -9.86
CA LEU I 257 -16.79 -34.05 -10.75
C LEU I 257 -16.44 -34.83 -12.00
N TYR I 258 -17.20 -35.90 -12.32
CA TYR I 258 -16.72 -36.97 -13.19
C TYR I 258 -16.49 -36.50 -14.63
N GLN I 259 -17.54 -36.01 -15.28
CA GLN I 259 -17.35 -35.64 -16.67
C GLN I 259 -16.63 -34.31 -16.82
N ASN I 260 -16.48 -33.52 -15.76
CA ASN I 260 -15.58 -32.38 -15.86
C ASN I 260 -14.13 -32.83 -15.87
N ILE I 261 -13.80 -33.84 -15.06
CA ILE I 261 -12.47 -34.45 -15.11
C ILE I 261 -12.22 -35.07 -16.47
N PHE I 262 -13.19 -35.80 -17.00
CA PHE I 262 -13.01 -36.40 -18.32
C PHE I 262 -12.98 -35.34 -19.42
N MET I 263 -13.68 -34.23 -19.23
CA MET I 263 -13.59 -33.13 -20.20
C MET I 263 -12.21 -32.51 -20.19
N CYS I 264 -11.60 -32.37 -19.01
CA CYS I 264 -10.25 -31.84 -18.94
C CYS I 264 -9.24 -32.81 -19.53
N TYR I 265 -9.45 -34.11 -19.32
CA TYR I 265 -8.59 -35.11 -19.93
C TYR I 265 -8.71 -35.07 -21.44
N ARG I 266 -9.93 -34.93 -21.96
CA ARG I 266 -10.16 -34.86 -23.39
C ARG I 266 -9.52 -33.63 -24.00
N THR I 267 -9.66 -32.47 -23.36
CA THR I 267 -9.06 -31.29 -23.96
C THR I 267 -7.55 -31.28 -23.78
N LEU I 268 -7.00 -31.98 -22.79
CA LEU I 268 -5.54 -32.04 -22.70
C LEU I 268 -4.96 -32.97 -23.75
N GLU I 269 -5.58 -34.13 -23.99
CA GLU I 269 -5.07 -35.00 -25.04
C GLU I 269 -5.32 -34.40 -26.41
N HIS I 270 -6.43 -33.67 -26.57
CA HIS I 270 -6.68 -32.92 -27.79
C HIS I 270 -5.65 -31.82 -27.97
N ALA I 271 -5.24 -31.20 -26.86
CA ALA I 271 -4.23 -30.14 -26.92
C ALA I 271 -2.90 -30.67 -27.39
N LYS I 272 -2.49 -31.82 -26.86
CA LYS I 272 -1.24 -32.39 -27.33
C LYS I 272 -1.38 -32.94 -28.75
N ILE I 273 -2.60 -33.34 -29.15
CA ILE I 273 -2.85 -33.76 -30.53
C ILE I 273 -2.61 -32.60 -31.49
N CYS I 274 -3.19 -31.43 -31.20
CA CYS I 274 -3.00 -30.29 -32.08
C CYS I 274 -1.57 -29.75 -32.01
N GLN I 275 -0.96 -29.76 -30.81
CA GLN I 275 0.42 -29.33 -30.65
C GLN I 275 1.36 -30.20 -31.45
N LEU I 276 1.20 -31.52 -31.36
CA LEU I 276 2.02 -32.43 -32.13
C LEU I 276 1.65 -32.47 -33.60
N LEU I 277 0.47 -31.98 -33.97
CA LEU I 277 0.10 -32.01 -35.37
C LEU I 277 0.51 -30.74 -36.10
N ASN I 278 0.79 -29.66 -35.40
CA ASN I 278 1.21 -28.45 -36.08
C ASN I 278 2.72 -28.20 -36.02
N THR I 279 3.52 -29.24 -35.68
CA THR I 279 4.95 -29.04 -35.46
C THR I 279 5.73 -28.71 -36.72
N ALA I 280 5.16 -28.98 -37.89
CA ALA I 280 5.80 -28.53 -39.11
C ALA I 280 5.85 -27.02 -39.12
N PRO I 281 6.98 -26.42 -39.49
CA PRO I 281 7.07 -24.96 -39.54
C PRO I 281 6.44 -24.36 -40.79
N LEU I 282 5.91 -25.22 -41.66
CA LEU I 282 5.41 -24.80 -42.95
C LEU I 282 4.42 -25.83 -43.44
N LYS I 283 3.36 -25.35 -44.10
CA LYS I 283 2.24 -26.19 -44.50
C LYS I 283 2.11 -26.16 -46.02
N ALA I 284 2.25 -27.33 -46.63
CA ALA I 284 1.99 -27.47 -48.05
C ALA I 284 0.68 -28.22 -48.27
N ILE I 285 0.19 -28.12 -49.50
CA ILE I 285 -0.98 -28.87 -49.95
C ILE I 285 -0.70 -29.39 -51.34
N VAL I 286 -1.02 -30.64 -51.59
CA VAL I 286 -0.70 -31.27 -52.87
C VAL I 286 -1.69 -30.81 -53.92
N GLY I 287 -1.36 -31.07 -55.19
CA GLY I 287 -2.25 -30.74 -56.29
C GLY I 287 -2.55 -31.92 -57.18
N ASP I 434 18.97 -39.38 -26.48
CA ASP I 434 20.04 -38.91 -27.36
C ASP I 434 19.61 -37.65 -28.10
N ILE I 435 18.31 -37.57 -28.43
CA ILE I 435 17.81 -36.38 -29.09
C ILE I 435 17.73 -35.22 -28.10
N LEU I 436 17.50 -35.52 -26.83
CA LEU I 436 17.36 -34.48 -25.83
C LEU I 436 18.69 -33.80 -25.53
N THR I 437 19.80 -34.48 -25.76
CA THR I 437 21.11 -33.90 -25.50
C THR I 437 22.10 -34.47 -26.51
N GLY I 438 22.69 -33.59 -27.31
CA GLY I 438 23.71 -34.02 -28.23
C GLY I 438 24.38 -32.82 -28.84
N SER I 439 25.37 -33.10 -29.69
CA SER I 439 26.02 -32.05 -30.46
C SER I 439 25.00 -31.42 -31.39
N THR I 440 24.70 -30.14 -31.12
CA THR I 440 23.57 -29.48 -31.75
C THR I 440 23.74 -29.30 -33.25
N ALA I 441 24.98 -29.30 -33.75
CA ALA I 441 25.20 -29.27 -35.19
C ALA I 441 24.75 -30.57 -35.83
N SER I 442 25.08 -31.70 -35.23
CA SER I 442 24.58 -32.97 -35.74
C SER I 442 23.12 -33.18 -35.37
N ALA I 443 22.66 -32.56 -34.29
CA ALA I 443 21.25 -32.65 -33.93
C ALA I 443 20.38 -31.91 -34.92
N ILE I 444 20.89 -30.82 -35.50
CA ILE I 444 20.29 -30.21 -36.68
C ILE I 444 20.14 -31.22 -37.81
N GLU I 445 21.19 -31.98 -38.10
CA GLU I 445 21.17 -32.88 -39.24
C GLU I 445 20.25 -34.08 -39.02
N LYS I 446 20.13 -34.52 -37.77
CA LYS I 446 19.44 -35.78 -37.50
C LYS I 446 17.92 -35.67 -37.63
N LEU I 447 17.36 -34.46 -37.69
CA LEU I 447 15.92 -34.36 -37.83
C LEU I 447 15.46 -33.57 -39.05
N PHE I 448 16.36 -32.87 -39.74
CA PHE I 448 15.94 -32.17 -40.95
C PHE I 448 15.68 -33.15 -42.07
N ASN I 449 16.50 -34.19 -42.16
CA ASN I 449 16.23 -35.30 -43.07
C ASN I 449 15.03 -36.12 -42.64
N SER I 450 14.64 -36.05 -41.37
CA SER I 450 13.48 -36.77 -40.90
C SER I 450 12.21 -36.15 -41.48
N PRO I 451 11.16 -36.94 -41.71
CA PRO I 451 9.93 -36.40 -42.29
C PRO I 451 9.07 -35.59 -41.34
N SER I 452 9.56 -35.27 -40.15
CA SER I 452 8.81 -34.43 -39.23
C SER I 452 8.72 -32.99 -39.73
N ALA I 453 9.70 -32.55 -40.50
CA ALA I 453 9.72 -31.17 -40.95
C ALA I 453 8.64 -30.89 -41.98
N SER I 454 8.48 -31.76 -42.97
CA SER I 454 7.57 -31.47 -44.05
C SER I 454 6.13 -31.74 -43.65
N LEU I 455 5.22 -31.06 -44.35
CA LEU I 455 3.80 -31.35 -44.28
C LEU I 455 3.13 -30.89 -45.56
N GLY I 456 2.76 -31.84 -46.41
CA GLY I 456 1.93 -31.56 -47.55
C GLY I 456 0.57 -32.20 -47.38
N ALA I 457 -0.46 -31.39 -47.19
CA ALA I 457 -1.79 -31.94 -46.95
C ALA I 457 -2.44 -32.35 -48.27
N ARG I 458 -3.49 -33.14 -48.17
CA ARG I 458 -3.97 -33.91 -49.30
C ARG I 458 -5.45 -33.70 -49.54
N VAL I 459 -5.82 -33.69 -50.81
CA VAL I 459 -7.20 -33.87 -51.26
C VAL I 459 -7.30 -35.28 -51.84
N SER I 460 -8.43 -35.94 -51.60
CA SER I 460 -8.61 -37.32 -52.04
C SER I 460 -8.71 -37.43 -53.56
N GLY I 461 -9.63 -36.68 -54.16
CA GLY I 461 -9.84 -36.79 -55.60
C GLY I 461 -8.82 -35.98 -56.37
N HIS I 462 -8.25 -36.61 -57.39
CA HIS I 462 -7.29 -35.91 -58.25
C HIS I 462 -7.98 -34.94 -59.19
N ASN I 463 -9.19 -35.27 -59.63
CA ASN I 463 -10.00 -34.29 -60.35
C ASN I 463 -10.54 -33.23 -59.40
N GLU I 464 -10.69 -33.57 -58.13
CA GLU I 464 -11.16 -32.62 -57.14
C GLU I 464 -10.09 -31.59 -56.86
N SER I 465 -10.39 -30.33 -57.19
CA SER I 465 -9.41 -29.26 -57.09
C SER I 465 -9.72 -28.36 -55.90
N ILE I 466 -8.75 -27.53 -55.54
CA ILE I 466 -8.84 -26.65 -54.39
C ILE I 466 -8.85 -25.22 -54.88
N LEU I 467 -9.85 -24.46 -54.46
CA LEU I 467 -9.98 -23.07 -54.86
C LEU I 467 -9.22 -22.12 -53.96
N ASN I 468 -9.19 -22.37 -52.66
CA ASN I 468 -8.52 -21.47 -51.74
C ASN I 468 -8.09 -22.25 -50.51
N SER I 469 -7.10 -21.69 -49.82
CA SER I 469 -6.45 -22.38 -48.72
C SER I 469 -6.16 -21.38 -47.64
N PHE I 470 -6.34 -21.81 -46.40
CA PHE I 470 -6.21 -20.88 -45.29
C PHE I 470 -5.36 -21.54 -44.22
N VAL I 471 -4.78 -20.75 -43.31
CA VAL I 471 -3.94 -21.31 -42.25
C VAL I 471 -4.39 -20.75 -40.91
N SER I 472 -4.47 -21.63 -39.91
CA SER I 472 -4.73 -21.22 -38.54
C SER I 472 -4.17 -22.30 -37.63
N GLN I 473 -2.99 -22.08 -37.07
CA GLN I 473 -2.63 -22.89 -35.93
C GLN I 473 -3.48 -22.46 -34.74
N TYR I 474 -3.75 -23.40 -33.84
CA TYR I 474 -4.64 -23.07 -32.74
C TYR I 474 -4.16 -23.76 -31.49
N ILE I 475 -4.05 -22.99 -30.42
CA ILE I 475 -3.71 -23.50 -29.10
C ILE I 475 -4.99 -23.51 -28.26
N PRO I 476 -5.46 -24.67 -27.83
CA PRO I 476 -6.58 -24.71 -26.91
C PRO I 476 -6.13 -24.34 -25.51
N PRO I 477 -6.99 -23.72 -24.71
CA PRO I 477 -6.58 -23.29 -23.37
C PRO I 477 -6.43 -24.45 -22.41
N SER I 478 -5.34 -25.21 -22.56
CA SER I 478 -5.16 -26.46 -21.82
C SER I 478 -4.90 -26.21 -20.35
N ARG I 479 -3.85 -25.45 -20.04
CA ARG I 479 -3.54 -25.15 -18.66
C ARG I 479 -4.61 -24.31 -17.99
N GLU I 480 -5.37 -23.53 -18.77
CA GLU I 480 -6.54 -22.85 -18.23
C GLU I 480 -7.59 -23.87 -17.77
N MET I 481 -7.76 -24.94 -18.54
CA MET I 481 -8.72 -25.97 -18.14
C MET I 481 -8.20 -26.79 -16.97
N THR I 482 -6.88 -26.89 -16.81
CA THR I 482 -6.37 -27.55 -15.62
C THR I 482 -6.54 -26.67 -14.38
N LYS I 483 -6.30 -25.36 -14.53
CA LYS I 483 -6.13 -24.50 -13.37
C LYS I 483 -7.44 -24.28 -12.62
N ASP I 484 -8.55 -24.13 -13.35
CA ASP I 484 -9.82 -24.01 -12.65
C ASP I 484 -10.27 -25.34 -12.09
N LEU I 485 -9.84 -26.45 -12.69
CA LEU I 485 -10.20 -27.74 -12.14
C LEU I 485 -9.44 -28.06 -10.87
N THR I 486 -8.29 -27.42 -10.67
CA THR I 486 -7.63 -27.44 -9.36
C THR I 486 -8.56 -26.96 -8.26
N GLU I 487 -9.09 -25.74 -8.40
CA GLU I 487 -9.93 -25.21 -7.34
C GLU I 487 -11.32 -25.82 -7.38
N LEU I 488 -11.72 -26.46 -8.50
CA LEU I 488 -12.87 -27.35 -8.52
C LEU I 488 -12.71 -28.49 -7.51
N TRP I 489 -11.58 -29.19 -7.58
CA TRP I 489 -11.31 -30.25 -6.61
C TRP I 489 -11.21 -29.70 -5.21
N GLU I 490 -10.57 -28.53 -5.08
CA GLU I 490 -10.33 -27.92 -3.77
C GLU I 490 -11.63 -27.57 -3.08
N SER I 491 -12.58 -26.98 -3.81
CA SER I 491 -13.85 -26.58 -3.23
C SER I 491 -14.69 -27.79 -2.85
N GLU I 492 -14.71 -28.82 -3.69
CA GLU I 492 -15.56 -29.97 -3.42
C GLU I 492 -15.04 -30.80 -2.26
N LEU I 493 -13.73 -31.02 -2.19
CA LEU I 493 -13.22 -31.76 -1.04
C LEU I 493 -12.94 -30.87 0.16
N PHE I 494 -13.16 -29.57 0.05
CA PHE I 494 -13.35 -28.75 1.23
C PHE I 494 -14.79 -28.79 1.74
N ASN I 495 -15.74 -29.04 0.85
CA ASN I 495 -17.15 -28.95 1.22
C ASN I 495 -17.74 -30.27 1.70
N THR I 496 -17.77 -31.31 0.86
CA THR I 496 -18.46 -32.53 1.29
C THR I 496 -17.66 -33.30 2.31
N PHE I 497 -16.35 -33.09 2.33
CA PHE I 497 -15.52 -33.50 3.45
C PHE I 497 -15.02 -32.20 4.09
N LYS I 498 -15.37 -31.99 5.36
CA LYS I 498 -15.16 -30.70 6.01
C LYS I 498 -13.68 -30.51 6.31
N LEU I 499 -12.96 -29.88 5.40
CA LEU I 499 -11.53 -29.66 5.58
C LEU I 499 -11.27 -28.18 5.76
N THR I 500 -10.75 -27.80 6.94
CA THR I 500 -10.45 -26.41 7.23
C THR I 500 -8.95 -26.19 7.04
N PRO I 501 -8.54 -25.44 6.04
CA PRO I 501 -7.11 -25.20 5.85
C PRO I 501 -6.52 -24.23 6.86
N VAL I 502 -5.76 -24.76 7.82
CA VAL I 502 -5.07 -23.94 8.80
C VAL I 502 -3.96 -23.18 8.07
N VAL I 503 -4.13 -21.87 7.93
CA VAL I 503 -3.23 -21.07 7.10
C VAL I 503 -2.65 -19.91 7.88
N ASP I 504 -1.57 -19.33 7.36
CA ASP I 504 -0.96 -18.11 7.87
C ASP I 504 -1.52 -16.94 7.08
N ASN I 505 -1.03 -15.74 7.41
CA ASN I 505 -1.42 -14.54 6.68
C ASN I 505 -0.88 -14.61 5.26
N GLN I 506 -1.81 -14.66 4.29
CA GLN I 506 -1.55 -15.03 2.90
C GLN I 506 -0.82 -16.37 2.81
N GLY I 507 -1.25 -17.32 3.62
CA GLY I 507 -0.74 -18.68 3.56
C GLY I 507 -1.45 -19.45 2.46
N GLN I 508 -0.67 -20.18 1.67
CA GLN I 508 -1.20 -20.92 0.54
C GLN I 508 -1.43 -22.38 0.95
N ARG I 509 -2.42 -22.57 1.82
CA ARG I 509 -2.97 -23.87 2.21
C ARG I 509 -1.88 -24.77 2.80
N LEU I 510 -1.35 -24.35 3.94
CA LEU I 510 -0.18 -25.01 4.49
C LEU I 510 -0.51 -26.19 5.38
N TYR I 511 -1.61 -26.16 6.11
CA TYR I 511 -1.91 -27.22 7.06
C TYR I 511 -3.36 -27.63 6.88
N VAL I 512 -3.60 -28.70 6.13
CA VAL I 512 -4.95 -29.16 5.84
C VAL I 512 -5.33 -30.21 6.86
N ARG I 513 -6.42 -29.98 7.56
CA ARG I 513 -6.72 -30.70 8.79
C ARG I 513 -8.18 -31.12 8.82
N TYR I 514 -8.44 -32.23 9.50
CA TYR I 514 -9.80 -32.62 9.79
C TYR I 514 -10.46 -31.61 10.73
N SER I 515 -11.77 -31.53 10.63
CA SER I 515 -12.63 -30.69 11.43
C SER I 515 -13.36 -31.55 12.45
N SER I 516 -14.30 -30.92 13.15
CA SER I 516 -15.18 -31.66 14.05
C SER I 516 -16.08 -32.60 13.27
N ASP I 517 -16.80 -32.08 12.28
CA ASP I 517 -17.86 -32.85 11.67
C ASP I 517 -17.34 -33.84 10.63
N THR I 518 -16.15 -33.63 10.08
CA THR I 518 -15.71 -34.54 9.04
C THR I 518 -15.22 -35.86 9.63
N ILE I 519 -14.83 -35.89 10.90
CA ILE I 519 -14.57 -37.18 11.51
C ILE I 519 -15.88 -37.89 11.80
N SER I 520 -16.96 -37.14 12.04
CA SER I 520 -18.27 -37.74 12.21
C SER I 520 -18.84 -38.24 10.88
N ILE I 521 -18.33 -37.75 9.76
CA ILE I 521 -18.80 -38.25 8.47
C ILE I 521 -17.80 -39.23 7.83
N LEU I 522 -16.59 -39.34 8.34
CA LEU I 522 -15.66 -40.35 7.84
C LEU I 522 -15.38 -41.46 8.85
N LEU I 523 -14.83 -41.13 10.01
CA LEU I 523 -14.46 -42.16 10.97
C LEU I 523 -15.62 -42.50 11.88
N GLY I 524 -16.58 -41.59 12.00
CA GLY I 524 -17.87 -41.87 12.59
C GLY I 524 -18.54 -43.12 12.04
N PRO I 525 -18.84 -43.13 10.74
CA PRO I 525 -19.36 -44.36 10.14
C PRO I 525 -18.35 -45.49 10.08
N PHE I 526 -17.07 -45.19 9.93
CA PHE I 526 -16.06 -46.25 9.77
C PHE I 526 -15.88 -47.09 11.02
N THR I 527 -15.55 -46.45 12.13
CA THR I 527 -15.30 -47.17 13.38
C THR I 527 -16.54 -47.75 14.01
N TYR I 528 -17.74 -47.38 13.55
CA TYR I 528 -18.95 -47.83 14.19
C TYR I 528 -19.87 -48.66 13.31
N LEU I 529 -19.69 -48.68 12.00
CA LEU I 529 -20.62 -49.39 11.13
C LEU I 529 -19.93 -50.50 10.36
N VAL I 530 -18.87 -50.20 9.61
CA VAL I 530 -18.19 -51.26 8.88
C VAL I 530 -17.19 -51.97 9.79
N ALA I 531 -16.58 -51.25 10.71
CA ALA I 531 -15.83 -51.85 11.80
C ALA I 531 -16.74 -51.87 13.03
N GLU I 532 -16.70 -52.98 13.76
CA GLU I 532 -17.56 -53.16 14.92
C GLU I 532 -16.85 -52.77 16.21
N LEU I 533 -16.04 -51.71 16.14
CA LEU I 533 -15.37 -51.19 17.32
C LEU I 533 -16.40 -50.50 18.19
N SER I 534 -17.05 -51.28 19.07
CA SER I 534 -18.11 -50.72 19.91
C SER I 534 -17.63 -49.71 20.94
N PRO I 535 -16.70 -50.02 21.86
CA PRO I 535 -16.49 -49.08 22.97
C PRO I 535 -15.53 -47.94 22.64
N VAL I 536 -15.25 -47.68 21.37
CA VAL I 536 -14.33 -46.61 21.01
C VAL I 536 -15.10 -45.31 20.87
N GLU I 537 -14.39 -44.19 20.96
CA GLU I 537 -14.96 -42.86 20.93
C GLU I 537 -14.31 -42.02 19.85
N LEU I 538 -15.03 -41.01 19.39
CA LEU I 538 -14.46 -40.06 18.45
C LEU I 538 -13.60 -39.06 19.21
N VAL I 539 -12.92 -38.19 18.49
CA VAL I 539 -11.91 -37.33 19.12
C VAL I 539 -12.32 -35.87 18.95
N THR I 540 -11.48 -34.96 19.42
CA THR I 540 -11.72 -33.54 19.26
C THR I 540 -10.96 -33.00 18.06
N ASP I 541 -11.00 -31.68 17.93
CA ASP I 541 -10.09 -31.00 17.02
C ASP I 541 -8.65 -31.12 17.53
N VAL I 542 -8.41 -30.73 18.78
CA VAL I 542 -7.06 -30.72 19.32
C VAL I 542 -6.57 -32.09 19.75
N TYR I 543 -7.46 -33.09 19.78
CA TYR I 543 -7.01 -34.45 19.97
C TYR I 543 -6.30 -34.99 18.74
N ALA I 544 -6.71 -34.57 17.55
CA ALA I 544 -6.07 -34.97 16.31
C ALA I 544 -5.04 -33.97 15.82
N THR I 545 -5.17 -32.70 16.21
CA THR I 545 -4.24 -31.68 15.80
C THR I 545 -2.89 -31.78 16.48
N LEU I 546 -2.89 -31.98 17.80
CA LEU I 546 -1.69 -31.86 18.60
C LEU I 546 -0.79 -33.08 18.41
N GLY I 547 0.34 -33.09 19.10
CA GLY I 547 1.27 -34.19 18.96
C GLY I 547 0.76 -35.46 19.63
N ILE I 548 1.14 -36.60 19.06
CA ILE I 548 0.61 -37.90 19.48
C ILE I 548 1.12 -38.25 20.88
N VAL I 549 2.26 -37.70 21.28
CA VAL I 549 2.64 -37.73 22.69
C VAL I 549 2.17 -36.49 23.44
N GLU I 550 1.94 -35.38 22.75
CA GLU I 550 1.40 -34.18 23.38
C GLU I 550 -0.08 -34.28 23.68
N ILE I 551 -0.77 -35.29 23.16
CA ILE I 551 -2.15 -35.48 23.57
C ILE I 551 -2.22 -36.36 24.81
N ILE I 552 -1.13 -37.05 25.14
CA ILE I 552 -1.12 -37.94 26.30
C ILE I 552 -1.21 -37.13 27.59
N ASP I 553 -0.32 -36.15 27.72
CA ASP I 553 -0.35 -35.29 28.90
C ASP I 553 -1.55 -34.37 28.88
N GLU I 554 -2.16 -34.12 27.72
CA GLU I 554 -3.38 -33.33 27.69
C GLU I 554 -4.58 -34.16 28.13
N LEU I 555 -4.59 -35.46 27.80
CA LEU I 555 -5.54 -36.39 28.39
C LEU I 555 -5.35 -36.47 29.89
N TYR I 556 -4.09 -36.50 30.33
CA TYR I 556 -3.74 -36.47 31.74
C TYR I 556 -4.25 -35.21 32.41
N ARG I 557 -4.22 -34.07 31.70
CA ARG I 557 -4.72 -32.81 32.23
C ARG I 557 -6.22 -32.82 32.49
N SER I 558 -6.96 -33.77 31.90
CA SER I 558 -8.35 -34.01 32.24
C SER I 558 -8.63 -35.49 32.49
N SER I 559 -7.68 -36.19 33.11
CA SER I 559 -7.88 -37.58 33.48
C SER I 559 -8.27 -37.71 34.95
N ARG I 560 -9.08 -38.74 35.23
CA ARG I 560 -9.57 -39.02 36.57
C ARG I 560 -8.46 -39.22 37.59
N LEU I 561 -7.40 -39.94 37.18
CA LEU I 561 -6.29 -40.22 38.09
C LEU I 561 -5.51 -38.96 38.40
N ALA I 562 -5.34 -38.07 37.42
CA ALA I 562 -4.59 -36.87 37.72
C ALA I 562 -5.43 -35.82 38.41
N ILE I 563 -6.75 -35.90 38.32
CA ILE I 563 -7.57 -35.10 39.23
C ILE I 563 -7.46 -35.64 40.65
N TYR I 564 -7.34 -36.96 40.81
CA TYR I 564 -7.01 -37.51 42.12
C TYR I 564 -5.65 -37.05 42.61
N ILE I 565 -4.71 -36.86 41.69
CA ILE I 565 -3.43 -36.25 42.04
C ILE I 565 -3.64 -34.80 42.46
N GLU I 566 -4.48 -34.07 41.74
CA GLU I 566 -4.79 -32.69 42.12
C GLU I 566 -5.74 -32.64 43.30
N ASP I 567 -6.49 -33.71 43.57
CA ASP I 567 -7.13 -33.87 44.87
C ASP I 567 -6.08 -33.94 45.96
N LEU I 568 -5.07 -34.78 45.76
CA LEU I 568 -3.90 -34.76 46.62
C LEU I 568 -3.06 -33.50 46.41
N GLY I 569 -3.29 -32.76 45.33
CA GLY I 569 -2.69 -31.44 45.09
C GLY I 569 -2.92 -30.46 46.20
N ARG I 570 -4.02 -30.58 46.91
CA ARG I 570 -4.18 -29.99 48.23
C ARG I 570 -4.15 -31.16 49.21
N LYS I 571 -2.94 -31.56 49.59
CA LYS I 571 -2.65 -32.70 50.48
C LYS I 571 -3.25 -34.03 50.03
N ALA J 18 56.06 -32.68 -17.38
CA ALA J 18 55.85 -31.32 -16.90
C ALA J 18 54.77 -30.64 -17.71
N ILE J 19 53.76 -30.07 -17.05
CA ILE J 19 52.70 -29.39 -17.78
C ILE J 19 52.50 -27.99 -17.17
N PRO J 20 52.46 -26.94 -17.99
CA PRO J 20 52.45 -25.59 -17.45
C PRO J 20 51.13 -25.23 -16.78
N VAL J 21 51.21 -24.32 -15.82
CA VAL J 21 50.06 -23.91 -15.03
C VAL J 21 49.79 -22.44 -15.29
N HIS J 22 50.82 -21.59 -15.15
CA HIS J 22 50.61 -20.15 -15.35
C HIS J 22 50.52 -19.74 -16.82
N PRO J 23 51.59 -19.89 -17.66
CA PRO J 23 51.63 -19.09 -18.89
C PRO J 23 50.88 -19.70 -20.06
N THR J 24 50.01 -20.67 -19.79
CA THR J 24 49.18 -21.24 -20.84
C THR J 24 48.18 -20.17 -21.29
N PRO J 25 47.74 -20.21 -22.56
CA PRO J 25 46.79 -19.18 -23.04
C PRO J 25 45.46 -19.18 -22.31
N ALA J 26 44.92 -20.35 -21.96
CA ALA J 26 43.67 -20.38 -21.21
C ALA J 26 43.84 -19.87 -19.79
N SER J 27 44.97 -20.19 -19.16
CA SER J 27 45.20 -19.68 -17.80
C SER J 27 45.45 -18.19 -17.79
N VAL J 28 46.14 -17.63 -18.78
CA VAL J 28 46.32 -16.18 -18.76
C VAL J 28 45.04 -15.48 -19.20
N ARG J 29 44.18 -16.16 -19.97
CA ARG J 29 42.82 -15.65 -20.18
C ARG J 29 42.06 -15.60 -18.86
N LEU J 30 42.31 -16.56 -17.98
CA LEU J 30 41.72 -16.52 -16.66
C LEU J 30 42.34 -15.41 -15.81
N PHE J 31 43.66 -15.25 -15.88
CA PHE J 31 44.36 -14.20 -15.12
C PHE J 31 44.04 -12.80 -15.61
N GLU J 32 43.49 -12.66 -16.82
CA GLU J 32 43.12 -11.33 -17.30
C GLU J 32 41.96 -10.74 -16.50
N ILE J 33 41.00 -11.57 -16.09
CA ILE J 33 39.77 -11.11 -15.44
C ILE J 33 40.03 -10.53 -14.06
N LEU J 34 41.21 -10.77 -13.49
CA LEU J 34 41.76 -9.90 -12.45
C LEU J 34 41.64 -8.43 -12.82
N GLN J 35 42.12 -8.05 -13.98
CA GLN J 35 41.85 -6.71 -14.49
C GLN J 35 40.56 -6.77 -15.32
N GLY J 36 40.24 -5.67 -16.00
CA GLY J 36 38.97 -5.59 -16.70
C GLY J 36 39.02 -5.70 -18.20
N LYS J 37 40.06 -6.30 -18.78
CA LYS J 37 40.38 -6.08 -20.19
C LYS J 37 39.37 -6.71 -21.14
N TYR J 38 38.77 -7.85 -20.79
CA TYR J 38 37.91 -8.51 -21.78
C TYR J 38 36.43 -8.26 -21.51
N ALA J 39 35.95 -8.60 -20.32
CA ALA J 39 34.56 -8.39 -19.99
C ALA J 39 34.46 -7.84 -18.58
N TYR J 40 33.46 -7.00 -18.37
CA TYR J 40 33.29 -6.39 -17.06
C TYR J 40 31.85 -5.96 -16.90
N VAL J 41 31.27 -6.29 -15.76
CA VAL J 41 29.90 -5.95 -15.42
C VAL J 41 29.89 -5.32 -14.04
N GLN J 42 28.68 -4.97 -13.58
CA GLN J 42 28.52 -4.33 -12.29
C GLN J 42 28.85 -5.27 -11.14
N GLY J 43 28.63 -6.57 -11.32
CA GLY J 43 28.95 -7.53 -10.27
C GLY J 43 30.44 -7.66 -10.02
N GLN J 44 31.27 -7.40 -11.03
CA GLN J 44 32.71 -7.46 -10.86
C GLN J 44 33.27 -6.28 -10.07
N THR J 45 32.44 -5.29 -9.74
CA THR J 45 32.90 -4.23 -8.87
C THR J 45 33.09 -4.73 -7.45
N ILE J 46 32.29 -5.71 -7.03
CA ILE J 46 32.45 -6.26 -5.69
C ILE J 46 33.69 -7.11 -5.57
N TYR J 47 34.31 -7.46 -6.70
CA TYR J 47 35.52 -8.26 -6.69
C TYR J 47 36.71 -7.47 -6.16
N ALA J 48 36.77 -6.18 -6.47
CA ALA J 48 37.79 -5.35 -5.86
C ALA J 48 37.49 -5.02 -4.40
N ASN J 49 36.24 -5.16 -3.97
CA ASN J 49 35.89 -4.85 -2.59
C ASN J 49 36.56 -5.82 -1.63
N LEU J 50 36.52 -7.11 -1.94
CA LEU J 50 37.30 -8.05 -1.17
C LEU J 50 38.77 -8.00 -1.51
N ARG J 51 39.12 -7.39 -2.63
CA ARG J 51 40.53 -7.15 -2.93
C ARG J 51 41.07 -5.92 -2.22
N ASN J 52 40.29 -5.27 -1.40
CA ASN J 52 40.79 -4.13 -0.64
C ASN J 52 41.80 -4.60 0.41
N PRO J 53 43.00 -4.06 0.41
CA PRO J 53 43.86 -4.27 1.58
C PRO J 53 43.42 -3.37 2.72
N GLY J 54 44.04 -3.49 3.88
CA GLY J 54 43.57 -2.70 4.98
C GLY J 54 42.96 -3.55 6.06
N VAL J 55 42.24 -4.59 5.65
CA VAL J 55 41.83 -5.61 6.61
C VAL J 55 43.05 -6.36 7.12
N PHE J 56 44.10 -6.47 6.30
CA PHE J 56 45.35 -7.01 6.79
C PHE J 56 46.05 -6.03 7.70
N SER J 57 45.92 -4.73 7.43
CA SER J 57 46.54 -3.76 8.34
C SER J 57 45.80 -3.72 9.66
N ARG J 58 44.48 -3.88 9.60
CA ARG J 58 43.66 -4.01 10.81
C ARG J 58 44.07 -5.20 11.64
N GLN J 59 44.38 -6.31 10.98
CA GLN J 59 44.87 -7.53 11.61
C GLN J 59 46.11 -7.27 12.47
N VAL J 60 47.20 -6.85 11.82
CA VAL J 60 48.47 -6.64 12.51
C VAL J 60 48.36 -5.46 13.49
N PHE J 61 47.51 -4.50 13.17
CA PHE J 61 47.24 -3.32 13.97
C PHE J 61 46.66 -3.68 15.34
N THR J 62 45.55 -4.43 15.37
CA THR J 62 45.01 -4.83 16.66
C THR J 62 45.86 -5.91 17.30
N HIS J 63 46.62 -6.67 16.50
CA HIS J 63 47.49 -7.69 17.09
C HIS J 63 48.62 -7.08 17.90
N LEU J 64 49.24 -6.02 17.38
CA LEU J 64 50.38 -5.47 18.09
C LEU J 64 49.91 -4.50 19.18
N PHE J 65 48.69 -3.98 19.07
CA PHE J 65 48.04 -3.38 20.23
C PHE J 65 47.81 -4.41 21.33
N LYS J 66 47.37 -5.61 20.96
CA LYS J 66 47.18 -6.69 21.92
C LYS J 66 48.51 -7.10 22.53
N ARG J 67 49.57 -7.11 21.72
CA ARG J 67 50.89 -7.47 22.19
C ARG J 67 51.48 -6.40 23.11
N ALA J 68 51.11 -5.14 22.88
CA ALA J 68 51.54 -4.06 23.75
C ALA J 68 50.80 -4.11 25.07
N ILE J 69 49.49 -4.36 25.01
CA ILE J 69 48.67 -4.24 26.21
C ILE J 69 48.78 -5.50 27.06
N SER J 70 49.31 -6.59 26.51
CA SER J 70 49.41 -7.83 27.27
C SER J 70 50.55 -7.78 28.28
N HIS J 71 51.72 -7.34 27.86
CA HIS J 71 52.92 -7.44 28.68
C HIS J 71 52.98 -6.43 29.83
N CYS J 72 51.91 -5.69 30.08
CA CYS J 72 51.88 -4.76 31.19
C CYS J 72 51.65 -5.51 32.49
N THR J 73 52.21 -4.96 33.57
CA THR J 73 52.12 -5.56 34.89
C THR J 73 51.19 -4.72 35.76
N TYR J 74 50.55 -5.39 36.73
CA TYR J 74 49.68 -4.67 37.66
C TYR J 74 50.48 -3.82 38.63
N ASP J 75 51.68 -4.26 39.00
CA ASP J 75 52.44 -3.53 40.00
C ASP J 75 53.01 -2.24 39.46
N ASP J 76 53.13 -2.09 38.15
CA ASP J 76 53.66 -0.85 37.61
C ASP J 76 52.64 0.28 37.68
N VAL J 77 51.35 -0.04 37.76
CA VAL J 77 50.34 1.02 37.68
C VAL J 77 49.76 1.37 39.05
N LEU J 78 49.83 0.47 40.03
CA LEU J 78 49.27 0.77 41.33
C LEU J 78 50.12 1.78 42.09
N HIS J 79 51.44 1.64 42.04
CA HIS J 79 52.29 2.67 42.64
C HIS J 79 52.31 3.92 41.77
N ASP J 80 52.00 3.79 40.49
CA ASP J 80 51.82 4.97 39.65
C ASP J 80 50.63 5.79 40.11
N TRP J 81 49.52 5.11 40.46
CA TRP J 81 48.39 5.83 41.03
C TRP J 81 48.71 6.35 42.43
N ASN J 82 49.55 5.64 43.18
CA ASN J 82 49.99 6.11 44.49
C ASN J 82 50.78 7.42 44.37
N LYS J 83 51.74 7.46 43.44
CA LYS J 83 52.49 8.68 43.20
C LYS J 83 51.62 9.75 42.55
N PHE J 84 50.57 9.34 41.83
CA PHE J 84 49.61 10.30 41.29
C PHE J 84 48.84 11.00 42.40
N GLU J 85 48.46 10.26 43.44
CA GLU J 85 47.84 10.87 44.61
C GLU J 85 48.84 11.72 45.39
N ALA J 86 50.10 11.29 45.43
CA ALA J 86 51.17 12.10 46.03
C ALA J 86 51.39 13.40 45.28
N CYS J 87 51.11 13.43 43.98
CA CYS J 87 51.15 14.66 43.20
C CYS J 87 50.03 15.61 43.58
N ILE J 88 48.84 15.09 43.87
CA ILE J 88 47.68 15.93 44.08
C ILE J 88 47.52 16.37 45.53
N GLN J 89 48.18 15.70 46.48
CA GLN J 89 48.05 16.13 47.88
C GLN J 89 48.79 17.44 48.14
N LYS J 90 49.89 17.70 47.44
CA LYS J 90 50.59 18.96 47.58
C LYS J 90 49.91 20.08 46.80
N ARG J 91 49.04 19.73 45.85
CA ARG J 91 48.25 20.72 45.14
C ARG J 91 46.88 20.91 45.79
N TRP J 92 46.30 19.84 46.30
CA TRP J 92 45.04 19.92 47.03
C TRP J 92 45.01 18.93 48.17
N ASP J 96 39.28 16.80 52.94
CA ASP J 96 39.45 15.75 53.93
C ASP J 96 38.32 14.74 53.81
N SER J 97 37.16 15.09 54.36
CA SER J 97 35.97 14.28 54.14
C SER J 97 35.49 14.41 52.70
N CYS J 98 35.58 15.61 52.13
CA CYS J 98 35.32 15.82 50.71
C CYS J 98 36.42 15.22 49.84
N ALA J 99 37.60 14.99 50.43
CA ALA J 99 38.70 14.42 49.67
C ALA J 99 38.45 12.99 49.26
N SER J 100 37.49 12.30 49.86
CA SER J 100 37.11 10.97 49.39
C SER J 100 36.55 11.02 47.98
N ARG J 101 35.52 11.84 47.77
CA ARG J 101 34.98 11.99 46.42
C ARG J 101 35.92 12.78 45.52
N PHE J 102 36.79 13.63 46.09
CA PHE J 102 37.83 14.28 45.30
C PHE J 102 38.81 13.26 44.73
N ARG J 103 39.23 12.29 45.56
CA ARG J 103 40.14 11.26 45.10
C ARG J 103 39.46 10.30 44.15
N GLU J 104 38.16 10.08 44.32
CA GLU J 104 37.41 9.27 43.36
C GLU J 104 37.36 9.95 41.99
N SER J 105 37.01 11.24 41.97
CA SER J 105 36.92 11.98 40.73
C SER J 105 38.27 12.16 40.06
N THR J 106 39.33 12.41 40.83
CA THR J 106 40.64 12.57 40.22
C THR J 106 41.19 11.24 39.73
N PHE J 107 40.77 10.13 40.34
CA PHE J 107 41.12 8.83 39.79
C PHE J 107 40.34 8.54 38.51
N GLU J 108 39.09 9.01 38.44
CA GLU J 108 38.30 8.83 37.23
C GLU J 108 38.89 9.61 36.07
N SER J 109 39.29 10.86 36.33
CA SER J 109 39.97 11.64 35.31
C SER J 109 41.35 11.07 35.01
N TRP J 110 41.97 10.43 36.01
CA TRP J 110 43.25 9.78 35.79
C TRP J 110 43.11 8.57 34.89
N SER J 111 42.00 7.85 35.02
CA SER J 111 41.71 6.73 34.13
C SER J 111 41.44 7.22 32.72
N THR J 112 40.69 8.33 32.61
CA THR J 112 40.39 8.90 31.31
C THR J 112 41.65 9.40 30.61
N THR J 113 42.52 10.09 31.33
CA THR J 113 43.77 10.50 30.71
C THR J 113 44.76 9.34 30.60
N MET J 114 44.54 8.25 31.32
CA MET J 114 45.34 7.05 31.09
C MET J 114 45.00 6.45 29.75
N LYS J 115 43.71 6.33 29.45
CA LYS J 115 43.24 5.92 28.13
C LYS J 115 43.72 6.88 27.06
N LEU J 116 43.71 8.18 27.36
CA LEU J 116 44.18 9.19 26.42
C LEU J 116 45.68 9.06 26.17
N THR J 117 46.46 8.84 27.22
CA THR J 117 47.91 8.87 27.11
C THR J 117 48.45 7.56 26.56
N VAL J 118 47.66 6.49 26.65
CA VAL J 118 48.07 5.32 25.88
C VAL J 118 47.63 5.49 24.43
N ARG J 119 46.44 6.08 24.20
CA ARG J 119 45.85 6.11 22.87
C ARG J 119 46.62 7.00 21.93
N ASP J 120 47.03 8.19 22.39
CA ASP J 120 47.68 9.15 21.50
C ASP J 120 49.04 8.66 21.05
N LEU J 121 49.90 8.26 21.98
CA LEU J 121 51.25 7.81 21.63
C LEU J 121 51.21 6.51 20.85
N LEU J 122 50.26 5.64 21.18
CA LEU J 122 50.14 4.36 20.50
C LEU J 122 49.68 4.55 19.06
N THR J 123 48.71 5.44 18.82
CA THR J 123 48.22 5.60 17.45
C THR J 123 49.23 6.34 16.58
N THR J 124 50.08 7.20 17.18
CA THR J 124 51.18 7.79 16.44
C THR J 124 52.20 6.75 16.01
N ASN J 125 52.75 6.02 16.98
CA ASN J 125 53.86 5.11 16.69
C ASN J 125 53.41 3.96 15.79
N ILE J 126 52.16 3.53 15.93
CA ILE J 126 51.74 2.35 15.20
C ILE J 126 51.28 2.71 13.78
N TYR J 127 50.71 3.90 13.61
CA TYR J 127 50.45 4.35 12.25
C TYR J 127 51.75 4.72 11.55
N ARG J 128 52.78 5.08 12.32
CA ARG J 128 54.10 5.32 11.73
C ARG J 128 54.74 4.03 11.26
N VAL J 129 54.76 3.00 12.11
CA VAL J 129 55.45 1.76 11.73
C VAL J 129 54.60 0.99 10.73
N LEU J 130 53.29 1.23 10.71
CA LEU J 130 52.42 0.44 9.86
C LEU J 130 52.49 0.94 8.42
N HIS J 131 52.36 2.24 8.21
CA HIS J 131 52.28 2.78 6.87
C HIS J 131 53.63 3.19 6.31
N SER J 132 54.70 2.53 6.73
CA SER J 132 55.93 2.56 5.96
C SER J 132 55.84 1.54 4.83
N ARG J 133 56.92 1.39 4.07
CA ARG J 133 56.88 0.51 2.92
C ARG J 133 56.90 -0.95 3.34
N SER J 134 55.90 -1.69 2.87
CA SER J 134 55.81 -3.12 3.05
C SER J 134 55.70 -3.78 1.69
N VAL J 135 56.66 -4.63 1.36
CA VAL J 135 56.65 -5.29 0.07
C VAL J 135 55.58 -6.38 0.04
N LEU J 136 55.15 -6.87 1.20
CA LEU J 136 54.06 -7.81 1.26
C LEU J 136 52.76 -7.05 1.03
N SER J 137 51.93 -7.60 0.16
CA SER J 137 50.70 -6.93 -0.24
C SER J 137 49.55 -7.92 -0.20
N TYR J 138 48.54 -7.61 0.61
CA TYR J 138 47.30 -8.38 0.60
C TYR J 138 46.60 -8.24 -0.73
N GLU J 139 46.69 -7.05 -1.34
CA GLU J 139 46.25 -6.83 -2.71
C GLU J 139 46.90 -7.82 -3.67
N ARG J 140 48.19 -8.07 -3.49
CA ARG J 140 48.85 -9.06 -4.31
C ARG J 140 48.54 -10.49 -3.87
N TYR J 141 47.87 -10.68 -2.75
CA TYR J 141 47.54 -12.02 -2.31
C TYR J 141 46.18 -12.50 -2.79
N VAL J 142 45.15 -11.69 -2.55
CA VAL J 142 43.76 -12.14 -2.66
C VAL J 142 43.40 -12.43 -4.12
N ASP J 143 44.10 -11.80 -5.05
CA ASP J 143 43.84 -12.04 -6.47
C ASP J 143 44.29 -13.43 -6.90
N TRP J 144 45.33 -13.97 -6.24
CA TRP J 144 45.83 -15.28 -6.67
C TRP J 144 44.91 -16.41 -6.28
N ILE J 145 44.46 -16.43 -5.03
CA ILE J 145 43.67 -17.54 -4.51
C ILE J 145 42.33 -17.64 -5.22
N CYS J 146 41.74 -16.51 -5.57
CA CYS J 146 40.50 -16.57 -6.34
C CYS J 146 40.76 -16.90 -7.80
N ALA J 147 42.00 -16.76 -8.27
CA ALA J 147 42.29 -17.08 -9.66
C ALA J 147 42.65 -18.55 -9.84
N THR J 148 43.50 -19.09 -8.98
CA THR J 148 44.11 -20.36 -9.27
C THR J 148 44.05 -21.27 -8.04
N GLY J 149 43.82 -20.69 -6.87
CA GLY J 149 43.96 -21.43 -5.63
C GLY J 149 45.39 -21.71 -5.27
N MET J 150 46.34 -21.01 -5.88
CA MET J 150 47.76 -21.21 -5.67
C MET J 150 48.42 -19.89 -5.34
N VAL J 151 49.40 -19.94 -4.45
CA VAL J 151 50.15 -18.75 -4.02
C VAL J 151 51.63 -19.00 -4.29
N PRO J 152 52.33 -18.06 -4.89
CA PRO J 152 53.80 -18.14 -4.92
C PRO J 152 54.41 -17.52 -3.67
N ALA J 153 55.05 -18.33 -2.84
CA ALA J 153 55.63 -17.86 -1.59
C ALA J 153 57.11 -17.54 -1.80
N VAL J 154 57.44 -16.26 -1.83
CA VAL J 154 58.80 -15.81 -2.06
C VAL J 154 59.35 -15.24 -0.77
N LYS J 155 60.57 -15.63 -0.43
CA LYS J 155 61.26 -15.14 0.76
C LYS J 155 62.40 -14.25 0.26
N LYS J 156 62.15 -12.94 0.21
CA LYS J 156 63.20 -12.02 -0.23
C LYS J 156 64.12 -11.74 0.95
N PRO J 157 65.41 -12.07 0.84
CA PRO J 157 66.31 -11.92 1.99
C PRO J 157 66.70 -10.48 2.29
N ILE J 158 66.33 -9.52 1.42
CA ILE J 158 66.57 -8.11 1.70
C ILE J 158 65.63 -7.66 2.82
N THR J 159 66.20 -7.39 3.99
CA THR J 159 65.42 -6.96 5.15
C THR J 159 66.11 -5.83 5.90
N GLN J 160 66.71 -4.90 5.15
CA GLN J 160 67.41 -3.79 5.77
C GLN J 160 66.65 -2.48 5.72
N GLU J 161 65.31 -2.52 5.65
CA GLU J 161 64.55 -1.28 5.54
C GLU J 161 64.04 -0.78 6.89
N LEU J 162 63.83 -1.69 7.85
CA LEU J 162 63.13 -1.31 9.08
C LEU J 162 64.00 -0.41 9.97
N HIS J 163 65.30 -0.69 10.06
CA HIS J 163 66.19 0.15 10.82
C HIS J 163 66.43 1.48 10.10
N SER J 164 66.22 1.51 8.79
CA SER J 164 66.36 2.76 8.05
C SER J 164 65.15 3.66 8.29
N LYS J 165 63.94 3.10 8.24
CA LYS J 165 62.75 3.94 8.33
C LYS J 165 62.47 4.34 9.77
N ILE J 166 62.61 3.40 10.71
CA ILE J 166 62.31 3.69 12.11
C ILE J 166 63.33 2.96 12.99
N LYS J 167 64.31 3.73 13.49
CA LYS J 167 65.41 3.15 14.25
C LYS J 167 65.25 3.34 15.76
N SER J 168 65.18 4.58 16.22
CA SER J 168 65.13 4.92 17.64
C SER J 168 64.63 6.34 17.80
N LEU J 169 64.29 6.74 19.03
CA LEU J 169 63.79 8.04 19.47
C LEU J 169 62.39 8.39 18.93
N ARG J 170 61.79 7.54 18.10
CA ARG J 170 60.42 7.78 17.65
C ARG J 170 59.44 7.48 18.78
N ASP J 171 59.80 6.55 19.66
CA ASP J 171 59.03 6.31 20.87
C ASP J 171 59.44 7.25 22.00
N ARG J 172 60.58 7.93 21.88
CA ARG J 172 61.11 8.71 22.99
C ARG J 172 60.83 10.20 22.87
N CYS J 173 60.73 10.73 21.64
CA CYS J 173 60.54 12.16 21.46
C CYS J 173 59.15 12.63 21.87
N VAL J 174 58.13 11.79 21.72
CA VAL J 174 56.77 12.22 21.98
C VAL J 174 56.40 12.10 23.45
N CYS J 175 57.14 11.30 24.22
CA CYS J 175 56.78 11.01 25.60
C CYS J 175 57.53 11.83 26.62
N ARG J 176 58.42 12.72 26.20
CA ARG J 176 59.20 13.51 27.14
C ARG J 176 58.36 14.66 27.67
N GLU J 177 57.73 14.44 28.82
CA GLU J 177 56.79 15.41 29.42
C GLU J 177 57.12 15.57 30.89
N LEU J 178 56.21 16.21 31.63
CA LEU J 178 56.39 16.39 33.07
C LEU J 178 56.22 15.08 33.83
N GLY J 179 55.04 14.48 33.75
CA GLY J 179 54.73 13.33 34.57
C GLY J 179 55.37 12.06 34.05
N HIS J 180 56.43 11.61 34.72
CA HIS J 180 57.21 10.46 34.27
C HIS J 180 56.42 9.18 34.58
N GLU J 181 55.48 8.86 33.71
CA GLU J 181 54.66 7.66 33.86
C GLU J 181 55.49 6.45 33.48
N ARG J 182 55.75 5.57 34.45
CA ARG J 182 56.52 4.38 34.16
C ARG J 182 55.74 3.37 33.36
N THR J 183 54.42 3.51 33.29
CA THR J 183 53.61 2.62 32.45
C THR J 183 53.94 2.79 30.98
N ILE J 184 53.98 4.03 30.49
CA ILE J 184 54.36 4.22 29.09
C ILE J 184 55.85 4.03 28.89
N ARG J 185 56.68 4.35 29.89
CA ARG J 185 58.11 4.14 29.78
C ARG J 185 58.50 2.66 29.82
N SER J 186 57.59 1.78 30.24
CA SER J 186 57.84 0.35 30.17
C SER J 186 57.16 -0.28 28.97
N ILE J 187 55.98 0.22 28.58
CA ILE J 187 55.21 -0.46 27.54
C ILE J 187 55.53 0.06 26.14
N GLY J 188 55.81 1.36 25.99
CA GLY J 188 56.16 1.89 24.69
C GLY J 188 57.46 1.33 24.15
N THR J 189 58.45 1.13 25.02
CA THR J 189 59.69 0.50 24.60
C THR J 189 59.51 -0.96 24.23
N GLU J 190 58.68 -1.69 24.98
CA GLU J 190 58.42 -3.09 24.69
C GLU J 190 57.64 -3.27 23.40
N LEU J 191 56.64 -2.43 23.14
CA LEU J 191 55.96 -2.48 21.85
C LEU J 191 56.84 -1.99 20.72
N TYR J 192 57.73 -1.04 20.99
CA TYR J 192 58.62 -0.48 19.98
C TYR J 192 59.61 -1.54 19.50
N GLU J 193 60.19 -2.30 20.42
CA GLU J 193 60.98 -3.44 19.99
C GLU J 193 60.11 -4.57 19.45
N ALA J 194 58.85 -4.67 19.88
CA ALA J 194 57.97 -5.71 19.36
C ALA J 194 57.57 -5.44 17.92
N THR J 195 57.40 -4.17 17.55
CA THR J 195 57.07 -3.84 16.17
C THR J 195 58.20 -4.22 15.21
N LYS J 196 59.44 -4.12 15.67
CA LYS J 196 60.57 -4.61 14.90
C LYS J 196 60.56 -6.13 14.73
N GLU J 197 59.86 -6.86 15.59
CA GLU J 197 59.71 -8.29 15.39
C GLU J 197 58.60 -8.65 14.41
N ILE J 198 57.59 -7.80 14.27
CA ILE J 198 56.42 -8.14 13.45
C ILE J 198 56.55 -7.59 12.03
N ILE J 199 57.12 -6.38 11.88
CA ILE J 199 57.31 -5.85 10.54
C ILE J 199 58.40 -6.63 9.80
N GLU J 200 59.31 -7.26 10.56
CA GLU J 200 60.37 -8.11 10.02
C GLU J 200 59.79 -9.30 9.29
N SER J 201 58.83 -9.96 9.93
CA SER J 201 58.20 -11.16 9.37
C SER J 201 57.45 -10.83 8.09
N LEU J 202 56.83 -9.67 8.02
CA LEU J 202 56.02 -9.36 6.84
C LEU J 202 56.88 -8.84 5.70
N ASN J 203 57.90 -8.02 5.96
CA ASN J 203 58.66 -7.50 4.83
C ASN J 203 59.72 -8.51 4.40
N SER J 204 60.00 -9.52 5.22
CA SER J 204 60.88 -10.59 4.78
C SER J 204 60.19 -11.47 3.76
N THR J 205 58.87 -11.64 3.89
CA THR J 205 58.10 -12.42 2.95
C THR J 205 57.82 -11.61 1.70
N PHE J 206 57.32 -12.28 0.67
CA PHE J 206 57.03 -11.61 -0.59
C PHE J 206 56.02 -12.42 -1.39
N ILE J 207 55.01 -11.72 -1.90
CA ILE J 207 54.07 -12.25 -2.88
C ILE J 207 54.25 -11.45 -4.17
N PRO J 208 54.53 -12.09 -5.29
CA PRO J 208 54.79 -11.34 -6.52
C PRO J 208 53.55 -11.02 -7.35
N GLN J 209 53.82 -10.48 -8.52
CA GLN J 209 52.85 -10.18 -9.55
C GLN J 209 52.61 -11.46 -10.35
N PHE J 210 51.78 -11.41 -11.39
CA PHE J 210 51.55 -12.61 -12.17
C PHE J 210 52.19 -12.58 -13.55
N THR J 211 52.35 -11.41 -14.15
CA THR J 211 52.68 -11.33 -15.57
C THR J 211 54.14 -11.64 -15.88
N GLU J 212 54.96 -11.95 -14.87
CA GLU J 212 56.36 -12.23 -15.09
C GLU J 212 56.83 -13.52 -14.42
N VAL J 213 56.08 -14.04 -13.46
CA VAL J 213 56.45 -15.27 -12.78
C VAL J 213 55.61 -16.40 -13.38
N THR J 214 55.94 -17.62 -12.99
CA THR J 214 55.18 -18.78 -13.49
C THR J 214 55.11 -19.84 -12.41
N ILE J 215 54.15 -20.75 -12.55
CA ILE J 215 53.96 -21.89 -11.67
C ILE J 215 53.87 -23.12 -12.55
N GLU J 216 54.45 -24.23 -12.08
CA GLU J 216 54.65 -25.43 -12.89
C GLU J 216 54.27 -26.67 -12.08
N TYR J 217 53.59 -27.61 -12.74
CA TYR J 217 53.16 -28.87 -12.14
C TYR J 217 53.62 -30.02 -13.01
N LEU J 218 54.00 -31.13 -12.38
CA LEU J 218 54.43 -32.28 -13.16
C LEU J 218 53.49 -33.46 -12.91
N PRO J 219 53.13 -34.21 -13.96
CA PRO J 219 52.19 -35.33 -13.77
C PRO J 219 52.77 -36.49 -12.97
N ARG J 220 53.93 -37.00 -13.39
CA ARG J 220 54.52 -38.17 -12.73
C ARG J 220 55.27 -37.73 -11.49
N SER J 221 54.97 -38.38 -10.37
CA SER J 221 55.40 -37.99 -9.02
C SER J 221 55.03 -36.53 -8.78
N ASP J 222 53.73 -36.31 -8.62
CA ASP J 222 53.15 -34.98 -8.74
C ASP J 222 53.53 -34.05 -7.59
N GLU J 223 54.15 -32.94 -7.94
CA GLU J 223 54.38 -31.80 -7.07
C GLU J 223 54.08 -30.54 -7.88
N TYR J 224 54.00 -29.41 -7.20
CA TYR J 224 53.81 -28.13 -7.86
C TYR J 224 55.06 -27.29 -7.61
N VAL J 225 55.65 -26.78 -8.69
CA VAL J 225 56.96 -26.12 -8.63
C VAL J 225 56.80 -24.67 -9.07
N ALA J 226 57.12 -23.73 -8.18
CA ALA J 226 57.06 -22.30 -8.46
C ALA J 226 58.39 -21.80 -9.00
N TYR J 227 58.31 -20.99 -10.04
CA TYR J 227 59.52 -20.53 -10.72
C TYR J 227 59.44 -19.03 -10.97
N TYR J 228 60.39 -18.31 -10.40
CA TYR J 228 60.66 -16.92 -10.77
C TYR J 228 62.15 -16.70 -10.60
N CYS J 229 62.76 -16.05 -11.61
CA CYS J 229 64.21 -15.85 -11.71
C CYS J 229 64.96 -17.17 -11.63
N GLY J 230 64.47 -18.15 -12.39
CA GLY J 230 65.18 -19.40 -12.63
C GLY J 230 65.28 -20.36 -11.46
N ARG J 231 64.56 -20.12 -10.37
CA ARG J 231 64.75 -20.89 -9.15
C ARG J 231 63.42 -21.44 -8.64
N ARG J 232 63.49 -22.60 -7.99
CA ARG J 232 62.32 -23.20 -7.34
C ARG J 232 62.03 -22.46 -6.05
N ILE J 233 60.93 -21.72 -6.02
CA ILE J 233 60.56 -20.97 -4.84
C ILE J 233 59.42 -21.69 -4.13
N ARG J 234 59.23 -21.35 -2.85
CA ARG J 234 58.18 -21.95 -2.05
C ARG J 234 56.80 -21.52 -2.55
N LEU J 235 55.79 -22.22 -2.08
CA LEU J 235 54.42 -22.13 -2.57
C LEU J 235 53.55 -22.99 -1.66
N HIS J 236 52.24 -22.80 -1.78
CA HIS J 236 51.32 -23.65 -1.04
C HIS J 236 50.08 -23.90 -1.89
N VAL J 237 49.68 -25.16 -1.99
CA VAL J 237 48.39 -25.47 -2.56
C VAL J 237 47.32 -25.08 -1.55
N LEU J 238 46.25 -24.46 -2.05
CA LEU J 238 45.10 -24.12 -1.22
C LEU J 238 43.82 -24.69 -1.80
N PHE J 239 43.68 -24.67 -3.12
CA PHE J 239 42.59 -25.35 -3.81
C PHE J 239 43.19 -26.19 -4.93
N PRO J 240 43.11 -27.50 -4.82
CA PRO J 240 43.82 -28.39 -5.75
C PRO J 240 43.21 -28.35 -7.13
N PRO J 241 43.96 -27.93 -8.14
CA PRO J 241 43.38 -27.77 -9.48
C PRO J 241 43.19 -29.11 -10.15
N ALA J 242 42.20 -29.16 -11.03
CA ALA J 242 41.88 -30.36 -11.79
C ALA J 242 42.68 -30.33 -13.08
N ILE J 243 43.55 -31.30 -13.27
CA ILE J 243 44.35 -31.43 -14.48
C ILE J 243 43.79 -32.63 -15.22
N PHE J 244 43.00 -32.39 -16.26
CA PHE J 244 42.61 -33.54 -17.07
C PHE J 244 43.72 -33.87 -18.06
N ALA J 245 43.52 -34.94 -18.82
CA ALA J 245 44.52 -35.38 -19.78
C ALA J 245 44.64 -34.43 -20.97
N GLY J 246 43.65 -33.57 -21.18
CA GLY J 246 43.71 -32.60 -22.25
C GLY J 246 43.84 -31.16 -21.79
N THR J 247 43.41 -30.86 -20.56
CA THR J 247 43.42 -29.49 -20.08
C THR J 247 43.56 -29.44 -18.57
N VAL J 248 43.74 -28.22 -18.06
CA VAL J 248 43.89 -27.95 -16.65
C VAL J 248 42.79 -26.98 -16.24
N THR J 249 42.11 -27.28 -15.14
CA THR J 249 41.07 -26.42 -14.60
C THR J 249 41.34 -26.20 -13.13
N PHE J 250 41.15 -24.97 -12.67
CA PHE J 250 41.48 -24.59 -11.31
C PHE J 250 40.19 -24.43 -10.54
N ASP J 251 40.09 -25.09 -9.39
CA ASP J 251 38.93 -24.90 -8.53
C ASP J 251 39.03 -23.50 -7.92
N SER J 252 38.40 -22.55 -8.58
CA SER J 252 38.57 -21.14 -8.30
C SER J 252 37.23 -20.44 -8.41
N PRO J 253 37.04 -19.34 -7.70
CA PRO J 253 35.81 -18.55 -7.88
C PRO J 253 35.66 -17.96 -9.27
N VAL J 254 36.77 -17.55 -9.88
CA VAL J 254 36.65 -16.91 -11.19
C VAL J 254 36.39 -17.94 -12.29
N GLN J 255 37.09 -19.09 -12.25
CA GLN J 255 36.87 -20.10 -13.27
C GLN J 255 35.57 -20.85 -13.08
N ARG J 256 34.93 -20.70 -11.94
CA ARG J 256 33.55 -21.17 -11.79
C ARG J 256 32.58 -20.33 -12.61
N LEU J 257 32.98 -19.15 -13.07
CA LEU J 257 32.15 -18.31 -13.91
C LEU J 257 32.72 -18.12 -15.30
N TYR J 258 33.72 -18.92 -15.69
CA TYR J 258 34.65 -18.56 -16.75
C TYR J 258 33.98 -18.46 -18.11
N GLN J 259 33.39 -19.55 -18.57
CA GLN J 259 32.80 -19.49 -19.90
C GLN J 259 31.47 -18.74 -19.92
N ASN J 260 30.85 -18.50 -18.77
CA ASN J 260 29.71 -17.59 -18.78
C ASN J 260 30.16 -16.16 -19.00
N ILE J 261 31.29 -15.77 -18.39
CA ILE J 261 31.89 -14.47 -18.65
C ILE J 261 32.31 -14.35 -20.12
N PHE J 262 32.97 -15.38 -20.65
CA PHE J 262 33.37 -15.31 -22.05
C PHE J 262 32.18 -15.36 -22.99
N MET J 263 31.11 -16.04 -22.61
CA MET J 263 29.92 -16.05 -23.44
C MET J 263 29.23 -14.70 -23.43
N CYS J 264 29.26 -14.01 -22.28
CA CYS J 264 28.73 -12.65 -22.24
C CYS J 264 29.58 -11.68 -23.06
N TYR J 265 30.89 -11.85 -23.01
CA TYR J 265 31.78 -11.05 -23.84
C TYR J 265 31.51 -11.29 -25.31
N ARG J 266 31.31 -12.56 -25.68
CA ARG J 266 31.03 -12.92 -27.06
C ARG J 266 29.72 -12.35 -27.53
N THR J 267 28.67 -12.42 -26.71
CA THR J 267 27.41 -11.87 -27.17
C THR J 267 27.39 -10.35 -27.14
N LEU J 268 28.22 -9.71 -26.32
CA LEU J 268 28.28 -8.25 -26.37
C LEU J 268 29.01 -7.77 -27.61
N GLU J 269 30.14 -8.39 -27.95
CA GLU J 269 30.82 -8.00 -29.18
C GLU J 269 30.01 -8.42 -30.40
N HIS J 270 29.26 -9.52 -30.27
CA HIS J 270 28.31 -9.92 -31.30
C HIS J 270 27.22 -8.88 -31.49
N ALA J 271 26.73 -8.32 -30.39
CA ALA J 271 25.68 -7.31 -30.45
C ALA J 271 26.19 -6.04 -31.11
N LYS J 272 27.41 -5.64 -30.77
CA LYS J 272 27.94 -4.45 -31.40
C LYS J 272 28.30 -4.72 -32.86
N ILE J 273 28.64 -5.97 -33.19
CA ILE J 273 28.88 -6.35 -34.59
C ILE J 273 27.61 -6.21 -35.41
N CYS J 274 26.49 -6.75 -34.91
CA CYS J 274 25.24 -6.63 -35.65
C CYS J 274 24.72 -5.20 -35.68
N GLN J 275 24.94 -4.46 -34.59
CA GLN J 275 24.57 -3.05 -34.54
C GLN J 275 25.36 -2.25 -35.57
N LEU J 276 26.65 -2.50 -35.67
CA LEU J 276 27.52 -1.84 -36.63
C LEU J 276 27.33 -2.33 -38.03
N LEU J 277 26.68 -3.47 -38.22
CA LEU J 277 26.45 -3.98 -39.56
C LEU J 277 25.08 -3.63 -40.09
N ASN J 278 24.13 -3.24 -39.23
CA ASN J 278 22.81 -2.90 -39.74
C ASN J 278 22.57 -1.39 -39.81
N THR J 279 23.63 -0.57 -39.75
CA THR J 279 23.48 0.88 -39.62
C THR J 279 22.90 1.56 -40.84
N ALA J 280 22.90 0.89 -41.98
CA ALA J 280 22.27 1.46 -43.16
C ALA J 280 20.78 1.58 -42.92
N PRO J 281 20.15 2.67 -43.35
CA PRO J 281 18.70 2.78 -43.23
C PRO J 281 17.96 2.04 -44.33
N LEU J 282 18.69 1.40 -45.23
CA LEU J 282 18.11 0.78 -46.41
C LEU J 282 19.08 -0.28 -46.91
N LYS J 283 18.53 -1.41 -47.36
CA LYS J 283 19.32 -2.55 -47.75
C LYS J 283 19.05 -2.84 -49.22
N ALA J 284 20.09 -2.70 -50.04
CA ALA J 284 20.01 -3.10 -51.43
C ALA J 284 20.72 -4.44 -51.64
N ILE J 285 20.44 -5.05 -52.78
CA ILE J 285 21.17 -6.23 -53.24
C ILE J 285 21.46 -6.06 -54.72
N VAL J 286 22.64 -6.49 -55.14
CA VAL J 286 23.05 -6.31 -56.53
C VAL J 286 22.37 -7.33 -57.41
N GLY J 287 22.45 -7.13 -58.73
CA GLY J 287 21.86 -8.04 -59.69
C GLY J 287 22.91 -8.73 -60.53
N ASP J 434 35.15 15.65 -33.72
CA ASP J 434 34.60 16.62 -34.65
C ASP J 434 33.27 16.15 -35.20
N ILE J 435 33.15 14.82 -35.38
CA ILE J 435 31.89 14.27 -35.85
C ILE J 435 30.86 14.28 -34.73
N LEU J 436 31.32 14.17 -33.48
CA LEU J 436 30.41 14.12 -32.34
C LEU J 436 29.71 15.45 -32.10
N THR J 437 30.34 16.55 -32.48
CA THR J 437 29.74 17.86 -32.25
C THR J 437 30.17 18.78 -33.39
N GLY J 438 29.18 19.32 -34.10
CA GLY J 438 29.46 20.25 -35.18
C GLY J 438 28.17 20.82 -35.68
N SER J 439 28.30 21.71 -36.66
CA SER J 439 27.14 22.27 -37.33
C SER J 439 26.38 21.17 -38.05
N THR J 440 25.16 20.90 -37.56
CA THR J 440 24.40 19.74 -37.99
C THR J 440 24.01 19.80 -39.46
N ALA J 441 23.93 20.99 -40.06
CA ALA J 441 23.71 21.09 -41.48
C ALA J 441 24.89 20.56 -42.27
N SER J 442 26.11 20.94 -41.88
CA SER J 442 27.29 20.37 -42.51
C SER J 442 27.56 18.96 -42.04
N ALA J 443 27.11 18.63 -40.82
CA ALA J 443 27.27 17.27 -40.35
C ALA J 443 26.38 16.30 -41.11
N ILE J 444 25.24 16.77 -41.60
CA ILE J 444 24.46 16.01 -42.59
C ILE J 444 25.30 15.72 -43.82
N GLU J 445 26.01 16.73 -44.33
CA GLU J 445 26.74 16.57 -45.59
C GLU J 445 27.97 15.70 -45.43
N LYS J 446 28.60 15.72 -44.26
CA LYS J 446 29.88 15.04 -44.08
C LYS J 446 29.74 13.52 -44.02
N LEU J 447 28.52 12.98 -43.89
CA LEU J 447 28.38 11.53 -43.91
C LEU J 447 27.38 11.02 -44.93
N PHE J 448 26.60 11.90 -45.57
CA PHE J 448 25.70 11.43 -46.62
C PHE J 448 26.47 11.00 -47.85
N ASN J 449 27.53 11.73 -48.19
CA ASN J 449 28.42 11.29 -49.25
C ASN J 449 29.26 10.10 -48.85
N SER J 450 29.40 9.85 -47.55
CA SER J 450 30.21 8.74 -47.07
C SER J 450 29.55 7.41 -47.42
N PRO J 451 30.35 6.37 -47.65
CA PRO J 451 29.79 5.06 -48.00
C PRO J 451 29.14 4.30 -46.84
N SER J 452 29.02 4.93 -45.67
CA SER J 452 28.32 4.28 -44.56
C SER J 452 26.82 4.17 -44.83
N ALA J 453 26.28 5.08 -45.66
CA ALA J 453 24.85 5.09 -45.89
C ALA J 453 24.39 3.91 -46.74
N SER J 454 25.08 3.64 -47.84
CA SER J 454 24.64 2.61 -48.76
C SER J 454 24.96 1.22 -48.22
N LEU J 455 24.17 0.25 -48.67
CA LEU J 455 24.46 -1.15 -48.42
C LEU J 455 23.83 -1.99 -49.51
N GLY J 456 24.67 -2.44 -50.45
CA GLY J 456 24.22 -3.32 -51.51
C GLY J 456 24.90 -4.67 -51.39
N ALA J 457 24.13 -5.70 -51.05
CA ALA J 457 24.72 -7.00 -50.82
C ALA J 457 24.88 -7.76 -52.12
N ARG J 458 25.73 -8.78 -52.10
CA ARG J 458 26.27 -9.35 -53.31
C ARG J 458 26.05 -10.86 -53.35
N VAL J 459 25.83 -11.37 -54.55
CA VAL J 459 25.96 -12.79 -54.84
C VAL J 459 27.27 -12.97 -55.60
N SER J 460 27.98 -14.07 -55.33
CA SER J 460 29.28 -14.29 -55.93
C SER J 460 29.17 -14.58 -57.42
N GLY J 461 28.33 -15.55 -57.80
CA GLY J 461 28.18 -15.89 -59.19
C GLY J 461 27.28 -14.92 -59.92
N HIS J 462 27.75 -14.44 -61.08
CA HIS J 462 26.93 -13.56 -61.89
C HIS J 462 25.84 -14.32 -62.62
N ASN J 463 26.09 -15.59 -62.96
CA ASN J 463 25.01 -16.44 -63.43
C ASN J 463 24.09 -16.86 -62.28
N GLU J 464 24.62 -16.87 -61.06
CA GLU J 464 23.83 -17.25 -59.89
C GLU J 464 22.82 -16.15 -59.58
N SER J 465 21.54 -16.50 -59.67
CA SER J 465 20.47 -15.53 -59.52
C SER J 465 19.72 -15.72 -58.21
N ILE J 466 18.94 -14.72 -57.84
CA ILE J 466 18.23 -14.69 -56.57
C ILE J 466 16.74 -14.69 -56.86
N LEU J 467 16.02 -15.62 -56.23
CA LEU J 467 14.59 -15.70 -56.42
C LEU J 467 13.80 -14.81 -55.46
N ASN J 468 14.28 -14.65 -54.23
CA ASN J 468 13.51 -13.89 -53.25
C ASN J 468 14.47 -13.37 -52.20
N SER J 469 14.02 -12.33 -51.49
CA SER J 469 14.87 -11.65 -50.55
C SER J 469 14.03 -11.19 -49.38
N PHE J 470 14.63 -11.23 -48.20
CA PHE J 470 13.88 -10.93 -46.99
C PHE J 470 14.70 -10.01 -46.10
N VAL J 471 14.06 -9.30 -45.18
CA VAL J 471 14.77 -8.37 -44.31
C VAL J 471 14.42 -8.68 -42.87
N SER J 472 15.45 -8.72 -42.02
CA SER J 472 15.26 -8.86 -40.59
C SER J 472 16.48 -8.26 -39.90
N GLN J 473 16.35 -7.02 -39.44
CA GLN J 473 17.34 -6.58 -38.47
C GLN J 473 17.07 -7.30 -37.15
N TYR J 474 18.14 -7.55 -36.41
CA TYR J 474 17.98 -8.32 -35.19
C TYR J 474 18.88 -7.75 -34.11
N ILE J 475 18.27 -7.50 -32.96
CA ILE J 475 19.00 -7.04 -31.78
C ILE J 475 19.11 -8.23 -30.82
N PRO J 476 20.30 -8.71 -30.52
CA PRO J 476 20.45 -9.72 -29.48
C PRO J 476 20.32 -9.09 -28.12
N PRO J 477 19.79 -9.81 -27.13
CA PRO J 477 19.57 -9.22 -25.81
C PRO J 477 20.86 -8.99 -25.04
N SER J 478 21.58 -7.92 -25.40
CA SER J 478 22.93 -7.71 -24.88
C SER J 478 22.90 -7.31 -23.41
N ARG J 479 22.20 -6.22 -23.09
CA ARG J 479 22.12 -5.78 -21.71
C ARG J 479 21.38 -6.77 -20.82
N GLU J 480 20.47 -7.55 -21.39
CA GLU J 480 19.87 -8.65 -20.65
C GLU J 480 20.93 -9.70 -20.30
N MET J 481 21.87 -9.94 -21.21
CA MET J 481 22.94 -10.88 -20.90
C MET J 481 23.94 -10.30 -19.92
N THR J 482 24.05 -8.98 -19.86
CA THR J 482 24.93 -8.39 -18.85
C THR J 482 24.27 -8.44 -17.48
N LYS J 483 22.97 -8.16 -17.42
CA LYS J 483 22.30 -7.86 -16.15
C LYS J 483 22.22 -9.08 -15.26
N ASP J 484 21.92 -10.25 -15.83
CA ASP J 484 21.89 -11.45 -15.01
C ASP J 484 23.28 -11.89 -14.60
N LEU J 485 24.30 -11.59 -15.41
CA LEU J 485 25.64 -11.96 -15.02
C LEU J 485 26.20 -11.07 -13.94
N THR J 486 25.64 -9.85 -13.80
CA THR J 486 25.93 -9.03 -12.61
C THR J 486 25.54 -9.75 -11.34
N GLU J 487 24.30 -10.22 -11.25
CA GLU J 487 23.90 -10.89 -10.01
C GLU J 487 24.48 -12.30 -9.92
N LEU J 488 24.90 -12.88 -11.05
CA LEU J 488 25.73 -14.08 -11.03
C LEU J 488 27.04 -13.85 -10.28
N TRP J 489 27.73 -12.77 -10.61
CA TRP J 489 28.93 -12.41 -9.85
C TRP J 489 28.59 -12.12 -8.39
N GLU J 490 27.46 -11.46 -8.15
CA GLU J 490 27.08 -11.07 -6.80
C GLU J 490 26.82 -12.28 -5.92
N SER J 491 26.12 -13.28 -6.44
CA SER J 491 25.81 -14.48 -5.66
C SER J 491 27.06 -15.30 -5.40
N GLU J 492 27.94 -15.41 -6.40
CA GLU J 492 29.14 -16.22 -6.25
C GLU J 492 30.11 -15.61 -5.26
N LEU J 493 30.32 -14.30 -5.33
CA LEU J 493 31.21 -13.67 -4.38
C LEU J 493 30.53 -13.29 -3.08
N PHE J 494 29.22 -13.50 -2.95
CA PHE J 494 28.61 -13.60 -1.63
C PHE J 494 28.76 -14.98 -1.02
N ASN J 495 28.86 -16.02 -1.83
CA ASN J 495 28.85 -17.38 -1.31
C ASN J 495 30.24 -17.92 -0.99
N THR J 496 31.15 -17.98 -1.97
CA THR J 496 32.42 -18.65 -1.69
C THR J 496 33.33 -17.80 -0.84
N PHE J 497 33.14 -16.48 -0.88
CA PHE J 497 33.69 -15.58 0.12
C PHE J 497 32.50 -14.99 0.84
N LYS J 498 32.43 -15.19 2.15
CA LYS J 498 31.24 -14.81 2.92
C LYS J 498 31.18 -13.30 3.04
N LEU J 499 30.35 -12.69 2.20
CA LEU J 499 30.17 -11.24 2.21
C LEU J 499 28.72 -10.93 2.57
N THR J 500 28.52 -10.36 3.75
CA THR J 500 27.17 -10.03 4.20
C THR J 500 26.91 -8.56 3.95
N PRO J 501 26.02 -8.21 3.02
CA PRO J 501 25.75 -6.80 2.77
C PRO J 501 24.93 -6.13 3.86
N VAL J 502 25.58 -5.28 4.65
CA VAL J 502 24.91 -4.49 5.67
C VAL J 502 24.06 -3.45 4.95
N VAL J 503 22.73 -3.62 5.02
CA VAL J 503 21.83 -2.81 4.22
C VAL J 503 20.81 -2.10 5.08
N ASP J 504 20.16 -1.09 4.51
CA ASP J 504 19.02 -0.42 5.12
C ASP J 504 17.74 -1.04 4.57
N ASN J 505 16.59 -0.53 5.01
CA ASN J 505 15.31 -0.99 4.51
C ASN J 505 15.17 -0.62 3.04
N GLN J 506 15.06 -1.65 2.20
CA GLN J 506 15.19 -1.56 0.73
C GLN J 506 16.49 -0.86 0.34
N GLY J 507 17.58 -1.27 0.99
CA GLY J 507 18.89 -0.73 0.70
C GLY J 507 19.53 -1.52 -0.44
N GLN J 508 20.17 -0.78 -1.35
CA GLN J 508 20.79 -1.39 -2.53
C GLN J 508 22.27 -1.62 -2.25
N ARG J 509 22.54 -2.52 -1.30
CA ARG J 509 23.86 -3.10 -1.02
C ARG J 509 24.87 -2.02 -0.67
N LEU J 510 24.60 -1.32 0.42
CA LEU J 510 25.35 -0.11 0.73
C LEU J 510 26.65 -0.36 1.46
N TYR J 511 26.73 -1.40 2.31
CA TYR J 511 27.92 -1.62 3.10
C TYR J 511 28.28 -3.10 3.03
N VAL J 512 29.19 -3.45 2.14
CA VAL J 512 29.58 -4.83 1.92
C VAL J 512 30.80 -5.12 2.76
N ARG J 513 30.69 -6.08 3.66
CA ARG J 513 31.62 -6.25 4.75
C ARG J 513 32.08 -7.70 4.84
N TYR J 514 33.30 -7.88 5.33
CA TYR J 514 33.79 -9.21 5.67
C TYR J 514 32.97 -9.79 6.81
N SER J 515 32.92 -11.11 6.83
CA SER J 515 32.15 -11.89 7.78
C SER J 515 33.06 -12.41 8.88
N SER J 516 32.49 -13.26 9.72
CA SER J 516 33.29 -14.03 10.66
C SER J 516 34.14 -15.05 9.92
N ASP J 517 33.50 -15.89 9.11
CA ASP J 517 34.21 -17.03 8.54
C ASP J 517 35.02 -16.67 7.31
N THR J 518 34.73 -15.55 6.66
CA THR J 518 35.49 -15.26 5.45
C THR J 518 36.88 -14.74 5.78
N ILE J 519 37.10 -14.23 6.99
CA ILE J 519 38.47 -13.92 7.35
C ILE J 519 39.22 -15.21 7.67
N SER J 520 38.51 -16.24 8.15
CA SER J 520 39.11 -17.55 8.34
C SER J 520 39.41 -18.24 7.02
N ILE J 521 38.71 -17.86 5.95
CA ILE J 521 38.98 -18.49 4.66
C ILE J 521 39.87 -17.61 3.75
N LEU J 522 40.07 -16.34 4.09
CA LEU J 522 41.01 -15.51 3.34
C LEU J 522 42.27 -15.18 4.14
N LEU J 523 42.13 -14.48 5.26
CA LEU J 523 43.29 -14.09 6.03
C LEU J 523 43.71 -15.17 7.00
N GLY J 524 42.81 -16.10 7.29
CA GLY J 524 43.13 -17.34 7.97
C GLY J 524 44.29 -18.09 7.33
N PRO J 525 44.16 -18.47 6.06
CA PRO J 525 45.32 -19.05 5.38
C PRO J 525 46.42 -18.05 5.10
N PHE J 526 46.09 -16.78 4.87
CA PHE J 526 47.09 -15.80 4.46
C PHE J 526 48.11 -15.52 5.56
N THR J 527 47.64 -15.01 6.68
CA THR J 527 48.49 -14.61 7.79
C THR J 527 49.19 -15.78 8.47
N TYR J 528 48.82 -17.02 8.18
CA TYR J 528 49.40 -18.16 8.87
C TYR J 528 50.14 -19.13 7.97
N LEU J 529 49.91 -19.13 6.66
CA LEU J 529 50.48 -20.14 5.80
C LEU J 529 51.43 -19.56 4.76
N VAL J 530 50.98 -18.60 3.96
CA VAL J 530 51.89 -18.00 2.99
C VAL J 530 52.63 -16.82 3.61
N ALA J 531 52.04 -16.17 4.62
CA ALA J 531 52.77 -15.28 5.48
C ALA J 531 53.02 -16.01 6.80
N GLU J 532 54.25 -15.88 7.30
CA GLU J 532 54.71 -16.70 8.42
C GLU J 532 54.49 -15.99 9.75
N LEU J 533 53.46 -15.17 9.84
CA LEU J 533 53.15 -14.43 11.06
C LEU J 533 52.61 -15.38 12.11
N SER J 534 53.51 -15.88 12.96
CA SER J 534 53.08 -16.82 14.01
C SER J 534 52.22 -16.18 15.10
N PRO J 535 52.66 -15.16 15.84
CA PRO J 535 51.90 -14.79 17.04
C PRO J 535 50.70 -13.89 16.77
N VAL J 536 50.25 -13.76 15.53
CA VAL J 536 49.09 -12.93 15.24
C VAL J 536 47.82 -13.75 15.37
N GLU J 537 46.70 -13.06 15.52
CA GLU J 537 45.40 -13.68 15.69
C GLU J 537 44.47 -13.20 14.61
N LEU J 538 43.34 -13.88 14.45
CA LEU J 538 42.26 -13.33 13.64
C LEU J 538 41.45 -12.39 14.52
N VAL J 539 40.44 -11.74 13.92
CA VAL J 539 39.73 -10.68 14.61
C VAL J 539 38.25 -11.03 14.68
N THR J 540 37.45 -10.12 15.22
CA THR J 540 36.02 -10.31 15.30
C THR J 540 35.33 -9.65 14.11
N ASP J 541 34.00 -9.68 14.15
CA ASP J 541 33.21 -8.86 13.25
C ASP J 541 33.39 -7.38 13.56
N VAL J 542 33.15 -7.00 14.83
CA VAL J 542 33.23 -5.59 15.22
C VAL J 542 34.65 -5.10 15.39
N TYR J 543 35.64 -5.99 15.39
CA TYR J 543 37.02 -5.54 15.32
C TYR J 543 37.37 -4.97 13.95
N ALA J 544 36.73 -5.48 12.89
CA ALA J 544 36.94 -4.99 11.54
C ALA J 544 35.89 -4.00 11.10
N THR J 545 34.70 -4.05 11.68
CA THR J 545 33.63 -3.13 11.32
C THR J 545 33.84 -1.74 11.88
N LEU J 546 34.25 -1.63 13.13
CA LEU J 546 34.23 -0.36 13.84
C LEU J 546 35.38 0.53 13.37
N GLY J 547 35.45 1.72 13.96
CA GLY J 547 36.52 2.65 13.60
C GLY J 547 37.87 2.14 14.08
N ILE J 548 38.89 2.46 13.30
CA ILE J 548 40.23 1.92 13.55
C ILE J 548 40.84 2.58 14.79
N VAL J 549 40.35 3.76 15.18
CA VAL J 549 40.62 4.24 16.53
C VAL J 549 39.51 3.87 17.51
N GLU J 550 38.31 3.59 17.02
CA GLU J 550 37.24 3.13 17.89
C GLU J 550 37.37 1.65 18.24
N ILE J 551 38.31 0.92 17.66
CA ILE J 551 38.58 -0.42 18.16
C ILE J 551 39.62 -0.36 19.26
N ILE J 552 40.33 0.76 19.39
CA ILE J 552 41.39 0.87 20.39
C ILE J 552 40.80 0.93 21.79
N ASP J 553 39.87 1.86 22.00
CA ASP J 553 39.19 1.93 23.27
C ASP J 553 38.28 0.74 23.51
N GLU J 554 37.89 0.03 22.44
CA GLU J 554 37.12 -1.19 22.63
C GLU J 554 38.00 -2.36 23.06
N LEU J 555 39.23 -2.42 22.55
CA LEU J 555 40.24 -3.32 23.10
C LEU J 555 40.52 -2.97 24.55
N TYR J 556 40.60 -1.68 24.83
CA TYR J 556 40.77 -1.17 26.19
C TYR J 556 39.62 -1.60 27.08
N ARG J 557 38.40 -1.65 26.54
CA ARG J 557 37.23 -2.10 27.29
C ARG J 557 37.32 -3.56 27.72
N SER J 558 38.16 -4.35 27.07
CA SER J 558 38.47 -5.71 27.52
C SER J 558 39.98 -5.95 27.60
N SER J 559 40.71 -4.98 28.12
CA SER J 559 42.16 -5.08 28.23
C SER J 559 42.59 -5.37 29.66
N ARG J 560 43.80 -5.91 29.79
CA ARG J 560 44.35 -6.25 31.11
C ARG J 560 44.59 -5.01 31.96
N LEU J 561 45.14 -3.95 31.37
CA LEU J 561 45.38 -2.70 32.09
C LEU J 561 44.08 -2.08 32.58
N ALA J 562 43.08 -1.96 31.70
CA ALA J 562 41.88 -1.26 32.13
C ALA J 562 41.02 -2.11 33.04
N ILE J 563 41.17 -3.42 33.03
CA ILE J 563 40.54 -4.21 34.09
C ILE J 563 41.29 -4.02 35.40
N TYR J 564 42.62 -3.86 35.35
CA TYR J 564 43.34 -3.45 36.55
C TYR J 564 42.93 -2.07 37.04
N ILE J 565 42.54 -1.18 36.13
CA ILE J 565 42.06 0.15 36.50
C ILE J 565 40.63 0.07 37.03
N GLU J 566 39.81 -0.80 36.46
CA GLU J 566 38.48 -1.06 37.03
C GLU J 566 38.57 -1.89 38.30
N ASP J 567 39.64 -2.65 38.48
CA ASP J 567 39.96 -3.16 39.80
C ASP J 567 40.23 -2.01 40.75
N LEU J 568 41.00 -1.02 40.29
CA LEU J 568 41.15 0.23 41.02
C LEU J 568 39.89 1.08 40.96
N GLY J 569 38.97 0.78 40.03
CA GLY J 569 37.64 1.39 40.00
C GLY J 569 36.87 1.24 41.29
N ARG J 570 37.08 0.15 42.01
CA ARG J 570 36.66 0.02 43.38
C ARG J 570 37.93 0.20 44.22
N LYS J 571 38.27 1.47 44.46
CA LYS J 571 39.49 1.91 45.18
C LYS J 571 40.80 1.32 44.64
N ALA K 18 30.20 53.68 -27.30
CA ALA K 18 28.82 53.54 -26.87
C ALA K 18 28.16 52.33 -27.51
N ILE K 19 27.53 51.47 -26.70
CA ILE K 19 26.79 50.33 -27.23
C ILE K 19 25.40 50.30 -26.60
N PRO K 20 24.34 50.16 -27.41
CA PRO K 20 22.98 50.17 -26.83
C PRO K 20 22.68 48.89 -26.06
N VAL K 21 21.88 49.05 -25.00
CA VAL K 21 21.58 47.96 -24.08
C VAL K 21 20.08 47.68 -24.09
N HIS K 22 19.28 48.70 -23.75
CA HIS K 22 17.84 48.47 -23.60
C HIS K 22 17.10 48.25 -24.92
N PRO K 23 17.05 49.23 -25.86
CA PRO K 23 16.04 49.11 -26.92
C PRO K 23 16.48 48.25 -28.10
N THR K 24 17.50 47.43 -27.91
CA THR K 24 17.89 46.46 -28.90
C THR K 24 16.76 45.42 -29.05
N PRO K 25 16.60 44.82 -30.23
CA PRO K 25 15.50 43.84 -30.40
C PRO K 25 15.61 42.61 -29.52
N ALA K 26 16.82 42.10 -29.28
CA ALA K 26 16.96 40.95 -28.39
C ALA K 26 16.65 41.31 -26.95
N SER K 27 17.04 42.50 -26.50
CA SER K 27 16.74 42.88 -25.13
C SER K 27 15.28 43.22 -24.93
N VAL K 28 14.58 43.75 -25.92
CA VAL K 28 13.15 43.98 -25.72
C VAL K 28 12.39 42.67 -25.87
N ARG K 29 12.92 41.72 -26.64
CA ARG K 29 12.39 40.35 -26.59
C ARG K 29 12.58 39.75 -25.20
N LEU K 30 13.67 40.11 -24.52
CA LEU K 30 13.85 39.70 -23.14
C LEU K 30 12.87 40.39 -22.21
N PHE K 31 12.71 41.71 -22.34
CA PHE K 31 11.80 42.47 -21.49
C PHE K 31 10.34 42.14 -21.72
N GLU K 32 10.01 41.51 -22.84
CA GLU K 32 8.64 41.08 -23.07
C GLU K 32 8.23 39.99 -22.08
N ILE K 33 9.16 39.09 -21.73
CA ILE K 33 8.84 37.93 -20.91
C ILE K 33 8.53 38.30 -19.47
N LEU K 34 8.82 39.54 -19.07
CA LEU K 34 8.16 40.14 -17.92
C LEU K 34 6.65 39.99 -18.01
N GLN K 35 6.07 40.32 -19.15
CA GLN K 35 4.68 40.02 -19.40
C GLN K 35 4.61 38.65 -20.07
N GLY K 36 3.44 38.29 -20.58
CA GLY K 36 3.26 36.97 -21.16
C GLY K 36 3.06 36.92 -22.65
N LYS K 37 3.55 37.90 -23.42
CA LYS K 37 3.07 38.09 -24.79
C LYS K 37 3.53 37.00 -25.75
N TYR K 38 4.72 36.44 -25.56
CA TYR K 38 5.20 35.49 -26.56
C TYR K 38 5.01 34.04 -26.12
N ALA K 39 5.57 33.67 -24.98
CA ALA K 39 5.40 32.32 -24.47
C ALA K 39 5.07 32.39 -22.99
N TYR K 40 4.27 31.42 -22.54
CA TYR K 40 3.86 31.41 -21.15
C TYR K 40 3.45 30.00 -20.79
N VAL K 41 3.88 29.57 -19.61
CA VAL K 41 3.56 28.26 -19.07
C VAL K 41 3.18 28.42 -17.61
N GLN K 42 2.91 27.29 -16.97
CA GLN K 42 2.47 27.29 -15.58
C GLN K 42 3.57 27.75 -14.62
N GLY K 43 4.84 27.51 -14.98
CA GLY K 43 5.93 27.88 -14.10
C GLY K 43 6.12 29.38 -13.95
N GLN K 44 5.65 30.16 -14.92
CA GLN K 44 5.82 31.60 -14.90
C GLN K 44 4.91 32.28 -13.87
N THR K 45 4.00 31.54 -13.26
CA THR K 45 3.15 32.12 -12.24
C THR K 45 3.91 32.32 -10.95
N ILE K 46 4.94 31.50 -10.71
CA ILE K 46 5.88 31.76 -9.63
C ILE K 46 6.56 33.11 -9.77
N TYR K 47 6.83 33.52 -11.00
CA TYR K 47 7.45 34.82 -11.25
C TYR K 47 6.53 35.98 -10.88
N ALA K 48 5.23 35.82 -11.09
CA ALA K 48 4.31 36.83 -10.60
C ALA K 48 4.10 36.73 -9.09
N ASN K 49 4.44 35.59 -8.48
CA ASN K 49 4.17 35.42 -7.05
C ASN K 49 5.12 36.26 -6.22
N LEU K 50 6.40 36.23 -6.54
CA LEU K 50 7.31 37.15 -5.87
C LEU K 50 7.33 38.52 -6.53
N ARG K 51 6.62 38.69 -7.64
CA ARG K 51 6.36 40.04 -8.14
C ARG K 51 5.33 40.77 -7.30
N ASN K 52 4.63 40.07 -6.42
CA ASN K 52 3.71 40.70 -5.50
C ASN K 52 4.47 41.60 -4.54
N PRO K 53 4.09 42.85 -4.42
CA PRO K 53 4.58 43.65 -3.29
C PRO K 53 3.84 43.30 -2.01
N GLY K 54 4.01 44.12 -0.99
CA GLY K 54 3.32 43.85 0.24
C GLY K 54 4.28 43.48 1.34
N VAL K 55 5.25 42.64 1.02
CA VAL K 55 6.33 42.37 1.97
C VAL K 55 7.21 43.59 2.13
N PHE K 56 7.23 44.47 1.12
CA PHE K 56 7.85 45.77 1.29
C PHE K 56 7.04 46.65 2.22
N SER K 57 5.71 46.51 2.20
CA SER K 57 4.93 47.23 3.19
C SER K 57 5.13 46.63 4.56
N ARG K 58 5.34 45.31 4.63
CA ARG K 58 5.70 44.66 5.88
C ARG K 58 7.01 45.21 6.42
N GLN K 59 7.97 45.48 5.53
CA GLN K 59 9.26 46.06 5.88
C GLN K 59 9.11 47.40 6.59
N VAL K 60 8.53 48.38 5.89
CA VAL K 60 8.39 49.72 6.44
C VAL K 60 7.41 49.74 7.61
N PHE K 61 6.43 48.82 7.60
CA PHE K 61 5.48 48.65 8.68
C PHE K 61 6.16 48.27 9.97
N THR K 62 6.93 47.17 9.96
CA THR K 62 7.54 46.72 11.20
C THR K 62 8.72 47.60 11.58
N HIS K 63 9.31 48.32 10.60
CA HIS K 63 10.39 49.24 10.95
C HIS K 63 9.86 50.43 11.71
N LEU K 64 8.78 51.05 11.23
CA LEU K 64 8.25 52.21 11.93
C LEU K 64 7.55 51.77 13.21
N PHE K 65 7.02 50.55 13.23
CA PHE K 65 6.46 49.99 14.46
C PHE K 65 7.56 49.79 15.51
N LYS K 66 8.73 49.32 15.07
CA LYS K 66 9.88 49.19 15.95
C LYS K 66 10.36 50.54 16.43
N ARG K 67 10.35 51.55 15.54
CA ARG K 67 10.72 52.90 15.93
C ARG K 67 9.73 53.49 16.92
N ALA K 68 8.47 53.07 16.83
CA ALA K 68 7.48 53.50 17.80
C ALA K 68 7.72 52.87 19.15
N ILE K 69 7.81 51.53 19.19
CA ILE K 69 7.84 50.84 20.48
C ILE K 69 9.19 51.01 21.18
N SER K 70 10.27 51.28 20.45
CA SER K 70 11.57 51.47 21.09
C SER K 70 11.64 52.78 21.86
N HIS K 71 10.99 53.83 21.37
CA HIS K 71 11.10 55.15 22.00
C HIS K 71 10.22 55.32 23.22
N CYS K 72 9.63 54.24 23.74
CA CYS K 72 9.00 54.29 25.05
C CYS K 72 10.06 54.47 26.13
N THR K 73 9.65 55.10 27.22
CA THR K 73 10.52 55.25 28.39
C THR K 73 9.89 54.50 29.56
N TYR K 74 10.75 54.04 30.47
CA TYR K 74 10.26 53.30 31.63
C TYR K 74 9.52 54.19 32.60
N ASP K 75 9.99 55.42 32.78
CA ASP K 75 9.41 56.32 33.77
C ASP K 75 8.05 56.85 33.35
N ASP K 76 7.72 56.81 32.06
CA ASP K 76 6.39 57.27 31.65
C ASP K 76 5.32 56.24 31.99
N VAL K 77 5.66 54.95 32.00
CA VAL K 77 4.63 53.94 32.17
C VAL K 77 4.50 53.46 33.61
N LEU K 78 5.55 53.60 34.43
CA LEU K 78 5.45 53.16 35.82
C LEU K 78 4.55 54.10 36.62
N HIS K 79 4.69 55.41 36.41
CA HIS K 79 3.77 56.31 37.10
C HIS K 79 2.41 56.31 36.43
N ASP K 80 2.34 55.86 35.17
CA ASP K 80 1.04 55.61 34.55
C ASP K 80 0.32 54.47 35.26
N TRP K 81 1.05 53.42 35.63
CA TRP K 81 0.45 52.37 36.44
C TRP K 81 0.10 52.86 37.84
N ASN K 82 0.92 53.77 38.38
CA ASN K 82 0.65 54.36 39.70
C ASN K 82 -0.66 55.15 39.69
N LYS K 83 -0.84 56.01 38.69
CA LYS K 83 -2.10 56.75 38.56
C LYS K 83 -3.25 55.83 38.17
N PHE K 84 -2.94 54.72 37.49
CA PHE K 84 -3.96 53.72 37.19
C PHE K 84 -4.48 53.05 38.46
N GLU K 85 -3.58 52.79 39.41
CA GLU K 85 -4.02 52.29 40.72
C GLU K 85 -4.76 53.36 41.52
N ALA K 86 -4.35 54.62 41.36
CA ALA K 86 -5.10 55.74 41.95
C ALA K 86 -6.50 55.85 41.38
N CYS K 87 -6.70 55.43 40.13
CA CYS K 87 -8.03 55.40 39.55
C CYS K 87 -8.90 54.31 40.16
N ILE K 88 -8.34 53.14 40.46
CA ILE K 88 -9.16 52.02 40.89
C ILE K 88 -9.40 52.03 42.40
N GLN K 89 -8.54 52.69 43.18
CA GLN K 89 -8.77 52.74 44.62
C GLN K 89 -9.99 53.56 45.00
N LYS K 90 -10.32 54.59 44.23
CA LYS K 90 -11.54 55.35 44.50
C LYS K 90 -12.77 54.65 43.96
N ARG K 91 -12.60 53.66 43.08
CA ARG K 91 -13.71 52.84 42.62
C ARG K 91 -13.82 51.55 43.41
N TRP K 92 -12.70 50.98 43.83
CA TRP K 92 -12.71 49.80 44.68
C TRP K 92 -11.57 49.86 45.70
N ASP K 96 -8.91 44.55 50.54
CA ASP K 96 -7.69 44.86 51.27
C ASP K 96 -6.70 43.71 51.14
N SER K 97 -6.95 42.65 51.90
CA SER K 97 -6.19 41.41 51.71
C SER K 97 -6.58 40.76 50.39
N CYS K 98 -7.85 40.83 50.01
CA CYS K 98 -8.29 40.40 48.69
C CYS K 98 -7.83 41.37 47.61
N ALA K 99 -7.53 42.62 47.99
CA ALA K 99 -7.04 43.60 47.03
C ALA K 99 -5.67 43.27 46.48
N SER K 100 -4.93 42.35 47.11
CA SER K 100 -3.69 41.86 46.53
C SER K 100 -3.94 41.18 45.19
N ARG K 101 -4.79 40.16 45.18
CA ARG K 101 -5.10 39.49 43.93
C ARG K 101 -6.02 40.33 43.05
N PHE K 102 -6.81 41.23 43.64
CA PHE K 102 -7.56 42.20 42.83
C PHE K 102 -6.61 43.13 42.06
N ARG K 103 -5.58 43.64 42.72
CA ARG K 103 -4.62 44.50 42.07
C ARG K 103 -3.78 43.75 41.06
N GLU K 104 -3.48 42.48 41.34
CA GLU K 104 -2.76 41.68 40.36
C GLU K 104 -3.60 41.43 39.11
N SER K 105 -4.86 41.08 39.30
CA SER K 105 -5.79 40.88 38.17
C SER K 105 -6.00 42.16 37.37
N THR K 106 -6.17 43.31 38.04
CA THR K 106 -6.39 44.52 37.28
C THR K 106 -5.12 45.02 36.60
N PHE K 107 -3.94 44.66 37.11
CA PHE K 107 -2.72 45.02 36.42
C PHE K 107 -2.48 44.12 35.22
N GLU K 108 -2.87 42.84 35.33
CA GLU K 108 -2.79 41.93 34.18
C GLU K 108 -3.72 42.38 33.07
N SER K 109 -4.97 42.70 33.42
CA SER K 109 -5.91 43.19 32.42
C SER K 109 -5.51 44.58 31.94
N TRP K 110 -4.79 45.33 32.76
CA TRP K 110 -4.26 46.62 32.34
C TRP K 110 -3.17 46.44 31.29
N SER K 111 -2.35 45.40 31.46
CA SER K 111 -1.37 45.07 30.43
C SER K 111 -2.04 44.64 29.13
N THR K 112 -3.11 43.85 29.26
CA THR K 112 -3.85 43.39 28.08
C THR K 112 -4.50 44.57 27.35
N THR K 113 -5.14 45.47 28.09
CA THR K 113 -5.74 46.62 27.42
C THR K 113 -4.69 47.65 27.04
N MET K 114 -3.49 47.59 27.62
CA MET K 114 -2.41 48.45 27.15
C MET K 114 -1.94 48.00 25.78
N LYS K 115 -1.75 46.69 25.61
CA LYS K 115 -1.47 46.13 24.30
C LYS K 115 -2.60 46.42 23.32
N LEU K 116 -3.84 46.32 23.79
CA LEU K 116 -4.99 46.59 22.92
C LEU K 116 -5.06 48.07 22.53
N THR K 117 -4.78 48.97 23.47
CA THR K 117 -4.98 50.39 23.23
C THR K 117 -3.79 51.00 22.50
N VAL K 118 -2.65 50.30 22.49
CA VAL K 118 -1.65 50.73 21.52
C VAL K 118 -1.97 50.11 20.16
N ARG K 119 -2.46 48.85 20.16
CA ARG K 119 -2.56 48.08 18.93
C ARG K 119 -3.63 48.64 18.01
N ASP K 120 -4.77 49.07 18.55
CA ASP K 120 -5.84 49.58 17.72
C ASP K 120 -5.45 50.89 17.05
N LEU K 121 -4.86 51.82 17.82
CA LEU K 121 -4.50 53.12 17.26
C LEU K 121 -3.35 53.00 16.28
N LEU K 122 -2.41 52.08 16.54
CA LEU K 122 -1.35 51.88 15.56
C LEU K 122 -1.90 51.19 14.32
N THR K 123 -2.90 50.33 14.50
CA THR K 123 -3.55 49.68 13.36
C THR K 123 -4.25 50.70 12.48
N THR K 124 -4.91 51.69 13.08
CA THR K 124 -5.47 52.79 12.29
C THR K 124 -4.40 53.60 11.59
N ASN K 125 -3.45 54.15 12.34
CA ASN K 125 -2.56 55.18 11.79
C ASN K 125 -1.55 54.60 10.82
N ILE K 126 -1.03 53.40 11.10
CA ILE K 126 0.03 52.87 10.25
C ILE K 126 -0.55 52.27 8.98
N TYR K 127 -1.77 51.72 9.05
CA TYR K 127 -2.43 51.31 7.81
C TYR K 127 -2.94 52.53 7.05
N ARG K 128 -3.14 53.66 7.73
CA ARG K 128 -3.49 54.88 7.03
C ARG K 128 -2.31 55.43 6.24
N VAL K 129 -1.14 55.49 6.87
CA VAL K 129 0.02 56.03 6.18
C VAL K 129 0.63 54.98 5.25
N LEU K 130 0.29 53.71 5.49
CA LEU K 130 1.00 52.61 4.85
C LEU K 130 0.50 52.41 3.42
N HIS K 131 -0.80 52.42 3.23
CA HIS K 131 -1.36 52.27 1.90
C HIS K 131 -1.69 53.60 1.26
N SER K 132 -0.90 54.63 1.57
CA SER K 132 -0.93 55.87 0.83
C SER K 132 -0.40 55.67 -0.58
N ARG K 133 -0.50 56.72 -1.40
CA ARG K 133 0.03 56.62 -2.75
C ARG K 133 1.55 56.61 -2.71
N SER K 134 2.13 55.49 -3.12
CA SER K 134 3.57 55.31 -3.16
C SER K 134 4.00 55.24 -4.62
N VAL K 135 4.79 56.23 -5.04
CA VAL K 135 5.25 56.24 -6.43
C VAL K 135 6.31 55.18 -6.65
N LEU K 136 7.00 54.77 -5.59
CA LEU K 136 7.90 53.62 -5.65
C LEU K 136 7.08 52.35 -5.53
N SER K 137 7.42 51.37 -6.35
CA SER K 137 6.74 50.08 -6.33
C SER K 137 7.75 48.95 -6.27
N TYR K 138 7.55 48.04 -5.31
CA TYR K 138 8.32 46.81 -5.27
C TYR K 138 8.07 45.97 -6.52
N GLU K 139 6.82 45.96 -6.99
CA GLU K 139 6.47 45.31 -8.25
C GLU K 139 7.25 45.93 -9.41
N ARG K 140 7.44 47.23 -9.38
CA ARG K 140 8.24 47.85 -10.41
C ARG K 140 9.73 47.66 -10.15
N TYR K 141 10.13 47.15 -8.98
CA TYR K 141 11.54 46.86 -8.77
C TYR K 141 11.92 45.47 -9.24
N VAL K 142 11.18 44.45 -8.78
CA VAL K 142 11.64 43.07 -8.83
C VAL K 142 11.70 42.56 -10.27
N ASP K 143 10.90 43.16 -11.15
CA ASP K 143 10.92 42.78 -12.56
C ASP K 143 12.21 43.22 -13.24
N TRP K 144 12.84 44.28 -12.75
CA TRP K 144 14.08 44.74 -13.36
C TRP K 144 15.26 43.84 -13.05
N ILE K 145 15.44 43.52 -11.77
CA ILE K 145 16.64 42.83 -11.32
C ILE K 145 16.71 41.43 -11.90
N CYS K 146 15.55 40.81 -12.11
CA CYS K 146 15.53 39.53 -12.81
C CYS K 146 15.68 39.68 -14.31
N ALA K 147 15.44 40.88 -14.86
CA ALA K 147 15.53 41.03 -16.30
C ALA K 147 16.96 41.29 -16.76
N THR K 148 17.64 42.22 -16.13
CA THR K 148 18.96 42.57 -16.62
C THR K 148 19.95 42.78 -15.49
N GLY K 149 19.48 42.71 -14.25
CA GLY K 149 20.34 42.96 -13.12
C GLY K 149 20.67 44.42 -12.91
N MET K 150 19.90 45.33 -13.52
CA MET K 150 20.13 46.76 -13.42
C MET K 150 18.83 47.42 -12.98
N VAL K 151 18.96 48.50 -12.21
CA VAL K 151 17.83 49.31 -11.79
C VAL K 151 18.06 50.73 -12.27
N PRO K 152 17.08 51.35 -12.88
CA PRO K 152 17.15 52.79 -13.09
C PRO K 152 16.77 53.53 -11.82
N ALA K 153 17.73 54.22 -11.21
CA ALA K 153 17.52 54.90 -9.94
C ALA K 153 17.38 56.39 -10.16
N VAL K 154 16.14 56.89 -10.17
CA VAL K 154 15.85 58.29 -10.39
C VAL K 154 15.22 58.87 -9.12
N LYS K 155 15.73 60.03 -8.69
CA LYS K 155 15.26 60.74 -7.51
C LYS K 155 14.23 61.76 -7.98
N LYS K 156 12.94 61.42 -7.85
CA LYS K 156 11.88 62.29 -8.33
C LYS K 156 11.62 63.37 -7.30
N PRO K 157 11.89 64.64 -7.61
CA PRO K 157 11.97 65.65 -6.54
C PRO K 157 10.64 66.16 -6.02
N ILE K 158 9.51 65.75 -6.61
CA ILE K 158 8.21 66.21 -6.09
C ILE K 158 7.90 65.48 -4.79
N THR K 159 7.70 66.24 -3.71
CA THR K 159 7.48 65.66 -2.40
C THR K 159 6.37 66.39 -1.63
N GLN K 160 5.34 66.82 -2.36
CA GLN K 160 4.26 67.56 -1.73
C GLN K 160 2.95 66.79 -1.62
N GLU K 161 2.99 65.47 -1.68
CA GLU K 161 1.76 64.70 -1.51
C GLU K 161 1.45 64.44 -0.04
N LEU K 162 2.48 64.26 0.78
CA LEU K 162 2.30 63.69 2.12
C LEU K 162 1.66 64.68 3.09
N HIS K 163 2.13 65.93 3.11
CA HIS K 163 1.57 66.90 4.04
C HIS K 163 0.18 67.33 3.61
N SER K 164 -0.11 67.24 2.31
CA SER K 164 -1.44 67.54 1.82
C SER K 164 -2.42 66.45 2.17
N LYS K 165 -2.01 65.18 2.05
CA LYS K 165 -2.95 64.09 2.29
C LYS K 165 -3.15 63.83 3.77
N ILE K 166 -2.14 64.11 4.59
CA ILE K 166 -2.25 63.94 6.04
C ILE K 166 -1.41 65.02 6.71
N LYS K 167 -2.04 65.81 7.58
CA LYS K 167 -1.38 66.93 8.22
C LYS K 167 -1.30 66.78 9.73
N SER K 168 -2.44 66.64 10.40
CA SER K 168 -2.54 66.61 11.85
C SER K 168 -3.91 66.09 12.25
N LEU K 169 -4.10 65.82 13.55
CA LEU K 169 -5.30 65.32 14.22
C LEU K 169 -5.70 63.89 13.82
N ARG K 170 -4.97 63.25 12.89
CA ARG K 170 -5.21 61.83 12.63
C ARG K 170 -4.65 60.99 13.77
N ASP K 171 -3.62 61.50 14.43
CA ASP K 171 -3.14 60.90 15.66
C ASP K 171 -3.93 61.36 16.88
N ARG K 172 -4.67 62.46 16.76
CA ARG K 172 -5.29 63.06 17.93
C ARG K 172 -6.77 62.76 18.06
N CYS K 173 -7.51 62.66 16.95
CA CYS K 173 -8.96 62.44 17.03
C CYS K 173 -9.28 61.03 17.51
N VAL K 174 -8.40 60.07 17.26
CA VAL K 174 -8.65 58.69 17.69
C VAL K 174 -8.35 58.47 19.16
N CYS K 175 -7.63 59.37 19.81
CA CYS K 175 -7.21 59.16 21.19
C CYS K 175 -7.88 60.09 22.19
N ARG K 176 -8.79 60.97 21.75
CA ARG K 176 -9.48 61.85 22.67
C ARG K 176 -10.54 61.06 23.43
N GLU K 177 -10.19 60.62 24.64
CA GLU K 177 -11.04 59.74 25.44
C GLU K 177 -11.04 60.25 26.88
N LEU K 178 -11.55 59.41 27.79
CA LEU K 178 -11.57 59.75 29.21
C LEU K 178 -10.17 59.64 29.81
N GLY K 179 -9.60 58.45 29.81
CA GLY K 179 -8.35 58.20 30.49
C GLY K 179 -7.16 58.78 29.76
N HIS K 180 -6.64 59.89 30.26
CA HIS K 180 -5.54 60.60 29.60
C HIS K 180 -4.24 59.83 29.83
N GLU K 181 -4.04 58.78 29.04
CA GLU K 181 -2.85 57.94 29.12
C GLU K 181 -1.70 58.67 28.47
N ARG K 182 -0.68 59.00 29.26
CA ARG K 182 0.48 59.68 28.70
C ARG K 182 1.36 58.74 27.89
N THR K 183 1.15 57.43 27.99
CA THR K 183 1.92 56.48 27.19
C THR K 183 1.57 56.59 25.72
N ILE K 184 0.29 56.65 25.37
CA ILE K 184 -0.08 56.84 23.97
C ILE K 184 0.17 58.26 23.52
N ARG K 185 0.01 59.23 24.42
CA ARG K 185 0.35 60.62 24.11
C ARG K 185 1.85 60.84 23.95
N SER K 186 2.66 59.89 24.40
CA SER K 186 4.09 59.95 24.14
C SER K 186 4.48 59.18 22.88
N ILE K 187 3.91 57.99 22.68
CA ILE K 187 4.34 57.15 21.58
C ILE K 187 3.75 57.60 20.25
N GLY K 188 2.51 58.09 20.22
CA GLY K 188 1.84 58.36 18.98
C GLY K 188 2.40 59.59 18.28
N THR K 189 2.77 60.61 19.07
CA THR K 189 3.35 61.82 18.51
C THR K 189 4.72 61.57 17.89
N GLU K 190 5.58 60.81 18.57
CA GLU K 190 6.89 60.54 18.01
C GLU K 190 6.82 59.59 16.82
N LEU K 191 5.90 58.63 16.81
CA LEU K 191 5.75 57.85 15.58
C LEU K 191 5.11 58.66 14.47
N TYR K 192 4.22 59.60 14.80
CA TYR K 192 3.53 60.41 13.82
C TYR K 192 4.49 61.36 13.11
N GLU K 193 5.45 61.92 13.87
CA GLU K 193 6.51 62.65 13.20
C GLU K 193 7.51 61.72 12.53
N ALA K 194 7.68 60.49 13.04
CA ALA K 194 8.63 59.57 12.44
C ALA K 194 8.14 59.04 11.11
N THR K 195 6.82 58.87 10.95
CA THR K 195 6.26 58.39 9.69
C THR K 195 6.50 59.37 8.56
N LYS K 196 6.48 60.67 8.87
CA LYS K 196 6.76 61.69 7.87
C LYS K 196 8.20 61.64 7.37
N GLU K 197 9.13 61.16 8.19
CA GLU K 197 10.49 60.98 7.73
C GLU K 197 10.65 59.79 6.80
N ILE K 198 9.84 58.75 6.97
CA ILE K 198 10.03 57.50 6.26
C ILE K 198 9.21 57.44 4.98
N ILE K 199 8.03 58.08 4.97
CA ILE K 199 7.28 58.20 3.71
C ILE K 199 8.01 59.13 2.75
N GLU K 200 8.76 60.10 3.29
CA GLU K 200 9.56 61.03 2.50
C GLU K 200 10.66 60.30 1.75
N SER K 201 11.34 59.39 2.44
CA SER K 201 12.45 58.66 1.84
C SER K 201 11.98 57.75 0.71
N LEU K 202 10.82 57.12 0.89
CA LEU K 202 10.37 56.19 -0.13
C LEU K 202 9.76 56.95 -1.31
N ASN K 203 9.05 58.05 -1.06
CA ASN K 203 8.38 58.70 -2.16
C ASN K 203 9.27 59.71 -2.85
N SER K 204 10.43 60.00 -2.27
CA SER K 204 11.43 60.82 -2.95
C SER K 204 12.05 60.08 -4.13
N THR K 205 12.11 58.76 -4.03
CA THR K 205 12.72 57.95 -5.08
C THR K 205 11.68 57.57 -6.12
N PHE K 206 12.17 56.97 -7.21
CA PHE K 206 11.29 56.48 -8.26
C PHE K 206 11.99 55.37 -9.02
N ILE K 207 11.23 54.35 -9.40
CA ILE K 207 11.66 53.34 -10.36
C ILE K 207 10.76 53.48 -11.59
N PRO K 208 11.30 53.66 -12.76
CA PRO K 208 10.44 53.80 -13.93
C PRO K 208 10.10 52.49 -14.60
N GLN K 209 9.32 52.58 -15.67
CA GLN K 209 8.88 51.42 -16.45
C GLN K 209 9.81 51.26 -17.64
N PHE K 210 9.92 50.07 -18.20
CA PHE K 210 10.91 49.81 -19.24
C PHE K 210 10.57 50.40 -20.60
N THR K 211 9.29 50.55 -20.94
CA THR K 211 8.93 50.78 -22.33
C THR K 211 9.15 52.22 -22.78
N GLU K 212 9.55 53.12 -21.89
CA GLU K 212 9.82 54.49 -22.26
C GLU K 212 11.22 54.96 -21.86
N VAL K 213 11.91 54.24 -20.99
CA VAL K 213 13.25 54.60 -20.58
C VAL K 213 14.24 53.67 -21.27
N THR K 214 15.53 53.98 -21.12
CA THR K 214 16.57 53.15 -21.73
C THR K 214 17.78 53.12 -20.81
N ILE K 215 18.62 52.11 -21.02
CA ILE K 215 19.87 51.95 -20.28
C ILE K 215 21.00 51.86 -21.30
N GLU K 216 22.16 52.41 -20.95
CA GLU K 216 23.28 52.53 -21.86
C GLU K 216 24.60 52.21 -21.15
N TYR K 217 25.42 51.40 -21.80
CA TYR K 217 26.76 51.08 -21.36
C TYR K 217 27.74 51.50 -22.44
N LEU K 218 28.89 52.02 -22.02
CA LEU K 218 29.90 52.33 -23.02
C LEU K 218 31.10 51.41 -22.83
N PRO K 219 31.67 50.90 -23.91
CA PRO K 219 32.80 49.96 -23.78
C PRO K 219 34.07 50.60 -23.27
N ARG K 220 34.51 51.69 -23.91
CA ARG K 220 35.76 52.33 -23.55
C ARG K 220 35.55 53.21 -22.32
N SER K 221 36.44 53.04 -21.33
CA SER K 221 36.30 53.61 -19.98
C SER K 221 34.92 53.28 -19.42
N ASP K 222 34.73 52.00 -19.15
CA ASP K 222 33.42 51.39 -19.03
C ASP K 222 32.64 51.90 -17.81
N GLU K 223 31.48 52.48 -18.09
CA GLU K 223 30.48 52.84 -17.09
C GLU K 223 29.12 52.48 -17.64
N TYR K 224 28.11 52.49 -16.78
CA TYR K 224 26.73 52.28 -17.18
C TYR K 224 25.99 53.58 -16.95
N VAL K 225 25.24 54.03 -17.96
CA VAL K 225 24.56 55.32 -17.92
C VAL K 225 23.09 55.10 -18.25
N ALA K 226 22.21 55.54 -17.35
CA ALA K 226 20.78 55.46 -17.56
C ALA K 226 20.24 56.80 -18.05
N TYR K 227 19.26 56.72 -18.94
CA TYR K 227 18.71 57.91 -19.56
C TYR K 227 17.19 57.84 -19.50
N TYR K 228 16.59 58.82 -18.84
CA TYR K 228 15.15 59.02 -18.91
C TYR K 228 14.91 60.51 -19.12
N CYS K 229 14.11 60.83 -20.15
CA CYS K 229 13.80 62.20 -20.55
C CYS K 229 15.06 63.02 -20.81
N GLY K 230 16.01 62.43 -21.51
CA GLY K 230 17.15 63.14 -22.05
C GLY K 230 18.26 63.48 -21.08
N ARG K 231 18.28 62.88 -19.89
CA ARG K 231 19.29 63.22 -18.90
C ARG K 231 19.86 61.96 -18.25
N ARG K 232 21.10 62.05 -17.78
CA ARG K 232 21.81 60.93 -17.17
C ARG K 232 21.15 60.57 -15.84
N ILE K 233 20.71 59.32 -15.72
CA ILE K 233 20.01 58.88 -14.53
C ILE K 233 20.92 57.96 -13.73
N ARG K 234 20.87 58.08 -12.41
CA ARG K 234 21.64 57.22 -11.53
C ARG K 234 21.12 55.77 -11.61
N LEU K 235 21.92 54.86 -11.12
CA LEU K 235 21.67 53.43 -11.26
C LEU K 235 22.56 52.69 -10.27
N HIS K 236 22.33 51.39 -10.15
CA HIS K 236 23.22 50.54 -9.39
C HIS K 236 23.32 49.20 -10.09
N VAL K 237 24.53 48.82 -10.43
CA VAL K 237 24.79 47.50 -10.98
C VAL K 237 24.58 46.48 -9.88
N LEU K 238 24.00 45.34 -10.25
CA LEU K 238 23.90 44.22 -9.32
C LEU K 238 24.37 42.93 -9.96
N PHE K 239 24.17 42.77 -11.26
CA PHE K 239 24.66 41.62 -12.01
C PHE K 239 25.25 42.15 -13.30
N PRO K 240 26.57 42.15 -13.43
CA PRO K 240 27.20 42.83 -14.57
C PRO K 240 27.03 42.02 -15.86
N PRO K 241 26.38 42.60 -16.86
CA PRO K 241 26.08 41.84 -18.08
C PRO K 241 27.33 41.58 -18.89
N ALA K 242 27.28 40.50 -19.66
CA ALA K 242 28.38 40.11 -20.54
C ALA K 242 28.17 40.77 -21.89
N ILE K 243 29.10 41.63 -22.28
CA ILE K 243 29.03 42.32 -23.56
C ILE K 243 30.09 41.68 -24.46
N PHE K 244 29.68 40.76 -25.32
CA PHE K 244 30.63 40.27 -26.29
C PHE K 244 30.72 41.23 -27.47
N ALA K 245 31.59 40.88 -28.41
CA ALA K 245 31.83 41.74 -29.57
C ALA K 245 30.66 41.76 -30.54
N GLY K 246 29.74 40.81 -30.45
CA GLY K 246 28.60 40.81 -31.34
C GLY K 246 27.29 41.09 -30.63
N THR K 247 27.21 40.78 -29.33
CA THR K 247 25.96 40.86 -28.62
C THR K 247 26.23 41.15 -27.15
N VAL K 248 25.15 41.47 -26.44
CA VAL K 248 25.18 41.75 -25.01
C VAL K 248 24.33 40.69 -24.32
N THR K 249 24.86 40.10 -23.28
CA THR K 249 24.20 39.02 -22.55
C THR K 249 24.09 39.43 -21.10
N PHE K 250 22.89 39.37 -20.53
CA PHE K 250 22.67 39.84 -19.16
C PHE K 250 22.59 38.67 -18.20
N ASP K 251 23.49 38.65 -17.21
CA ASP K 251 23.53 37.57 -16.23
C ASP K 251 22.31 37.66 -15.34
N SER K 252 21.20 37.07 -15.80
CA SER K 252 19.90 37.31 -15.23
C SER K 252 19.15 36.00 -15.11
N PRO K 253 18.19 35.91 -14.19
CA PRO K 253 17.39 34.68 -14.09
C PRO K 253 16.54 34.38 -15.31
N VAL K 254 15.94 35.41 -15.91
CA VAL K 254 15.04 35.12 -17.01
C VAL K 254 15.82 34.86 -18.30
N GLN K 255 17.02 35.43 -18.45
CA GLN K 255 17.76 35.18 -19.68
C GLN K 255 18.60 33.92 -19.56
N ARG K 256 18.75 33.39 -18.35
CA ARG K 256 19.28 32.04 -18.21
C ARG K 256 18.30 30.98 -18.68
N LEU K 257 17.05 31.35 -18.97
CA LEU K 257 16.05 30.46 -19.54
C LEU K 257 15.69 30.83 -20.97
N TYR K 258 16.38 31.79 -21.57
CA TYR K 258 15.84 32.60 -22.66
C TYR K 258 15.56 31.77 -23.91
N GLN K 259 16.58 31.14 -24.47
CA GLN K 259 16.33 30.43 -25.71
C GLN K 259 15.61 29.11 -25.50
N ASN K 260 15.55 28.58 -24.27
CA ASN K 260 14.67 27.44 -24.05
C ASN K 260 13.21 27.85 -24.11
N ILE K 261 12.87 29.02 -23.54
CA ILE K 261 11.52 29.55 -23.68
C ILE K 261 11.21 29.87 -25.14
N PHE K 262 12.16 30.47 -25.86
CA PHE K 262 11.91 30.76 -27.27
C PHE K 262 11.81 29.49 -28.10
N MET K 263 12.55 28.44 -27.73
CA MET K 263 12.43 27.18 -28.44
C MET K 263 11.08 26.53 -28.16
N CYS K 264 10.57 26.69 -26.94
CA CYS K 264 9.24 26.19 -26.63
C CYS K 264 8.16 26.96 -27.37
N TYR K 265 8.32 28.28 -27.48
CA TYR K 265 7.41 29.09 -28.27
C TYR K 265 7.43 28.66 -29.73
N ARG K 266 8.63 28.41 -30.25
CA ARG K 266 8.78 27.98 -31.63
C ARG K 266 8.13 26.63 -31.87
N THR K 267 8.30 25.68 -30.96
CA THR K 267 7.69 24.38 -31.21
C THR K 267 6.19 24.41 -30.95
N LEU K 268 5.68 25.32 -30.12
CA LEU K 268 4.24 25.40 -29.96
C LEU K 268 3.57 26.01 -31.18
N GLU K 269 4.13 27.11 -31.72
CA GLU K 269 3.57 27.68 -32.94
C GLU K 269 3.81 26.75 -34.11
N HIS K 270 4.90 25.98 -34.07
CA HIS K 270 5.15 24.93 -35.05
C HIS K 270 4.10 23.84 -34.98
N ALA K 271 3.71 23.45 -33.78
CA ALA K 271 2.70 22.42 -33.59
C ALA K 271 1.35 22.89 -34.11
N LYS K 272 1.01 24.14 -33.84
CA LYS K 272 -0.26 24.63 -34.35
C LYS K 272 -0.19 24.83 -35.86
N ILE K 273 1.00 25.11 -36.41
CA ILE K 273 1.18 25.21 -37.86
C ILE K 273 0.93 23.86 -38.53
N CYS K 274 1.53 22.80 -38.00
CA CYS K 274 1.32 21.48 -38.59
C CYS K 274 -0.10 20.99 -38.39
N GLN K 275 -0.68 21.30 -37.22
CA GLN K 275 -2.07 20.96 -36.96
C GLN K 275 -3.02 21.66 -37.93
N LEU K 276 -2.80 22.94 -38.16
CA LEU K 276 -3.58 23.74 -39.09
C LEU K 276 -3.30 23.41 -40.54
N LEU K 277 -2.19 22.74 -40.81
CA LEU K 277 -1.88 22.37 -42.18
C LEU K 277 -2.39 20.98 -42.53
N ASN K 278 -2.55 20.09 -41.56
CA ASN K 278 -2.98 18.73 -41.90
C ASN K 278 -4.49 18.52 -41.71
N THR K 279 -5.28 19.59 -41.64
CA THR K 279 -6.71 19.46 -41.29
C THR K 279 -7.53 18.78 -42.36
N ALA K 280 -7.03 18.68 -43.58
CA ALA K 280 -7.74 17.94 -44.60
C ALA K 280 -7.81 16.46 -44.19
N PRO K 281 -8.97 15.83 -44.34
CA PRO K 281 -9.08 14.41 -43.99
C PRO K 281 -8.53 13.48 -45.06
N LEU K 282 -8.07 14.04 -46.16
CA LEU K 282 -7.65 13.28 -47.31
C LEU K 282 -6.69 14.15 -48.12
N LYS K 283 -5.61 13.53 -48.59
CA LYS K 283 -4.51 14.27 -49.20
C LYS K 283 -4.42 13.85 -50.66
N ALA K 284 -4.67 14.78 -51.56
CA ALA K 284 -4.45 14.53 -52.98
C ALA K 284 -3.20 15.24 -53.46
N ILE K 285 -2.72 14.82 -54.63
CA ILE K 285 -1.63 15.49 -55.32
C ILE K 285 -2.05 15.68 -56.78
N VAL K 286 -1.70 16.81 -57.35
CA VAL K 286 -2.10 17.09 -58.73
C VAL K 286 -1.20 16.35 -59.70
N GLY K 287 -1.61 16.30 -60.96
CA GLY K 287 -0.83 15.64 -61.99
C GLY K 287 -0.36 16.59 -63.07
N ASP K 434 -20.49 31.76 -34.45
CA ASP K 434 -21.56 31.09 -35.17
C ASP K 434 -21.14 29.68 -35.58
N ILE K 435 -19.86 29.53 -35.92
CA ILE K 435 -19.34 28.20 -36.24
C ILE K 435 -19.17 27.38 -34.96
N LEU K 436 -18.95 28.06 -33.84
CA LEU K 436 -18.75 27.36 -32.58
C LEU K 436 -20.04 26.72 -32.07
N THR K 437 -21.19 27.28 -32.44
CA THR K 437 -22.47 26.73 -32.01
C THR K 437 -23.50 27.03 -33.08
N GLY K 438 -24.10 25.98 -33.64
CA GLY K 438 -25.17 26.18 -34.60
C GLY K 438 -25.84 24.86 -34.87
N SER K 439 -26.88 24.92 -35.70
CA SER K 439 -27.56 23.70 -36.15
C SER K 439 -26.59 22.84 -36.94
N THR K 440 -26.27 21.68 -36.38
CA THR K 440 -25.19 20.85 -36.89
C THR K 440 -25.47 20.31 -38.29
N ALA K 441 -26.74 20.22 -38.69
CA ALA K 441 -27.05 19.83 -40.05
C ALA K 441 -26.63 20.92 -41.04
N SER K 442 -26.93 22.17 -40.73
CA SER K 442 -26.46 23.27 -41.56
C SER K 442 -24.99 23.55 -41.33
N ALA K 443 -24.48 23.23 -40.15
CA ALA K 443 -23.05 23.40 -39.90
C ALA K 443 -22.22 22.43 -40.72
N ILE K 444 -22.75 21.23 -40.97
CA ILE K 444 -22.19 20.33 -41.97
C ILE K 444 -22.13 21.01 -43.33
N GLU K 445 -23.19 21.70 -43.75
CA GLU K 445 -23.21 22.29 -45.08
C GLU K 445 -22.28 23.48 -45.19
N LYS K 446 -22.12 24.24 -44.10
CA LYS K 446 -21.41 25.51 -44.19
C LYS K 446 -19.91 25.37 -44.37
N LEU K 447 -19.33 24.18 -44.17
CA LEU K 447 -17.90 24.04 -44.35
C LEU K 447 -17.48 23.00 -45.38
N PHE K 448 -18.41 22.16 -45.85
CA PHE K 448 -18.03 21.21 -46.88
C PHE K 448 -17.85 21.90 -48.21
N ASN K 449 -18.70 22.89 -48.49
CA ASN K 449 -18.50 23.77 -49.63
C ASN K 449 -17.29 24.66 -49.47
N SER K 450 -16.84 24.89 -48.24
CA SER K 450 -15.63 25.67 -48.01
C SER K 450 -14.41 24.89 -48.49
N PRO K 451 -13.38 25.58 -48.98
CA PRO K 451 -12.18 24.89 -49.47
C PRO K 451 -11.27 24.35 -48.39
N SER K 452 -11.68 24.36 -47.13
CA SER K 452 -10.85 23.83 -46.05
C SER K 452 -10.72 22.32 -46.15
N ALA K 453 -11.71 21.65 -46.73
CA ALA K 453 -11.68 20.20 -46.78
C ALA K 453 -10.65 19.67 -47.78
N SER K 454 -10.50 20.35 -48.90
CA SER K 454 -9.67 19.82 -49.98
C SER K 454 -8.20 20.08 -49.71
N LEU K 455 -7.37 19.23 -50.30
CA LEU K 455 -5.94 19.48 -50.43
C LEU K 455 -5.43 18.69 -51.63
N GLY K 456 -4.97 19.42 -52.64
CA GLY K 456 -4.26 18.82 -53.75
C GLY K 456 -2.89 19.43 -53.87
N ALA K 457 -1.85 18.65 -53.60
CA ALA K 457 -0.51 19.21 -53.58
C ALA K 457 0.06 19.27 -54.98
N ARG K 458 1.02 20.16 -55.17
CA ARG K 458 1.42 20.60 -56.49
C ARG K 458 2.90 20.42 -56.70
N VAL K 459 3.26 20.12 -57.95
CA VAL K 459 4.63 20.22 -58.44
C VAL K 459 4.68 21.47 -59.31
N SER K 460 5.81 22.19 -59.28
CA SER K 460 5.95 23.43 -60.03
C SER K 460 6.00 23.17 -61.53
N GLY K 461 6.86 22.26 -61.95
CA GLY K 461 7.00 21.98 -63.37
C GLY K 461 5.93 21.00 -63.85
N HIS K 462 5.29 21.38 -64.96
CA HIS K 462 4.29 20.50 -65.55
C HIS K 462 4.92 19.32 -66.26
N ASN K 463 6.11 19.50 -66.82
CA ASN K 463 6.86 18.35 -67.33
C ASN K 463 7.39 17.50 -66.19
N GLU K 464 7.62 18.11 -65.03
CA GLU K 464 8.17 17.38 -63.89
C GLU K 464 7.11 16.45 -63.31
N SER K 465 7.39 15.16 -63.33
CA SER K 465 6.44 14.14 -62.90
C SER K 465 6.84 13.57 -61.55
N ILE K 466 5.92 12.83 -60.95
CA ILE K 466 6.10 12.26 -59.62
C ILE K 466 6.12 10.75 -59.75
N LEU K 467 7.17 10.13 -59.22
CA LEU K 467 7.27 8.68 -59.22
C LEU K 467 6.53 8.03 -58.07
N ASN K 468 6.57 8.63 -56.89
CA ASN K 468 5.96 7.99 -55.74
C ASN K 468 5.58 9.05 -54.72
N SER K 469 4.60 8.71 -53.90
CA SER K 469 4.04 9.66 -52.96
C SER K 469 3.77 8.94 -51.66
N PHE K 470 3.96 9.66 -50.56
CA PHE K 470 3.79 9.03 -49.25
C PHE K 470 2.96 9.96 -48.39
N VAL K 471 2.51 9.49 -47.23
CA VAL K 471 1.73 10.32 -46.33
C VAL K 471 2.13 10.03 -44.89
N SER K 472 2.44 11.08 -44.14
CA SER K 472 2.72 10.96 -42.72
C SER K 472 2.35 12.28 -42.06
N GLN K 473 1.18 12.35 -41.46
CA GLN K 473 0.93 13.44 -40.54
C GLN K 473 1.81 13.24 -39.31
N TYR K 474 2.21 14.35 -38.72
CA TYR K 474 3.13 14.27 -37.60
C TYR K 474 2.71 15.25 -36.53
N ILE K 475 2.61 14.75 -35.30
CA ILE K 475 2.30 15.57 -34.14
C ILE K 475 3.61 15.81 -33.38
N PRO K 476 4.10 17.03 -33.33
CA PRO K 476 5.24 17.32 -32.47
C PRO K 476 4.83 17.35 -31.01
N PRO K 477 5.69 16.91 -30.10
CA PRO K 477 5.30 16.80 -28.70
C PRO K 477 5.19 18.15 -28.02
N SER K 478 4.09 18.86 -28.29
CA SER K 478 3.96 20.25 -27.86
C SER K 478 3.78 20.35 -26.35
N ARG K 479 2.75 19.68 -25.82
CA ARG K 479 2.49 19.72 -24.39
C ARG K 479 3.60 19.06 -23.60
N GLU K 480 4.32 18.11 -24.19
CA GLU K 480 5.54 17.60 -23.58
C GLU K 480 6.58 18.68 -23.46
N MET K 481 6.70 19.53 -24.48
CA MET K 481 7.68 20.61 -24.40
C MET K 481 7.24 21.70 -23.44
N THR K 482 5.94 21.82 -23.19
CA THR K 482 5.51 22.76 -22.16
C THR K 482 5.74 22.19 -20.76
N LYS K 483 5.56 20.87 -20.63
CA LYS K 483 5.49 20.28 -19.29
C LYS K 483 6.85 20.24 -18.61
N ASP K 484 7.92 19.98 -19.36
CA ASP K 484 9.24 20.03 -18.73
C ASP K 484 9.68 21.47 -18.50
N LEU K 485 9.24 22.40 -19.33
CA LEU K 485 9.68 23.77 -19.16
C LEU K 485 8.94 24.46 -18.01
N THR K 486 7.77 23.93 -17.62
CA THR K 486 7.13 24.38 -16.38
C THR K 486 8.03 24.14 -15.18
N GLU K 487 8.53 22.92 -15.03
CA GLU K 487 9.37 22.64 -13.87
C GLU K 487 10.79 23.18 -14.06
N LEU K 488 11.18 23.48 -15.31
CA LEU K 488 12.35 24.31 -15.57
C LEU K 488 12.23 25.66 -14.89
N TRP K 489 11.10 26.33 -15.10
CA TRP K 489 10.84 27.60 -14.43
C TRP K 489 10.78 27.43 -12.92
N GLU K 490 10.13 26.36 -12.47
CA GLU K 490 9.96 26.10 -11.04
C GLU K 490 11.30 25.91 -10.34
N SER K 491 12.21 25.17 -10.96
CA SER K 491 13.50 24.88 -10.35
C SER K 491 14.37 26.13 -10.27
N GLU K 492 14.42 26.90 -11.35
CA GLU K 492 15.28 28.08 -11.38
C GLU K 492 14.73 29.18 -10.46
N LEU K 493 13.43 29.31 -10.38
CA LEU K 493 12.85 30.32 -9.50
C LEU K 493 12.73 29.84 -8.07
N PHE K 494 12.96 28.56 -7.80
CA PHE K 494 13.23 28.12 -6.45
C PHE K 494 14.69 28.29 -6.08
N ASN K 495 15.58 28.33 -7.06
CA ASN K 495 17.01 28.35 -6.78
C ASN K 495 17.61 29.75 -6.69
N THR K 496 17.57 30.54 -7.77
CA THR K 496 18.28 31.83 -7.72
C THR K 496 17.51 32.84 -6.88
N PHE K 497 16.22 32.65 -6.73
CA PHE K 497 15.47 33.26 -5.66
C PHE K 497 15.07 32.13 -4.73
N LYS K 498 15.62 32.11 -3.53
CA LYS K 498 15.48 30.96 -2.65
C LYS K 498 14.09 30.94 -2.06
N LEU K 499 13.17 30.26 -2.73
CA LEU K 499 11.78 30.20 -2.29
C LEU K 499 11.46 28.79 -1.83
N THR K 500 11.04 28.65 -0.57
CA THR K 500 10.73 27.35 -0.01
C THR K 500 9.24 27.13 -0.08
N PRO K 501 8.76 26.18 -0.85
CA PRO K 501 7.32 25.92 -0.91
C PRO K 501 6.78 25.25 0.35
N VAL K 502 6.04 26.01 1.15
CA VAL K 502 5.39 25.47 2.35
C VAL K 502 4.27 24.55 1.88
N VAL K 503 4.47 23.24 2.06
CA VAL K 503 3.57 22.25 1.48
C VAL K 503 3.00 21.32 2.55
N ASP K 504 1.92 20.62 2.22
CA ASP K 504 1.32 19.59 3.06
C ASP K 504 1.82 18.23 2.58
N ASN K 505 1.37 17.17 3.26
CA ASN K 505 1.72 15.80 2.86
C ASN K 505 1.13 15.49 1.50
N GLN K 506 2.03 15.31 0.52
CA GLN K 506 1.71 15.29 -0.91
C GLN K 506 0.92 16.53 -1.32
N GLY K 507 1.37 17.69 -0.83
CA GLY K 507 0.78 18.96 -1.20
C GLY K 507 1.49 19.49 -2.44
N GLN K 508 0.69 20.02 -3.36
CA GLN K 508 1.22 20.46 -4.65
C GLN K 508 1.44 21.97 -4.63
N ARG K 509 2.49 22.36 -3.90
CA ARG K 509 3.07 23.71 -3.89
C ARG K 509 2.02 24.77 -3.53
N LEU K 510 1.49 24.63 -2.32
CA LEU K 510 0.33 25.41 -1.93
C LEU K 510 0.68 26.78 -1.39
N TYR K 511 1.89 26.97 -0.87
CA TYR K 511 2.25 28.22 -0.23
C TYR K 511 3.70 28.55 -0.54
N VAL K 512 3.92 29.30 -1.61
CA VAL K 512 5.26 29.72 -2.01
C VAL K 512 5.61 30.96 -1.22
N ARG K 513 6.68 30.89 -0.44
CA ARG K 513 7.02 31.90 0.54
C ARG K 513 8.46 32.35 0.36
N TYR K 514 8.73 33.58 0.77
CA TYR K 514 10.10 34.02 0.90
C TYR K 514 10.79 33.27 2.03
N SER K 515 12.09 33.13 1.91
CA SER K 515 12.96 32.51 2.88
C SER K 515 13.73 33.58 3.63
N SER K 516 14.67 33.14 4.45
CA SER K 516 15.58 34.05 5.11
C SER K 516 16.47 34.77 4.12
N ASP K 517 17.13 34.02 3.25
CA ASP K 517 18.15 34.64 2.41
C ASP K 517 17.58 35.31 1.16
N THR K 518 16.39 34.93 0.71
CA THR K 518 15.94 35.54 -0.53
C THR K 518 15.42 36.96 -0.30
N ILE K 519 15.01 37.29 0.93
CA ILE K 519 14.72 38.68 1.22
C ILE K 519 16.02 39.48 1.31
N SER K 520 17.11 38.84 1.71
CA SER K 520 18.41 39.48 1.72
C SER K 520 18.95 39.68 0.31
N ILE K 521 18.50 38.87 -0.65
CA ILE K 521 18.96 39.04 -2.03
C ILE K 521 17.94 39.79 -2.90
N LEU K 522 16.74 40.04 -2.41
CA LEU K 522 15.81 40.90 -3.14
C LEU K 522 15.57 42.24 -2.45
N LEU K 523 15.04 42.25 -1.24
CA LEU K 523 14.79 43.51 -0.58
C LEU K 523 16.01 44.03 0.15
N GLY K 524 16.95 43.14 0.45
CA GLY K 524 18.28 43.48 0.91
C GLY K 524 18.97 44.54 0.06
N PRO K 525 19.14 44.28 -1.24
CA PRO K 525 19.63 45.35 -2.11
C PRO K 525 18.61 46.45 -2.34
N PHE K 526 17.33 46.13 -2.38
CA PHE K 526 16.32 47.11 -2.76
C PHE K 526 16.15 48.22 -1.73
N THR K 527 15.82 47.84 -0.50
CA THR K 527 15.57 48.80 0.57
C THR K 527 16.82 49.54 1.02
N TYR K 528 18.01 49.10 0.64
CA TYR K 528 19.22 49.73 1.12
C TYR K 528 20.11 50.33 0.03
N LEU K 529 19.90 50.02 -1.24
CA LEU K 529 20.80 50.48 -2.28
C LEU K 529 20.10 51.42 -3.26
N VAL K 530 19.04 50.95 -3.92
CA VAL K 530 18.33 51.83 -4.83
C VAL K 530 17.38 52.74 -4.05
N ALA K 531 16.66 52.20 -3.09
CA ALA K 531 15.94 53.00 -2.11
C ALA K 531 16.90 53.31 -0.98
N GLU K 532 16.91 54.57 -0.55
CA GLU K 532 17.86 55.04 0.45
C GLU K 532 17.27 55.00 1.85
N LEU K 533 16.46 53.98 2.13
CA LEU K 533 15.88 53.77 3.45
C LEU K 533 16.97 53.32 4.40
N SER K 534 17.63 54.29 5.05
CA SER K 534 18.73 53.95 5.95
C SER K 534 18.30 53.22 7.22
N PRO K 535 17.45 53.78 8.10
CA PRO K 535 17.29 53.14 9.41
C PRO K 535 16.32 51.98 9.43
N VAL K 536 15.95 51.42 8.27
CA VAL K 536 15.05 50.28 8.25
C VAL K 536 15.87 49.01 8.41
N GLU K 537 15.17 47.91 8.64
CA GLU K 537 15.79 46.60 8.76
C GLU K 537 15.22 45.68 7.70
N LEU K 538 15.59 44.41 7.79
CA LEU K 538 14.81 43.38 7.13
C LEU K 538 14.08 42.59 8.21
N VAL K 539 13.42 41.50 7.81
CA VAL K 539 12.58 40.76 8.75
C VAL K 539 13.03 39.32 8.89
N THR K 540 12.28 38.55 9.65
CA THR K 540 12.51 37.13 9.82
C THR K 540 11.65 36.34 8.85
N ASP K 541 11.70 35.02 9.01
CA ASP K 541 10.75 34.17 8.33
C ASP K 541 9.34 34.38 8.88
N VAL K 542 9.17 34.23 10.21
CA VAL K 542 7.85 34.33 10.82
C VAL K 542 7.37 35.76 10.96
N TYR K 543 8.24 36.74 10.77
CA TYR K 543 7.78 38.12 10.66
C TYR K 543 7.02 38.36 9.37
N ALA K 544 7.39 37.68 8.29
CA ALA K 544 6.72 37.84 7.00
C ALA K 544 5.65 36.80 6.76
N THR K 545 5.77 35.62 7.37
CA THR K 545 4.77 34.57 7.24
C THR K 545 3.47 34.89 7.95
N LEU K 546 3.55 35.38 9.18
CA LEU K 546 2.40 35.52 10.04
C LEU K 546 1.54 36.71 9.59
N GLY K 547 0.44 36.92 10.29
CA GLY K 547 -0.45 38.01 9.94
C GLY K 547 0.17 39.35 10.30
N ILE K 548 -0.18 40.38 9.51
CA ILE K 548 0.40 41.71 9.69
C ILE K 548 -0.09 42.33 10.99
N VAL K 549 -1.27 41.92 11.46
CA VAL K 549 -1.68 42.23 12.83
C VAL K 549 -1.20 41.19 13.83
N GLU K 550 -0.91 39.97 13.38
CA GLU K 550 -0.38 38.95 14.26
C GLU K 550 1.11 39.11 14.53
N ILE K 551 1.81 39.99 13.81
CA ILE K 551 3.18 40.28 14.17
C ILE K 551 3.26 41.47 15.10
N ILE K 552 2.17 42.26 15.18
CA ILE K 552 2.09 43.38 16.12
C ILE K 552 2.23 42.87 17.55
N ASP K 553 1.35 41.95 17.93
CA ASP K 553 1.42 41.41 19.27
C ASP K 553 2.61 40.48 19.45
N GLU K 554 3.15 39.93 18.37
CA GLU K 554 4.34 39.10 18.49
C GLU K 554 5.56 39.94 18.79
N LEU K 555 5.69 41.10 18.17
CA LEU K 555 6.76 42.02 18.54
C LEU K 555 6.47 42.66 19.88
N TYR K 556 5.18 42.75 20.24
CA TYR K 556 4.84 43.17 21.60
C TYR K 556 5.26 42.12 22.62
N ARG K 557 5.32 40.85 22.23
CA ARG K 557 5.84 39.81 23.13
C ARG K 557 7.33 39.99 23.40
N SER K 558 8.05 40.69 22.52
CA SER K 558 9.43 41.04 22.74
C SER K 558 9.62 42.55 22.91
N SER K 559 8.55 43.24 23.29
CA SER K 559 8.62 44.68 23.43
C SER K 559 9.20 45.06 24.78
N ARG K 560 9.83 46.25 24.81
CA ARG K 560 10.38 46.82 26.04
C ARG K 560 9.28 47.07 27.08
N LEU K 561 8.09 47.46 26.61
CA LEU K 561 6.98 47.71 27.50
C LEU K 561 6.48 46.45 28.18
N ALA K 562 6.41 45.35 27.43
CA ALA K 562 5.91 44.11 28.03
C ALA K 562 6.91 43.52 29.01
N ILE K 563 8.21 43.71 28.76
CA ILE K 563 9.21 43.28 29.73
C ILE K 563 9.16 44.18 30.97
N TYR K 564 8.82 45.45 30.79
CA TYR K 564 8.54 46.31 31.94
C TYR K 564 7.30 45.87 32.70
N ILE K 565 6.31 45.31 31.99
CA ILE K 565 5.15 44.73 32.67
C ILE K 565 5.55 43.51 33.49
N GLU K 566 6.34 42.62 32.89
CA GLU K 566 6.87 41.49 33.63
C GLU K 566 7.84 41.90 34.72
N ASP K 567 8.49 43.06 34.57
CA ASP K 567 9.19 43.68 35.70
C ASP K 567 8.21 44.03 36.81
N LEU K 568 7.08 44.63 36.44
CA LEU K 568 6.09 45.00 37.43
C LEU K 568 5.17 43.84 37.78
N GLY K 569 5.48 42.62 37.31
CA GLY K 569 4.64 41.45 37.52
C GLY K 569 4.50 41.02 38.97
N ARG K 570 5.38 41.47 39.85
CA ARG K 570 5.28 41.21 41.28
C ARG K 570 5.00 42.55 41.97
N LYS K 571 3.82 42.66 42.55
CA LYS K 571 3.27 43.89 43.15
C LYS K 571 3.33 45.09 42.21
N ALA L 18 -56.97 27.99 -22.68
CA ALA L 18 -56.80 26.75 -21.96
C ALA L 18 -55.77 25.87 -22.64
N ILE L 19 -54.83 25.33 -21.86
CA ILE L 19 -53.84 24.41 -22.43
C ILE L 19 -53.78 23.15 -21.57
N PRO L 20 -53.76 21.97 -22.18
CA PRO L 20 -53.66 20.73 -21.39
C PRO L 20 -52.28 20.57 -20.78
N VAL L 21 -52.27 19.91 -19.62
CA VAL L 21 -51.04 19.72 -18.86
C VAL L 21 -50.74 18.23 -18.77
N HIS L 22 -51.69 17.47 -18.21
CA HIS L 22 -51.44 16.05 -17.95
C HIS L 22 -51.38 15.19 -19.21
N PRO L 23 -52.48 15.04 -20.02
CA PRO L 23 -52.50 13.93 -20.98
C PRO L 23 -51.81 14.24 -22.29
N THR L 24 -51.00 15.30 -22.30
CA THR L 24 -50.15 15.59 -23.44
C THR L 24 -49.12 14.46 -23.60
N PRO L 25 -48.67 14.18 -24.82
CA PRO L 25 -47.73 13.06 -25.02
C PRO L 25 -46.39 13.25 -24.33
N ALA L 26 -45.83 14.46 -24.33
CA ALA L 26 -44.57 14.68 -23.65
C ALA L 26 -44.70 14.56 -22.13
N SER L 27 -45.82 15.04 -21.57
CA SER L 27 -46.00 14.91 -20.14
C SER L 27 -46.31 13.48 -19.71
N VAL L 28 -46.99 12.69 -20.53
CA VAL L 28 -47.21 11.30 -20.12
C VAL L 28 -45.94 10.49 -20.35
N ARG L 29 -45.08 10.91 -21.29
CA ARG L 29 -43.73 10.36 -21.36
C ARG L 29 -42.95 10.69 -20.09
N LEU L 30 -43.21 11.87 -19.50
CA LEU L 30 -42.60 12.19 -18.23
C LEU L 30 -43.18 11.37 -17.09
N PHE L 31 -44.50 11.18 -17.08
CA PHE L 31 -45.14 10.37 -16.05
C PHE L 31 -44.81 8.89 -16.16
N GLU L 32 -44.33 8.45 -17.31
CA GLU L 32 -43.95 7.04 -17.46
C GLU L 32 -42.75 6.68 -16.60
N ILE L 33 -41.79 7.60 -16.46
CA ILE L 33 -40.52 7.30 -15.80
C ILE L 33 -40.67 7.06 -14.30
N LEU L 34 -41.83 7.43 -13.74
CA LEU L 34 -42.30 6.85 -12.49
C LEU L 34 -42.20 5.33 -12.50
N GLN L 35 -42.71 4.69 -13.54
CA GLN L 35 -42.48 3.28 -13.72
C GLN L 35 -41.24 3.11 -14.59
N GLY L 36 -40.96 1.88 -15.00
CA GLY L 36 -39.76 1.61 -15.76
C GLY L 36 -39.94 1.30 -17.22
N LYS L 37 -41.04 1.74 -17.84
CA LYS L 37 -41.47 1.17 -19.12
C LYS L 37 -40.54 1.53 -20.28
N TYR L 38 -40.00 2.74 -20.32
CA TYR L 38 -39.21 3.11 -21.50
C TYR L 38 -37.71 2.96 -21.25
N ALA L 39 -37.20 3.60 -20.19
CA ALA L 39 -35.80 3.44 -19.86
C ALA L 39 -35.66 3.23 -18.36
N TYR L 40 -34.70 2.41 -17.98
CA TYR L 40 -34.45 2.16 -16.57
C TYR L 40 -33.03 1.66 -16.41
N VAL L 41 -32.27 2.33 -15.56
CA VAL L 41 -30.90 1.96 -15.25
C VAL L 41 -30.79 1.86 -13.73
N GLN L 42 -29.58 1.61 -13.23
CA GLN L 42 -29.37 1.26 -11.83
C GLN L 42 -29.58 2.45 -10.90
N GLY L 43 -29.31 3.67 -11.37
CA GLY L 43 -29.47 4.83 -10.53
C GLY L 43 -30.91 5.12 -10.14
N GLN L 44 -31.85 4.70 -10.99
CA GLN L 44 -33.28 4.92 -10.75
C GLN L 44 -33.82 4.06 -9.61
N THR L 45 -33.03 3.13 -9.09
CA THR L 45 -33.46 2.36 -7.94
C THR L 45 -33.50 3.20 -6.67
N ILE L 46 -32.66 4.24 -6.60
CA ILE L 46 -32.73 5.19 -5.51
C ILE L 46 -34.07 5.92 -5.49
N TYR L 47 -34.65 6.17 -6.67
CA TYR L 47 -35.92 6.86 -6.78
C TYR L 47 -37.06 6.07 -6.14
N ALA L 48 -36.98 4.74 -6.19
CA ALA L 48 -37.98 3.96 -5.48
C ALA L 48 -37.70 3.87 -3.99
N ASN L 49 -36.47 4.16 -3.55
CA ASN L 49 -36.14 4.01 -2.14
C ASN L 49 -36.81 5.09 -1.30
N LEU L 50 -36.87 6.31 -1.82
CA LEU L 50 -37.67 7.30 -1.14
C LEU L 50 -39.12 7.27 -1.59
N ARG L 51 -39.47 6.46 -2.58
CA ARG L 51 -40.87 6.12 -2.80
C ARG L 51 -41.39 5.15 -1.77
N ASN L 52 -40.54 4.59 -0.93
CA ASN L 52 -40.99 3.77 0.18
C ASN L 52 -41.81 4.60 1.14
N PRO L 53 -43.02 4.19 1.46
CA PRO L 53 -43.71 4.80 2.60
C PRO L 53 -43.17 4.24 3.90
N GLY L 54 -43.82 4.55 5.01
CA GLY L 54 -43.31 4.07 6.26
C GLY L 54 -42.76 5.20 7.11
N VAL L 55 -42.02 6.10 6.45
CA VAL L 55 -41.58 7.32 7.13
C VAL L 55 -42.77 8.20 7.45
N PHE L 56 -43.85 8.11 6.67
CA PHE L 56 -45.09 8.77 7.04
C PHE L 56 -45.74 8.07 8.22
N SER L 57 -45.63 6.74 8.29
CA SER L 57 -46.16 6.05 9.45
C SER L 57 -45.31 6.33 10.67
N ARG L 58 -43.99 6.46 10.49
CA ARG L 58 -43.12 6.91 11.57
C ARG L 58 -43.52 8.28 12.08
N GLN L 59 -43.87 9.19 11.16
CA GLN L 59 -44.33 10.53 11.49
C GLN L 59 -45.54 10.52 12.42
N VAL L 60 -46.64 9.93 11.94
CA VAL L 60 -47.89 9.93 12.70
C VAL L 60 -47.77 9.03 13.93
N PHE L 61 -46.93 8.01 13.86
CA PHE L 61 -46.71 7.06 14.92
C PHE L 61 -46.02 7.72 16.11
N THR L 62 -44.95 8.48 15.86
CA THR L 62 -44.31 9.17 16.98
C THR L 62 -45.14 10.38 17.40
N HIS L 63 -45.94 10.94 16.50
CA HIS L 63 -46.77 12.09 16.87
C HIS L 63 -47.85 11.69 17.86
N LEU L 64 -48.53 10.59 17.59
CA LEU L 64 -49.64 10.23 18.46
C LEU L 64 -49.13 9.56 19.73
N PHE L 65 -47.95 8.94 19.65
CA PHE L 65 -47.22 8.57 20.86
C PHE L 65 -46.90 9.79 21.71
N LYS L 66 -46.50 10.89 21.07
CA LYS L 66 -46.19 12.11 21.80
C LYS L 66 -47.45 12.73 22.39
N ARG L 67 -48.57 12.62 21.67
CA ARG L 67 -49.85 13.13 22.16
C ARG L 67 -50.30 12.33 23.38
N ALA L 68 -50.08 11.02 23.37
CA ALA L 68 -50.42 10.22 24.53
C ALA L 68 -49.47 10.48 25.69
N ILE L 69 -48.17 10.51 25.42
CA ILE L 69 -47.17 10.51 26.47
C ILE L 69 -47.04 11.89 27.10
N SER L 70 -47.65 12.91 26.49
CA SER L 70 -47.67 14.23 27.13
C SER L 70 -48.82 14.35 28.12
N HIS L 71 -49.94 13.69 27.84
CA HIS L 71 -51.20 13.97 28.53
C HIS L 71 -51.32 13.29 29.89
N CYS L 72 -50.23 12.88 30.52
CA CYS L 72 -50.33 12.44 31.90
C CYS L 72 -50.37 13.65 32.82
N THR L 73 -50.83 13.41 34.04
CA THR L 73 -50.71 14.38 35.11
C THR L 73 -49.74 13.84 36.15
N TYR L 74 -49.04 14.75 36.83
CA TYR L 74 -48.08 14.31 37.83
C TYR L 74 -48.76 13.67 39.03
N ASP L 75 -49.95 14.17 39.40
CA ASP L 75 -50.64 13.64 40.56
C ASP L 75 -51.16 12.23 40.34
N ASP L 76 -51.36 11.83 39.08
CA ASP L 76 -51.85 10.48 38.81
C ASP L 76 -50.78 9.42 39.04
N VAL L 77 -49.50 9.79 38.94
CA VAL L 77 -48.46 8.78 39.05
C VAL L 77 -47.83 8.73 40.43
N LEU L 78 -47.84 9.84 41.18
CA LEU L 78 -47.21 9.84 42.49
C LEU L 78 -48.04 9.05 43.50
N HIS L 79 -49.36 9.19 43.44
CA HIS L 79 -50.18 8.37 44.32
C HIS L 79 -50.25 6.94 43.84
N ASP L 80 -50.02 6.72 42.54
CA ASP L 80 -49.87 5.36 42.04
C ASP L 80 -48.63 4.70 42.61
N TRP L 81 -47.54 5.47 42.75
CA TRP L 81 -46.37 4.95 43.45
C TRP L 81 -46.63 4.76 44.93
N ASN L 82 -47.45 5.64 45.52
CA ASN L 82 -47.81 5.52 46.94
C ASN L 82 -48.59 4.22 47.19
N LYS L 83 -49.60 3.96 46.35
CA LYS L 83 -50.34 2.71 46.44
C LYS L 83 -49.49 1.51 46.05
N PHE L 84 -48.48 1.72 45.20
CA PHE L 84 -47.54 0.66 44.89
C PHE L 84 -46.70 0.30 46.11
N GLU L 85 -46.33 1.29 46.93
CA GLU L 85 -45.68 1.00 48.21
C GLU L 85 -46.63 0.32 49.19
N ALA L 86 -47.90 0.73 49.18
CA ALA L 86 -48.91 0.05 49.99
C ALA L 86 -49.11 -1.40 49.58
N CYS L 87 -48.87 -1.72 48.31
CA CYS L 87 -48.93 -3.10 47.85
C CYS L 87 -47.77 -3.93 48.38
N ILE L 88 -46.57 -3.37 48.43
CA ILE L 88 -45.39 -4.16 48.78
C ILE L 88 -45.18 -4.26 50.29
N GLN L 89 -45.71 -3.32 51.08
CA GLN L 89 -45.55 -3.42 52.52
C GLN L 89 -46.31 -4.59 53.13
N LYS L 90 -47.45 -4.98 52.53
CA LYS L 90 -48.18 -6.13 53.04
C LYS L 90 -47.57 -7.44 52.56
N ARG L 91 -46.70 -7.40 51.54
CA ARG L 91 -45.96 -8.57 51.13
C ARG L 91 -44.57 -8.61 51.74
N TRP L 92 -43.95 -7.46 51.93
CA TRP L 92 -42.66 -7.38 52.60
C TRP L 92 -42.58 -6.14 53.47
N ASP L 96 -36.59 -3.13 57.30
CA ASP L 96 -36.79 -1.86 57.96
C ASP L 96 -35.68 -0.89 57.57
N SER L 97 -34.49 -1.11 58.15
CA SER L 97 -33.31 -0.39 57.68
C SER L 97 -32.89 -0.87 56.30
N CYS L 98 -33.04 -2.17 56.04
CA CYS L 98 -32.83 -2.70 54.70
C CYS L 98 -33.94 -2.28 53.75
N ALA L 99 -35.11 -1.91 54.29
CA ALA L 99 -36.24 -1.52 53.46
C ALA L 99 -35.99 -0.23 52.69
N SER L 100 -34.99 0.57 53.07
CA SER L 100 -34.64 1.75 52.27
C SER L 100 -34.16 1.33 50.88
N ARG L 101 -33.14 0.46 50.83
CA ARG L 101 -32.66 -0.01 49.54
C ARG L 101 -33.62 -1.02 48.92
N PHE L 102 -34.43 -1.69 49.73
CA PHE L 102 -35.51 -2.52 49.17
C PHE L 102 -36.52 -1.65 48.42
N ARG L 103 -36.91 -0.52 49.01
CA ARG L 103 -37.87 0.35 48.36
C ARG L 103 -37.27 1.06 47.17
N GLU L 104 -35.96 1.32 47.21
CA GLU L 104 -35.29 1.89 46.03
C GLU L 104 -35.26 0.87 44.89
N SER L 105 -34.88 -0.37 45.18
CA SER L 105 -34.85 -1.43 44.17
C SER L 105 -36.23 -1.73 43.61
N THR L 106 -37.27 -1.78 44.46
CA THR L 106 -38.60 -2.07 43.96
C THR L 106 -39.18 -0.88 43.19
N PHE L 107 -38.75 0.34 43.49
CA PHE L 107 -39.15 1.47 42.67
C PHE L 107 -38.44 1.44 41.33
N GLU L 108 -37.18 0.97 41.32
CA GLU L 108 -36.45 0.85 40.05
C GLU L 108 -37.09 -0.18 39.14
N SER L 109 -37.46 -1.34 39.70
CA SER L 109 -38.17 -2.34 38.93
C SER L 109 -39.57 -1.87 38.57
N TRP L 110 -40.16 -1.01 39.41
CA TRP L 110 -41.45 -0.44 39.08
C TRP L 110 -41.35 0.52 37.90
N SER L 111 -40.26 1.26 37.82
CA SER L 111 -40.00 2.12 36.66
C SER L 111 -39.81 1.29 35.41
N THR L 112 -39.08 0.18 35.53
CA THR L 112 -38.83 -0.71 34.40
C THR L 112 -40.14 -1.33 33.90
N THR L 113 -40.97 -1.83 34.82
CA THR L 113 -42.24 -2.38 34.38
C THR L 113 -43.23 -1.29 34.02
N MET L 114 -43.00 -0.05 34.45
CA MET L 114 -43.83 1.06 33.98
C MET L 114 -43.56 1.33 32.51
N LYS L 115 -42.28 1.41 32.15
CA LYS L 115 -41.90 1.49 30.75
C LYS L 115 -42.37 0.28 29.95
N LEU L 116 -42.31 -0.90 30.57
CA LEU L 116 -42.78 -2.11 29.90
C LEU L 116 -44.29 -2.09 29.69
N THR L 117 -45.04 -1.61 30.68
CA THR L 117 -46.50 -1.67 30.62
C THR L 117 -47.07 -0.54 29.79
N VAL L 118 -46.31 0.52 29.58
CA VAL L 118 -46.75 1.47 28.58
C VAL L 118 -46.36 0.97 27.19
N ARG L 119 -45.17 0.35 27.08
CA ARG L 119 -44.62 -0.01 25.78
C ARG L 119 -45.42 -1.11 25.11
N ASP L 120 -45.79 -2.15 25.88
CA ASP L 120 -46.46 -3.30 25.28
C ASP L 120 -47.85 -2.94 24.79
N LEU L 121 -48.64 -2.27 25.64
CA LEU L 121 -50.02 -1.94 25.28
C LEU L 121 -50.06 -0.89 24.19
N LEU L 122 -49.12 0.07 24.25
CA LEU L 122 -49.06 1.12 23.25
C LEU L 122 -48.63 0.55 21.89
N THR L 123 -47.70 -0.40 21.90
CA THR L 123 -47.28 -1.02 20.65
C THR L 123 -48.37 -1.91 20.06
N THR L 124 -49.23 -2.49 20.90
CA THR L 124 -50.38 -3.19 20.35
C THR L 124 -51.34 -2.22 19.66
N ASN L 125 -51.82 -1.22 20.41
CA ASN L 125 -52.94 -0.42 19.95
C ASN L 125 -52.55 0.48 18.78
N ILE L 126 -51.32 1.00 18.80
CA ILE L 126 -50.95 1.98 17.78
C ILE L 126 -50.52 1.28 16.50
N TYR L 127 -49.93 0.09 16.60
CA TYR L 127 -49.69 -0.69 15.39
C TYR L 127 -51.00 -1.23 14.84
N ARG L 128 -51.99 -1.45 15.69
CA ARG L 128 -53.30 -1.86 15.21
C ARG L 128 -53.98 -0.74 14.42
N VAL L 129 -53.96 0.48 14.96
CA VAL L 129 -54.60 1.58 14.24
C VAL L 129 -53.73 2.06 13.09
N LEU L 130 -52.44 1.74 13.12
CA LEU L 130 -51.53 2.32 12.15
C LEU L 130 -51.64 1.61 10.81
N HIS L 131 -51.57 0.29 10.81
CA HIS L 131 -51.66 -0.48 9.59
C HIS L 131 -53.09 -0.84 9.21
N SER L 132 -54.08 -0.12 9.73
CA SER L 132 -55.42 -0.21 9.17
C SER L 132 -55.42 0.46 7.81
N ARG L 133 -56.50 0.22 7.05
CA ARG L 133 -56.52 0.64 5.65
C ARG L 133 -56.57 2.16 5.53
N SER L 134 -55.51 2.72 4.97
CA SER L 134 -55.41 4.15 4.72
C SER L 134 -55.39 4.36 3.22
N VAL L 135 -56.33 5.17 2.73
CA VAL L 135 -56.38 5.44 1.30
C VAL L 135 -55.30 6.44 0.91
N LEU L 136 -54.80 7.21 1.87
CA LEU L 136 -53.71 8.12 1.58
C LEU L 136 -52.41 7.35 1.54
N SER L 137 -51.62 7.61 0.51
CA SER L 137 -50.34 6.92 0.35
C SER L 137 -49.26 7.95 0.13
N TYR L 138 -48.22 7.89 0.97
CA TYR L 138 -47.02 8.69 0.76
C TYR L 138 -46.34 8.32 -0.55
N GLU L 139 -46.40 7.04 -0.92
CA GLU L 139 -45.94 6.59 -2.22
C GLU L 139 -46.70 7.28 -3.33
N ARG L 140 -48.00 7.49 -3.13
CA ARG L 140 -48.79 8.24 -4.09
C ARG L 140 -48.56 9.73 -3.99
N TYR L 141 -47.85 10.19 -2.98
CA TYR L 141 -47.48 11.59 -2.90
C TYR L 141 -46.16 11.90 -3.59
N VAL L 142 -45.12 11.11 -3.30
CA VAL L 142 -43.75 11.46 -3.68
C VAL L 142 -43.57 11.41 -5.19
N ASP L 143 -44.35 10.56 -5.87
CA ASP L 143 -44.22 10.44 -7.31
C ASP L 143 -44.77 11.66 -8.03
N TRP L 144 -45.73 12.35 -7.40
CA TRP L 144 -46.35 13.48 -8.08
C TRP L 144 -45.45 14.71 -8.04
N ILE L 145 -44.90 15.03 -6.86
CA ILE L 145 -44.08 16.23 -6.70
C ILE L 145 -42.82 16.14 -7.56
N CYS L 146 -42.24 14.96 -7.67
CA CYS L 146 -41.05 14.83 -8.50
C CYS L 146 -41.38 14.83 -9.98
N ALA L 147 -42.63 14.54 -10.35
CA ALA L 147 -43.00 14.51 -11.76
C ALA L 147 -43.34 15.89 -12.29
N THR L 148 -44.10 16.67 -11.52
CA THR L 148 -44.71 17.86 -12.07
C THR L 148 -44.46 19.06 -11.17
N GLY L 149 -44.05 18.81 -9.93
CA GLY L 149 -44.09 19.85 -8.93
C GLY L 149 -45.49 20.18 -8.46
N MET L 150 -46.45 19.32 -8.76
CA MET L 150 -47.86 19.54 -8.52
C MET L 150 -48.46 18.32 -7.84
N VAL L 151 -49.41 18.55 -6.95
CA VAL L 151 -50.10 17.49 -6.22
C VAL L 151 -51.59 17.71 -6.33
N PRO L 152 -52.37 16.72 -6.76
CA PRO L 152 -53.82 16.84 -6.69
C PRO L 152 -54.35 16.59 -5.29
N ALA L 153 -54.86 17.61 -4.64
CA ALA L 153 -55.33 17.51 -3.26
C ALA L 153 -56.83 17.24 -3.24
N VAL L 154 -57.20 15.96 -3.20
CA VAL L 154 -58.59 15.53 -3.37
C VAL L 154 -59.21 15.28 -2.00
N LYS L 155 -60.34 15.92 -1.75
CA LYS L 155 -61.09 15.77 -0.51
C LYS L 155 -62.25 14.82 -0.78
N LYS L 156 -62.04 13.54 -0.49
CA LYS L 156 -63.05 12.53 -0.77
C LYS L 156 -63.87 12.27 0.48
N PRO L 157 -65.18 12.51 0.45
CA PRO L 157 -65.92 12.71 1.72
C PRO L 157 -66.27 11.43 2.47
N ILE L 158 -66.09 10.25 1.90
CA ILE L 158 -66.44 9.02 2.61
C ILE L 158 -65.40 8.75 3.70
N THR L 159 -65.86 8.72 4.96
CA THR L 159 -64.98 8.60 6.11
C THR L 159 -65.56 7.65 7.16
N GLN L 160 -66.21 6.58 6.69
CA GLN L 160 -66.90 5.67 7.58
C GLN L 160 -66.17 4.36 7.83
N GLU L 161 -64.87 4.29 7.51
CA GLU L 161 -64.13 3.06 7.72
C GLU L 161 -63.64 2.92 9.17
N LEU L 162 -63.52 4.05 9.88
CA LEU L 162 -62.81 4.06 11.16
C LEU L 162 -63.58 3.35 12.27
N HIS L 163 -64.88 3.65 12.39
CA HIS L 163 -65.68 3.01 13.43
C HIS L 163 -65.97 1.56 13.08
N SER L 164 -65.90 1.20 11.81
CA SER L 164 -66.12 -0.18 11.42
C SER L 164 -64.88 -1.03 11.70
N LYS L 165 -63.69 -0.51 11.44
CA LYS L 165 -62.50 -1.32 11.67
C LYS L 165 -62.12 -1.36 13.14
N ILE L 166 -62.29 -0.25 13.87
CA ILE L 166 -61.98 -0.22 15.29
C ILE L 166 -62.94 0.71 16.02
N LYS L 167 -63.75 0.13 16.91
CA LYS L 167 -64.78 0.89 17.62
C LYS L 167 -64.54 0.92 19.14
N SER L 168 -64.38 -0.24 19.77
CA SER L 168 -64.29 -0.32 21.23
C SER L 168 -63.70 -1.67 21.66
N LEU L 169 -63.25 -1.74 22.93
CA LEU L 169 -62.71 -2.90 23.65
C LEU L 169 -61.33 -3.32 23.16
N ARG L 170 -60.82 -2.73 22.07
CA ARG L 170 -59.46 -3.01 21.62
C ARG L 170 -58.45 -2.40 22.58
N ASP L 171 -58.83 -1.28 23.22
CA ASP L 171 -58.04 -0.72 24.31
C ASP L 171 -58.40 -1.32 25.65
N ARG L 172 -59.55 -1.97 25.76
CA ARG L 172 -60.05 -2.39 27.06
C ARG L 172 -59.78 -3.85 27.39
N CYS L 173 -59.75 -4.74 26.39
CA CYS L 173 -59.64 -6.16 26.69
C CYS L 173 -58.23 -6.57 27.09
N VAL L 174 -57.22 -5.80 26.71
CA VAL L 174 -55.85 -6.19 26.99
C VAL L 174 -55.35 -5.65 28.33
N CYS L 175 -55.94 -4.56 28.82
CA CYS L 175 -55.42 -3.89 30.00
C CYS L 175 -56.02 -4.38 31.31
N ARG L 176 -56.98 -5.30 31.25
CA ARG L 176 -57.67 -5.78 32.45
C ARG L 176 -56.77 -6.78 33.17
N GLU L 177 -56.07 -6.31 34.20
CA GLU L 177 -55.08 -7.11 34.92
C GLU L 177 -55.29 -6.90 36.43
N LEU L 178 -54.31 -7.35 37.21
CA LEU L 178 -54.37 -7.20 38.67
C LEU L 178 -54.16 -5.75 39.08
N GLY L 179 -52.99 -5.18 38.78
CA GLY L 179 -52.67 -3.85 39.23
C GLY L 179 -53.38 -2.79 38.42
N HIS L 180 -54.44 -2.22 38.97
CA HIS L 180 -55.28 -1.26 38.27
C HIS L 180 -54.55 0.08 38.21
N GLU L 181 -53.66 0.21 37.23
CA GLU L 181 -52.87 1.42 37.04
C GLU L 181 -53.75 2.48 36.39
N ARG L 182 -53.96 3.58 37.11
CA ARG L 182 -54.70 4.70 36.53
C ARG L 182 -53.87 5.46 35.52
N THR L 183 -52.55 5.23 35.49
CA THR L 183 -51.71 5.80 34.45
C THR L 183 -52.08 5.25 33.08
N ILE L 184 -52.14 3.92 32.96
CA ILE L 184 -52.52 3.34 31.68
C ILE L 184 -54.00 3.55 31.39
N ARG L 185 -54.84 3.60 32.43
CA ARG L 185 -56.26 3.88 32.23
C ARG L 185 -56.52 5.33 31.84
N SER L 186 -55.59 6.23 32.12
CA SER L 186 -55.71 7.62 31.71
C SER L 186 -55.08 7.86 30.35
N ILE L 187 -53.98 7.18 30.05
CA ILE L 187 -53.35 7.39 28.75
C ILE L 187 -54.07 6.63 27.65
N GLY L 188 -54.68 5.48 27.95
CA GLY L 188 -55.16 4.61 26.89
C GLY L 188 -56.44 5.11 26.26
N THR L 189 -57.38 5.59 27.08
CA THR L 189 -58.61 6.16 26.55
C THR L 189 -58.36 7.42 25.76
N GLU L 190 -57.42 8.26 26.20
CA GLU L 190 -57.12 9.48 25.47
C GLU L 190 -56.38 9.20 24.16
N LEU L 191 -55.44 8.26 24.14
CA LEU L 191 -54.83 7.89 22.87
C LEU L 191 -55.82 7.17 21.95
N TYR L 192 -56.77 6.44 22.52
CA TYR L 192 -57.77 5.74 21.74
C TYR L 192 -58.71 6.71 21.04
N GLU L 193 -59.18 7.73 21.76
CA GLU L 193 -60.00 8.74 21.11
C GLU L 193 -59.17 9.66 20.21
N ALA L 194 -57.88 9.83 20.49
CA ALA L 194 -57.06 10.71 19.67
C ALA L 194 -56.81 10.11 18.29
N THR L 195 -56.66 8.79 18.20
CA THR L 195 -56.51 8.12 16.91
C THR L 195 -57.74 8.31 16.04
N LYS L 196 -58.93 8.35 16.66
CA LYS L 196 -60.14 8.62 15.92
C LYS L 196 -60.20 10.06 15.41
N GLU L 197 -59.34 10.95 15.90
CA GLU L 197 -59.18 12.26 15.30
C GLU L 197 -58.16 12.28 14.16
N ILE L 198 -57.14 11.42 14.21
CA ILE L 198 -56.03 11.52 13.28
C ILE L 198 -56.21 10.63 12.05
N ILE L 199 -56.71 9.41 12.24
CA ILE L 199 -57.03 8.57 11.09
C ILE L 199 -58.18 9.15 10.30
N GLU L 200 -59.10 9.84 10.99
CA GLU L 200 -60.12 10.68 10.36
C GLU L 200 -59.51 11.70 9.41
N SER L 201 -58.43 12.36 9.86
CA SER L 201 -57.82 13.40 9.07
C SER L 201 -57.13 12.85 7.83
N LEU L 202 -56.46 11.70 7.96
CA LEU L 202 -55.75 11.16 6.81
C LEU L 202 -56.69 10.49 5.82
N ASN L 203 -57.74 9.82 6.31
CA ASN L 203 -58.59 9.09 5.38
C ASN L 203 -59.70 9.98 4.84
N SER L 204 -59.88 11.17 5.41
CA SER L 204 -60.75 12.16 4.79
C SER L 204 -60.12 12.70 3.51
N THR L 205 -58.79 12.78 3.50
CA THR L 205 -58.05 13.23 2.34
C THR L 205 -57.93 12.10 1.32
N PHE L 206 -57.48 12.46 0.12
CA PHE L 206 -57.26 11.50 -0.93
C PHE L 206 -56.23 12.04 -1.92
N ILE L 207 -55.33 11.17 -2.36
CA ILE L 207 -54.43 11.43 -3.47
C ILE L 207 -54.70 10.39 -4.55
N PRO L 208 -54.90 10.79 -5.79
CA PRO L 208 -55.20 9.79 -6.83
C PRO L 208 -53.99 9.30 -7.61
N GLN L 209 -54.27 8.45 -8.59
CA GLN L 209 -53.26 7.90 -9.47
C GLN L 209 -53.25 8.73 -10.75
N PHE L 210 -52.15 8.70 -11.50
CA PHE L 210 -52.03 9.58 -12.65
C PHE L 210 -52.75 9.07 -13.89
N THR L 211 -52.96 7.76 -14.03
CA THR L 211 -53.39 7.21 -15.32
C THR L 211 -54.89 7.41 -15.60
N GLU L 212 -55.63 8.02 -14.69
CA GLU L 212 -57.05 8.27 -14.91
C GLU L 212 -57.49 9.68 -14.62
N VAL L 213 -56.68 10.48 -13.93
CA VAL L 213 -57.02 11.85 -13.61
C VAL L 213 -56.20 12.76 -14.52
N THR L 214 -56.53 14.04 -14.52
CA THR L 214 -55.79 15.00 -15.34
C THR L 214 -55.65 16.30 -14.57
N ILE L 215 -54.77 17.16 -15.06
CA ILE L 215 -54.52 18.47 -14.47
C ILE L 215 -54.55 19.51 -15.60
N GLU L 216 -55.05 20.70 -15.30
CA GLU L 216 -55.30 21.70 -16.33
C GLU L 216 -54.87 23.09 -15.86
N TYR L 217 -54.22 23.81 -16.76
CA TYR L 217 -53.79 25.19 -16.53
C TYR L 217 -54.31 26.06 -17.66
N LEU L 218 -54.80 27.25 -17.31
CA LEU L 218 -55.22 28.19 -18.33
C LEU L 218 -54.27 29.37 -18.38
N PRO L 219 -53.87 29.83 -19.58
CA PRO L 219 -52.91 30.93 -19.67
C PRO L 219 -53.47 32.26 -19.21
N ARG L 220 -54.61 32.65 -19.75
CA ARG L 220 -55.18 33.96 -19.48
C ARG L 220 -55.95 33.91 -18.16
N SER L 221 -55.66 34.88 -17.28
CA SER L 221 -56.09 34.88 -15.88
C SER L 221 -55.72 33.56 -15.22
N ASP L 222 -54.41 33.37 -15.09
CA ASP L 222 -53.82 32.05 -14.89
C ASP L 222 -54.15 31.45 -13.52
N GLU L 223 -54.82 30.30 -13.56
CA GLU L 223 -55.01 29.44 -12.40
C GLU L 223 -54.75 28.00 -12.85
N TYR L 224 -54.67 27.09 -11.89
CA TYR L 224 -54.45 25.68 -12.16
C TYR L 224 -55.67 24.92 -11.66
N VAL L 225 -56.24 24.08 -12.52
CA VAL L 225 -57.52 23.41 -12.25
C VAL L 225 -57.31 21.90 -12.29
N ALA L 226 -57.72 21.22 -11.22
CA ALA L 226 -57.59 19.78 -11.09
C ALA L 226 -58.93 19.09 -11.39
N TYR L 227 -58.88 18.11 -12.28
CA TYR L 227 -60.09 17.47 -12.77
C TYR L 227 -60.00 15.97 -12.60
N TYR L 228 -60.99 15.41 -11.92
CA TYR L 228 -61.27 13.97 -11.93
C TYR L 228 -62.75 13.82 -11.62
N CYS L 229 -63.41 12.93 -12.37
CA CYS L 229 -64.84 12.68 -12.29
C CYS L 229 -65.65 13.97 -12.47
N GLY L 230 -65.23 14.77 -13.46
CA GLY L 230 -65.99 15.91 -13.93
C GLY L 230 -66.05 17.10 -13.01
N ARG L 231 -65.23 17.17 -11.98
CA ARG L 231 -65.32 18.23 -10.98
C ARG L 231 -63.97 18.89 -10.78
N ARG L 232 -63.99 20.20 -10.53
CA ARG L 232 -62.78 20.93 -10.20
C ARG L 232 -62.37 20.60 -8.77
N ILE L 233 -61.22 19.96 -8.62
CA ILE L 233 -60.78 19.53 -7.31
C ILE L 233 -59.69 20.46 -6.81
N ARG L 234 -59.51 20.51 -5.49
CA ARG L 234 -58.43 21.27 -4.88
C ARG L 234 -57.08 20.66 -5.24
N LEU L 235 -56.04 21.45 -5.03
CA LEU L 235 -54.70 21.21 -5.59
C LEU L 235 -53.79 22.27 -5.01
N HIS L 236 -52.49 21.98 -5.03
CA HIS L 236 -51.52 22.95 -4.55
C HIS L 236 -50.30 22.91 -5.45
N VAL L 237 -49.98 24.03 -6.04
CA VAL L 237 -48.74 24.19 -6.78
C VAL L 237 -47.59 24.21 -5.79
N LEU L 238 -46.50 23.55 -6.14
CA LEU L 238 -45.29 23.60 -5.32
C LEU L 238 -44.09 24.04 -6.12
N PHE L 239 -43.97 23.61 -7.36
CA PHE L 239 -42.91 24.04 -8.26
C PHE L 239 -43.60 24.56 -9.52
N PRO L 240 -43.56 25.86 -9.74
CA PRO L 240 -44.36 26.46 -10.83
C PRO L 240 -43.76 26.15 -12.18
N PRO L 241 -44.54 25.52 -13.06
CA PRO L 241 -43.99 25.07 -14.34
C PRO L 241 -43.76 26.24 -15.30
N ALA L 242 -42.83 26.02 -16.21
CA ALA L 242 -42.50 27.00 -17.24
C ALA L 242 -43.34 26.66 -18.47
N ILE L 243 -44.23 27.58 -18.82
CA ILE L 243 -45.08 27.44 -19.99
C ILE L 243 -44.52 28.35 -21.06
N PHE L 244 -43.82 27.79 -22.03
CA PHE L 244 -43.57 28.57 -23.22
C PHE L 244 -44.78 28.43 -24.16
N ALA L 245 -44.80 29.25 -25.22
CA ALA L 245 -45.93 29.27 -26.13
C ALA L 245 -46.05 28.00 -26.97
N GLY L 246 -45.00 27.20 -27.04
CA GLY L 246 -45.08 25.98 -27.84
C GLY L 246 -45.08 24.73 -26.99
N THR L 247 -44.50 24.79 -25.81
CA THR L 247 -44.42 23.63 -24.94
C THR L 247 -44.44 24.08 -23.49
N VAL L 248 -44.77 23.14 -22.61
CA VAL L 248 -44.78 23.35 -21.17
C VAL L 248 -43.70 22.48 -20.57
N THR L 249 -42.84 23.09 -19.77
CA THR L 249 -41.80 22.37 -19.05
C THR L 249 -42.03 22.53 -17.56
N PHE L 250 -41.87 21.45 -16.82
CA PHE L 250 -42.11 21.46 -15.39
C PHE L 250 -40.77 21.54 -14.68
N ASP L 251 -40.64 22.47 -13.74
CA ASP L 251 -39.46 22.50 -12.90
C ASP L 251 -39.54 21.32 -11.94
N SER L 252 -39.04 20.19 -12.39
CA SER L 252 -39.26 18.93 -11.70
C SER L 252 -37.94 18.19 -11.57
N PRO L 253 -37.81 17.35 -10.54
CA PRO L 253 -36.60 16.50 -10.42
C PRO L 253 -36.42 15.55 -11.59
N VAL L 254 -37.49 14.98 -12.12
CA VAL L 254 -37.30 14.01 -13.18
C VAL L 254 -37.03 14.70 -14.51
N GLN L 255 -37.73 15.80 -14.80
CA GLN L 255 -37.56 16.48 -16.08
C GLN L 255 -36.23 17.22 -16.18
N ARG L 256 -35.51 17.37 -15.07
CA ARG L 256 -34.13 17.80 -15.17
C ARG L 256 -33.21 16.72 -15.71
N LEU L 257 -33.71 15.48 -15.85
CA LEU L 257 -32.95 14.39 -16.45
C LEU L 257 -33.53 13.94 -17.78
N TYR L 258 -34.55 14.63 -18.28
CA TYR L 258 -35.52 14.06 -19.22
C TYR L 258 -34.90 13.62 -20.53
N GLN L 259 -34.33 14.56 -21.28
CA GLN L 259 -33.80 14.16 -22.57
C GLN L 259 -32.46 13.44 -22.46
N ASN L 260 -31.79 13.47 -21.31
CA ASN L 260 -30.64 12.60 -21.14
C ASN L 260 -31.08 11.15 -20.98
N ILE L 261 -32.16 10.93 -20.23
CA ILE L 261 -32.76 9.60 -20.14
C ILE L 261 -33.23 9.12 -21.50
N PHE L 262 -33.93 9.99 -22.23
CA PHE L 262 -34.38 9.60 -23.56
C PHE L 262 -33.22 9.40 -24.53
N MET L 263 -32.12 10.14 -24.35
CA MET L 263 -30.95 9.91 -25.18
C MET L 263 -30.32 8.56 -24.88
N CYS L 264 -30.30 8.16 -23.60
CA CYS L 264 -29.78 6.85 -23.26
C CYS L 264 -30.67 5.73 -23.77
N TYR L 265 -31.99 5.94 -23.72
CA TYR L 265 -32.93 4.98 -24.29
C TYR L 265 -32.73 4.85 -25.79
N ARG L 266 -32.56 6.00 -26.46
CA ARG L 266 -32.37 6.01 -27.90
C ARG L 266 -31.08 5.32 -28.30
N THR L 267 -29.99 5.56 -27.57
CA THR L 267 -28.75 4.90 -27.95
C THR L 267 -28.75 3.43 -27.55
N LEU L 268 -29.54 3.03 -26.56
CA LEU L 268 -29.60 1.60 -26.25
C LEU L 268 -30.39 0.84 -27.29
N GLU L 269 -31.54 1.37 -27.71
CA GLU L 269 -32.28 0.71 -28.79
C GLU L 269 -31.53 0.82 -30.10
N HIS L 270 -30.77 1.90 -30.29
CA HIS L 270 -29.86 2.02 -31.41
C HIS L 270 -28.78 0.94 -31.38
N ALA L 271 -28.25 0.67 -30.17
CA ALA L 271 -27.21 -0.34 -30.02
C ALA L 271 -27.73 -1.72 -30.36
N LYS L 272 -28.93 -2.03 -29.90
CA LYS L 272 -29.49 -3.33 -30.23
C LYS L 272 -29.91 -3.39 -31.69
N ILE L 273 -30.26 -2.25 -32.30
CA ILE L 273 -30.56 -2.21 -33.73
C ILE L 273 -29.32 -2.56 -34.54
N CYS L 274 -28.19 -1.91 -34.25
CA CYS L 274 -26.98 -2.20 -35.00
C CYS L 274 -26.43 -3.59 -34.68
N GLN L 275 -26.59 -4.04 -33.43
CA GLN L 275 -26.16 -5.37 -33.04
C GLN L 275 -26.95 -6.44 -33.78
N LEU L 276 -28.26 -6.31 -33.84
CA LEU L 276 -29.06 -7.26 -34.60
C LEU L 276 -28.92 -7.07 -36.09
N LEU L 277 -28.44 -5.93 -36.54
CA LEU L 277 -28.30 -5.76 -37.98
C LEU L 277 -26.98 -6.31 -38.49
N ASN L 278 -25.94 -6.40 -37.64
CA ASN L 278 -24.68 -6.94 -38.13
C ASN L 278 -24.46 -8.42 -37.80
N THR L 279 -25.53 -9.15 -37.46
CA THR L 279 -25.38 -10.55 -37.04
C THR L 279 -24.90 -11.48 -38.12
N ALA L 280 -25.01 -11.10 -39.38
CA ALA L 280 -24.43 -11.91 -40.43
C ALA L 280 -22.91 -11.90 -40.26
N PRO L 281 -22.27 -13.07 -40.35
CA PRO L 281 -20.81 -13.12 -40.22
C PRO L 281 -20.09 -12.74 -41.50
N LEU L 282 -20.83 -12.41 -42.55
CA LEU L 282 -20.27 -12.16 -43.85
C LEU L 282 -21.22 -11.25 -44.61
N LYS L 283 -20.67 -10.26 -45.28
CA LYS L 283 -21.47 -9.15 -45.84
C LYS L 283 -21.32 -9.20 -47.35
N ALA L 284 -22.42 -9.48 -48.04
CA ALA L 284 -22.40 -9.46 -49.49
C ALA L 284 -23.11 -8.22 -50.02
N ILE L 285 -22.84 -7.92 -51.29
CA ILE L 285 -23.57 -6.90 -52.03
C ILE L 285 -23.94 -7.49 -53.38
N VAL L 286 -25.13 -7.13 -53.87
CA VAL L 286 -25.61 -7.66 -55.14
C VAL L 286 -24.92 -6.92 -56.28
N GLY L 287 -25.12 -7.43 -57.49
CA GLY L 287 -24.59 -6.79 -58.68
C GLY L 287 -25.66 -6.35 -59.64
N ASP L 434 -36.54 -23.34 -27.24
CA ASP L 434 -35.96 -24.50 -27.91
C ASP L 434 -34.63 -24.14 -28.57
N ILE L 435 -34.55 -22.90 -29.05
CA ILE L 435 -33.31 -22.44 -29.66
C ILE L 435 -32.26 -22.17 -28.59
N LEU L 436 -32.70 -21.78 -27.40
CA LEU L 436 -31.77 -21.45 -26.33
C LEU L 436 -31.07 -22.68 -25.78
N THR L 437 -31.71 -23.83 -25.87
CA THR L 437 -31.11 -25.07 -25.36
C THR L 437 -31.58 -26.22 -26.22
N GLY L 438 -30.64 -26.93 -26.83
CA GLY L 438 -30.98 -28.08 -27.63
C GLY L 438 -29.72 -28.82 -28.03
N SER L 439 -29.93 -29.93 -28.73
CA SER L 439 -28.82 -30.68 -29.31
C SER L 439 -28.09 -29.80 -30.32
N THR L 440 -26.85 -29.44 -29.98
CA THR L 440 -26.11 -28.41 -30.70
C THR L 440 -25.79 -28.82 -32.13
N ALA L 441 -25.75 -30.12 -32.43
CA ALA L 441 -25.57 -30.56 -33.80
C ALA L 441 -26.80 -30.22 -34.64
N SER L 442 -28.00 -30.49 -34.12
CA SER L 442 -29.20 -30.09 -34.82
C SER L 442 -29.46 -28.60 -34.69
N ALA L 443 -28.95 -27.98 -33.62
CA ALA L 443 -29.07 -26.53 -33.49
C ALA L 443 -28.23 -25.81 -34.51
N ILE L 444 -27.10 -26.38 -34.91
CA ILE L 444 -26.38 -25.93 -36.09
C ILE L 444 -27.26 -25.98 -37.33
N GLU L 445 -28.00 -27.08 -37.53
CA GLU L 445 -28.77 -27.23 -38.75
C GLU L 445 -29.99 -26.31 -38.77
N LYS L 446 -30.56 -26.01 -37.61
CA LYS L 446 -31.84 -25.31 -37.55
C LYS L 446 -31.70 -23.82 -37.87
N LEU L 447 -30.49 -23.27 -37.94
CA LEU L 447 -30.36 -21.86 -38.27
C LEU L 447 -29.46 -21.57 -39.46
N PHE L 448 -28.71 -22.55 -39.95
CA PHE L 448 -27.89 -22.30 -41.13
C PHE L 448 -28.76 -22.22 -42.37
N ASN L 449 -29.78 -23.06 -42.44
CA ASN L 449 -30.79 -22.94 -43.48
C ASN L 449 -31.65 -21.70 -43.31
N SER L 450 -31.70 -21.13 -42.11
CA SER L 450 -32.46 -19.92 -41.89
C SER L 450 -31.79 -18.75 -42.61
N PRO L 451 -32.57 -17.77 -43.07
CA PRO L 451 -31.99 -16.62 -43.79
C PRO L 451 -31.28 -15.61 -42.90
N SER L 452 -31.07 -15.91 -41.62
CA SER L 452 -30.32 -15.00 -40.77
C SER L 452 -28.85 -14.95 -41.15
N ALA L 453 -28.33 -16.02 -41.74
CA ALA L 453 -26.91 -16.08 -42.05
C ALA L 453 -26.52 -15.15 -43.20
N SER L 454 -27.28 -15.17 -44.28
CA SER L 454 -26.92 -14.38 -45.45
C SER L 454 -27.25 -12.92 -45.25
N LEU L 455 -26.50 -12.07 -45.94
CA LEU L 455 -26.79 -10.65 -46.05
C LEU L 455 -26.17 -10.12 -47.33
N GLY L 456 -26.99 -9.95 -48.35
CA GLY L 456 -26.54 -9.34 -49.59
C GLY L 456 -27.17 -7.97 -49.78
N ALA L 457 -26.36 -6.93 -49.68
CA ALA L 457 -26.89 -5.57 -49.73
C ALA L 457 -27.20 -5.18 -51.17
N ARG L 458 -28.08 -4.19 -51.32
CA ARG L 458 -28.72 -3.94 -52.59
C ARG L 458 -28.54 -2.48 -53.01
N VAL L 459 -28.44 -2.28 -54.32
CA VAL L 459 -28.59 -0.98 -54.94
C VAL L 459 -29.94 -0.98 -55.66
N SER L 460 -30.64 0.15 -55.65
CA SER L 460 -31.97 0.22 -56.23
C SER L 460 -31.92 0.14 -57.74
N GLY L 461 -31.12 0.98 -58.38
CA GLY L 461 -31.05 0.98 -59.84
C GLY L 461 -30.17 -0.13 -60.36
N HIS L 462 -30.71 -0.89 -61.31
CA HIS L 462 -29.96 -1.97 -61.93
C HIS L 462 -28.90 -1.43 -62.89
N ASN L 463 -29.18 -0.30 -63.55
CA ASN L 463 -28.13 0.38 -64.30
C ASN L 463 -27.12 1.02 -63.35
N GLU L 464 -27.54 1.36 -62.14
CA GLU L 464 -26.65 2.01 -61.20
C GLU L 464 -25.63 1.01 -60.66
N SER L 465 -24.36 1.27 -60.94
CA SER L 465 -23.29 0.35 -60.56
C SER L 465 -22.54 0.88 -59.35
N ILE L 466 -21.70 0.03 -58.77
CA ILE L 466 -20.97 0.34 -57.56
C ILE L 466 -19.49 0.33 -57.87
N LEU L 467 -18.82 1.43 -57.54
CA LEU L 467 -17.38 1.52 -57.73
C LEU L 467 -16.59 0.89 -56.60
N ASN L 468 -17.02 1.05 -55.35
CA ASN L 468 -16.24 0.53 -54.25
C ASN L 468 -17.16 0.25 -53.07
N SER L 469 -16.68 -0.59 -52.18
CA SER L 469 -17.49 -1.10 -51.09
C SER L 469 -16.60 -1.32 -49.89
N PHE L 470 -17.16 -1.14 -48.70
CA PHE L 470 -16.37 -1.25 -47.50
C PHE L 470 -17.09 -2.10 -46.46
N VAL L 471 -16.50 -2.27 -45.29
CA VAL L 471 -17.17 -2.91 -44.18
C VAL L 471 -16.75 -2.22 -42.89
N SER L 472 -17.70 -2.03 -41.99
CA SER L 472 -17.42 -1.49 -40.67
C SER L 472 -18.55 -1.90 -39.74
N GLN L 473 -18.35 -2.95 -38.95
CA GLN L 473 -19.22 -3.10 -37.82
C GLN L 473 -18.90 -2.01 -36.81
N TYR L 474 -19.92 -1.56 -36.09
CA TYR L 474 -19.70 -0.49 -35.14
C TYR L 474 -20.48 -0.79 -33.87
N ILE L 475 -19.78 -0.74 -32.74
CA ILE L 475 -20.39 -0.91 -31.43
C ILE L 475 -20.52 0.48 -30.81
N PRO L 476 -21.74 0.98 -30.62
CA PRO L 476 -21.90 2.23 -29.89
C PRO L 476 -21.70 1.99 -28.40
N PRO L 477 -21.17 2.97 -27.68
CA PRO L 477 -20.87 2.75 -26.26
C PRO L 477 -22.12 2.72 -25.40
N SER L 478 -22.85 1.60 -25.46
CA SER L 478 -24.17 1.52 -24.83
C SER L 478 -24.05 1.47 -23.31
N ARG L 479 -23.30 0.49 -22.79
CA ARG L 479 -23.13 0.38 -21.35
C ARG L 479 -22.35 1.56 -20.78
N GLU L 480 -21.52 2.22 -21.59
CA GLU L 480 -20.91 3.47 -21.17
C GLU L 480 -21.97 4.55 -20.97
N MET L 481 -22.98 4.58 -21.84
CA MET L 481 -24.04 5.57 -21.67
C MET L 481 -24.94 5.20 -20.50
N THR L 482 -25.01 3.92 -20.15
CA THR L 482 -25.76 3.58 -18.94
C THR L 482 -24.97 3.94 -17.69
N LYS L 483 -23.65 3.77 -17.73
CA LYS L 483 -22.84 3.84 -16.52
C LYS L 483 -22.71 5.26 -16.00
N ASP L 484 -22.62 6.25 -16.89
CA ASP L 484 -22.58 7.61 -16.39
C ASP L 484 -23.97 8.09 -15.99
N LEU L 485 -25.02 7.56 -16.61
CA LEU L 485 -26.35 8.00 -16.24
C LEU L 485 -26.79 7.41 -14.91
N THR L 486 -26.17 6.31 -14.48
CA THR L 486 -26.38 5.82 -13.11
C THR L 486 -25.97 6.87 -12.07
N GLU L 487 -24.74 7.35 -12.16
CA GLU L 487 -24.30 8.34 -11.18
C GLU L 487 -24.90 9.71 -11.45
N LEU L 488 -25.40 9.96 -12.68
CA LEU L 488 -26.28 11.09 -12.94
C LEU L 488 -27.50 11.07 -12.04
N TRP L 489 -28.20 9.92 -12.02
CA TRP L 489 -29.35 9.77 -11.14
C TRP L 489 -28.94 9.87 -9.68
N GLU L 490 -27.80 9.27 -9.34
CA GLU L 490 -27.35 9.23 -7.94
C GLU L 490 -27.05 10.62 -7.41
N SER L 491 -26.39 11.45 -8.21
CA SER L 491 -26.03 12.80 -7.78
C SER L 491 -27.27 13.67 -7.61
N GLU L 492 -28.21 13.59 -8.56
CA GLU L 492 -29.40 14.44 -8.50
C GLU L 492 -30.33 14.03 -7.37
N LEU L 493 -30.44 12.73 -7.11
CA LEU L 493 -31.27 12.30 -5.98
C LEU L 493 -30.52 12.31 -4.66
N PHE L 494 -29.22 12.60 -4.67
CA PHE L 494 -28.55 13.00 -3.44
C PHE L 494 -28.64 14.50 -3.20
N ASN L 495 -28.82 15.30 -4.25
CA ASN L 495 -28.80 16.75 -4.12
C ASN L 495 -30.18 17.35 -3.90
N THR L 496 -31.12 17.17 -4.83
CA THR L 496 -32.38 17.90 -4.70
C THR L 496 -33.27 17.30 -3.63
N PHE L 497 -33.06 16.03 -3.30
CA PHE L 497 -33.57 15.43 -2.10
C PHE L 497 -32.36 14.99 -1.30
N LYS L 498 -32.24 15.46 -0.07
CA LYS L 498 -31.01 15.26 0.70
C LYS L 498 -30.94 13.82 1.18
N LEU L 499 -30.21 12.99 0.47
CA LEU L 499 -30.01 11.60 0.86
C LEU L 499 -28.55 11.39 1.22
N THR L 500 -28.29 11.09 2.49
CA THR L 500 -26.94 10.87 2.96
C THR L 500 -26.67 9.38 3.04
N PRO L 501 -25.86 8.82 2.16
CA PRO L 501 -25.58 7.39 2.22
C PRO L 501 -24.70 6.99 3.38
N VAL L 502 -25.29 6.39 4.41
CA VAL L 502 -24.55 5.90 5.56
C VAL L 502 -23.75 4.69 5.10
N VAL L 503 -22.43 4.83 5.02
CA VAL L 503 -21.59 3.80 4.42
C VAL L 503 -20.51 3.34 5.40
N ASP L 504 -19.90 2.20 5.12
CA ASP L 504 -18.72 1.71 5.82
C ASP L 504 -17.48 2.21 5.09
N ASN L 505 -16.30 1.80 5.57
CA ASN L 505 -15.06 2.13 4.89
C ASN L 505 -15.02 1.44 3.53
N GLN L 506 -14.98 2.26 2.47
CA GLN L 506 -15.23 1.86 1.09
C GLN L 506 -16.58 1.14 0.96
N GLY L 507 -17.58 1.66 1.66
CA GLY L 507 -18.92 1.12 1.60
C GLY L 507 -19.63 1.68 0.39
N GLN L 508 -20.25 0.80 -0.38
CA GLN L 508 -20.85 1.17 -1.66
C GLN L 508 -22.36 1.38 -1.47
N ARG L 509 -22.68 2.46 -0.75
CA ARG L 509 -24.04 2.99 -0.61
C ARG L 509 -24.99 1.95 -0.01
N LEU L 510 -24.71 1.59 1.24
CA LEU L 510 -25.45 0.50 1.88
C LEU L 510 -26.71 0.97 2.58
N TYR L 511 -26.75 2.22 3.04
CA TYR L 511 -27.89 2.68 3.85
C TYR L 511 -28.28 4.06 3.36
N VAL L 512 -29.25 4.12 2.46
CA VAL L 512 -29.73 5.38 1.90
C VAL L 512 -30.87 5.88 2.78
N ARG L 513 -30.65 7.01 3.42
CA ARG L 513 -31.50 7.46 4.51
C ARG L 513 -31.85 8.93 4.32
N TYR L 514 -33.05 9.27 4.77
CA TYR L 514 -33.47 10.67 4.82
C TYR L 514 -32.58 11.48 5.74
N SER L 515 -32.53 12.77 5.49
CA SER L 515 -31.75 13.74 6.21
C SER L 515 -32.65 14.57 7.09
N SER L 516 -32.07 15.60 7.70
CA SER L 516 -32.86 16.59 8.42
C SER L 516 -33.75 17.37 7.45
N ASP L 517 -33.15 17.98 6.44
CA ASP L 517 -33.88 18.95 5.63
C ASP L 517 -34.76 18.29 4.57
N THR L 518 -34.48 17.04 4.20
CA THR L 518 -35.29 16.47 3.13
C THR L 518 -36.65 16.02 3.63
N ILE L 519 -36.81 15.80 4.93
CA ILE L 519 -38.16 15.59 5.43
C ILE L 519 -38.91 16.91 5.48
N SER L 520 -38.20 18.02 5.64
CA SER L 520 -38.83 19.32 5.54
C SER L 520 -39.20 19.67 4.11
N ILE L 521 -38.55 19.05 3.13
CA ILE L 521 -38.91 19.32 1.74
C ILE L 521 -39.82 18.24 1.14
N LEU L 522 -39.99 17.09 1.80
CA LEU L 522 -40.95 16.11 1.33
C LEU L 522 -42.16 15.98 2.26
N LEU L 523 -41.96 15.60 3.52
CA LEU L 523 -43.07 15.40 4.42
C LEU L 523 -43.50 16.70 5.07
N GLY L 524 -42.62 17.68 5.09
CA GLY L 524 -42.93 19.05 5.42
C GLY L 524 -44.13 19.59 4.66
N PRO L 525 -44.04 19.66 3.32
CA PRO L 525 -45.22 20.05 2.56
C PRO L 525 -46.32 19.01 2.58
N PHE L 526 -45.99 17.72 2.67
CA PHE L 526 -47.01 16.68 2.58
C PHE L 526 -47.95 16.67 3.76
N THR L 527 -47.40 16.50 4.96
CA THR L 527 -48.22 16.40 6.16
C THR L 527 -48.87 17.71 6.56
N TYR L 528 -48.49 18.84 5.96
CA TYR L 528 -49.04 20.11 6.37
C TYR L 528 -49.81 20.86 5.30
N LEU L 529 -49.68 20.50 4.02
CA LEU L 529 -50.20 21.33 2.95
C LEU L 529 -51.21 20.58 2.10
N VAL L 530 -50.88 19.38 1.62
CA VAL L 530 -51.90 18.58 0.95
C VAL L 530 -52.69 17.77 1.96
N ALA L 531 -52.02 17.14 2.92
CA ALA L 531 -52.69 16.55 4.06
C ALA L 531 -52.82 17.61 5.14
N GLU L 532 -54.00 17.66 5.76
CA GLU L 532 -54.33 18.70 6.71
C GLU L 532 -54.04 18.28 8.14
N LEU L 533 -52.97 17.50 8.34
CA LEU L 533 -52.57 17.06 9.66
C LEU L 533 -52.02 18.25 10.44
N SER L 534 -52.91 18.96 11.15
CA SER L 534 -52.48 20.15 11.87
C SER L 534 -51.62 19.83 13.09
N PRO L 535 -52.02 19.01 14.08
CA PRO L 535 -51.25 18.98 15.32
C PRO L 535 -50.04 18.07 15.28
N VAL L 536 -49.60 17.63 14.10
CA VAL L 536 -48.46 16.73 14.03
C VAL L 536 -47.17 17.52 13.94
N GLU L 537 -46.07 16.84 14.24
CA GLU L 537 -44.74 17.42 14.15
C GLU L 537 -43.92 16.61 13.17
N LEU L 538 -42.71 17.08 12.89
CA LEU L 538 -41.78 16.29 12.10
C LEU L 538 -40.91 15.48 13.05
N VAL L 539 -39.94 14.76 12.50
CA VAL L 539 -39.11 13.87 13.29
C VAL L 539 -37.66 14.34 13.25
N THR L 540 -36.78 13.61 13.93
CA THR L 540 -35.36 13.91 13.89
C THR L 540 -34.69 13.01 12.87
N ASP L 541 -33.36 13.08 12.86
CA ASP L 541 -32.57 12.06 12.18
C ASP L 541 -32.75 10.71 12.87
N VAL L 542 -32.46 10.65 14.17
CA VAL L 542 -32.50 9.39 14.90
C VAL L 542 -33.91 8.92 15.24
N TYR L 543 -34.91 9.78 15.05
CA TYR L 543 -36.29 9.32 15.18
C TYR L 543 -36.70 8.43 14.02
N ALA L 544 -36.17 8.67 12.82
CA ALA L 544 -36.45 7.84 11.66
C ALA L 544 -35.38 6.79 11.42
N THR L 545 -34.15 7.02 11.89
CA THR L 545 -33.07 6.08 11.69
C THR L 545 -33.18 4.86 12.59
N LEU L 546 -33.53 5.04 13.85
CA LEU L 546 -33.48 3.97 14.83
C LEU L 546 -34.68 3.03 14.64
N GLY L 547 -34.76 2.03 15.51
CA GLY L 547 -35.86 1.09 15.42
C GLY L 547 -37.17 1.71 15.86
N ILE L 548 -38.26 1.25 15.25
CA ILE L 548 -39.57 1.86 15.47
C ILE L 548 -40.11 1.51 16.85
N VAL L 549 -39.61 0.43 17.45
CA VAL L 549 -39.81 0.22 18.88
C VAL L 549 -38.67 0.79 19.70
N GLU L 550 -37.48 0.94 19.11
CA GLU L 550 -36.36 1.57 19.79
C GLU L 550 -36.46 3.08 19.83
N ILE L 551 -37.45 3.67 19.17
CA ILE L 551 -37.68 5.10 19.39
C ILE L 551 -38.69 5.31 20.51
N ILE L 552 -39.40 4.26 20.92
CA ILE L 552 -40.41 4.39 21.96
C ILE L 552 -39.75 4.66 23.29
N ASP L 553 -38.78 3.81 23.65
CA ASP L 553 -38.04 4.03 24.88
C ASP L 553 -37.12 5.23 24.79
N GLU L 554 -36.77 5.67 23.58
CA GLU L 554 -36.01 6.91 23.46
C GLU L 554 -36.90 8.13 23.67
N LEU L 555 -38.15 8.07 23.22
CA LEU L 555 -39.13 9.06 23.60
C LEU L 555 -39.36 9.05 25.09
N TYR L 556 -39.38 7.84 25.69
CA TYR L 556 -39.45 7.69 27.13
C TYR L 556 -38.25 8.32 27.82
N ARG L 557 -37.07 8.29 27.18
CA ARG L 557 -35.89 8.92 27.74
C ARG L 557 -36.01 10.45 27.79
N SER L 558 -36.96 11.03 27.06
CA SER L 558 -37.28 12.44 27.18
C SER L 558 -38.77 12.67 27.33
N SER L 559 -39.47 11.76 28.02
CA SER L 559 -40.90 11.90 28.23
C SER L 559 -41.21 12.48 29.60
N ARG L 560 -42.35 13.18 29.66
CA ARG L 560 -42.81 13.81 30.89
C ARG L 560 -43.09 12.81 31.99
N LEU L 561 -43.60 11.62 31.63
CA LEU L 561 -43.75 10.51 32.58
C LEU L 561 -42.42 10.16 33.22
N ALA L 562 -41.41 9.88 32.41
CA ALA L 562 -40.17 9.38 32.98
C ALA L 562 -39.33 10.50 33.57
N ILE L 563 -39.56 11.75 33.20
CA ILE L 563 -38.95 12.82 33.98
C ILE L 563 -39.61 12.90 35.35
N TYR L 564 -40.91 12.66 35.45
CA TYR L 564 -41.54 12.53 36.76
C TYR L 564 -41.05 11.31 37.52
N ILE L 565 -40.72 10.24 36.80
CA ILE L 565 -40.18 9.05 37.44
C ILE L 565 -38.75 9.28 37.93
N GLU L 566 -37.93 9.94 37.11
CA GLU L 566 -36.60 10.33 37.56
C GLU L 566 -36.66 11.48 38.57
N ASP L 567 -37.77 12.23 38.62
CA ASP L 567 -38.02 13.05 39.79
C ASP L 567 -38.19 12.20 41.03
N LEU L 568 -38.97 11.13 40.92
CA LEU L 568 -38.99 10.13 42.00
C LEU L 568 -37.72 9.30 42.01
N GLY L 569 -36.88 9.41 40.99
CA GLY L 569 -35.59 8.73 40.92
C GLY L 569 -34.62 9.09 42.02
N ARG L 570 -34.75 10.28 42.60
CA ARG L 570 -34.04 10.64 43.82
C ARG L 570 -35.15 10.77 44.86
N LYS L 571 -35.53 9.63 45.44
CA LYS L 571 -36.77 9.48 46.24
C LYS L 571 -38.03 10.02 45.55
#